data_4IFD
#
_entry.id   4IFD
#
_cell.length_a   154.090
_cell.length_b   107.440
_cell.length_c   150.460
_cell.angle_alpha   90.00
_cell.angle_beta   110.63
_cell.angle_gamma   90.00
#
_symmetry.space_group_name_H-M   'P 1 21 1'
#
loop_
_entity.id
_entity.type
_entity.pdbx_description
1 polymer 'Exosome complex component RRP45'
2 polymer 'Exosome complex component SKI6'
3 polymer 'Exosome complex component RRP43'
4 polymer 'Exosome complex component RRP46'
5 polymer 'Exosome complex component RRP42'
6 polymer 'Exosome complex component MTR3'
7 polymer 'Exosome complex component RRP40'
8 polymer 'Exosome complex component RRP4'
9 polymer 'Exosome complex component CSL4'
10 polymer 'Exosome complex exonuclease DIS3'
11 polymer 'Exosome complex exonuclease RRP6'
12 polymer 'RNA (45-MER)'
13 non-polymer 'BROMIDE ION'
14 non-polymer GLYCEROL
15 non-polymer '2-(N-MORPHOLINO)-ETHANESULFONIC ACID'
16 non-polymer 'MAGNESIUM ION'
17 non-polymer 'ZINC ION'
18 water water
#
loop_
_entity_poly.entity_id
_entity_poly.type
_entity_poly.pdbx_seq_one_letter_code
_entity_poly.pdbx_strand_id
1 'polypeptide(L)'
;AKDIEISASESKFILEALRQNYRLDGRSFDQFRDVEITFGKEFGDVSVKMGNTKVHCRISCQIAQPYEDRPFEGLFVIST
EISPMAGSQFENGNITGEDEVLCSRIIEKSVRRSGALDVEGLCIVAGSKCWAVRADVHFLDCDGGFIDASCIAVMAGLMH
FKKPDITVHGEQIIVHPVNEREPVPLGILHIPICVTFSFFNPQDTEENIKGETNSEISIIDATLKEELLRDGVLTVTLNK
NREVVQVSKAGGLPMDALTLMKCCHEAYSIIEKITDQILQLLKEDSEKRNKYAAMLTSENAREI
;
A
2 'polypeptide(L)'
;GHMSRLEIYSPEGLRLDGRRWNELRRFESSINTHPHAADGSSYMEQGNNKIITLVKGPKEPRLKSQMDTSKALLNVSVNI
TKFSKFERSKSSHKNERRVLEIQTSLVRMFEKNVMLNIYPRTVIDIEIHVLEQDGGIMGSLINGITLALIDAGISMFDYI
SGISVGLYDTTPLLDTNSLEENAMSTVTLGVVGKSEKLSLLLVEDKIPLDRLENVLAIGIAGAHRVRDLMDEELRKHAQK
RVSNASAR
;
B
3 'polypeptide(L)'
;AESTTLETIEIHPITFPPEVLARISPELSLQRHLSLGIRPCLRKYEEFRDVAIENNTLSRYADAGNIDTKNNILGSNVLK
SGKTIVITSITGGIIEETSASIKDLDDFGEEELFEVTKEEDIIANYASVYPVVEVERGRVGACTDEEMTISQKLHDSILH
SRILPKKALKVKAGVRSANEDGTFSVLYPDELEDDTLNETNLKMKRKWSYVLYAKIVVLSRTGPVFDLCWNSLMYALQSV
KLPRAFIDERASDLRMTIRTRGRSATIRETYEIICDQTKSVPLMINAKNIAFASNYGIVELDPECQLQNSDNSEEEEVDI
DMDKLNTVLIADLDTEAEETSIHSTISILAAPSGNYKQLTLMGGGAKITPEMIKRSLLLSRVRADDLSTRFNI
;
C
4 'polypeptide(L)'
;GHGNNKEPNTKNRLDSAEKKKKMSVQAEIGILDHVDGSSEFVSQDTKVICSVTGPIEPKARQELPTQLALEIIVRPAKGV
ATTREKVLEDKLRAVLTPLITRHCYPRQLCQITCQILESGEDEAEFSLRELSCCINAAFLALVDAGIALNSMCASIPIAI
IKDTSDIIVDPTAEQLKISLSVHTLALEFVNGGKVVKNVLLLDSNGDFNEDQLFSLLELGEQKCQELVTNIRRIIQDNIS
PRLVV
;
D
5 'polypeptide(L)'
;GHMSLSVAEKSYLYDSLASTPSIRPDGRLPHQFRPIEIFTDFLPSSNGSSRIIASDGSECIVSIKSKVVDHHVENELLQV
DVDIAGQRDDALVVETITSLLNKVLKSGSGVDSSKLQLTKKYSFKIFVDVLVISSHSHPISLISFAIYSALNSTYLPKLI
SAFDDLEVEELPTFHDYDMVKLDINPPLVFILAVVGNNMLLDPAANESEVANNGLIISWSNGKITSPIRSVALNDSNVKS
FKPHLLKQGLAMVEKYAPDVVRSLENL
;
E
6 'polypeptide(L)'
;MNVQDRRRLLGPAAAKPMAFSNTTTHVPEKKSTDLTPKGNESEQELSLHTGFIENCNGSALVEARSLGHQTSLISAVYGP
RSIRGSFTSQGTISIQLKNGLLEKYNTNELKEVSSFLMGIFNSVVNLSRYPKSGIDIFVYLTYDKDLTNNPQDDDSQSKM
TSSQISSLIPHCITSITLALADAGIELVDMAGAGEANGTVVSFIKNGEEIVGFWKDDGDDEDLLECLDRCKEQYNRYRDL
MISCLMNQET
;
F
7 'polypeptide(L)'
;GHMSTFIFPGDSFPVDPTTPVKLGPGIYCDPNTQEIRPVNTGVLHVSAKGKSGVQTAYIDYSSKRYIPSVNDFVIGVIIG
TFSDSYKVSLQNFSSSVSLSYMAFPNASKKNRPTLQVGDLVYARVCTAEKELEAEIECFDSTTGRDAGFGILEDGMIIDV
NLNFARQLLFNNDFPLLKVLAAHTKFEVAIGLNGKIWVKCEELSNTLACYRTIMECCQKNDTAAFKDIAKRQFKEILTVK
EE
;
G
8 'polypeptide(L)'
;RSMSEVITITKRNGAFQNSSNLSYNNTGISDDENDEEDIYMHDVNSASKSESDSQIVTPGELVTDDPIWMRGHGTYFLDN
MTYSSVAGTVSRVNRLLSVIPLKGRYAPETGDHVVGRIAEVGNKRWKVDIGGKQHAVLMLGSVNLPGGILRRKSESDELQ
MRSFLKEGDLLNAEVQSLFQDGSASLHTRSLKYGKLRNGMFCQVPSSLIVRAKNHTHNLPGNITVVLGVNGYIWLRKTSQ
MDLARDTPSANNSSSIKSTGPTGAVSLNPSITRLEEESSWQIYSDENDPSISNNIRQAICRYANVIKALAFCEIGITQQR
IVSAYEASMVYSNVGELIEKNVMESIGSDILTAEKMRGNGN
;
H
9 'polypeptide(L)'
;MKHHHHHHPMACNFQFPEIAYPGKLICPQYGTENKDGEDIIFNYVPGPGTKLIQYEHNGRTLEAITATLVGTVRCEEEKK
TDQEEEREGTDQSTEEEKSVDASPNDVTRRTVKNILVSVLPGTEKGRKTNKYANNDFANNLPKEGDIVLTRVTRLSLQRA
NVEILAVEDKPSPIDSGIGSNGSGIVAAGGGSGAATFSVSQASSDLGETFRGIIRSQDVRSTDRDRVKVIECFKPGDIVR
AQVLSLGDGTNYYLTTARNDLGVVFARAANGAGGLMYATDWQMMTSPVTGATEKRKCAKPF
;
I
10 'polypeptide(L)'
;GAMSVPAIAPRRKRLADGLSVTQKVFVRSRNGGATKIVREHYLRSDIPCLSRSCTKCPQIVVPDAQNELPKFILSDSPLE
LSAPIGKHYVVLDTNVVLQAIDLLENPNCFFDVIVPQIVLDEVRNKSYPVYTRLRTLCRDSDDHKRFIVFHNEFSEHTFV
ERLPNETINDRNNRAIRKTCQWYSEHLKPYDINVVLVTNDRLNREAATKEVESNIITKSLVQYIELLPNADDIRDSIPQM
DSFDKDLERDTFSDFTFPEYYSTARVMGGLKNGVLYQGNIQISEYNFLEGSVSLPRFSKPVLIVGQKNLNRAFNGDQVIV
ELLPQSEWKAPSSIVLDSEHFDVNDNPDIEAGDDDDNNESSSNTTVISDKQRRLLAKDAMIAQRSKKIQPTAKVVYIQRR
SWRQYVGQLAPSSVDPQSSSTQNVFVILMDKCLPKVRIRTRRAAELLDKRIVISIDSWPTTHKYPLGHFVRDLGTIESAQ
AETEALLLEHDVEYRPFSKKVLECLPAEGHDWKAPTKLDDPEAVSKDPLLTKRKDLRDKLICSIDPPGCVDINDALHAKK
LPNGNWEVGVHIADVTHFVKPGTALDAEGAARGTSVYLVDKRIDMLPMLLGTDLCSLKPYVDRFAFSVIWELDDSANIVN
VNFMKSVIRSREAFSYEQAQLRIDDKTQNDELTMGMRALLKLSVKLKQKRLEAGALNLASPEVKVHMDSETSDPNEVEIK
KLLATNSLVEEFMLLANISVARKIYDAFPQTAMLRRHAAPPSTNFEILNEMLNTRKNMSISLESSKALADSLDRCVDPED
PYFNTLVRIMSTRCMMAAQYFYSGAYSYPDFRHYGLAVDIYTHFTSPIRRYCDVVAHRQLAGAIGYEPLSLTHRDKNKMD
MICRNINRKHRNAQFAGRASIEYYVGQVMRNNESTETGYVIKVFNNGIVVLVPKFGVEGLIRLDNLTEDPNSAAFDEVEY
KLTFVPTNSDKPRDVYVFDKVEVQVRSVMDPITSKRKAELLLK
;
J
11 'polypeptide(L)'
;RSMEATPIPSSETKADGILLETISVPQIRDVMERFSVLCNSNISKSRAKPVTNSSILLGKILPREEHDIAYSKDGLPNKV
KTEDIRIRAQNFKSALANLEDIIFEIEKPLVVPVKLEEIKTVDPASAPNHSPEIDNLDDLVVLKKKNIQKKQPAKEKGVT
EKDAVDYSKIPNILSNKPG
;
K
12 'polyribonucleotide' CCCCCGAGAGGGGGUUUUUUUUUUUUUUUUUUUUUUUUUUUUUUU R
#
# COMPACT_ATOMS: atom_id res chain seq x y z
N ALA A 1 20.63 -9.40 6.69
CA ALA A 1 21.17 -8.04 6.58
C ALA A 1 22.40 -7.87 7.48
N LYS A 2 22.84 -6.63 7.63
CA LYS A 2 23.99 -6.31 8.46
C LYS A 2 23.56 -6.12 9.92
N ASP A 3 24.14 -6.93 10.81
CA ASP A 3 23.72 -6.94 12.21
C ASP A 3 24.58 -6.05 13.10
N ILE A 4 23.99 -5.62 14.20
CA ILE A 4 24.72 -4.91 15.24
C ILE A 4 25.02 -5.88 16.38
N GLU A 5 26.30 -6.20 16.58
CA GLU A 5 26.70 -7.15 17.60
C GLU A 5 26.72 -6.50 18.98
N ILE A 6 25.93 -7.05 19.89
CA ILE A 6 25.89 -6.54 21.26
C ILE A 6 26.37 -7.61 22.24
N SER A 7 27.48 -7.32 22.90
CA SER A 7 28.08 -8.26 23.84
C SER A 7 27.17 -8.49 25.05
N ALA A 8 27.41 -9.60 25.75
CA ALA A 8 26.67 -9.90 26.96
C ALA A 8 26.95 -8.85 28.02
N SER A 9 28.19 -8.39 28.07
CA SER A 9 28.62 -7.37 29.03
C SER A 9 27.84 -6.07 28.87
N GLU A 10 27.69 -5.64 27.62
CA GLU A 10 26.95 -4.41 27.33
C GLU A 10 25.47 -4.56 27.64
N SER A 11 24.93 -5.74 27.34
CA SER A 11 23.53 -6.04 27.62
C SER A 11 23.25 -6.02 29.12
N LYS A 12 24.15 -6.63 29.89
CA LYS A 12 23.99 -6.70 31.34
C LYS A 12 24.22 -5.36 32.01
N PHE A 13 25.14 -4.57 31.47
CA PHE A 13 25.49 -3.28 32.06
C PHE A 13 24.37 -2.25 31.92
N ILE A 14 23.88 -2.08 30.69
CA ILE A 14 22.84 -1.10 30.41
C ILE A 14 21.56 -1.44 31.17
N LEU A 15 21.25 -2.73 31.27
CA LEU A 15 20.06 -3.17 31.99
C LEU A 15 20.23 -2.98 33.50
N GLU A 16 21.41 -3.27 34.02
CA GLU A 16 21.69 -3.11 35.44
C GLU A 16 21.70 -1.63 35.83
N ALA A 17 22.14 -0.79 34.91
CA ALA A 17 22.13 0.66 35.13
C ALA A 17 20.70 1.14 35.30
N LEU A 18 19.80 0.59 34.50
CA LEU A 18 18.37 0.92 34.60
C LEU A 18 17.82 0.51 35.95
N ARG A 19 18.32 -0.61 36.48
CA ARG A 19 17.92 -1.09 37.80
C ARG A 19 18.44 -0.18 38.90
N GLN A 20 19.38 0.69 38.55
CA GLN A 20 19.93 1.65 39.50
C GLN A 20 19.58 3.08 39.11
N ASN A 21 18.47 3.23 38.38
CA ASN A 21 18.00 4.53 37.90
C ASN A 21 19.04 5.33 37.12
N TYR A 22 19.84 4.62 36.33
CA TYR A 22 20.86 5.26 35.51
C TYR A 22 20.65 4.94 34.03
N ARG A 23 20.71 5.98 33.20
CA ARG A 23 20.82 5.78 31.76
C ARG A 23 22.05 6.52 31.24
N LEU A 24 22.71 5.92 30.26
CA LEU A 24 24.04 6.34 29.82
C LEU A 24 24.16 7.82 29.45
N ASP A 25 23.15 8.37 28.80
CA ASP A 25 23.20 9.77 28.37
C ASP A 25 22.96 10.73 29.53
N GLY A 26 22.63 10.19 30.70
CA GLY A 26 22.47 10.99 31.89
C GLY A 26 21.06 11.55 32.06
N ARG A 27 20.17 11.21 31.14
CA ARG A 27 18.79 11.66 31.21
C ARG A 27 18.03 10.97 32.34
N SER A 28 16.75 11.32 32.47
CA SER A 28 15.88 10.65 33.42
C SER A 28 14.98 9.68 32.66
N PHE A 29 14.34 8.77 33.38
CA PHE A 29 13.48 7.79 32.75
C PHE A 29 12.31 8.45 32.04
N ASP A 30 11.84 9.56 32.59
CA ASP A 30 10.70 10.28 32.03
C ASP A 30 11.14 11.53 31.26
N GLN A 31 12.43 11.62 30.97
CA GLN A 31 12.97 12.81 30.31
C GLN A 31 13.07 12.66 28.79
N PHE A 32 12.46 13.59 28.08
CA PHE A 32 12.50 13.63 26.63
C PHE A 32 13.71 14.45 26.19
N ARG A 33 14.35 14.05 25.09
CA ARG A 33 15.52 14.78 24.59
C ARG A 33 15.15 16.17 24.09
N ASP A 34 16.10 17.10 24.22
CA ASP A 34 15.89 18.47 23.75
C ASP A 34 15.77 18.51 22.23
N VAL A 35 14.64 18.99 21.76
CA VAL A 35 14.36 19.04 20.33
C VAL A 35 14.72 20.39 19.72
N GLU A 36 15.61 20.37 18.74
CA GLU A 36 16.06 21.58 18.06
C GLU A 36 15.50 21.64 16.65
N ILE A 37 14.85 22.76 16.33
CA ILE A 37 14.20 22.90 15.03
C ILE A 37 14.80 24.06 14.23
N THR A 38 15.35 23.73 13.06
CA THR A 38 16.00 24.72 12.21
C THR A 38 15.33 24.81 10.85
N PHE A 39 14.91 26.01 10.47
CA PHE A 39 14.25 26.23 9.19
C PHE A 39 15.22 26.71 8.13
N GLY A 40 15.10 26.19 6.92
CA GLY A 40 15.94 26.60 5.81
C GLY A 40 15.45 27.89 5.19
N LYS A 41 16.02 28.24 4.04
CA LYS A 41 15.63 29.45 3.34
C LYS A 41 14.23 29.31 2.75
N GLU A 42 13.98 28.16 2.14
CA GLU A 42 12.70 27.88 1.51
C GLU A 42 11.66 27.43 2.54
N PHE A 43 10.39 27.68 2.23
CA PHE A 43 9.31 27.22 3.09
C PHE A 43 9.11 25.72 2.94
N GLY A 44 8.93 25.04 4.07
CA GLY A 44 8.77 23.60 4.06
C GLY A 44 10.08 22.87 4.33
N ASP A 45 11.16 23.64 4.45
CA ASP A 45 12.47 23.08 4.77
C ASP A 45 12.71 23.19 6.28
N VAL A 46 12.73 22.03 6.94
CA VAL A 46 12.89 21.99 8.39
C VAL A 46 13.84 20.87 8.81
N SER A 47 14.71 21.17 9.78
CA SER A 47 15.65 20.19 10.30
C SER A 47 15.42 19.97 11.79
N VAL A 48 15.11 18.73 12.16
CA VAL A 48 14.87 18.38 13.55
C VAL A 48 16.03 17.58 14.12
N LYS A 49 16.48 17.97 15.32
CA LYS A 49 17.61 17.33 15.97
C LYS A 49 17.28 16.96 17.41
N MET A 50 17.44 15.69 17.75
CA MET A 50 17.26 15.20 19.11
C MET A 50 18.54 14.52 19.58
N GLY A 51 19.38 15.26 20.28
CA GLY A 51 20.68 14.72 20.68
C GLY A 51 21.52 14.47 19.44
N ASN A 52 21.84 13.22 19.18
CA ASN A 52 22.61 12.86 18.00
C ASN A 52 21.71 12.54 16.81
N THR A 53 20.45 12.27 17.10
CA THR A 53 19.47 11.96 16.05
C THR A 53 19.22 13.16 15.15
N LYS A 54 19.42 12.97 13.85
CA LYS A 54 19.23 14.04 12.89
C LYS A 54 18.27 13.63 11.77
N VAL A 55 17.15 14.34 11.65
CA VAL A 55 16.22 14.12 10.56
C VAL A 55 15.92 15.43 9.84
N HIS A 56 15.65 15.33 8.55
CA HIS A 56 15.32 16.50 7.74
C HIS A 56 14.06 16.24 6.92
N CYS A 57 13.13 17.18 6.96
CA CYS A 57 11.89 17.05 6.21
C CYS A 57 11.76 18.17 5.19
N ARG A 58 11.20 17.84 4.02
CA ARG A 58 10.98 18.81 2.96
C ARG A 58 9.56 18.72 2.43
N ILE A 59 8.82 19.81 2.53
CA ILE A 59 7.45 19.86 2.04
C ILE A 59 7.41 20.46 0.64
N SER A 60 6.73 19.77 -0.28
CA SER A 60 6.60 20.23 -1.65
C SER A 60 5.18 19.99 -2.15
N CYS A 61 4.79 20.72 -3.19
CA CYS A 61 3.47 20.54 -3.78
C CYS A 61 3.47 20.85 -5.27
N GLN A 62 2.56 20.22 -6.00
CA GLN A 62 2.42 20.45 -7.43
C GLN A 62 0.98 20.25 -7.87
N ILE A 63 0.59 20.92 -8.94
CA ILE A 63 -0.77 20.81 -9.47
C ILE A 63 -1.04 19.39 -9.95
N ALA A 64 -2.13 18.80 -9.46
CA ALA A 64 -2.51 17.45 -9.84
C ALA A 64 -4.03 17.30 -9.86
N GLN A 65 -4.50 16.15 -10.34
CA GLN A 65 -5.93 15.89 -10.38
C GLN A 65 -6.35 14.90 -9.29
N PRO A 66 -7.41 15.25 -8.55
CA PRO A 66 -7.88 14.43 -7.42
C PRO A 66 -8.45 13.09 -7.88
N TYR A 67 -8.56 12.15 -6.96
CA TYR A 67 -9.12 10.83 -7.28
C TYR A 67 -10.60 10.98 -7.62
N GLU A 68 -11.14 10.01 -8.34
CA GLU A 68 -12.55 10.03 -8.71
C GLU A 68 -13.44 9.94 -7.48
N ASP A 69 -13.00 9.16 -6.50
CA ASP A 69 -13.76 8.97 -5.26
C ASP A 69 -13.85 10.26 -4.44
N ARG A 70 -12.78 11.05 -4.46
CA ARG A 70 -12.73 12.29 -3.68
C ARG A 70 -12.43 13.50 -4.57
N PRO A 71 -13.48 14.06 -5.19
CA PRO A 71 -13.34 15.21 -6.10
C PRO A 71 -13.12 16.53 -5.37
N PHE A 72 -13.34 16.55 -4.06
CA PHE A 72 -13.18 17.79 -3.28
C PHE A 72 -11.90 17.80 -2.45
N GLU A 73 -11.21 16.67 -2.42
CA GLU A 73 -10.00 16.55 -1.60
C GLU A 73 -8.72 16.54 -2.43
N GLY A 74 -7.67 17.17 -1.92
CA GLY A 74 -6.38 17.17 -2.56
C GLY A 74 -5.59 15.93 -2.21
N LEU A 75 -4.37 15.84 -2.74
CA LEU A 75 -3.52 14.67 -2.49
C LEU A 75 -2.45 14.97 -1.44
N PHE A 76 -2.19 13.99 -0.59
CA PHE A 76 -1.17 14.15 0.44
C PHE A 76 -0.46 12.83 0.73
N VAL A 77 0.85 12.82 0.60
CA VAL A 77 1.63 11.60 0.83
C VAL A 77 2.84 11.90 1.72
N ILE A 78 3.25 10.90 2.50
CA ILE A 78 4.41 11.04 3.38
C ILE A 78 5.44 9.94 3.08
N SER A 79 6.65 10.37 2.73
CA SER A 79 7.72 9.44 2.39
C SER A 79 8.77 9.38 3.50
N THR A 80 9.12 8.16 3.92
CA THR A 80 10.12 7.96 4.96
C THR A 80 11.10 6.84 4.62
N GLU A 81 11.65 6.89 3.40
CA GLU A 81 12.60 5.87 2.97
C GLU A 81 13.93 5.97 3.69
N ILE A 82 14.37 4.86 4.27
CA ILE A 82 15.62 4.81 5.01
C ILE A 82 16.80 4.63 4.06
N SER A 83 18.00 4.97 4.53
CA SER A 83 19.21 4.84 3.73
C SER A 83 20.39 4.50 4.64
N PRO A 84 21.46 3.92 4.07
CA PRO A 84 22.65 3.58 4.85
C PRO A 84 23.35 4.79 5.49
N MET A 85 22.90 6.00 5.17
CA MET A 85 23.47 7.21 5.77
C MET A 85 23.22 7.26 7.27
N ALA A 86 22.08 6.75 7.70
CA ALA A 86 21.72 6.74 9.11
C ALA A 86 22.43 5.60 9.85
N GLY A 87 23.10 4.75 9.08
CA GLY A 87 23.79 3.59 9.64
C GLY A 87 23.71 2.41 8.68
N SER A 88 24.75 1.58 8.69
CA SER A 88 24.82 0.44 7.78
C SER A 88 23.84 -0.66 8.15
N GLN A 89 23.14 -0.50 9.28
CA GLN A 89 22.14 -1.45 9.72
C GLN A 89 20.92 -1.40 8.80
N PHE A 90 20.71 -0.25 8.17
CA PHE A 90 19.58 -0.05 7.28
C PHE A 90 19.95 -0.41 5.84
N GLU A 91 19.11 -1.23 5.22
CA GLU A 91 19.28 -1.56 3.81
C GLU A 91 18.67 -0.46 2.95
N ASN A 92 19.34 -0.14 1.84
CA ASN A 92 18.87 0.93 0.96
C ASN A 92 17.57 0.56 0.26
N GLY A 93 16.49 1.25 0.61
CA GLY A 93 15.20 1.03 -0.03
C GLY A 93 14.37 -0.04 0.63
N ASN A 94 14.84 -0.55 1.77
CA ASN A 94 14.09 -1.56 2.52
C ASN A 94 12.82 -0.97 3.11
N ILE A 95 11.73 -1.05 2.35
CA ILE A 95 10.46 -0.46 2.77
C ILE A 95 9.44 -1.51 3.16
N THR A 96 9.90 -2.71 3.49
CA THR A 96 9.01 -3.79 3.89
C THR A 96 9.45 -4.44 5.20
N GLY A 97 10.55 -3.97 5.75
CA GLY A 97 11.05 -4.48 7.02
C GLY A 97 10.11 -4.16 8.17
N GLU A 98 10.18 -4.95 9.22
CA GLU A 98 9.27 -4.80 10.37
C GLU A 98 9.25 -3.39 10.95
N ASP A 99 10.43 -2.90 11.32
CA ASP A 99 10.54 -1.58 11.93
C ASP A 99 10.18 -0.46 10.97
N GLU A 100 10.51 -0.66 9.69
CA GLU A 100 10.24 0.35 8.67
C GLU A 100 8.74 0.53 8.44
N VAL A 101 8.04 -0.58 8.27
CA VAL A 101 6.60 -0.54 8.03
C VAL A 101 5.85 0.01 9.24
N LEU A 102 6.30 -0.35 10.44
CA LEU A 102 5.72 0.19 11.66
C LEU A 102 5.85 1.71 11.69
N CYS A 103 7.07 2.21 11.58
CA CYS A 103 7.35 3.64 11.56
C CYS A 103 6.53 4.36 10.50
N SER A 104 6.48 3.77 9.31
CA SER A 104 5.71 4.32 8.20
C SER A 104 4.22 4.40 8.56
N ARG A 105 3.74 3.38 9.28
CA ARG A 105 2.33 3.33 9.67
C ARG A 105 2.00 4.26 10.84
N ILE A 106 2.97 4.46 11.73
CA ILE A 106 2.75 5.36 12.87
C ILE A 106 2.58 6.79 12.39
N ILE A 107 3.49 7.23 11.51
CA ILE A 107 3.44 8.57 10.97
C ILE A 107 2.15 8.79 10.17
N GLU A 108 1.79 7.80 9.36
CA GLU A 108 0.60 7.88 8.53
C GLU A 108 -0.66 8.03 9.38
N LYS A 109 -0.75 7.25 10.46
CA LYS A 109 -1.91 7.31 11.33
C LYS A 109 -1.91 8.56 12.21
N SER A 110 -0.75 9.21 12.32
CA SER A 110 -0.62 10.40 13.15
C SER A 110 -0.91 11.68 12.38
N VAL A 111 -0.60 11.67 11.09
CA VAL A 111 -0.73 12.88 10.28
C VAL A 111 -1.79 12.74 9.18
N ARG A 112 -1.63 11.74 8.33
CA ARG A 112 -2.57 11.46 7.25
C ARG A 112 -3.96 11.13 7.76
N ARG A 113 -4.07 9.96 8.39
CA ARG A 113 -5.36 9.44 8.85
C ARG A 113 -6.03 10.38 9.86
N SER A 114 -5.22 11.01 10.70
CA SER A 114 -5.75 11.88 11.76
C SER A 114 -6.36 13.15 11.19
N GLY A 115 -6.02 13.47 9.95
CA GLY A 115 -6.51 14.67 9.31
C GLY A 115 -5.88 15.92 9.90
N ALA A 116 -4.57 15.86 10.16
CA ALA A 116 -3.85 17.01 10.66
C ALA A 116 -3.80 18.09 9.59
N LEU A 117 -3.76 17.67 8.34
CA LEU A 117 -3.74 18.59 7.21
C LEU A 117 -5.12 18.69 6.57
N ASP A 118 -5.56 19.92 6.32
CA ASP A 118 -6.85 20.16 5.69
C ASP A 118 -6.78 19.87 4.19
N VAL A 119 -7.07 18.63 3.82
CA VAL A 119 -7.00 18.20 2.43
C VAL A 119 -8.12 18.81 1.58
N GLU A 120 -9.19 19.24 2.23
CA GLU A 120 -10.30 19.88 1.54
C GLU A 120 -9.87 21.25 1.01
N GLY A 121 -8.96 21.89 1.72
CA GLY A 121 -8.45 23.19 1.31
C GLY A 121 -7.33 23.08 0.30
N LEU A 122 -7.08 21.86 -0.18
CA LEU A 122 -6.07 21.61 -1.20
C LEU A 122 -6.70 21.55 -2.57
N CYS A 123 -8.03 21.70 -2.62
CA CYS A 123 -8.77 21.64 -3.87
C CYS A 123 -8.86 23.01 -4.53
N ILE A 124 -8.51 23.06 -5.80
CA ILE A 124 -8.59 24.31 -6.56
C ILE A 124 -9.92 24.36 -7.31
N VAL A 125 -10.14 23.36 -8.17
CA VAL A 125 -11.42 23.20 -8.84
C VAL A 125 -11.90 21.75 -8.69
N ALA A 126 -13.10 21.59 -8.14
CA ALA A 126 -13.63 20.28 -7.76
C ALA A 126 -13.61 19.25 -8.89
N GLY A 127 -13.01 18.10 -8.60
CA GLY A 127 -12.97 16.99 -9.54
C GLY A 127 -12.10 17.23 -10.76
N SER A 128 -11.31 18.30 -10.73
CA SER A 128 -10.47 18.65 -11.87
C SER A 128 -9.01 18.87 -11.48
N LYS A 129 -8.74 19.95 -10.76
CA LYS A 129 -7.38 20.29 -10.38
C LYS A 129 -7.26 20.62 -8.89
N CYS A 130 -6.20 20.11 -8.26
CA CYS A 130 -5.96 20.33 -6.84
C CYS A 130 -4.47 20.32 -6.55
N TRP A 131 -4.12 20.66 -5.32
CA TRP A 131 -2.73 20.61 -4.87
C TRP A 131 -2.38 19.21 -4.38
N ALA A 132 -1.13 18.79 -4.62
CA ALA A 132 -0.65 17.51 -4.13
C ALA A 132 0.54 17.72 -3.19
N VAL A 133 0.24 17.84 -1.91
CA VAL A 133 1.28 18.09 -0.91
C VAL A 133 2.07 16.81 -0.59
N ARG A 134 3.39 16.94 -0.59
CA ARG A 134 4.27 15.82 -0.33
C ARG A 134 5.22 16.11 0.81
N ALA A 135 5.29 15.21 1.79
CA ALA A 135 6.21 15.34 2.90
C ALA A 135 7.32 14.29 2.80
N ASP A 136 8.53 14.73 2.48
CA ASP A 136 9.66 13.82 2.35
C ASP A 136 10.58 13.88 3.56
N VAL A 137 10.61 12.81 4.33
CA VAL A 137 11.47 12.73 5.51
C VAL A 137 12.78 12.05 5.16
N HIS A 138 13.89 12.70 5.53
CA HIS A 138 15.23 12.17 5.26
C HIS A 138 15.94 11.85 6.57
N PHE A 139 16.17 10.57 6.81
CA PHE A 139 16.83 10.12 8.03
C PHE A 139 18.35 10.22 7.89
N LEU A 140 18.93 11.28 8.44
CA LEU A 140 20.34 11.56 8.28
C LEU A 140 21.22 10.76 9.25
N ASP A 141 20.88 10.82 10.53
CA ASP A 141 21.68 10.18 11.57
C ASP A 141 20.77 9.54 12.62
N CYS A 142 20.98 8.25 12.87
CA CYS A 142 20.11 7.52 13.78
C CYS A 142 20.70 7.29 15.16
N ASP A 143 20.04 7.83 16.18
CA ASP A 143 20.36 7.54 17.56
C ASP A 143 19.05 7.31 18.32
N GLY A 144 18.16 6.56 17.68
CA GLY A 144 16.85 6.27 18.25
C GLY A 144 15.86 7.39 18.03
N GLY A 145 14.60 7.14 18.38
CA GLY A 145 13.56 8.15 18.31
C GLY A 145 13.26 8.67 16.92
N PHE A 146 13.32 7.80 15.92
CA PHE A 146 13.05 8.21 14.54
C PHE A 146 11.58 8.55 14.31
N ILE A 147 10.69 7.88 15.04
CA ILE A 147 9.26 8.15 14.92
C ILE A 147 8.92 9.53 15.47
N ASP A 148 9.38 9.82 16.69
CA ASP A 148 9.11 11.09 17.33
C ASP A 148 9.74 12.24 16.54
N ALA A 149 10.94 11.99 16.00
CA ALA A 149 11.65 13.00 15.23
C ALA A 149 10.94 13.29 13.92
N SER A 150 10.40 12.24 13.29
CA SER A 150 9.71 12.38 12.02
C SER A 150 8.39 13.13 12.17
N CYS A 151 7.63 12.78 13.21
CA CYS A 151 6.33 13.40 13.45
C CYS A 151 6.47 14.90 13.69
N ILE A 152 7.55 15.29 14.35
CA ILE A 152 7.84 16.71 14.58
C ILE A 152 8.34 17.35 13.29
N ALA A 153 9.15 16.63 12.53
CA ALA A 153 9.69 17.12 11.27
C ALA A 153 8.59 17.37 10.24
N VAL A 154 7.64 16.44 10.16
CA VAL A 154 6.53 16.57 9.23
C VAL A 154 5.62 17.74 9.61
N MET A 155 5.24 17.79 10.89
CA MET A 155 4.34 18.83 11.36
C MET A 155 4.95 20.22 11.31
N ALA A 156 6.20 20.34 11.72
CA ALA A 156 6.89 21.63 11.67
C ALA A 156 7.01 22.11 10.23
N GLY A 157 7.23 21.17 9.32
CA GLY A 157 7.33 21.49 7.91
C GLY A 157 6.02 21.95 7.32
N LEU A 158 4.95 21.23 7.62
CA LEU A 158 3.62 21.57 7.11
C LEU A 158 3.15 22.93 7.61
N MET A 159 3.50 23.26 8.84
CA MET A 159 3.11 24.53 9.43
C MET A 159 4.00 25.67 8.96
N HIS A 160 5.16 25.33 8.42
CA HIS A 160 6.12 26.33 7.94
C HIS A 160 5.96 26.53 6.44
N PHE A 161 5.46 25.52 5.75
CA PHE A 161 5.33 25.57 4.31
C PHE A 161 4.28 26.58 3.85
N LYS A 162 4.50 27.16 2.68
CA LYS A 162 3.54 28.07 2.06
C LYS A 162 3.46 27.78 0.56
N LYS A 163 2.24 27.57 0.07
CA LYS A 163 2.03 27.27 -1.34
C LYS A 163 1.73 28.54 -2.13
N PRO A 164 2.11 28.57 -3.42
CA PRO A 164 1.88 29.73 -4.29
C PRO A 164 0.40 30.11 -4.36
N ASP A 165 0.11 31.41 -4.28
CA ASP A 165 -1.26 31.91 -4.33
C ASP A 165 -1.88 31.63 -5.69
N ILE A 166 -3.18 31.33 -5.70
CA ILE A 166 -3.88 31.00 -6.94
C ILE A 166 -5.20 31.74 -7.10
N THR A 167 -5.36 32.42 -8.23
CA THR A 167 -6.64 33.02 -8.59
C THR A 167 -7.25 32.19 -9.72
N VAL A 168 -8.55 31.93 -9.61
CA VAL A 168 -9.22 31.02 -10.55
C VAL A 168 -10.18 31.74 -11.49
N HIS A 169 -9.99 31.53 -12.80
CA HIS A 169 -10.91 32.04 -13.81
C HIS A 169 -11.61 30.88 -14.51
N GLY A 170 -12.61 30.32 -13.85
CA GLY A 170 -13.30 29.15 -14.37
C GLY A 170 -12.48 27.90 -14.14
N GLU A 171 -11.81 27.44 -15.19
CA GLU A 171 -10.91 26.31 -15.10
C GLU A 171 -9.47 26.74 -15.40
N GLN A 172 -9.31 28.01 -15.76
CA GLN A 172 -7.99 28.57 -16.02
C GLN A 172 -7.32 28.95 -14.71
N ILE A 173 -6.31 28.18 -14.33
CA ILE A 173 -5.60 28.42 -13.08
C ILE A 173 -4.44 29.41 -13.25
N ILE A 174 -4.54 30.54 -12.58
CA ILE A 174 -3.48 31.55 -12.61
C ILE A 174 -2.58 31.40 -11.39
N VAL A 175 -1.46 30.71 -11.56
CA VAL A 175 -0.53 30.46 -10.47
C VAL A 175 0.42 31.64 -10.29
N HIS A 176 0.14 32.48 -9.30
CA HIS A 176 0.99 33.63 -9.00
C HIS A 176 2.32 33.18 -8.40
N PRO A 177 3.43 33.66 -8.99
CA PRO A 177 4.76 33.37 -8.45
C PRO A 177 4.98 34.11 -7.14
N VAL A 178 6.02 33.74 -6.40
CA VAL A 178 6.32 34.38 -5.13
C VAL A 178 6.76 35.83 -5.35
N ASN A 179 7.20 36.12 -6.58
CA ASN A 179 7.62 37.47 -6.95
C ASN A 179 6.44 38.42 -7.08
N GLU A 180 5.34 37.92 -7.63
CA GLU A 180 4.12 38.72 -7.80
C GLU A 180 3.42 38.91 -6.46
N ARG A 181 2.74 37.87 -5.99
CA ARG A 181 2.06 37.92 -4.71
C ARG A 181 2.63 36.87 -3.75
N GLU A 182 2.41 37.06 -2.46
CA GLU A 182 2.95 36.19 -1.43
C GLU A 182 2.28 34.81 -1.48
N PRO A 183 3.02 33.76 -1.05
CA PRO A 183 2.45 32.41 -1.00
C PRO A 183 1.49 32.22 0.17
N VAL A 184 0.66 31.17 0.08
CA VAL A 184 -0.38 30.92 1.07
C VAL A 184 -0.04 29.71 1.94
N PRO A 185 -0.16 29.85 3.27
CA PRO A 185 0.10 28.76 4.22
C PRO A 185 -0.93 27.62 4.09
N LEU A 186 -0.62 26.49 4.72
CA LEU A 186 -1.52 25.33 4.71
C LEU A 186 -2.48 25.36 5.88
N GLY A 187 -3.55 24.56 5.78
CA GLY A 187 -4.54 24.48 6.84
C GLY A 187 -4.26 23.31 7.77
N ILE A 188 -3.99 23.60 9.02
CA ILE A 188 -3.72 22.57 10.02
C ILE A 188 -4.85 22.48 11.04
N LEU A 189 -5.52 21.34 11.07
CA LEU A 189 -6.66 21.14 11.97
C LEU A 189 -6.18 20.92 13.40
N HIS A 190 -5.08 20.20 13.55
CA HIS A 190 -4.50 19.95 14.87
C HIS A 190 -3.02 19.60 14.73
N ILE A 191 -2.29 19.65 15.84
CA ILE A 191 -0.85 19.38 15.82
C ILE A 191 -0.53 18.11 16.61
N PRO A 192 -0.40 16.97 15.91
CA PRO A 192 -0.09 15.67 16.51
C PRO A 192 1.39 15.55 16.83
N ILE A 193 1.71 15.06 18.03
CA ILE A 193 3.09 14.84 18.42
C ILE A 193 3.25 13.43 18.99
N CYS A 194 4.28 12.73 18.54
CA CYS A 194 4.52 11.36 18.99
C CYS A 194 5.52 11.30 20.14
N VAL A 195 5.25 10.43 21.11
CA VAL A 195 6.17 10.15 22.20
C VAL A 195 6.32 8.65 22.34
N THR A 196 7.54 8.15 22.19
CA THR A 196 7.78 6.71 22.20
C THR A 196 8.38 6.22 23.51
N PHE A 197 7.77 5.18 24.07
CA PHE A 197 8.25 4.58 25.32
C PHE A 197 8.91 3.25 25.06
N SER A 198 9.99 2.97 25.77
CA SER A 198 10.72 1.72 25.64
C SER A 198 10.65 0.92 26.93
N PHE A 199 10.35 -0.37 26.82
CA PHE A 199 10.16 -1.21 27.99
C PHE A 199 11.28 -2.22 28.18
N PHE A 200 11.65 -2.44 29.44
CA PHE A 200 12.72 -3.37 29.78
C PHE A 200 12.28 -4.30 30.90
N ASN A 201 12.53 -5.60 30.71
CA ASN A 201 12.26 -6.58 31.75
C ASN A 201 13.53 -6.90 32.53
N PRO A 202 13.61 -6.39 33.77
CA PRO A 202 14.82 -6.58 34.60
C PRO A 202 14.97 -8.00 35.08
N GLN A 203 13.87 -8.76 35.03
CA GLN A 203 13.89 -10.16 35.45
C GLN A 203 13.67 -11.09 34.26
N ASP A 204 12.99 -12.21 34.49
CA ASP A 204 12.75 -13.17 33.43
C ASP A 204 11.28 -13.17 32.97
N THR A 205 11.01 -13.92 31.90
CA THR A 205 9.68 -13.97 31.32
C THR A 205 8.64 -14.52 32.29
N GLU A 206 9.04 -15.53 33.07
CA GLU A 206 8.14 -16.16 34.02
C GLU A 206 7.55 -15.17 35.02
N GLU A 207 8.37 -14.22 35.45
CA GLU A 207 7.94 -13.24 36.44
C GLU A 207 7.17 -12.10 35.78
N ASN A 208 7.20 -12.08 34.44
CA ASN A 208 6.41 -11.10 33.69
C ASN A 208 5.00 -11.62 33.44
N ILE A 209 4.89 -12.93 33.24
CA ILE A 209 3.61 -13.55 32.94
C ILE A 209 2.82 -13.89 34.21
N LYS A 210 3.51 -14.45 35.19
CA LYS A 210 2.83 -14.91 36.41
C LYS A 210 3.34 -14.23 37.68
N GLY A 211 4.23 -13.26 37.52
CA GLY A 211 4.76 -12.53 38.66
C GLY A 211 3.73 -11.64 39.32
N GLU A 212 3.72 -11.62 40.65
CA GLU A 212 2.77 -10.82 41.40
C GLU A 212 2.99 -9.33 41.22
N THR A 213 4.10 -8.84 41.77
CA THR A 213 4.44 -7.42 41.69
C THR A 213 5.14 -7.08 40.37
N ASN A 214 4.63 -6.07 39.69
CA ASN A 214 5.22 -5.62 38.42
C ASN A 214 6.51 -4.85 38.66
N SER A 215 7.50 -5.09 37.80
CA SER A 215 8.81 -4.47 37.98
C SER A 215 9.42 -4.03 36.65
N GLU A 216 8.64 -4.08 35.58
CA GLU A 216 9.12 -3.71 34.25
C GLU A 216 9.47 -2.22 34.18
N ILE A 217 10.60 -1.91 33.57
CA ILE A 217 11.09 -0.55 33.49
C ILE A 217 10.68 0.10 32.17
N SER A 218 10.22 1.35 32.24
CA SER A 218 9.83 2.08 31.04
C SER A 218 10.52 3.45 30.99
N ILE A 219 11.20 3.71 29.87
CA ILE A 219 11.89 4.98 29.68
C ILE A 219 11.35 5.72 28.45
N ILE A 220 11.44 7.05 28.48
CA ILE A 220 10.93 7.88 27.39
C ILE A 220 12.04 8.26 26.41
N ASP A 221 11.75 8.10 25.12
CA ASP A 221 12.66 8.50 24.05
C ASP A 221 14.03 7.86 24.21
N ALA A 222 14.12 6.57 23.89
CA ALA A 222 15.35 5.81 24.05
C ALA A 222 16.36 6.11 22.95
N THR A 223 17.64 6.06 23.30
CA THR A 223 18.70 6.19 22.33
C THR A 223 18.87 4.87 21.59
N LEU A 224 19.82 4.81 20.66
CA LEU A 224 20.02 3.61 19.86
C LEU A 224 20.39 2.40 20.71
N LYS A 225 21.30 2.61 21.66
CA LYS A 225 21.73 1.51 22.54
C LYS A 225 20.59 1.00 23.42
N GLU A 226 19.77 1.92 23.91
CA GLU A 226 18.61 1.54 24.73
C GLU A 226 17.53 0.90 23.87
N GLU A 227 17.48 1.31 22.61
CA GLU A 227 16.48 0.81 21.67
C GLU A 227 16.77 -0.62 21.24
N LEU A 228 18.05 -0.98 21.19
CA LEU A 228 18.47 -2.31 20.77
C LEU A 228 18.35 -3.34 21.88
N LEU A 229 18.11 -2.89 23.11
CA LEU A 229 18.06 -3.80 24.25
C LEU A 229 16.71 -3.81 24.96
N ARG A 230 15.71 -3.19 24.34
CA ARG A 230 14.37 -3.14 24.93
C ARG A 230 13.57 -4.39 24.61
N ASP A 231 12.54 -4.64 25.40
CA ASP A 231 11.70 -5.82 25.21
C ASP A 231 10.33 -5.47 24.64
N GLY A 232 10.00 -4.18 24.65
CA GLY A 232 8.72 -3.72 24.13
C GLY A 232 8.71 -2.24 23.81
N VAL A 233 7.86 -1.85 22.85
CA VAL A 233 7.77 -0.46 22.44
C VAL A 233 6.34 0.06 22.52
N LEU A 234 6.19 1.33 22.85
CA LEU A 234 4.88 1.99 22.85
C LEU A 234 4.98 3.39 22.27
N THR A 235 4.20 3.65 21.22
CA THR A 235 4.18 4.98 20.62
C THR A 235 2.80 5.60 20.78
N VAL A 236 2.72 6.69 21.54
CA VAL A 236 1.45 7.36 21.79
C VAL A 236 1.45 8.78 21.23
N THR A 237 0.42 9.12 20.47
CA THR A 237 0.33 10.43 19.83
C THR A 237 -0.82 11.25 20.39
N LEU A 238 -0.52 12.47 20.85
CA LEU A 238 -1.54 13.35 21.39
C LEU A 238 -1.43 14.76 20.82
N ASN A 239 -2.38 15.62 21.20
CA ASN A 239 -2.33 17.03 20.85
C ASN A 239 -2.75 17.90 22.04
N LYS A 240 -2.60 19.22 21.91
CA LYS A 240 -2.92 20.13 23.01
C LYS A 240 -4.39 20.11 23.43
N ASN A 241 -5.24 19.51 22.59
CA ASN A 241 -6.67 19.40 22.88
C ASN A 241 -6.99 18.25 23.83
N ARG A 242 -5.96 17.69 24.45
CA ARG A 242 -6.09 16.59 25.40
C ARG A 242 -6.83 15.40 24.81
N GLU A 243 -6.44 15.01 23.59
CA GLU A 243 -7.02 13.83 22.97
C GLU A 243 -5.93 12.93 22.40
N VAL A 244 -6.18 11.63 22.46
CA VAL A 244 -5.25 10.65 21.91
C VAL A 244 -5.48 10.50 20.41
N VAL A 245 -4.48 10.87 19.62
CA VAL A 245 -4.57 10.74 18.18
C VAL A 245 -4.44 9.28 17.75
N GLN A 246 -3.43 8.60 18.30
CA GLN A 246 -3.25 7.17 18.06
C GLN A 246 -2.33 6.55 19.11
N VAL A 247 -2.54 5.27 19.40
CA VAL A 247 -1.67 4.51 20.28
C VAL A 247 -1.30 3.19 19.61
N SER A 248 -0.02 2.85 19.64
CA SER A 248 0.43 1.62 19.02
C SER A 248 1.46 0.87 19.86
N LYS A 249 1.00 -0.16 20.55
CA LYS A 249 1.89 -1.09 21.22
C LYS A 249 1.80 -2.43 20.49
N ALA A 250 2.49 -2.53 19.37
CA ALA A 250 2.44 -3.72 18.53
C ALA A 250 3.23 -4.87 19.13
N GLY A 251 2.62 -5.58 20.06
CA GLY A 251 3.25 -6.73 20.69
C GLY A 251 4.37 -6.35 21.65
N GLY A 252 5.37 -7.21 21.75
CA GLY A 252 6.49 -6.97 22.65
C GLY A 252 6.18 -7.37 24.07
N LEU A 253 6.97 -6.84 25.00
CA LEU A 253 6.83 -7.17 26.42
C LEU A 253 5.44 -6.79 26.95
N PRO A 254 4.70 -7.78 27.46
CA PRO A 254 3.40 -7.54 28.10
C PRO A 254 3.53 -6.52 29.22
N MET A 255 2.68 -5.50 29.21
CA MET A 255 2.80 -4.39 30.13
C MET A 255 1.47 -4.11 30.83
N ASP A 256 1.54 -3.72 32.10
CA ASP A 256 0.35 -3.42 32.88
C ASP A 256 -0.43 -2.26 32.28
N ALA A 257 -1.75 -2.40 32.25
CA ALA A 257 -2.63 -1.40 31.64
C ALA A 257 -2.51 -0.02 32.29
N LEU A 258 -2.41 0.00 33.61
CA LEU A 258 -2.30 1.25 34.34
C LEU A 258 -0.98 1.95 34.06
N THR A 259 0.06 1.15 33.78
CA THR A 259 1.36 1.70 33.44
C THR A 259 1.32 2.36 32.07
N LEU A 260 0.59 1.74 31.15
CA LEU A 260 0.43 2.28 29.80
C LEU A 260 -0.38 3.58 29.84
N MET A 261 -1.33 3.65 30.77
CA MET A 261 -2.12 4.87 30.96
C MET A 261 -1.25 5.98 31.54
N LYS A 262 -0.36 5.61 32.45
CA LYS A 262 0.57 6.56 33.05
C LYS A 262 1.46 7.18 31.98
N CYS A 263 1.89 6.35 31.04
CA CYS A 263 2.72 6.80 29.93
C CYS A 263 2.00 7.82 29.07
N CYS A 264 0.71 7.58 28.82
CA CYS A 264 -0.10 8.48 28.02
C CYS A 264 -0.24 9.85 28.68
N HIS A 265 -0.36 9.85 30.01
CA HIS A 265 -0.45 11.11 30.76
C HIS A 265 0.90 11.81 30.84
N GLU A 266 1.97 11.04 30.92
CA GLU A 266 3.31 11.60 30.94
C GLU A 266 3.65 12.20 29.59
N ALA A 267 3.19 11.55 28.52
CA ALA A 267 3.46 12.01 27.16
C ALA A 267 2.73 13.32 26.88
N TYR A 268 1.59 13.51 27.54
CA TYR A 268 0.77 14.70 27.33
C TYR A 268 1.49 15.96 27.81
N SER A 269 2.27 15.82 28.88
CA SER A 269 3.04 16.95 29.40
C SER A 269 4.18 17.31 28.45
N ILE A 270 4.68 16.31 27.74
CA ILE A 270 5.77 16.51 26.80
C ILE A 270 5.28 17.14 25.50
N ILE A 271 4.17 16.64 24.98
CA ILE A 271 3.63 17.15 23.73
C ILE A 271 3.14 18.59 23.86
N GLU A 272 2.78 18.99 25.08
CA GLU A 272 2.39 20.37 25.34
C GLU A 272 3.58 21.30 25.21
N LYS A 273 4.70 20.92 25.83
CA LYS A 273 5.92 21.71 25.78
C LYS A 273 6.47 21.75 24.36
N ILE A 274 6.38 20.63 23.65
CA ILE A 274 6.88 20.54 22.28
C ILE A 274 6.05 21.38 21.31
N THR A 275 4.73 21.30 21.44
CA THR A 275 3.84 22.07 20.56
C THR A 275 4.06 23.58 20.70
N ASP A 276 4.09 24.05 21.94
CA ASP A 276 4.35 25.47 22.21
C ASP A 276 5.72 25.87 21.68
N GLN A 277 6.68 24.96 21.79
CA GLN A 277 8.03 25.20 21.31
C GLN A 277 8.05 25.40 19.80
N ILE A 278 7.33 24.54 19.08
CA ILE A 278 7.24 24.63 17.62
C ILE A 278 6.62 25.96 17.20
N LEU A 279 5.55 26.35 17.87
CA LEU A 279 4.84 27.59 17.56
C LEU A 279 5.73 28.81 17.75
N GLN A 280 6.52 28.81 18.81
CA GLN A 280 7.41 29.93 19.11
C GLN A 280 8.51 30.07 18.06
N LEU A 281 9.08 28.94 17.66
CA LEU A 281 10.13 28.93 16.65
C LEU A 281 9.60 29.34 15.28
N LEU A 282 8.30 29.15 15.07
CA LEU A 282 7.65 29.56 13.83
C LEU A 282 7.39 31.06 13.82
N LYS A 283 7.05 31.61 14.99
CA LYS A 283 6.82 33.04 15.12
C LYS A 283 8.11 33.81 14.89
N GLU A 284 9.18 33.39 15.56
CA GLU A 284 10.48 34.02 15.45
C GLU A 284 11.02 33.93 14.02
N ASP A 285 10.74 32.81 13.36
CA ASP A 285 11.14 32.63 11.97
C ASP A 285 10.39 33.60 11.07
N SER A 286 9.12 33.85 11.41
CA SER A 286 8.30 34.79 10.66
C SER A 286 8.78 36.22 10.91
N GLU A 287 9.13 36.50 12.16
CA GLU A 287 9.64 37.82 12.54
C GLU A 287 11.00 38.09 11.89
N LYS A 288 11.79 37.03 11.74
CA LYS A 288 13.10 37.15 11.12
C LYS A 288 12.99 37.44 9.63
N ARG A 289 12.06 36.76 8.96
CA ARG A 289 11.87 36.94 7.53
C ARG A 289 11.25 38.30 7.22
N ASN A 290 10.45 38.82 8.15
CA ASN A 290 9.84 40.13 7.98
C ASN A 290 10.82 41.26 8.24
N LYS A 291 11.69 41.07 9.22
CA LYS A 291 12.71 42.07 9.56
C LYS A 291 13.72 42.22 8.44
N TYR A 292 14.02 41.11 7.76
CA TYR A 292 14.93 41.13 6.62
C TYR A 292 14.24 41.74 5.40
N ALA A 293 12.93 41.54 5.31
CA ALA A 293 12.15 42.09 4.21
C ALA A 293 12.05 43.60 4.34
N ALA A 294 12.10 44.10 5.57
CA ALA A 294 12.07 45.53 5.84
C ALA A 294 13.43 46.15 5.59
N MET A 295 14.49 45.39 5.88
CA MET A 295 15.85 45.85 5.67
C MET A 295 16.25 45.74 4.20
N LEU A 296 15.50 44.93 3.46
CA LEU A 296 15.75 44.78 2.03
C LEU A 296 15.03 45.86 1.23
N THR A 297 13.85 46.26 1.71
CA THR A 297 13.07 47.31 1.06
C THR A 297 13.66 48.69 1.36
N SER A 298 14.13 48.87 2.59
CA SER A 298 14.73 50.13 3.02
C SER A 298 16.03 50.39 2.25
N GLU A 299 16.79 49.34 1.99
CA GLU A 299 18.04 49.46 1.24
C GLU A 299 17.77 49.53 -0.26
N ASN A 300 16.56 49.16 -0.66
CA ASN A 300 16.17 49.18 -2.07
C ASN A 300 15.80 50.59 -2.54
N MET B 3 -22.57 12.16 12.56
CA MET B 3 -24.03 12.15 12.48
C MET B 3 -24.54 10.82 11.94
N SER B 4 -25.16 10.02 12.80
CA SER B 4 -25.70 8.73 12.40
C SER B 4 -27.21 8.71 12.57
N ARG B 5 -27.91 8.32 11.51
CA ARG B 5 -29.38 8.30 11.53
C ARG B 5 -29.90 6.99 12.12
N LEU B 6 -29.00 6.03 12.33
CA LEU B 6 -29.35 4.75 12.90
C LEU B 6 -29.14 4.77 14.42
N GLU B 7 -29.92 3.97 15.13
CA GLU B 7 -29.82 3.89 16.59
C GLU B 7 -28.67 3.00 17.02
N ILE B 8 -27.46 3.55 17.01
CA ILE B 8 -26.27 2.82 17.43
C ILE B 8 -26.40 2.34 18.87
N TYR B 9 -26.91 3.22 19.73
CA TYR B 9 -27.23 2.84 21.10
C TYR B 9 -28.52 3.52 21.55
N SER B 10 -29.62 2.79 21.44
CA SER B 10 -30.94 3.30 21.77
C SER B 10 -31.03 3.64 23.27
N PRO B 11 -31.99 4.52 23.63
CA PRO B 11 -32.25 4.83 25.04
C PRO B 11 -32.64 3.59 25.84
N GLU B 12 -33.06 2.53 25.16
CA GLU B 12 -33.42 1.28 25.82
C GLU B 12 -32.19 0.43 26.11
N GLY B 13 -31.02 0.95 25.75
CA GLY B 13 -29.77 0.26 26.00
C GLY B 13 -29.52 -0.88 25.02
N LEU B 14 -30.16 -0.82 23.88
CA LEU B 14 -30.03 -1.86 22.87
C LEU B 14 -29.28 -1.37 21.63
N ARG B 15 -28.49 -2.26 21.04
CA ARG B 15 -27.72 -1.91 19.85
C ARG B 15 -28.40 -2.38 18.57
N LEU B 16 -27.77 -2.11 17.44
CA LEU B 16 -28.35 -2.41 16.13
C LEU B 16 -28.56 -3.91 15.90
N ASP B 17 -27.74 -4.73 16.55
CA ASP B 17 -27.82 -6.17 16.39
C ASP B 17 -28.62 -6.82 17.51
N GLY B 18 -28.92 -6.05 18.54
CA GLY B 18 -29.73 -6.54 19.64
C GLY B 18 -28.98 -6.66 20.96
N ARG B 19 -27.65 -6.73 20.88
CA ARG B 19 -26.83 -6.86 22.07
C ARG B 19 -26.89 -5.61 22.93
N ARG B 20 -26.51 -5.76 24.20
CA ARG B 20 -26.38 -4.61 25.09
C ARG B 20 -24.95 -4.12 25.06
N TRP B 21 -24.64 -3.12 25.87
CA TRP B 21 -23.34 -2.45 25.80
C TRP B 21 -22.17 -3.34 26.18
N ASN B 22 -22.42 -4.34 27.02
CA ASN B 22 -21.35 -5.18 27.54
C ASN B 22 -21.48 -6.66 27.19
N GLU B 23 -21.98 -6.96 26.00
CA GLU B 23 -22.17 -8.34 25.56
C GLU B 23 -21.29 -8.70 24.36
N LEU B 24 -20.58 -9.82 24.47
CA LEU B 24 -19.77 -10.31 23.36
C LEU B 24 -20.66 -10.92 22.27
N ARG B 25 -20.13 -11.00 21.07
CA ARG B 25 -20.83 -11.67 19.97
C ARG B 25 -20.80 -13.19 20.17
N ARG B 26 -21.43 -13.91 19.25
CA ARG B 26 -21.39 -15.37 19.26
C ARG B 26 -19.95 -15.84 19.09
N PHE B 27 -19.44 -16.53 20.10
CA PHE B 27 -18.05 -16.99 20.07
C PHE B 27 -17.98 -18.51 19.99
N GLU B 28 -17.58 -19.02 18.84
CA GLU B 28 -17.47 -20.45 18.63
C GLU B 28 -16.09 -20.83 18.09
N SER B 29 -15.34 -21.59 18.90
CA SER B 29 -14.01 -22.01 18.51
C SER B 29 -14.04 -23.41 17.93
N SER B 30 -12.95 -23.81 17.30
CA SER B 30 -12.85 -25.14 16.70
C SER B 30 -11.39 -25.54 16.54
N ILE B 31 -11.03 -26.67 17.13
CA ILE B 31 -9.63 -27.12 17.16
C ILE B 31 -9.44 -28.34 16.26
N ASN B 32 -8.23 -28.50 15.72
CA ASN B 32 -7.87 -29.64 14.88
C ASN B 32 -8.77 -29.75 13.65
N THR B 33 -8.88 -28.64 12.91
CA THR B 33 -9.75 -28.57 11.75
C THR B 33 -9.03 -29.01 10.48
N HIS B 34 -7.71 -28.85 10.46
CA HIS B 34 -6.91 -29.22 9.30
C HIS B 34 -5.69 -30.05 9.69
N PRO B 35 -5.92 -31.32 10.08
CA PRO B 35 -4.85 -32.20 10.55
C PRO B 35 -3.85 -32.55 9.46
N HIS B 36 -4.33 -32.67 8.23
CA HIS B 36 -3.48 -33.09 7.11
C HIS B 36 -2.79 -31.92 6.43
N ALA B 37 -2.99 -30.71 6.97
CA ALA B 37 -2.44 -29.51 6.36
C ALA B 37 -1.49 -28.76 7.28
N ALA B 38 -1.61 -29.02 8.59
CA ALA B 38 -0.78 -28.32 9.57
C ALA B 38 -0.65 -29.12 10.86
N ASP B 39 0.38 -28.80 11.64
CA ASP B 39 0.59 -29.43 12.94
C ASP B 39 -0.46 -28.97 13.93
N GLY B 40 -0.90 -27.72 13.77
CA GLY B 40 -1.97 -27.17 14.58
C GLY B 40 -2.89 -26.32 13.73
N SER B 41 -4.19 -26.35 14.03
CA SER B 41 -5.16 -25.61 13.24
C SER B 41 -6.37 -25.19 14.08
N SER B 42 -6.96 -24.06 13.72
CA SER B 42 -8.14 -23.56 14.41
C SER B 42 -9.07 -22.81 13.47
N TYR B 43 -10.37 -23.05 13.60
CA TYR B 43 -11.36 -22.30 12.84
C TYR B 43 -12.17 -21.42 13.78
N MET B 44 -12.03 -20.11 13.63
CA MET B 44 -12.66 -19.15 14.52
C MET B 44 -13.92 -18.54 13.94
N GLU B 45 -14.98 -18.52 14.74
CA GLU B 45 -16.20 -17.80 14.40
C GLU B 45 -16.60 -16.87 15.52
N GLN B 46 -16.20 -15.61 15.41
CA GLN B 46 -16.55 -14.59 16.38
C GLN B 46 -17.45 -13.56 15.72
N GLY B 47 -18.77 -13.76 15.85
CA GLY B 47 -19.73 -12.97 15.11
C GLY B 47 -19.79 -13.50 13.69
N ASN B 48 -19.83 -12.59 12.72
CA ASN B 48 -19.78 -13.00 11.32
C ASN B 48 -18.35 -13.23 10.84
N ASN B 49 -17.39 -12.96 11.71
CA ASN B 49 -15.98 -13.19 11.39
C ASN B 49 -15.66 -14.68 11.25
N LYS B 50 -14.99 -15.04 10.15
CA LYS B 50 -14.61 -16.43 9.90
C LYS B 50 -13.14 -16.53 9.55
N ILE B 51 -12.37 -17.18 10.43
CA ILE B 51 -10.93 -17.24 10.28
C ILE B 51 -10.35 -18.65 10.37
N ILE B 52 -9.61 -19.04 9.33
CA ILE B 52 -8.85 -20.29 9.36
C ILE B 52 -7.42 -19.97 9.76
N THR B 53 -6.90 -20.68 10.77
CA THR B 53 -5.52 -20.48 11.21
C THR B 53 -4.74 -21.79 11.15
N LEU B 54 -3.60 -21.76 10.47
CA LEU B 54 -2.76 -22.94 10.35
C LEU B 54 -1.38 -22.71 10.95
N VAL B 55 -0.96 -23.61 11.83
CA VAL B 55 0.38 -23.58 12.39
C VAL B 55 1.21 -24.72 11.85
N LYS B 56 2.24 -24.39 11.08
CA LYS B 56 3.11 -25.39 10.49
C LYS B 56 4.50 -25.35 11.13
N GLY B 57 4.77 -26.32 12.00
CA GLY B 57 6.05 -26.40 12.67
C GLY B 57 5.95 -26.89 14.10
N PRO B 58 7.09 -26.89 14.83
CA PRO B 58 8.41 -26.49 14.36
C PRO B 58 9.02 -27.49 13.37
N LYS B 59 9.67 -26.96 12.33
CA LYS B 59 10.23 -27.80 11.28
C LYS B 59 11.52 -27.20 10.74
N GLU B 60 12.16 -27.92 9.81
CA GLU B 60 13.38 -27.44 9.18
C GLU B 60 13.13 -26.23 8.30
N PRO B 61 13.97 -25.19 8.45
CA PRO B 61 13.90 -24.01 7.59
C PRO B 61 14.18 -24.40 6.14
N ARG B 62 13.55 -23.72 5.19
CA ARG B 62 13.76 -24.05 3.78
C ARG B 62 15.08 -23.49 3.27
N LEU B 63 15.61 -22.51 3.99
CA LEU B 63 16.90 -21.92 3.65
C LEU B 63 17.78 -21.81 4.88
N LYS B 64 18.96 -22.44 4.82
CA LYS B 64 19.89 -22.45 5.95
C LYS B 64 20.42 -21.07 6.29
N SER B 65 20.31 -20.14 5.34
CA SER B 65 20.69 -18.75 5.57
C SER B 65 19.84 -18.15 6.68
N GLN B 66 18.54 -18.45 6.63
CA GLN B 66 17.61 -18.00 7.66
C GLN B 66 17.43 -19.07 8.72
N MET B 67 18.39 -19.15 9.63
CA MET B 67 18.34 -20.13 10.71
C MET B 67 18.98 -19.59 11.98
N ASP B 68 18.26 -19.67 13.08
CA ASP B 68 18.78 -19.23 14.38
C ASP B 68 19.09 -20.44 15.25
N THR B 69 20.30 -20.46 15.82
CA THR B 69 20.74 -21.60 16.62
C THR B 69 20.36 -21.44 18.09
N SER B 70 19.69 -20.33 18.42
CA SER B 70 19.30 -20.07 19.79
C SER B 70 17.78 -20.10 19.98
N LYS B 71 17.05 -19.87 18.89
CA LYS B 71 15.60 -19.85 18.95
C LYS B 71 14.96 -20.24 17.62
N ALA B 72 13.66 -20.48 17.65
CA ALA B 72 12.91 -20.78 16.44
C ALA B 72 12.53 -19.49 15.73
N LEU B 73 12.36 -19.56 14.42
CA LEU B 73 11.91 -18.42 13.64
C LEU B 73 10.39 -18.42 13.53
N LEU B 74 9.76 -17.35 13.99
CA LEU B 74 8.31 -17.24 13.98
C LEU B 74 7.82 -16.35 12.84
N ASN B 75 7.00 -16.91 11.96
CA ASN B 75 6.46 -16.17 10.83
C ASN B 75 4.93 -16.19 10.79
N VAL B 76 4.35 -15.06 10.45
CA VAL B 76 2.89 -14.95 10.37
C VAL B 76 2.47 -14.26 9.07
N SER B 77 1.62 -14.93 8.29
CA SER B 77 1.10 -14.33 7.07
C SER B 77 -0.42 -14.31 7.08
N VAL B 78 -0.99 -13.11 7.09
CA VAL B 78 -2.44 -12.94 7.11
C VAL B 78 -3.01 -12.74 5.70
N ASN B 79 -3.87 -13.65 5.28
CA ASN B 79 -4.52 -13.54 3.98
C ASN B 79 -5.96 -13.05 4.10
N ILE B 80 -6.14 -11.74 3.99
CA ILE B 80 -7.48 -11.16 3.96
C ILE B 80 -8.02 -11.30 2.55
N THR B 81 -8.92 -12.27 2.37
CA THR B 81 -9.47 -12.60 1.06
C THR B 81 -10.27 -11.44 0.46
N LYS B 82 -10.34 -11.42 -0.87
CA LYS B 82 -11.04 -10.36 -1.58
C LYS B 82 -12.55 -10.40 -1.36
N PHE B 83 -13.03 -11.49 -0.79
CA PHE B 83 -14.47 -11.65 -0.54
C PHE B 83 -14.82 -11.61 0.95
N SER B 84 -13.93 -11.01 1.75
CA SER B 84 -14.14 -10.92 3.19
C SER B 84 -15.22 -9.90 3.54
N LYS B 85 -15.30 -8.84 2.75
CA LYS B 85 -16.29 -7.79 2.99
C LYS B 85 -17.49 -7.92 2.06
N PHE B 86 -18.46 -7.03 2.22
CA PHE B 86 -19.65 -7.02 1.36
C PHE B 86 -19.25 -6.60 -0.06
N GLU B 87 -18.43 -5.57 -0.15
CA GLU B 87 -17.92 -5.10 -1.42
C GLU B 87 -16.58 -5.75 -1.72
N ARG B 88 -16.54 -6.60 -2.74
CA ARG B 88 -15.31 -7.28 -3.13
C ARG B 88 -14.21 -6.30 -3.52
N SER B 89 -13.04 -6.45 -2.90
CA SER B 89 -11.90 -5.60 -3.22
C SER B 89 -11.25 -6.07 -4.52
N LYS B 90 -10.96 -5.13 -5.41
CA LYS B 90 -10.38 -5.45 -6.71
C LYS B 90 -8.93 -5.91 -6.57
N SER B 91 -8.15 -5.18 -5.80
CA SER B 91 -6.74 -5.48 -5.61
C SER B 91 -6.53 -6.45 -4.44
N SER B 92 -5.34 -7.06 -4.40
CA SER B 92 -4.98 -7.96 -3.31
C SER B 92 -4.45 -7.16 -2.12
N HIS B 93 -4.42 -7.80 -0.95
CA HIS B 93 -3.95 -7.13 0.26
C HIS B 93 -2.64 -7.74 0.75
N LYS B 94 -2.09 -8.66 -0.03
CA LYS B 94 -0.90 -9.42 0.36
C LYS B 94 0.29 -8.55 0.74
N ASN B 95 0.53 -7.50 -0.04
CA ASN B 95 1.67 -6.62 0.19
C ASN B 95 1.26 -5.26 0.75
N GLU B 96 -0.01 -5.15 1.14
CA GLU B 96 -0.54 -3.92 1.69
C GLU B 96 0.15 -3.60 3.02
N ARG B 97 0.58 -2.35 3.17
CA ARG B 97 1.30 -1.91 4.37
C ARG B 97 0.49 -2.14 5.64
N ARG B 98 -0.83 -2.07 5.53
CA ARG B 98 -1.71 -2.32 6.65
C ARG B 98 -1.59 -3.78 7.09
N VAL B 99 -1.46 -4.68 6.12
CA VAL B 99 -1.35 -6.10 6.38
C VAL B 99 0.02 -6.48 6.93
N LEU B 100 1.06 -5.87 6.39
CA LEU B 100 2.43 -6.11 6.88
C LEU B 100 2.57 -5.72 8.35
N GLU B 101 1.88 -4.65 8.74
CA GLU B 101 1.88 -4.20 10.12
C GLU B 101 1.16 -5.21 11.01
N ILE B 102 0.04 -5.73 10.51
CA ILE B 102 -0.73 -6.74 11.24
C ILE B 102 0.11 -7.99 11.49
N GLN B 103 0.73 -8.49 10.42
CA GLN B 103 1.60 -9.66 10.52
C GLN B 103 2.74 -9.41 11.50
N THR B 104 3.39 -8.26 11.35
CA THR B 104 4.47 -7.87 12.25
C THR B 104 3.98 -7.80 13.70
N SER B 105 2.83 -7.15 13.89
CA SER B 105 2.23 -7.02 15.22
C SER B 105 2.02 -8.38 15.89
N LEU B 106 1.42 -9.31 15.16
CA LEU B 106 1.14 -10.64 15.70
C LEU B 106 2.42 -11.39 16.09
N VAL B 107 3.46 -11.26 15.27
CA VAL B 107 4.75 -11.88 15.57
C VAL B 107 5.33 -11.31 16.86
N ARG B 108 5.34 -9.99 16.97
CA ARG B 108 5.88 -9.30 18.15
C ARG B 108 5.10 -9.66 19.41
N MET B 109 3.86 -10.11 19.24
CA MET B 109 3.03 -10.52 20.38
C MET B 109 3.43 -11.88 20.92
N PHE B 110 3.58 -12.85 20.02
CA PHE B 110 3.81 -14.23 20.43
C PHE B 110 5.29 -14.60 20.59
N GLU B 111 6.18 -13.71 20.18
CA GLU B 111 7.61 -13.89 20.41
C GLU B 111 7.91 -13.88 21.91
N LYS B 112 7.07 -13.18 22.67
CA LYS B 112 7.25 -13.05 24.11
C LYS B 112 6.30 -13.97 24.87
N ASN B 113 5.65 -14.89 24.14
CA ASN B 113 4.75 -15.84 24.76
C ASN B 113 5.13 -17.28 24.38
N VAL B 114 5.34 -17.51 23.09
CA VAL B 114 5.80 -18.80 22.61
C VAL B 114 7.25 -19.00 23.01
N MET B 115 7.55 -20.13 23.65
CA MET B 115 8.91 -20.44 24.06
C MET B 115 9.75 -20.85 22.86
N LEU B 116 10.19 -19.87 22.08
CA LEU B 116 10.96 -20.13 20.87
C LEU B 116 12.35 -20.65 21.22
N ASN B 117 12.79 -20.39 22.44
CA ASN B 117 14.13 -20.77 22.87
C ASN B 117 14.32 -22.27 22.99
N ILE B 118 13.23 -23.01 23.18
CA ILE B 118 13.33 -24.46 23.32
C ILE B 118 13.18 -25.17 21.97
N TYR B 119 13.07 -24.40 20.90
CA TYR B 119 13.03 -24.97 19.55
C TYR B 119 14.08 -24.35 18.64
N PRO B 120 15.36 -24.48 19.00
CA PRO B 120 16.39 -23.83 18.17
C PRO B 120 16.51 -24.52 16.81
N ARG B 121 17.03 -23.78 15.82
CA ARG B 121 17.27 -24.30 14.48
C ARG B 121 16.00 -24.79 13.79
N THR B 122 14.84 -24.29 14.23
CA THR B 122 13.57 -24.66 13.60
C THR B 122 12.79 -23.43 13.17
N VAL B 123 11.69 -23.65 12.48
CA VAL B 123 10.83 -22.57 12.00
C VAL B 123 9.37 -22.86 12.30
N ILE B 124 8.66 -21.86 12.82
CA ILE B 124 7.22 -21.96 13.03
C ILE B 124 6.49 -21.01 12.08
N ASP B 125 5.81 -21.59 11.09
CA ASP B 125 5.07 -20.79 10.11
C ASP B 125 3.58 -20.76 10.44
N ILE B 126 3.02 -19.55 10.58
CA ILE B 126 1.61 -19.39 10.87
C ILE B 126 0.86 -18.76 9.70
N GLU B 127 0.03 -19.56 9.03
CA GLU B 127 -0.76 -19.09 7.90
C GLU B 127 -2.19 -18.82 8.33
N ILE B 128 -2.70 -17.65 7.99
CA ILE B 128 -4.06 -17.27 8.35
C ILE B 128 -4.90 -16.89 7.12
N HIS B 129 -6.12 -17.39 7.07
CA HIS B 129 -7.05 -17.05 6.01
C HIS B 129 -8.33 -16.45 6.58
N VAL B 130 -8.56 -15.18 6.29
CA VAL B 130 -9.79 -14.52 6.74
C VAL B 130 -10.87 -14.67 5.68
N LEU B 131 -11.85 -15.52 5.97
CA LEU B 131 -12.90 -15.82 5.01
C LEU B 131 -14.02 -14.77 5.02
N GLU B 132 -14.30 -14.23 6.20
CA GLU B 132 -15.34 -13.22 6.35
C GLU B 132 -14.99 -12.22 7.45
N GLN B 133 -15.31 -10.96 7.23
CA GLN B 133 -14.92 -9.89 8.13
C GLN B 133 -16.12 -9.04 8.54
N ASP B 134 -16.22 -8.70 9.82
CA ASP B 134 -17.32 -7.89 10.31
C ASP B 134 -16.98 -7.22 11.64
N GLY B 135 -15.87 -6.47 11.65
CA GLY B 135 -15.46 -5.74 12.83
C GLY B 135 -14.68 -6.58 13.81
N GLY B 136 -13.70 -5.96 14.47
CA GLY B 136 -12.88 -6.63 15.46
C GLY B 136 -12.07 -7.78 14.88
N ILE B 137 -11.59 -7.60 13.65
CA ILE B 137 -10.85 -8.66 12.98
C ILE B 137 -9.48 -8.89 13.62
N MET B 138 -8.93 -7.86 14.24
CA MET B 138 -7.63 -7.96 14.89
C MET B 138 -7.72 -8.85 16.13
N GLY B 139 -8.76 -8.64 16.92
CA GLY B 139 -8.98 -9.44 18.11
C GLY B 139 -9.24 -10.90 17.78
N SER B 140 -9.95 -11.13 16.68
CA SER B 140 -10.24 -12.49 16.23
C SER B 140 -8.99 -13.17 15.71
N LEU B 141 -8.08 -12.40 15.12
CA LEU B 141 -6.81 -12.92 14.62
C LEU B 141 -5.96 -13.43 15.77
N ILE B 142 -6.00 -12.70 16.88
CA ILE B 142 -5.23 -13.06 18.08
C ILE B 142 -5.72 -14.37 18.67
N ASN B 143 -7.03 -14.51 18.78
CA ASN B 143 -7.64 -15.71 19.35
C ASN B 143 -7.42 -16.95 18.47
N GLY B 144 -7.35 -16.74 17.17
CA GLY B 144 -7.15 -17.83 16.24
C GLY B 144 -5.75 -18.40 16.32
N ILE B 145 -4.76 -17.53 16.48
CA ILE B 145 -3.38 -17.95 16.60
C ILE B 145 -3.12 -18.67 17.91
N THR B 146 -3.68 -18.13 19.00
CA THR B 146 -3.51 -18.73 20.32
C THR B 146 -4.05 -20.15 20.36
N LEU B 147 -5.24 -20.36 19.79
CA LEU B 147 -5.85 -21.68 19.74
C LEU B 147 -5.05 -22.65 18.88
N ALA B 148 -4.64 -22.19 17.69
CA ALA B 148 -3.94 -23.04 16.74
C ALA B 148 -2.57 -23.45 17.27
N LEU B 149 -1.89 -22.53 17.94
CA LEU B 149 -0.59 -22.80 18.52
C LEU B 149 -0.67 -23.86 19.61
N ILE B 150 -1.71 -23.78 20.43
CA ILE B 150 -1.92 -24.77 21.48
C ILE B 150 -2.21 -26.14 20.89
N ASP B 151 -2.99 -26.17 19.81
CA ASP B 151 -3.31 -27.42 19.13
C ASP B 151 -2.06 -28.10 18.57
N ALA B 152 -1.06 -27.29 18.23
CA ALA B 152 0.17 -27.80 17.66
C ALA B 152 1.11 -28.33 18.74
N GLY B 153 0.70 -28.19 20.00
CA GLY B 153 1.51 -28.64 21.11
C GLY B 153 2.77 -27.81 21.28
N ILE B 154 2.71 -26.56 20.85
CA ILE B 154 3.82 -25.64 20.98
C ILE B 154 3.75 -24.89 22.30
N SER B 155 4.82 -24.99 23.10
CA SER B 155 4.84 -24.42 24.44
C SER B 155 4.70 -22.90 24.45
N MET B 156 3.86 -22.41 25.35
CA MET B 156 3.70 -20.97 25.56
C MET B 156 3.37 -20.70 27.02
N PHE B 157 3.65 -19.48 27.48
CA PHE B 157 3.48 -19.15 28.89
C PHE B 157 2.02 -19.02 29.31
N ASP B 158 1.19 -18.46 28.44
CA ASP B 158 -0.22 -18.24 28.77
C ASP B 158 -1.06 -17.95 27.53
N TYR B 159 -2.38 -17.87 27.72
CA TYR B 159 -3.29 -17.46 26.67
C TYR B 159 -3.09 -16.00 26.33
N ILE B 160 -3.36 -15.64 25.08
CA ILE B 160 -3.49 -14.24 24.70
C ILE B 160 -4.85 -14.01 24.05
N SER B 161 -5.72 -13.31 24.74
CA SER B 161 -7.06 -13.06 24.24
C SER B 161 -7.19 -11.66 23.65
N GLY B 162 -7.85 -11.57 22.50
CA GLY B 162 -8.02 -10.29 21.83
C GLY B 162 -9.45 -9.81 21.86
N ILE B 163 -9.62 -8.50 21.99
CA ILE B 163 -10.96 -7.91 22.02
C ILE B 163 -10.92 -6.46 21.50
N SER B 164 -12.06 -5.99 21.01
CA SER B 164 -12.18 -4.60 20.56
C SER B 164 -13.28 -3.90 21.34
N VAL B 165 -13.04 -2.63 21.67
CA VAL B 165 -14.04 -1.83 22.39
C VAL B 165 -14.23 -0.47 21.74
N GLY B 166 -15.46 -0.16 21.36
CA GLY B 166 -15.77 1.11 20.76
C GLY B 166 -16.18 2.14 21.79
N LEU B 167 -16.13 3.40 21.40
CA LEU B 167 -16.53 4.49 22.30
C LEU B 167 -17.49 5.44 21.57
N TYR B 168 -18.78 5.20 21.72
CA TYR B 168 -19.80 6.06 21.13
C TYR B 168 -20.06 7.24 22.06
N ASP B 169 -19.42 8.36 21.76
CA ASP B 169 -19.46 9.56 22.60
C ASP B 169 -18.98 9.27 24.02
N THR B 170 -19.89 8.77 24.86
CA THR B 170 -19.54 8.45 26.24
C THR B 170 -19.83 6.99 26.59
N THR B 171 -20.55 6.32 25.69
CA THR B 171 -20.94 4.92 25.92
C THR B 171 -19.94 3.95 25.32
N PRO B 172 -19.30 3.12 26.17
CA PRO B 172 -18.40 2.07 25.71
C PRO B 172 -19.18 0.89 25.14
N LEU B 173 -18.71 0.32 24.04
CA LEU B 173 -19.40 -0.82 23.43
C LEU B 173 -18.43 -1.99 23.24
N LEU B 174 -18.67 -3.06 23.99
CA LEU B 174 -17.81 -4.24 23.94
C LEU B 174 -18.06 -5.03 22.67
N ASP B 175 -16.97 -5.46 22.03
CA ASP B 175 -17.02 -6.26 20.80
C ASP B 175 -17.81 -5.57 19.69
N THR B 176 -17.11 -4.75 18.91
CA THR B 176 -17.75 -3.95 17.87
C THR B 176 -17.81 -4.67 16.53
N ASN B 177 -18.92 -4.49 15.81
CA ASN B 177 -19.03 -4.97 14.45
C ASN B 177 -18.65 -3.88 13.45
N SER B 178 -18.77 -4.16 12.16
CA SER B 178 -18.32 -3.23 11.13
C SER B 178 -19.08 -1.91 11.15
N LEU B 179 -20.39 -1.98 11.41
CA LEU B 179 -21.22 -0.78 11.45
C LEU B 179 -20.81 0.16 12.57
N GLU B 180 -20.50 -0.42 13.74
CA GLU B 180 -20.13 0.38 14.90
C GLU B 180 -18.73 0.98 14.75
N GLU B 181 -17.84 0.24 14.11
CA GLU B 181 -16.48 0.72 13.88
C GLU B 181 -16.47 1.89 12.90
N ASN B 182 -17.41 1.89 11.98
CA ASN B 182 -17.52 2.97 11.00
C ASN B 182 -18.14 4.22 11.62
N ALA B 183 -18.74 4.08 12.79
CA ALA B 183 -19.47 5.18 13.42
C ALA B 183 -18.80 5.70 14.68
N MET B 184 -17.68 5.10 15.07
CA MET B 184 -16.98 5.52 16.28
C MET B 184 -15.54 5.02 16.30
N SER B 185 -14.76 5.54 17.24
CA SER B 185 -13.39 5.09 17.43
C SER B 185 -13.40 3.81 18.27
N THR B 186 -12.51 2.88 17.93
CA THR B 186 -12.43 1.62 18.65
C THR B 186 -11.02 1.37 19.20
N VAL B 187 -10.94 0.56 20.24
CA VAL B 187 -9.67 0.20 20.84
C VAL B 187 -9.51 -1.31 20.84
N THR B 188 -8.42 -1.80 20.28
CA THR B 188 -8.16 -3.24 20.25
C THR B 188 -7.17 -3.64 21.33
N LEU B 189 -7.54 -4.65 22.11
CA LEU B 189 -6.69 -5.11 23.21
C LEU B 189 -6.19 -6.54 23.00
N GLY B 190 -5.00 -6.81 23.53
CA GLY B 190 -4.45 -8.15 23.55
C GLY B 190 -3.99 -8.48 24.96
N VAL B 191 -4.86 -9.12 25.72
CA VAL B 191 -4.61 -9.38 27.14
C VAL B 191 -3.96 -10.75 27.35
N VAL B 192 -2.96 -10.78 28.23
CA VAL B 192 -2.27 -12.03 28.55
C VAL B 192 -2.94 -12.76 29.71
N GLY B 193 -3.49 -13.94 29.43
CA GLY B 193 -4.10 -14.77 30.45
C GLY B 193 -5.24 -14.11 31.19
N LYS B 194 -5.19 -14.18 32.52
CA LYS B 194 -6.21 -13.55 33.36
C LYS B 194 -5.65 -12.28 33.98
N SER B 195 -4.52 -11.82 33.47
CA SER B 195 -3.81 -10.68 34.05
C SER B 195 -4.37 -9.35 33.57
N GLU B 196 -3.75 -8.27 34.04
CA GLU B 196 -4.10 -6.93 33.61
C GLU B 196 -3.08 -6.42 32.62
N LYS B 197 -2.13 -7.28 32.27
CA LYS B 197 -1.04 -6.91 31.37
C LYS B 197 -1.45 -7.03 29.91
N LEU B 198 -1.19 -5.98 29.14
CA LEU B 198 -1.55 -5.95 27.73
C LEU B 198 -0.37 -6.31 26.84
N SER B 199 -0.59 -7.26 25.94
CA SER B 199 0.40 -7.59 24.92
C SER B 199 0.26 -6.63 23.75
N LEU B 200 -0.99 -6.26 23.46
CA LEU B 200 -1.28 -5.36 22.34
C LEU B 200 -2.27 -4.28 22.72
N LEU B 201 -1.87 -3.02 22.57
CA LEU B 201 -2.77 -1.90 22.74
C LEU B 201 -2.82 -1.11 21.43
N LEU B 202 -3.97 -1.12 20.77
CA LEU B 202 -4.10 -0.53 19.45
C LEU B 202 -5.23 0.49 19.37
N VAL B 203 -4.86 1.76 19.20
CA VAL B 203 -5.83 2.83 19.00
C VAL B 203 -5.49 3.57 17.70
N GLU B 204 -6.39 3.51 16.72
CA GLU B 204 -6.11 4.11 15.42
C GLU B 204 -6.93 5.37 15.15
N ASP B 205 -7.96 5.60 15.95
CA ASP B 205 -8.78 6.80 15.80
C ASP B 205 -8.78 7.63 17.07
N LYS B 206 -9.34 8.84 16.98
CA LYS B 206 -9.30 9.78 18.10
C LYS B 206 -10.11 9.33 19.31
N ILE B 207 -9.48 9.39 20.48
CA ILE B 207 -10.11 9.06 21.75
C ILE B 207 -9.69 10.07 22.80
N PRO B 208 -10.67 10.63 23.53
CA PRO B 208 -10.34 11.55 24.62
C PRO B 208 -9.48 10.86 25.67
N LEU B 209 -8.51 11.57 26.23
CA LEU B 209 -7.57 10.99 27.19
C LEU B 209 -8.27 10.52 28.46
N ASP B 210 -9.40 11.15 28.78
CA ASP B 210 -10.13 10.82 30.00
C ASP B 210 -10.92 9.51 29.87
N ARG B 211 -11.31 9.17 28.65
CA ARG B 211 -12.13 7.99 28.41
C ARG B 211 -11.30 6.72 28.20
N LEU B 212 -10.02 6.89 27.90
CA LEU B 212 -9.17 5.77 27.51
C LEU B 212 -9.01 4.72 28.60
N GLU B 213 -8.85 5.17 29.85
CA GLU B 213 -8.64 4.24 30.96
C GLU B 213 -9.86 3.36 31.20
N ASN B 214 -11.04 3.95 31.11
CA ASN B 214 -12.29 3.21 31.29
C ASN B 214 -12.52 2.21 30.16
N VAL B 215 -12.18 2.61 28.94
CA VAL B 215 -12.30 1.73 27.78
C VAL B 215 -11.39 0.51 27.93
N LEU B 216 -10.17 0.74 28.41
CA LEU B 216 -9.24 -0.35 28.69
C LEU B 216 -9.81 -1.32 29.72
N ALA B 217 -10.47 -0.77 30.74
CA ALA B 217 -11.06 -1.57 31.79
C ALA B 217 -12.16 -2.49 31.26
N ILE B 218 -12.97 -1.97 30.33
CA ILE B 218 -14.02 -2.77 29.71
C ILE B 218 -13.42 -3.89 28.86
N GLY B 219 -12.41 -3.54 28.05
CA GLY B 219 -11.77 -4.50 27.18
C GLY B 219 -11.12 -5.65 27.91
N ILE B 220 -10.38 -5.33 28.97
CA ILE B 220 -9.70 -6.35 29.77
C ILE B 220 -10.69 -7.34 30.36
N ALA B 221 -11.80 -6.82 30.87
CA ALA B 221 -12.85 -7.67 31.44
C ALA B 221 -13.46 -8.57 30.38
N GLY B 222 -13.68 -8.01 29.19
CA GLY B 222 -14.25 -8.76 28.09
C GLY B 222 -13.28 -9.79 27.54
N ALA B 223 -12.00 -9.45 27.53
CA ALA B 223 -10.98 -10.36 27.03
C ALA B 223 -10.84 -11.57 27.94
N HIS B 224 -11.05 -11.36 29.25
CA HIS B 224 -11.00 -12.44 30.22
C HIS B 224 -12.11 -13.45 29.94
N ARG B 225 -13.27 -12.97 29.48
CA ARG B 225 -14.36 -13.84 29.11
C ARG B 225 -14.04 -14.63 27.85
N VAL B 226 -13.32 -13.99 26.92
CA VAL B 226 -12.89 -14.66 25.71
C VAL B 226 -11.90 -15.77 26.06
N ARG B 227 -11.05 -15.51 27.06
CA ARG B 227 -10.09 -16.50 27.52
C ARG B 227 -10.81 -17.70 28.10
N ASP B 228 -11.87 -17.44 28.86
CA ASP B 228 -12.64 -18.51 29.49
C ASP B 228 -13.33 -19.38 28.45
N LEU B 229 -13.88 -18.75 27.42
CA LEU B 229 -14.55 -19.48 26.35
C LEU B 229 -13.55 -20.33 25.56
N MET B 230 -12.37 -19.76 25.30
CA MET B 230 -11.31 -20.49 24.62
C MET B 230 -10.82 -21.67 25.47
N ASP B 231 -10.67 -21.42 26.77
CA ASP B 231 -10.20 -22.44 27.69
C ASP B 231 -11.24 -23.54 27.85
N GLU B 232 -12.51 -23.15 27.92
CA GLU B 232 -13.61 -24.08 28.06
C GLU B 232 -13.69 -25.05 26.88
N GLU B 233 -13.67 -24.50 25.67
CA GLU B 233 -13.78 -25.30 24.46
C GLU B 233 -12.56 -26.19 24.28
N LEU B 234 -11.43 -25.76 24.82
CA LEU B 234 -10.19 -26.50 24.70
C LEU B 234 -10.16 -27.72 25.62
N ARG B 235 -10.67 -27.54 26.84
CA ARG B 235 -10.76 -28.64 27.80
C ARG B 235 -11.79 -29.66 27.34
N LYS B 236 -12.85 -29.17 26.69
CA LYS B 236 -13.89 -30.03 26.15
C LYS B 236 -13.32 -30.93 25.06
N HIS B 237 -12.53 -30.34 24.17
CA HIS B 237 -11.89 -31.10 23.09
C HIS B 237 -10.85 -32.04 23.66
N ALA B 238 -10.22 -31.63 24.75
CA ALA B 238 -9.20 -32.44 25.40
C ALA B 238 -9.80 -33.70 26.01
N GLN B 239 -10.95 -33.55 26.64
CA GLN B 239 -11.64 -34.68 27.26
C GLN B 239 -12.18 -35.66 26.23
N LYS B 240 -12.63 -35.13 25.10
CA LYS B 240 -13.19 -35.96 24.03
C LYS B 240 -12.11 -36.74 23.29
N ARG B 241 -10.87 -36.26 23.37
CA ARG B 241 -9.75 -36.92 22.72
C ARG B 241 -9.01 -37.86 23.65
N VAL B 242 -8.83 -37.44 24.90
CA VAL B 242 -8.09 -38.23 25.88
C VAL B 242 -8.90 -39.45 26.34
N SER B 243 -10.21 -39.39 26.14
CA SER B 243 -11.08 -40.51 26.51
C SER B 243 -11.17 -41.52 25.37
N ASN B 244 -10.94 -41.04 24.15
CA ASN B 244 -10.98 -41.87 22.95
C ASN B 244 -12.30 -42.62 22.78
N LEU C 6 74.35 -13.00 -11.84
CA LEU C 6 74.65 -13.77 -13.04
C LEU C 6 73.74 -14.98 -13.16
N GLU C 7 72.44 -14.75 -12.97
CA GLU C 7 71.45 -15.82 -13.06
C GLU C 7 70.52 -15.61 -14.25
N THR C 8 70.91 -16.14 -15.41
CA THR C 8 70.10 -16.03 -16.62
C THR C 8 69.16 -17.22 -16.77
N ILE C 9 67.87 -16.93 -16.84
CA ILE C 9 66.85 -17.98 -16.97
C ILE C 9 65.85 -17.65 -18.07
N GLU C 10 65.53 -18.64 -18.90
CA GLU C 10 64.54 -18.47 -19.96
C GLU C 10 63.21 -19.10 -19.55
N ILE C 11 62.12 -18.46 -19.93
CA ILE C 11 60.78 -18.93 -19.59
C ILE C 11 59.94 -19.12 -20.85
N HIS C 12 59.26 -20.26 -20.94
CA HIS C 12 58.36 -20.53 -22.05
C HIS C 12 56.95 -20.05 -21.70
N PRO C 13 56.51 -18.96 -22.33
CA PRO C 13 55.19 -18.38 -22.04
C PRO C 13 54.06 -19.28 -22.53
N ILE C 14 53.13 -19.59 -21.63
CA ILE C 14 51.99 -20.43 -21.98
C ILE C 14 51.02 -19.67 -22.88
N THR C 15 50.75 -20.24 -24.06
CA THR C 15 49.87 -19.59 -25.03
C THR C 15 48.46 -20.16 -24.98
N PHE C 16 47.50 -19.39 -25.50
CA PHE C 16 46.11 -19.80 -25.52
C PHE C 16 45.43 -19.35 -26.81
N PRO C 17 44.41 -20.10 -27.27
CA PRO C 17 43.59 -19.68 -28.40
C PRO C 17 42.93 -18.33 -28.12
N PRO C 18 42.70 -17.53 -29.16
CA PRO C 18 42.12 -16.18 -29.05
C PRO C 18 40.83 -16.15 -28.24
N GLU C 19 39.95 -17.12 -28.47
CA GLU C 19 38.69 -17.20 -27.75
C GLU C 19 38.90 -17.49 -26.27
N VAL C 20 39.86 -18.36 -25.97
CA VAL C 20 40.19 -18.71 -24.60
C VAL C 20 40.81 -17.52 -23.88
N LEU C 21 41.79 -16.89 -24.54
CA LEU C 21 42.48 -15.74 -23.99
C LEU C 21 41.52 -14.58 -23.70
N ALA C 22 40.53 -14.40 -24.56
CA ALA C 22 39.54 -13.35 -24.40
C ALA C 22 38.70 -13.59 -23.15
N ARG C 23 38.47 -14.86 -22.83
CA ARG C 23 37.67 -15.23 -21.67
C ARG C 23 38.53 -15.21 -20.40
N ILE C 24 39.77 -15.66 -20.53
CA ILE C 24 40.70 -15.74 -19.41
C ILE C 24 41.15 -14.35 -18.95
N SER C 25 41.65 -13.55 -19.90
CA SER C 25 42.11 -12.21 -19.59
C SER C 25 41.79 -11.24 -20.72
N PRO C 26 40.67 -10.50 -20.60
CA PRO C 26 40.23 -9.54 -21.61
C PRO C 26 41.25 -8.43 -21.84
N GLU C 27 41.89 -7.98 -20.77
CA GLU C 27 42.92 -6.94 -20.86
C GLU C 27 44.09 -7.39 -21.72
N LEU C 28 44.57 -8.61 -21.47
CA LEU C 28 45.69 -9.14 -22.23
C LEU C 28 45.29 -9.41 -23.68
N SER C 29 44.07 -9.89 -23.88
CA SER C 29 43.55 -10.16 -25.22
C SER C 29 43.48 -8.87 -26.03
N LEU C 30 43.16 -7.77 -25.36
CA LEU C 30 43.12 -6.46 -26.00
C LEU C 30 44.52 -6.02 -26.42
N GLN C 31 45.46 -6.05 -25.48
CA GLN C 31 46.82 -5.61 -25.74
C GLN C 31 47.51 -6.43 -26.83
N ARG C 32 47.24 -7.73 -26.87
CA ARG C 32 47.80 -8.60 -27.89
C ARG C 32 47.36 -8.17 -29.28
N HIS C 33 46.06 -7.88 -29.42
CA HIS C 33 45.51 -7.42 -30.69
C HIS C 33 46.07 -6.05 -31.08
N LEU C 34 46.16 -5.16 -30.10
CA LEU C 34 46.61 -3.79 -30.35
C LEU C 34 48.06 -3.74 -30.82
N SER C 35 48.84 -4.75 -30.47
CA SER C 35 50.24 -4.81 -30.87
C SER C 35 50.36 -5.14 -32.35
N LEU C 36 49.30 -5.67 -32.93
CA LEU C 36 49.27 -6.00 -34.34
C LEU C 36 48.36 -5.03 -35.11
N GLY C 37 48.10 -3.88 -34.51
CA GLY C 37 47.33 -2.82 -35.15
C GLY C 37 45.86 -3.11 -35.28
N ILE C 38 45.38 -4.16 -34.62
CA ILE C 38 43.96 -4.53 -34.68
C ILE C 38 43.31 -4.56 -33.30
N ARG C 39 42.05 -4.98 -33.27
CA ARG C 39 41.27 -5.03 -32.05
C ARG C 39 40.64 -6.42 -31.90
N PRO C 40 40.25 -6.80 -30.67
CA PRO C 40 39.60 -8.09 -30.42
C PRO C 40 38.38 -8.35 -31.31
N CYS C 41 37.75 -7.28 -31.80
CA CYS C 41 36.62 -7.43 -32.72
C CYS C 41 37.11 -7.44 -34.18
N LEU C 42 38.40 -7.70 -34.36
CA LEU C 42 39.02 -7.83 -35.68
C LEU C 42 39.01 -6.56 -36.51
N ARG C 43 38.70 -5.43 -35.89
CA ARG C 43 38.72 -4.14 -36.57
C ARG C 43 40.01 -3.40 -36.28
N LYS C 44 40.27 -2.35 -37.06
CA LYS C 44 41.43 -1.50 -36.82
C LYS C 44 41.07 -0.36 -35.87
N TYR C 45 42.07 0.39 -35.45
CA TYR C 45 41.91 1.42 -34.42
C TYR C 45 40.75 2.38 -34.66
N GLU C 46 40.60 2.84 -35.89
CA GLU C 46 39.58 3.83 -36.22
C GLU C 46 38.50 3.32 -37.17
N GLU C 47 38.28 2.02 -37.16
CA GLU C 47 37.22 1.43 -37.98
C GLU C 47 35.91 1.33 -37.19
N PHE C 48 34.85 1.87 -37.77
CA PHE C 48 33.52 1.80 -37.16
C PHE C 48 32.77 0.58 -37.66
N ARG C 49 31.71 0.20 -36.94
CA ARG C 49 30.80 -0.83 -37.43
C ARG C 49 29.86 -0.22 -38.46
N ASP C 50 29.54 -0.97 -39.50
CA ASP C 50 28.59 -0.52 -40.51
C ASP C 50 27.20 -0.44 -39.89
N VAL C 51 26.29 0.23 -40.57
CA VAL C 51 24.93 0.42 -40.07
C VAL C 51 23.89 0.12 -41.15
N ALA C 52 22.90 -0.70 -40.79
CA ALA C 52 21.79 -1.01 -41.69
C ALA C 52 20.47 -0.78 -40.98
N ILE C 53 19.58 -0.01 -41.59
CA ILE C 53 18.30 0.32 -40.97
C ILE C 53 17.10 0.06 -41.89
N GLU C 54 15.92 0.01 -41.28
CA GLU C 54 14.65 -0.06 -42.01
C GLU C 54 13.60 0.76 -41.27
N ASN C 55 13.22 1.89 -41.85
CA ASN C 55 12.27 2.80 -41.21
C ASN C 55 10.80 2.55 -41.55
N ASN C 56 9.94 2.82 -40.57
CA ASN C 56 8.49 2.76 -40.76
C ASN C 56 7.95 1.41 -41.22
N THR C 57 8.70 0.34 -40.99
CA THR C 57 8.26 -0.99 -41.42
C THR C 57 7.23 -1.57 -40.44
N LEU C 58 7.22 -1.04 -39.22
CA LEU C 58 6.32 -1.55 -38.18
C LEU C 58 5.17 -0.59 -37.93
N SER C 59 5.25 0.60 -38.53
CA SER C 59 4.23 1.63 -38.34
C SER C 59 2.95 1.29 -39.09
N ARG C 60 1.83 1.83 -38.61
CA ARG C 60 0.55 1.65 -39.28
C ARG C 60 0.53 2.42 -40.60
N TYR C 61 1.41 3.42 -40.70
CA TYR C 61 1.51 4.23 -41.91
C TYR C 61 2.60 3.68 -42.83
N ALA C 62 2.88 2.39 -42.72
CA ALA C 62 3.88 1.74 -43.57
C ALA C 62 3.45 1.77 -45.03
N ASP C 63 2.27 1.25 -45.30
CA ASP C 63 1.70 1.27 -46.64
C ASP C 63 0.66 2.38 -46.73
N ALA C 64 0.96 3.41 -47.51
CA ALA C 64 0.05 4.54 -47.68
C ALA C 64 -1.24 4.10 -48.36
N GLY C 65 -1.15 3.04 -49.15
CA GLY C 65 -2.31 2.50 -49.84
C GLY C 65 -3.16 1.61 -48.93
N ASN C 66 -2.49 0.88 -48.06
CA ASN C 66 -3.18 -0.01 -47.13
C ASN C 66 -2.79 0.25 -45.68
N ILE C 67 -3.36 1.29 -45.09
CA ILE C 67 -3.08 1.66 -43.71
C ILE C 67 -3.69 0.65 -42.75
N ASP C 68 -2.88 0.14 -41.83
CA ASP C 68 -3.35 -0.81 -40.82
C ASP C 68 -4.37 -0.16 -39.90
N THR C 69 -5.36 -0.95 -39.47
CA THR C 69 -6.42 -0.45 -38.61
C THR C 69 -6.20 -0.81 -37.15
N LYS C 70 -5.63 -1.98 -36.91
CA LYS C 70 -5.38 -2.45 -35.55
C LYS C 70 -3.92 -2.27 -35.15
N ASN C 71 -3.37 -1.10 -35.47
CA ASN C 71 -2.00 -0.77 -35.13
C ASN C 71 -1.90 0.65 -34.60
N ASN C 72 -1.12 0.84 -33.54
CA ASN C 72 -0.98 2.16 -32.94
C ASN C 72 0.44 2.70 -32.99
N ILE C 73 1.26 2.12 -33.85
CA ILE C 73 2.65 2.58 -34.00
C ILE C 73 2.72 3.72 -35.02
N LEU C 74 3.22 4.87 -34.58
CA LEU C 74 3.29 6.06 -35.41
C LEU C 74 4.55 6.07 -36.26
N GLY C 75 5.61 5.49 -35.74
CA GLY C 75 6.88 5.41 -36.45
C GLY C 75 7.75 4.32 -35.87
N SER C 76 8.67 3.78 -36.66
CA SER C 76 9.51 2.69 -36.21
C SER C 76 10.86 2.68 -36.92
N ASN C 77 11.81 1.96 -36.33
CA ASN C 77 13.12 1.78 -36.93
C ASN C 77 13.81 0.51 -36.45
N VAL C 78 14.16 -0.37 -37.39
CA VAL C 78 14.93 -1.56 -37.07
C VAL C 78 16.38 -1.35 -37.49
N LEU C 79 17.27 -1.30 -36.50
CA LEU C 79 18.67 -0.98 -36.75
C LEU C 79 19.59 -2.12 -36.33
N LYS C 80 20.51 -2.50 -37.21
CA LYS C 80 21.55 -3.46 -36.85
C LYS C 80 22.94 -2.92 -37.18
N SER C 81 23.80 -2.89 -36.17
CA SER C 81 25.17 -2.42 -36.34
C SER C 81 26.15 -3.47 -35.82
N GLY C 82 26.81 -4.16 -36.75
CA GLY C 82 27.73 -5.23 -36.38
C GLY C 82 27.00 -6.50 -36.02
N LYS C 83 26.83 -6.73 -34.72
CA LYS C 83 26.15 -7.93 -34.24
C LYS C 83 24.99 -7.57 -33.30
N THR C 84 24.85 -6.28 -33.03
CA THR C 84 23.80 -5.79 -32.11
C THR C 84 22.58 -5.31 -32.87
N ILE C 85 21.39 -5.71 -32.41
CA ILE C 85 20.14 -5.34 -33.04
C ILE C 85 19.29 -4.45 -32.14
N VAL C 86 18.76 -3.37 -32.70
CA VAL C 86 17.91 -2.45 -31.97
C VAL C 86 16.58 -2.22 -32.68
N ILE C 87 15.49 -2.45 -31.97
CA ILE C 87 14.15 -2.26 -32.53
C ILE C 87 13.37 -1.17 -31.79
N THR C 88 13.10 -0.07 -32.47
CA THR C 88 12.41 1.06 -31.86
C THR C 88 11.02 1.28 -32.46
N SER C 89 10.04 1.49 -31.60
CA SER C 89 8.68 1.81 -32.06
C SER C 89 8.12 2.99 -31.27
N ILE C 90 7.54 3.95 -31.99
CA ILE C 90 6.98 5.14 -31.36
C ILE C 90 5.45 5.08 -31.32
N THR C 91 4.88 5.15 -30.11
CA THR C 91 3.44 5.26 -29.95
C THR C 91 3.11 6.62 -29.35
N GLY C 92 1.83 6.97 -29.33
CA GLY C 92 1.44 8.29 -28.88
C GLY C 92 0.27 8.36 -27.92
N GLY C 93 0.12 9.52 -27.29
CA GLY C 93 -1.00 9.79 -26.41
C GLY C 93 -1.39 11.25 -26.51
N ILE C 94 -2.55 11.60 -25.95
CA ILE C 94 -3.02 12.97 -25.98
C ILE C 94 -3.37 13.46 -24.57
N ILE C 95 -2.96 14.67 -24.24
CA ILE C 95 -3.24 15.25 -22.93
C ILE C 95 -3.79 16.67 -23.07
N GLU C 96 -4.75 17.02 -22.22
CA GLU C 96 -5.31 18.37 -22.22
C GLU C 96 -4.32 19.36 -21.59
N GLU C 97 -4.23 20.55 -22.16
CA GLU C 97 -3.28 21.55 -21.69
C GLU C 97 -3.98 22.68 -20.96
N THR C 98 -3.40 23.11 -19.84
CA THR C 98 -3.94 24.23 -19.07
C THR C 98 -2.83 25.16 -18.59
N GLU C 120 11.68 31.71 -27.38
CA GLU C 120 13.11 31.78 -27.62
C GLU C 120 13.71 30.38 -27.77
N ASP C 121 14.99 30.26 -27.42
CA ASP C 121 15.68 28.98 -27.51
C ASP C 121 15.89 28.40 -26.11
N ILE C 122 15.09 28.86 -25.16
CA ILE C 122 15.18 28.36 -23.80
C ILE C 122 14.61 26.94 -23.69
N ILE C 123 15.10 26.19 -22.71
CA ILE C 123 14.75 24.78 -22.58
C ILE C 123 13.31 24.55 -22.14
N ALA C 124 12.66 25.59 -21.64
CA ALA C 124 11.30 25.48 -21.15
C ALA C 124 10.27 25.36 -22.28
N ASN C 125 10.72 25.60 -23.50
CA ASN C 125 9.83 25.58 -24.66
C ASN C 125 10.00 24.33 -25.52
N TYR C 126 10.62 23.29 -24.95
CA TYR C 126 10.87 22.07 -25.70
C TYR C 126 10.38 20.83 -24.97
N ALA C 127 9.87 19.87 -25.73
CA ALA C 127 9.37 18.62 -25.17
C ALA C 127 10.34 17.48 -25.45
N SER C 128 9.91 16.26 -25.17
CA SER C 128 10.75 15.09 -25.38
C SER C 128 9.88 13.84 -25.50
N VAL C 129 10.52 12.72 -25.86
CA VAL C 129 9.81 11.45 -25.87
C VAL C 129 10.11 10.68 -24.59
N TYR C 130 9.21 9.79 -24.21
CA TYR C 130 9.41 8.98 -23.02
C TYR C 130 9.72 7.54 -23.39
N PRO C 131 11.02 7.20 -23.39
CA PRO C 131 11.52 5.91 -23.87
C PRO C 131 11.59 4.85 -22.79
N VAL C 132 11.24 3.63 -23.17
CA VAL C 132 11.44 2.46 -22.32
C VAL C 132 12.31 1.48 -23.07
N VAL C 133 13.58 1.38 -22.67
CA VAL C 133 14.53 0.50 -23.35
C VAL C 133 14.65 -0.84 -22.62
N GLU C 134 14.68 -1.92 -23.39
CA GLU C 134 14.84 -3.26 -22.83
C GLU C 134 16.01 -3.98 -23.47
N VAL C 135 17.03 -4.28 -22.68
CA VAL C 135 18.19 -5.01 -23.16
C VAL C 135 18.05 -6.49 -22.81
N GLU C 136 17.61 -7.28 -23.78
CA GLU C 136 17.39 -8.70 -23.57
C GLU C 136 18.70 -9.47 -23.40
N ARG C 137 18.93 -9.96 -22.18
CA ARG C 137 20.16 -10.67 -21.87
C ARG C 137 19.88 -12.04 -21.23
N GLY C 138 18.66 -12.53 -21.44
CA GLY C 138 18.29 -13.84 -20.96
C GLY C 138 17.97 -13.90 -19.47
N ARG C 139 17.58 -12.76 -18.91
CA ARG C 139 17.22 -12.70 -17.50
C ARG C 139 15.78 -12.21 -17.34
N VAL C 140 15.23 -12.41 -16.14
CA VAL C 140 13.89 -11.94 -15.84
C VAL C 140 13.86 -11.26 -14.48
N GLY C 141 13.26 -10.08 -14.42
CA GLY C 141 13.18 -9.32 -13.19
C GLY C 141 12.99 -7.83 -13.41
N ALA C 142 13.39 -7.04 -12.42
CA ALA C 142 13.23 -5.59 -12.47
C ALA C 142 14.14 -4.96 -13.52
N CYS C 143 13.92 -3.68 -13.78
CA CYS C 143 14.75 -2.94 -14.74
C CYS C 143 16.18 -2.82 -14.23
N THR C 144 17.14 -3.12 -15.11
CA THR C 144 18.54 -3.00 -14.75
C THR C 144 18.93 -1.52 -14.67
N ASP C 145 20.10 -1.25 -14.10
CA ASP C 145 20.63 0.10 -14.03
C ASP C 145 21.01 0.58 -15.43
N GLU C 146 21.34 -0.35 -16.30
CA GLU C 146 21.66 -0.04 -17.68
C GLU C 146 20.44 0.54 -18.39
N GLU C 147 19.33 -0.18 -18.32
CA GLU C 147 18.10 0.23 -18.98
C GLU C 147 17.56 1.55 -18.44
N MET C 148 17.59 1.71 -17.11
CA MET C 148 17.09 2.92 -16.49
C MET C 148 17.89 4.17 -16.88
N THR C 149 19.21 4.03 -16.94
CA THR C 149 20.07 5.16 -17.26
C THR C 149 20.03 5.51 -18.75
N ILE C 150 19.96 4.49 -19.60
CA ILE C 150 19.86 4.71 -21.04
C ILE C 150 18.56 5.46 -21.38
N SER C 151 17.47 5.05 -20.74
CA SER C 151 16.18 5.71 -20.92
C SER C 151 16.26 7.19 -20.57
N GLN C 152 16.93 7.50 -19.46
CA GLN C 152 17.09 8.88 -19.01
C GLN C 152 17.94 9.70 -19.98
N LYS C 153 19.10 9.16 -20.34
CA LYS C 153 20.03 9.85 -21.23
C LYS C 153 19.40 10.15 -22.58
N LEU C 154 18.58 9.22 -23.06
CA LEU C 154 17.84 9.42 -24.31
C LEU C 154 16.83 10.55 -24.14
N HIS C 155 16.11 10.53 -23.02
CA HIS C 155 15.10 11.54 -22.73
C HIS C 155 15.71 12.93 -22.59
N ASP C 156 16.82 13.01 -21.85
CA ASP C 156 17.46 14.30 -21.58
C ASP C 156 18.10 14.91 -22.83
N SER C 157 18.81 14.09 -23.58
CA SER C 157 19.53 14.57 -24.76
C SER C 157 18.60 15.05 -25.87
N ILE C 158 17.38 14.51 -25.90
CA ILE C 158 16.37 14.99 -26.82
C ILE C 158 15.91 16.38 -26.39
N LEU C 159 15.83 16.58 -25.07
CA LEU C 159 15.42 17.85 -24.52
C LEU C 159 16.55 18.88 -24.61
N HIS C 160 17.79 18.43 -24.40
CA HIS C 160 18.95 19.32 -24.41
C HIS C 160 19.33 19.77 -25.82
N SER C 161 19.27 18.85 -26.78
CA SER C 161 19.61 19.17 -28.16
C SER C 161 18.47 19.92 -28.85
N ARG C 162 17.34 20.04 -28.15
CA ARG C 162 16.18 20.80 -28.64
C ARG C 162 15.67 20.27 -29.98
N ILE C 163 15.34 18.98 -30.01
CA ILE C 163 14.82 18.33 -31.20
C ILE C 163 13.32 18.57 -31.34
N LEU C 164 12.61 18.43 -30.22
CA LEU C 164 11.15 18.50 -30.22
CA LEU C 164 11.16 18.49 -30.23
C LEU C 164 10.61 19.70 -29.47
N PRO C 165 10.25 20.76 -30.21
CA PRO C 165 9.63 21.95 -29.61
C PRO C 165 8.20 21.62 -29.20
N LYS C 166 7.72 22.22 -28.12
CA LYS C 166 6.36 21.97 -27.65
C LYS C 166 5.32 22.32 -28.70
N LYS C 167 5.64 23.33 -29.52
CA LYS C 167 4.74 23.78 -30.56
C LYS C 167 4.49 22.72 -31.62
N ALA C 168 5.43 21.80 -31.76
CA ALA C 168 5.34 20.76 -32.78
C ALA C 168 4.46 19.59 -32.32
N LEU C 169 3.98 19.67 -31.09
CA LEU C 169 3.13 18.61 -30.55
C LEU C 169 1.71 19.11 -30.26
N LYS C 170 1.45 20.37 -30.58
CA LYS C 170 0.13 20.95 -30.36
C LYS C 170 -0.91 20.32 -31.29
N VAL C 171 -1.98 19.81 -30.69
CA VAL C 171 -3.04 19.18 -31.44
C VAL C 171 -3.96 20.21 -32.09
N LYS C 172 -3.99 20.23 -33.41
CA LYS C 172 -4.92 21.08 -34.15
C LYS C 172 -6.25 20.34 -34.28
N ALA C 173 -7.02 20.34 -33.20
CA ALA C 173 -8.24 19.54 -33.12
C ALA C 173 -9.32 20.01 -34.09
N GLY C 174 -9.95 19.05 -34.76
CA GLY C 174 -11.04 19.35 -35.67
C GLY C 174 -12.39 19.03 -35.03
N VAL C 175 -13.45 19.17 -35.80
CA VAL C 175 -14.80 18.91 -35.31
C VAL C 175 -15.57 17.97 -36.24
N ARG C 176 -16.14 16.92 -35.65
CA ARG C 176 -16.94 15.97 -36.42
C ARG C 176 -18.43 16.21 -36.26
N SER C 177 -19.08 16.56 -37.36
CA SER C 177 -20.51 16.84 -37.35
C SER C 177 -21.28 15.84 -38.21
N ALA C 178 -22.60 15.81 -38.05
CA ALA C 178 -23.45 14.93 -38.84
C ALA C 178 -24.07 15.68 -40.00
N ASN C 179 -23.48 15.52 -41.19
CA ASN C 179 -23.96 16.20 -42.40
C ASN C 179 -25.27 15.63 -42.91
N GLU C 180 -25.70 16.12 -44.08
CA GLU C 180 -26.93 15.66 -44.70
C GLU C 180 -26.82 14.21 -45.14
N ASP C 181 -27.97 13.60 -45.42
CA ASP C 181 -28.05 12.20 -45.86
C ASP C 181 -27.47 11.23 -44.82
N GLY C 182 -27.40 11.65 -43.57
CA GLY C 182 -26.93 10.82 -42.48
C GLY C 182 -25.50 10.36 -42.63
N THR C 183 -24.58 11.31 -42.71
CA THR C 183 -23.15 11.00 -42.80
C THR C 183 -22.34 11.87 -41.85
N PHE C 184 -21.16 11.40 -41.48
CA PHE C 184 -20.28 12.14 -40.58
C PHE C 184 -19.09 12.75 -41.32
N SER C 185 -18.87 14.03 -41.10
CA SER C 185 -17.75 14.75 -41.71
C SER C 185 -16.92 15.48 -40.67
N VAL C 186 -15.62 15.58 -40.91
CA VAL C 186 -14.71 16.22 -39.96
C VAL C 186 -14.04 17.44 -40.59
N LEU C 187 -14.15 18.58 -39.92
CA LEU C 187 -13.56 19.83 -40.41
C LEU C 187 -12.36 20.25 -39.58
N TYR C 188 -11.19 20.32 -40.21
CA TYR C 188 -9.95 20.69 -39.52
C TYR C 188 -9.57 22.15 -39.79
N PRO C 189 -9.16 22.87 -38.75
CA PRO C 189 -8.66 24.24 -38.88
C PRO C 189 -7.22 24.25 -39.37
N ASP C 190 -6.74 25.40 -39.81
CA ASP C 190 -5.36 25.52 -40.29
C ASP C 190 -4.86 26.96 -40.19
N GLU C 191 -3.67 27.11 -39.62
CA GLU C 191 -2.99 28.40 -39.52
C GLU C 191 -3.84 29.46 -38.81
N LEU C 192 -4.07 29.25 -37.52
CA LEU C 192 -4.87 30.18 -36.72
C LEU C 192 -4.16 30.56 -35.43
N LYS C 205 -10.89 28.42 -25.06
CA LYS C 205 -11.19 27.13 -25.69
C LYS C 205 -10.15 26.09 -25.26
N ARG C 206 -10.57 24.82 -25.24
CA ARG C 206 -9.70 23.72 -24.84
C ARG C 206 -8.53 23.54 -25.81
N LYS C 207 -7.41 23.07 -25.28
CA LYS C 207 -6.22 22.79 -26.09
C LYS C 207 -5.56 21.48 -25.69
N TRP C 208 -5.16 20.70 -26.68
CA TRP C 208 -4.53 19.41 -26.45
C TRP C 208 -3.11 19.39 -26.98
N SER C 209 -2.33 18.41 -26.53
CA SER C 209 -0.96 18.21 -27.00
C SER C 209 -0.67 16.73 -27.19
N TYR C 210 0.16 16.41 -28.19
CA TYR C 210 0.58 15.03 -28.41
C TYR C 210 1.64 14.63 -27.40
N VAL C 211 1.65 13.36 -27.03
CA VAL C 211 2.70 12.82 -26.17
C VAL C 211 3.32 11.59 -26.83
N LEU C 212 4.63 11.62 -27.01
CA LEU C 212 5.31 10.52 -27.70
C LEU C 212 5.98 9.55 -26.74
N TYR C 213 5.70 8.26 -26.93
CA TYR C 213 6.33 7.21 -26.16
C TYR C 213 7.21 6.36 -27.07
N ALA C 214 8.15 5.62 -26.49
CA ALA C 214 9.07 4.81 -27.28
C ALA C 214 9.45 3.52 -26.58
N LYS C 215 9.38 2.41 -27.31
CA LYS C 215 9.89 1.13 -26.81
C LYS C 215 11.08 0.68 -27.64
N ILE C 216 12.23 0.55 -26.98
CA ILE C 216 13.46 0.19 -27.66
C ILE C 216 13.99 -1.16 -27.17
N VAL C 217 13.82 -2.18 -28.00
CA VAL C 217 14.30 -3.51 -27.67
C VAL C 217 15.69 -3.75 -28.26
N VAL C 218 16.64 -4.06 -27.38
CA VAL C 218 18.01 -4.32 -27.82
C VAL C 218 18.32 -5.81 -27.79
N LEU C 219 18.59 -6.37 -28.96
CA LEU C 219 18.92 -7.79 -29.07
C LEU C 219 20.39 -7.99 -29.38
N SER C 220 20.93 -9.10 -28.88
CA SER C 220 22.32 -9.49 -29.15
C SER C 220 23.32 -8.39 -28.75
N ARG C 221 23.29 -8.03 -27.47
CA ARG C 221 24.21 -7.03 -26.94
C ARG C 221 25.65 -7.54 -26.95
N THR C 222 26.57 -6.68 -27.38
CA THR C 222 27.98 -7.05 -27.43
C THR C 222 28.89 -5.97 -26.85
N GLY C 223 28.29 -4.93 -26.27
CA GLY C 223 29.05 -3.85 -25.67
C GLY C 223 28.19 -2.65 -25.34
N PRO C 224 28.81 -1.47 -25.22
CA PRO C 224 28.09 -0.21 -24.97
C PRO C 224 27.02 0.00 -26.04
N VAL C 225 25.77 0.14 -25.62
CA VAL C 225 24.66 0.08 -26.57
C VAL C 225 23.83 1.37 -26.61
N PHE C 226 24.23 2.38 -25.84
CA PHE C 226 23.52 3.66 -25.83
C PHE C 226 23.53 4.31 -27.22
N ASP C 227 24.70 4.34 -27.84
CA ASP C 227 24.87 4.99 -29.14
C ASP C 227 23.96 4.38 -30.21
N LEU C 228 23.72 3.08 -30.10
CA LEU C 228 22.84 2.39 -31.04
C LEU C 228 21.38 2.70 -30.76
N CYS C 229 21.05 2.90 -29.48
CA CYS C 229 19.70 3.26 -29.09
C CYS C 229 19.34 4.67 -29.55
N TRP C 230 20.30 5.58 -29.45
CA TRP C 230 20.08 6.97 -29.85
C TRP C 230 19.90 7.10 -31.36
N ASN C 231 20.82 6.52 -32.11
CA ASN C 231 20.77 6.58 -33.57
C ASN C 231 19.50 5.93 -34.12
N SER C 232 19.05 4.86 -33.46
CA SER C 232 17.81 4.20 -33.85
C SER C 232 16.62 5.10 -33.54
N LEU C 233 16.65 5.73 -32.38
CA LEU C 233 15.59 6.64 -31.97
C LEU C 233 15.49 7.85 -32.91
N MET C 234 16.63 8.33 -33.37
CA MET C 234 16.67 9.44 -34.31
C MET C 234 16.03 9.06 -35.64
N TYR C 235 16.39 7.90 -36.15
CA TYR C 235 15.82 7.39 -37.40
C TYR C 235 14.31 7.19 -37.26
N ALA C 236 13.89 6.75 -36.07
CA ALA C 236 12.48 6.51 -35.81
C ALA C 236 11.68 7.80 -35.73
N LEU C 237 12.26 8.81 -35.08
CA LEU C 237 11.58 10.10 -34.92
C LEU C 237 11.36 10.80 -36.25
N GLN C 238 12.20 10.50 -37.23
CA GLN C 238 12.09 11.12 -38.56
C GLN C 238 11.01 10.46 -39.40
N SER C 239 10.36 9.45 -38.84
CA SER C 239 9.31 8.73 -39.56
C SER C 239 7.97 8.86 -38.85
N VAL C 240 7.97 9.56 -37.72
CA VAL C 240 6.77 9.72 -36.90
C VAL C 240 5.71 10.57 -37.59
N LYS C 241 4.52 10.00 -37.74
CA LYS C 241 3.38 10.74 -38.28
C LYS C 241 2.32 10.88 -37.19
N LEU C 242 1.92 12.12 -36.91
CA LEU C 242 0.93 12.39 -35.88
C LEU C 242 -0.48 12.31 -36.46
N PRO C 243 -1.31 11.43 -35.88
CA PRO C 243 -2.69 11.26 -36.33
C PRO C 243 -3.52 12.51 -36.10
N ARG C 244 -4.39 12.85 -37.05
CA ARG C 244 -5.33 13.95 -36.87
C ARG C 244 -6.27 13.63 -35.72
N ALA C 245 -6.57 14.65 -34.90
CA ALA C 245 -7.46 14.46 -33.77
C ALA C 245 -8.68 15.38 -33.86
N PHE C 246 -9.82 14.87 -33.44
CA PHE C 246 -11.06 15.63 -33.50
C PHE C 246 -12.00 15.31 -32.35
N ILE C 247 -12.99 16.16 -32.14
CA ILE C 247 -14.02 15.92 -31.13
C ILE C 247 -15.40 15.96 -31.79
N ASP C 248 -16.37 15.29 -31.18
CA ASP C 248 -17.74 15.35 -31.66
C ASP C 248 -18.28 16.76 -31.53
N GLU C 249 -19.06 17.19 -32.51
CA GLU C 249 -19.59 18.55 -32.56
C GLU C 249 -20.33 18.92 -31.28
N ARG C 250 -21.30 18.08 -30.90
CA ARG C 250 -22.08 18.30 -29.69
C ARG C 250 -22.35 16.98 -28.98
N ALA C 251 -21.33 16.45 -28.31
CA ALA C 251 -21.47 15.23 -27.54
C ALA C 251 -22.46 15.44 -26.40
N SER C 252 -23.40 14.52 -26.25
CA SER C 252 -24.46 14.64 -25.26
C SER C 252 -23.93 14.76 -23.84
N ASP C 253 -22.79 14.12 -23.57
CA ASP C 253 -22.19 14.15 -22.25
C ASP C 253 -21.74 15.55 -21.85
N LEU C 254 -22.47 16.16 -20.93
CA LEU C 254 -22.13 17.48 -20.42
C LEU C 254 -21.57 17.41 -18.99
N ARG C 255 -21.70 18.51 -18.25
CA ARG C 255 -21.15 18.58 -16.90
C ARG C 255 -21.79 17.56 -15.94
N MET C 256 -21.03 17.15 -14.95
CA MET C 256 -21.50 16.19 -13.95
C MET C 256 -21.60 16.87 -12.58
N THR C 257 -22.82 16.96 -12.06
CA THR C 257 -23.05 17.64 -10.80
C THR C 257 -22.66 16.78 -9.60
N ILE C 258 -21.82 17.33 -8.73
CA ILE C 258 -21.43 16.67 -7.50
C ILE C 258 -21.81 17.55 -6.31
N ARG C 259 -22.50 16.97 -5.34
CA ARG C 259 -23.00 17.71 -4.20
C ARG C 259 -22.08 17.63 -2.98
N THR C 260 -21.96 18.75 -2.26
CA THR C 260 -21.20 18.79 -1.03
C THR C 260 -22.18 18.80 0.15
N ARG C 261 -21.70 19.24 1.32
CA ARG C 261 -22.56 19.30 2.50
C ARG C 261 -23.41 20.57 2.53
N GLY C 262 -24.32 20.69 1.57
CA GLY C 262 -25.19 21.84 1.49
C GLY C 262 -25.02 22.60 0.19
N ARG C 263 -23.76 22.81 -0.20
CA ARG C 263 -23.45 23.52 -1.44
C ARG C 263 -23.30 22.54 -2.60
N SER C 264 -23.47 23.05 -3.82
CA SER C 264 -23.39 22.20 -5.01
C SER C 264 -22.26 22.65 -5.93
N ALA C 265 -21.70 21.71 -6.68
CA ALA C 265 -20.63 21.99 -7.62
C ALA C 265 -20.80 21.17 -8.89
N THR C 266 -20.23 21.66 -9.99
CA THR C 266 -20.33 20.97 -11.27
C THR C 266 -18.96 20.69 -11.88
N ILE C 267 -18.63 19.41 -12.05
CA ILE C 267 -17.39 19.03 -12.71
C ILE C 267 -17.47 19.36 -14.20
N ARG C 268 -16.45 20.03 -14.71
CA ARG C 268 -16.38 20.44 -16.11
C ARG C 268 -16.61 19.27 -17.07
N GLU C 269 -17.28 19.56 -18.18
CA GLU C 269 -17.55 18.55 -19.19
C GLU C 269 -16.26 18.10 -19.88
N THR C 270 -15.97 16.81 -19.81
CA THR C 270 -14.77 16.26 -20.41
C THR C 270 -15.04 15.82 -21.84
N TYR C 271 -14.37 16.47 -22.79
CA TYR C 271 -14.53 16.13 -24.20
C TYR C 271 -13.63 14.98 -24.61
N GLU C 272 -14.22 13.94 -25.20
CA GLU C 272 -13.47 12.77 -25.64
C GLU C 272 -12.80 13.04 -26.98
N ILE C 273 -11.48 13.21 -26.95
CA ILE C 273 -10.72 13.45 -28.17
C ILE C 273 -10.50 12.14 -28.94
N ILE C 274 -10.73 12.17 -30.24
CA ILE C 274 -10.63 10.98 -31.07
C ILE C 274 -9.62 11.18 -32.19
N CYS C 275 -8.81 10.17 -32.45
CA CYS C 275 -7.83 10.22 -33.53
C CYS C 275 -8.41 9.74 -34.85
N ASP C 276 -7.99 10.37 -35.94
CA ASP C 276 -8.45 10.00 -37.28
C ASP C 276 -7.85 8.66 -37.69
N GLN C 277 -8.67 7.81 -38.29
CA GLN C 277 -8.25 6.48 -38.69
C GLN C 277 -7.20 6.51 -39.79
N THR C 278 -7.26 7.53 -40.63
CA THR C 278 -6.39 7.60 -41.81
C THR C 278 -5.50 8.85 -41.86
N LYS C 279 -6.12 10.02 -41.80
CA LYS C 279 -5.41 11.28 -41.95
C LYS C 279 -4.34 11.49 -40.88
N SER C 280 -3.20 12.04 -41.28
CA SER C 280 -2.09 12.25 -40.36
C SER C 280 -1.15 13.36 -40.85
N VAL C 281 -0.47 14.00 -39.91
CA VAL C 281 0.51 15.03 -40.24
C VAL C 281 1.90 14.62 -39.76
N PRO C 282 2.94 14.96 -40.54
CA PRO C 282 4.31 14.61 -40.17
C PRO C 282 4.83 15.39 -38.97
N LEU C 283 5.71 14.77 -38.19
CA LEU C 283 6.28 15.39 -37.01
C LEU C 283 7.26 16.50 -37.40
N MET C 284 7.13 17.65 -36.75
CA MET C 284 7.98 18.79 -37.05
C MET C 284 9.29 18.78 -36.25
N ILE C 285 10.29 18.10 -36.81
CA ILE C 285 11.58 17.96 -36.15
C ILE C 285 12.57 19.01 -36.64
N ASN C 286 13.23 19.69 -35.71
CA ASN C 286 14.33 20.58 -36.06
C ASN C 286 15.50 19.76 -36.59
N ALA C 287 15.50 19.52 -37.90
CA ALA C 287 16.51 18.66 -38.53
C ALA C 287 17.93 19.19 -38.36
N LYS C 288 18.05 20.48 -38.06
CA LYS C 288 19.35 21.10 -37.83
C LYS C 288 19.95 20.60 -36.52
N ASN C 289 19.09 20.10 -35.64
CA ASN C 289 19.52 19.70 -34.30
C ASN C 289 19.73 18.20 -34.14
N ILE C 290 19.26 17.41 -35.11
CA ILE C 290 19.41 15.97 -35.04
C ILE C 290 20.89 15.56 -35.07
N ALA C 291 21.37 15.06 -33.94
CA ALA C 291 22.75 14.60 -33.84
C ALA C 291 22.80 13.08 -33.92
N PHE C 292 23.96 12.55 -34.28
CA PHE C 292 24.16 11.10 -34.31
C PHE C 292 25.26 10.67 -33.35
N ALA C 293 25.13 9.46 -32.83
CA ALA C 293 25.98 9.01 -31.73
C ALA C 293 27.21 8.21 -32.16
N SER C 294 28.30 8.41 -31.42
CA SER C 294 29.52 7.63 -31.61
C SER C 294 30.34 7.69 -30.32
N ASN C 295 31.07 6.63 -30.03
CA ASN C 295 31.90 6.59 -28.82
C ASN C 295 33.34 6.20 -29.12
N TYR C 296 34.26 6.63 -28.26
CA TYR C 296 35.69 6.40 -28.48
C TYR C 296 36.40 6.03 -27.19
N GLY C 297 37.53 5.35 -27.32
CA GLY C 297 38.31 4.93 -26.17
C GLY C 297 39.79 5.21 -26.33
N ILE C 298 40.49 5.38 -25.21
CA ILE C 298 41.92 5.64 -25.21
C ILE C 298 42.66 4.61 -24.37
N VAL C 299 43.68 3.99 -24.94
CA VAL C 299 44.45 2.97 -24.24
C VAL C 299 45.95 3.20 -24.36
N GLU C 300 46.70 2.73 -23.36
CA GLU C 300 48.15 2.78 -23.40
C GLU C 300 48.70 1.43 -23.83
N LEU C 301 49.55 1.42 -24.84
CA LEU C 301 50.16 0.19 -25.33
C LEU C 301 51.18 -0.35 -24.33
N ASP C 302 50.91 -1.55 -23.82
CA ASP C 302 51.80 -2.18 -22.84
C ASP C 302 52.93 -2.92 -23.56
N PRO C 303 54.18 -2.48 -23.31
CA PRO C 303 55.38 -3.02 -23.95
C PRO C 303 55.55 -4.53 -23.76
N GLU C 304 55.06 -5.05 -22.65
CA GLU C 304 55.22 -6.48 -22.34
C GLU C 304 54.08 -7.33 -22.90
N CYS C 305 53.41 -6.83 -23.92
CA CYS C 305 52.30 -7.54 -24.54
C CYS C 305 52.42 -7.56 -26.06
N GLN C 306 53.54 -7.08 -26.57
CA GLN C 306 53.75 -7.00 -28.01
C GLN C 306 54.08 -8.36 -28.62
N LEU C 307 53.62 -8.57 -29.85
CA LEU C 307 53.91 -9.81 -30.58
C LEU C 307 54.95 -9.58 -31.66
N GLN C 308 55.14 -10.58 -32.51
CA GLN C 308 56.12 -10.53 -33.60
C GLN C 308 57.53 -10.25 -33.08
N ASN C 326 52.67 6.86 -25.21
CA ASN C 326 52.29 5.97 -26.30
C ASN C 326 50.84 5.51 -26.18
N THR C 327 49.91 6.41 -26.52
CA THR C 327 48.49 6.13 -26.40
C THR C 327 47.82 5.99 -27.77
N VAL C 328 46.71 5.25 -27.81
CA VAL C 328 46.01 4.98 -29.06
C VAL C 328 44.52 5.26 -28.93
N LEU C 329 43.95 5.94 -29.92
CA LEU C 329 42.52 6.23 -29.91
C LEU C 329 41.72 5.16 -30.66
N ILE C 330 40.72 4.60 -29.99
CA ILE C 330 39.90 3.53 -30.54
C ILE C 330 38.48 4.03 -30.77
N ALA C 331 37.90 3.67 -31.92
CA ALA C 331 36.57 4.16 -32.29
C ALA C 331 35.49 3.10 -32.20
N ASP C 332 34.32 3.49 -31.68
CA ASP C 332 33.15 2.61 -31.60
C ASP C 332 33.43 1.32 -30.85
N LEU C 333 33.40 1.39 -29.52
CA LEU C 333 33.76 0.26 -28.68
C LEU C 333 32.76 -0.89 -28.76
N ASP C 334 33.29 -2.09 -28.96
CA ASP C 334 32.49 -3.31 -29.00
C ASP C 334 33.28 -4.40 -28.29
N THR C 335 32.66 -5.57 -28.11
CA THR C 335 33.28 -6.72 -27.44
C THR C 335 33.49 -6.48 -25.94
N GLU C 336 33.39 -7.54 -25.15
CA GLU C 336 33.62 -7.46 -23.71
C GLU C 336 35.01 -6.92 -23.38
N ALA C 337 35.99 -7.35 -24.16
CA ALA C 337 37.39 -6.98 -23.92
C ALA C 337 37.61 -5.47 -23.89
N GLU C 338 36.94 -4.75 -24.77
CA GLU C 338 37.09 -3.30 -24.84
C GLU C 338 36.25 -2.57 -23.79
N GLU C 339 35.05 -3.10 -23.53
CA GLU C 339 34.15 -2.47 -22.57
C GLU C 339 34.67 -2.64 -21.14
N THR C 340 35.41 -3.72 -20.90
CA THR C 340 35.88 -4.04 -19.56
C THR C 340 37.21 -3.39 -19.21
N SER C 341 38.12 -3.33 -20.18
CA SER C 341 39.49 -2.90 -19.90
C SER C 341 39.83 -1.45 -20.27
N ILE C 342 38.97 -0.81 -21.07
CA ILE C 342 39.22 0.58 -21.46
C ILE C 342 38.44 1.55 -20.56
N HIS C 343 39.17 2.26 -19.71
CA HIS C 343 38.54 3.13 -18.71
C HIS C 343 38.55 4.61 -19.08
N SER C 344 39.26 4.95 -20.15
CA SER C 344 39.23 6.31 -20.67
C SER C 344 38.41 6.34 -21.95
N THR C 345 37.21 6.91 -21.88
CA THR C 345 36.27 6.87 -22.99
C THR C 345 35.66 8.23 -23.32
N ILE C 346 35.21 8.37 -24.56
CA ILE C 346 34.59 9.61 -25.03
C ILE C 346 33.31 9.32 -25.80
N SER C 347 32.23 9.99 -25.42
CA SER C 347 30.94 9.84 -26.10
C SER C 347 30.47 11.17 -26.67
N ILE C 348 30.07 11.16 -27.93
CA ILE C 348 29.68 12.40 -28.61
C ILE C 348 28.36 12.27 -29.39
N LEU C 349 27.50 13.28 -29.23
CA LEU C 349 26.37 13.46 -30.13
C LEU C 349 26.66 14.66 -31.02
N ALA C 350 27.02 14.39 -32.27
CA ALA C 350 27.42 15.44 -33.20
C ALA C 350 26.39 15.67 -34.29
N ALA C 351 25.98 16.92 -34.45
CA ALA C 351 25.06 17.29 -35.52
C ALA C 351 25.84 17.54 -36.80
N PRO C 352 25.30 17.09 -37.95
CA PRO C 352 25.93 17.24 -39.27
C PRO C 352 26.22 18.69 -39.62
N SER C 353 25.58 19.62 -38.92
CA SER C 353 25.81 21.05 -39.15
C SER C 353 27.25 21.44 -38.79
N GLY C 354 27.81 20.77 -37.79
CA GLY C 354 29.16 21.04 -37.35
C GLY C 354 29.25 21.25 -35.84
N ASN C 355 28.10 21.46 -35.22
CA ASN C 355 28.04 21.65 -33.77
C ASN C 355 27.85 20.35 -33.01
N TYR C 356 27.92 20.42 -31.68
CA TYR C 356 27.79 19.24 -30.84
C TYR C 356 26.69 19.41 -29.80
N LYS C 357 25.97 18.32 -29.54
CA LYS C 357 24.84 18.36 -28.63
C LYS C 357 25.16 17.66 -27.31
N GLN C 358 26.17 16.80 -27.34
N GLN C 358 26.17 16.80 -27.34
CA GLN C 358 26.58 16.05 -26.16
CA GLN C 358 26.59 16.07 -26.15
C GLN C 358 28.04 15.63 -26.26
C GLN C 358 28.05 15.66 -26.27
N LEU C 359 28.79 15.81 -25.17
CA LEU C 359 30.20 15.46 -25.14
C LEU C 359 30.56 14.95 -23.75
N THR C 360 30.75 13.64 -23.64
CA THR C 360 31.10 13.04 -22.36
C THR C 360 32.55 12.57 -22.34
N LEU C 361 33.30 13.08 -21.37
CA LEU C 361 34.69 12.67 -21.19
C LEU C 361 34.86 11.94 -19.86
N MET C 362 35.22 10.66 -19.93
CA MET C 362 35.44 9.87 -18.74
C MET C 362 36.85 9.28 -18.75
N GLY C 363 37.76 9.94 -18.05
CA GLY C 363 39.15 9.50 -18.01
C GLY C 363 39.51 8.80 -16.72
N GLY C 364 39.37 7.47 -16.73
CA GLY C 364 39.74 6.67 -15.57
C GLY C 364 41.01 5.90 -15.81
N GLY C 365 41.40 5.80 -17.08
CA GLY C 365 42.62 5.12 -17.45
C GLY C 365 43.69 6.08 -17.91
N ALA C 366 44.02 6.02 -19.20
CA ALA C 366 45.02 6.92 -19.78
C ALA C 366 44.55 8.37 -19.72
N LYS C 367 45.50 9.30 -19.78
CA LYS C 367 45.18 10.71 -19.72
C LYS C 367 44.50 11.17 -21.01
N ILE C 368 43.39 11.89 -20.86
CA ILE C 368 42.70 12.45 -22.02
C ILE C 368 43.36 13.76 -22.44
N THR C 369 44.10 13.71 -23.55
CA THR C 369 44.80 14.87 -24.06
C THR C 369 43.92 15.63 -25.05
N PRO C 370 44.19 16.93 -25.24
CA PRO C 370 43.47 17.74 -26.23
C PRO C 370 43.51 17.13 -27.63
N GLU C 371 44.61 16.45 -27.97
CA GLU C 371 44.73 15.80 -29.26
C GLU C 371 43.71 14.66 -29.40
N MET C 372 43.52 13.91 -28.31
CA MET C 372 42.55 12.82 -28.30
C MET C 372 41.13 13.36 -28.42
N ILE C 373 40.88 14.51 -27.80
CA ILE C 373 39.58 15.15 -27.87
C ILE C 373 39.29 15.64 -29.28
N LYS C 374 40.25 16.34 -29.87
CA LYS C 374 40.10 16.89 -31.21
C LYS C 374 39.90 15.80 -32.26
N ARG C 375 40.64 14.71 -32.12
CA ARG C 375 40.53 13.59 -33.05
C ARG C 375 39.17 12.93 -32.93
N SER C 376 38.66 12.87 -31.70
CA SER C 376 37.34 12.29 -31.44
C SER C 376 36.24 13.15 -32.03
N LEU C 377 36.35 14.47 -31.85
CA LEU C 377 35.38 15.41 -32.38
C LEU C 377 35.35 15.36 -33.91
N LEU C 378 36.52 15.17 -34.51
CA LEU C 378 36.63 15.07 -35.95
C LEU C 378 35.91 13.83 -36.45
N LEU C 379 36.20 12.69 -35.84
CA LEU C 379 35.58 11.43 -36.23
C LEU C 379 34.08 11.41 -36.00
N SER C 380 33.63 12.10 -34.94
CA SER C 380 32.21 12.18 -34.64
C SER C 380 31.46 12.93 -35.73
N ARG C 381 32.10 13.96 -36.29
CA ARG C 381 31.52 14.71 -37.40
C ARG C 381 31.44 13.84 -38.65
N VAL C 382 32.54 13.16 -38.94
CA VAL C 382 32.61 12.29 -40.11
C VAL C 382 31.60 11.15 -40.03
N ARG C 383 31.42 10.61 -38.82
CA ARG C 383 30.45 9.55 -38.59
C ARG C 383 29.03 10.08 -38.73
N ALA C 384 28.80 11.29 -38.20
CA ALA C 384 27.49 11.91 -38.25
C ALA C 384 27.06 12.22 -39.69
N ASP C 385 28.01 12.70 -40.48
CA ASP C 385 27.76 13.02 -41.88
CA ASP C 385 27.74 13.02 -41.88
C ASP C 385 27.35 11.76 -42.64
N ASP C 386 27.93 10.63 -42.26
CA ASP C 386 27.64 9.36 -42.90
C ASP C 386 26.24 8.87 -42.53
N LEU C 387 25.94 8.86 -41.24
CA LEU C 387 24.67 8.34 -40.75
C LEU C 387 23.47 9.17 -41.20
N SER C 388 23.66 10.47 -41.33
CA SER C 388 22.56 11.37 -41.67
C SER C 388 22.15 11.27 -43.14
N THR C 389 23.13 11.11 -44.02
CA THR C 389 22.87 11.14 -45.46
C THR C 389 22.69 9.75 -46.08
N ARG C 390 23.07 8.71 -45.34
CA ARG C 390 23.08 7.36 -45.88
C ARG C 390 21.71 6.84 -46.33
N PHE C 391 20.74 6.92 -45.43
CA PHE C 391 19.46 6.27 -45.65
C PHE C 391 18.37 7.21 -46.14
N ASN C 392 18.77 8.40 -46.59
CA ASN C 392 17.88 9.42 -47.16
C ASN C 392 16.55 9.62 -46.42
N ILE C 393 16.57 9.44 -45.10
CA ILE C 393 15.36 9.61 -44.30
C ILE C 393 15.06 11.08 -44.04
N MET D 23 32.91 31.21 -6.49
CA MET D 23 33.57 30.03 -5.92
C MET D 23 33.64 30.11 -4.41
N SER D 24 32.66 30.77 -3.80
CA SER D 24 32.63 30.92 -2.35
C SER D 24 31.86 29.76 -1.71
N VAL D 25 32.38 28.55 -1.88
CA VAL D 25 31.75 27.36 -1.31
C VAL D 25 32.05 27.23 0.17
N GLN D 26 31.23 26.44 0.87
CA GLN D 26 31.43 26.21 2.29
C GLN D 26 31.15 24.75 2.62
N ALA D 27 32.07 24.13 3.37
CA ALA D 27 31.96 22.71 3.68
C ALA D 27 32.28 22.40 5.13
N GLU D 28 31.68 21.34 5.66
CA GLU D 28 31.97 20.85 6.99
C GLU D 28 32.28 19.36 6.92
N ILE D 29 33.14 18.89 7.82
CA ILE D 29 33.61 17.51 7.79
C ILE D 29 33.35 16.81 9.12
N GLY D 30 32.90 15.56 9.04
CA GLY D 30 32.65 14.76 10.23
C GLY D 30 31.47 15.23 11.05
N ILE D 31 30.30 15.23 10.44
CA ILE D 31 29.09 15.71 11.09
C ILE D 31 28.16 14.57 11.53
N LEU D 32 28.40 13.38 10.98
CA LEU D 32 27.56 12.22 11.29
C LEU D 32 28.29 11.25 12.22
N ASP D 33 27.54 10.64 13.14
CA ASP D 33 28.13 9.81 14.19
C ASP D 33 28.23 8.33 13.83
N HIS D 34 27.20 7.81 13.17
CA HIS D 34 27.13 6.38 12.90
C HIS D 34 27.63 6.02 11.50
N VAL D 35 28.59 6.79 11.01
CA VAL D 35 29.20 6.55 9.70
C VAL D 35 30.71 6.74 9.82
N ASP D 36 31.48 5.98 9.04
CA ASP D 36 32.93 6.08 9.07
C ASP D 36 33.42 7.46 8.64
N GLY D 37 32.68 8.10 7.74
CA GLY D 37 33.04 9.42 7.26
C GLY D 37 31.85 10.16 6.67
N SER D 38 31.85 11.48 6.80
CA SER D 38 30.74 12.29 6.31
C SER D 38 31.16 13.72 6.01
N SER D 39 30.31 14.44 5.29
CA SER D 39 30.58 15.84 4.95
C SER D 39 29.30 16.57 4.53
N GLU D 40 29.40 17.89 4.42
CA GLU D 40 28.28 18.70 3.98
C GLU D 40 28.80 19.83 3.09
N PHE D 41 28.64 19.67 1.78
CA PHE D 41 29.13 20.65 0.82
C PHE D 41 28.01 21.59 0.40
N VAL D 42 28.32 22.88 0.31
CA VAL D 42 27.32 23.88 -0.07
C VAL D 42 27.88 24.87 -1.09
N SER D 43 27.20 24.98 -2.23
CA SER D 43 27.56 25.97 -3.23
C SER D 43 26.30 26.78 -3.59
N GLN D 44 26.30 28.05 -3.21
CA GLN D 44 25.14 28.92 -3.36
C GLN D 44 23.92 28.35 -2.62
N ASP D 45 22.94 27.85 -3.38
CA ASP D 45 21.76 27.28 -2.78
C ASP D 45 21.78 25.75 -2.80
N THR D 46 22.75 25.18 -3.50
CA THR D 46 22.88 23.72 -3.60
C THR D 46 23.58 23.15 -2.37
N LYS D 47 22.84 22.44 -1.54
CA LYS D 47 23.41 21.82 -0.34
C LYS D 47 23.26 20.31 -0.36
N VAL D 48 24.39 19.60 -0.27
CA VAL D 48 24.38 18.15 -0.29
C VAL D 48 25.16 17.57 0.88
N ILE D 49 24.54 16.64 1.60
CA ILE D 49 25.22 15.94 2.69
C ILE D 49 25.55 14.51 2.27
N CYS D 50 26.79 14.09 2.53
CA CYS D 50 27.25 12.78 2.10
C CYS D 50 27.82 11.97 3.25
N SER D 51 27.71 10.64 3.15
CA SER D 51 28.23 9.74 4.17
C SER D 51 28.95 8.56 3.53
N VAL D 52 30.00 8.09 4.19
CA VAL D 52 30.80 6.97 3.66
C VAL D 52 31.15 5.94 4.75
N THR D 53 30.73 4.71 4.54
CA THR D 53 31.12 3.61 5.43
C THR D 53 31.92 2.58 4.65
N GLY D 54 33.12 2.26 5.16
CA GLY D 54 33.99 1.31 4.51
C GLY D 54 35.42 1.46 4.97
N PRO D 55 36.24 0.41 4.75
CA PRO D 55 35.85 -0.84 4.11
C PRO D 55 35.10 -1.79 5.05
N ILE D 56 34.03 -2.40 4.55
CA ILE D 56 33.20 -3.32 5.33
C ILE D 56 32.84 -4.58 4.56
N GLU D 57 32.19 -5.52 5.23
CA GLU D 57 31.77 -6.77 4.61
C GLU D 57 30.71 -6.55 3.53
N PRO D 58 30.97 -7.04 2.31
CA PRO D 58 30.06 -6.87 1.17
C PRO D 58 29.08 -8.02 1.00
N LYS D 59 27.95 -7.75 0.35
CA LYS D 59 27.01 -8.79 -0.04
C LYS D 59 27.65 -9.64 -1.13
N ALA D 60 27.21 -10.88 -1.26
CA ALA D 60 27.78 -11.82 -2.22
C ALA D 60 27.73 -11.31 -3.66
N ARG D 61 26.63 -10.64 -4.01
CA ARG D 61 26.45 -10.12 -5.35
C ARG D 61 27.30 -8.88 -5.60
N GLN D 62 27.81 -8.29 -4.53
CA GLN D 62 28.64 -7.09 -4.62
C GLN D 62 30.12 -7.42 -4.68
N GLU D 63 30.49 -8.57 -4.14
CA GLU D 63 31.89 -8.97 -3.98
C GLU D 63 32.71 -8.90 -5.26
N LEU D 64 33.88 -8.27 -5.16
CA LEU D 64 34.86 -8.29 -6.23
C LEU D 64 36.11 -8.95 -5.68
N PRO D 65 36.57 -10.03 -6.34
CA PRO D 65 37.69 -10.85 -5.88
C PRO D 65 38.95 -10.06 -5.52
N THR D 66 39.26 -9.04 -6.30
CA THR D 66 40.53 -8.32 -6.14
C THR D 66 40.38 -6.87 -5.70
N GLN D 67 39.28 -6.24 -6.06
CA GLN D 67 39.11 -4.80 -5.81
C GLN D 67 38.01 -4.50 -4.80
N LEU D 68 37.83 -3.21 -4.52
CA LEU D 68 36.79 -2.73 -3.62
C LEU D 68 35.50 -2.51 -4.40
N ALA D 69 34.37 -2.87 -3.78
CA ALA D 69 33.07 -2.67 -4.38
C ALA D 69 32.43 -1.38 -3.88
N LEU D 70 31.92 -0.57 -4.79
CA LEU D 70 31.31 0.70 -4.44
C LEU D 70 29.79 0.65 -4.47
N GLU D 71 29.15 0.95 -3.35
CA GLU D 71 27.71 1.11 -3.31
C GLU D 71 27.37 2.59 -3.27
N ILE D 72 26.92 3.12 -4.40
CA ILE D 72 26.68 4.55 -4.53
C ILE D 72 25.20 4.88 -4.64
N ILE D 73 24.73 5.71 -3.71
CA ILE D 73 23.32 6.06 -3.61
C ILE D 73 23.11 7.56 -3.63
N VAL D 74 22.18 8.02 -4.46
CA VAL D 74 21.85 9.44 -4.52
C VAL D 74 20.37 9.67 -4.22
N ARG D 75 20.09 10.49 -3.21
CA ARG D 75 18.73 10.81 -2.83
C ARG D 75 18.38 12.25 -3.21
N PRO D 76 17.22 12.45 -3.85
CA PRO D 76 16.77 13.77 -4.29
C PRO D 76 16.27 14.65 -3.15
N ALA D 77 16.18 15.94 -3.39
CA ALA D 77 15.71 16.89 -2.39
C ALA D 77 14.19 16.78 -2.20
N LYS D 78 13.48 16.47 -3.29
CA LYS D 78 12.04 16.28 -3.25
C LYS D 78 11.66 14.94 -3.87
N GLY D 79 10.65 14.30 -3.29
CA GLY D 79 10.17 13.03 -3.81
C GLY D 79 11.13 11.88 -3.56
N VAL D 80 10.88 10.75 -4.20
CA VAL D 80 11.72 9.58 -4.03
C VAL D 80 12.72 9.46 -5.18
N ALA D 81 13.69 8.58 -5.03
CA ALA D 81 14.71 8.38 -6.06
C ALA D 81 14.12 7.75 -7.31
N THR D 82 14.35 8.39 -8.44
CA THR D 82 13.88 7.89 -9.72
C THR D 82 15.05 7.53 -10.63
N THR D 83 14.79 7.40 -11.92
CA THR D 83 15.83 7.10 -12.90
C THR D 83 16.79 8.27 -13.05
N ARG D 84 16.32 9.46 -12.71
CA ARG D 84 17.14 10.66 -12.76
C ARG D 84 18.34 10.52 -11.83
N GLU D 85 18.07 10.13 -10.59
CA GLU D 85 19.12 9.95 -9.60
C GLU D 85 19.99 8.74 -9.95
N LYS D 86 19.44 7.82 -10.73
CA LYS D 86 20.18 6.65 -11.17
C LYS D 86 21.32 7.07 -12.11
N VAL D 87 21.09 8.16 -12.83
CA VAL D 87 22.12 8.73 -13.71
C VAL D 87 23.14 9.51 -12.89
N LEU D 88 22.67 10.20 -11.85
CA LEU D 88 23.56 10.90 -10.93
C LEU D 88 24.48 9.92 -10.22
N GLU D 89 23.96 8.73 -9.91
CA GLU D 89 24.76 7.69 -9.28
C GLU D 89 25.82 7.17 -10.25
N ASP D 90 25.45 7.08 -11.53
CA ASP D 90 26.34 6.52 -12.54
C ASP D 90 27.51 7.44 -12.84
N LYS D 91 27.22 8.73 -12.98
CA LYS D 91 28.27 9.72 -13.27
C LYS D 91 29.17 9.91 -12.06
N LEU D 92 28.59 9.89 -10.87
CA LEU D 92 29.34 9.99 -9.63
C LEU D 92 30.25 8.78 -9.47
N ARG D 93 29.83 7.65 -10.03
CA ARG D 93 30.64 6.44 -10.01
C ARG D 93 31.88 6.57 -10.88
N ALA D 94 31.70 7.23 -12.02
CA ALA D 94 32.79 7.41 -12.98
C ALA D 94 33.92 8.28 -12.40
N VAL D 95 33.57 9.11 -11.43
CA VAL D 95 34.54 10.01 -10.81
C VAL D 95 35.23 9.37 -9.61
N LEU D 96 34.44 8.70 -8.77
CA LEU D 96 34.96 8.13 -7.52
C LEU D 96 35.75 6.84 -7.72
N THR D 97 35.40 6.08 -8.76
CA THR D 97 36.07 4.80 -9.02
C THR D 97 37.59 4.90 -9.24
N PRO D 98 38.05 5.79 -10.14
CA PRO D 98 39.50 5.85 -10.32
C PRO D 98 40.21 6.62 -9.21
N LEU D 99 39.46 7.35 -8.40
CA LEU D 99 40.04 8.11 -7.29
C LEU D 99 40.50 7.22 -6.15
N ILE D 100 39.74 6.16 -5.89
CA ILE D 100 40.01 5.27 -4.77
C ILE D 100 40.99 4.16 -5.14
N THR D 101 41.99 3.93 -4.29
CA THR D 101 42.93 2.84 -4.49
C THR D 101 42.25 1.53 -4.12
N ARG D 102 41.45 1.01 -5.04
CA ARG D 102 40.54 -0.10 -4.78
C ARG D 102 41.25 -1.43 -4.51
N HIS D 103 42.45 -1.60 -5.04
CA HIS D 103 43.17 -2.86 -4.87
C HIS D 103 43.68 -3.06 -3.44
N CYS D 104 43.54 -2.03 -2.61
CA CYS D 104 43.90 -2.13 -1.20
C CYS D 104 42.83 -2.89 -0.41
N TYR D 105 41.63 -2.96 -0.98
CA TYR D 105 40.51 -3.59 -0.28
C TYR D 105 39.82 -4.65 -1.15
N PRO D 106 40.45 -5.82 -1.32
CA PRO D 106 39.84 -6.91 -2.09
C PRO D 106 38.66 -7.53 -1.35
N ARG D 107 37.64 -7.97 -2.09
CA ARG D 107 36.44 -8.59 -1.53
C ARG D 107 35.85 -7.75 -0.39
N GLN D 108 35.79 -6.44 -0.58
CA GLN D 108 35.32 -5.56 0.47
C GLN D 108 34.36 -4.50 -0.10
N LEU D 109 33.62 -3.84 0.77
CA LEU D 109 32.59 -2.88 0.34
C LEU D 109 32.79 -1.49 0.92
N CYS D 110 32.42 -0.48 0.14
CA CYS D 110 32.40 0.89 0.62
C CYS D 110 31.09 1.58 0.22
N GLN D 111 30.23 1.81 1.21
CA GLN D 111 28.93 2.46 0.98
C GLN D 111 29.08 3.97 0.90
N ILE D 112 28.60 4.55 -0.20
CA ILE D 112 28.66 5.99 -0.39
C ILE D 112 27.26 6.55 -0.66
N THR D 113 26.72 7.30 0.30
CA THR D 113 25.36 7.83 0.19
C THR D 113 25.33 9.35 0.12
N CYS D 114 24.64 9.88 -0.87
CA CYS D 114 24.48 11.33 -1.01
C CYS D 114 23.02 11.74 -0.86
N GLN D 115 22.74 12.58 0.14
CA GLN D 115 21.40 13.11 0.33
C GLN D 115 21.36 14.59 -0.03
N ILE D 116 20.88 14.88 -1.23
CA ILE D 116 20.73 16.26 -1.68
C ILE D 116 19.65 16.94 -0.85
N LEU D 117 20.04 17.97 -0.10
CA LEU D 117 19.11 18.64 0.80
C LEU D 117 18.40 19.80 0.11
N GLU D 118 19.09 20.45 -0.82
CA GLU D 118 18.53 21.59 -1.52
C GLU D 118 19.09 21.66 -2.94
N SER D 119 18.20 21.67 -3.93
CA SER D 119 18.57 21.60 -5.33
C SER D 119 19.45 22.77 -5.78
N GLY D 120 19.02 23.99 -5.45
CA GLY D 120 19.74 25.18 -5.89
C GLY D 120 19.55 25.42 -7.37
N GLU D 121 18.58 24.73 -7.95
CA GLU D 121 18.31 24.82 -9.38
C GLU D 121 16.95 24.18 -9.67
N ASP D 122 16.40 24.49 -10.84
CA ASP D 122 15.14 23.87 -11.26
C ASP D 122 15.41 22.42 -11.62
N GLU D 123 15.07 21.52 -10.71
CA GLU D 123 15.36 20.09 -10.89
C GLU D 123 14.58 19.48 -12.05
N ALA D 124 13.53 20.16 -12.48
CA ALA D 124 12.74 19.70 -13.62
C ALA D 124 13.46 19.94 -14.94
N GLU D 125 14.51 20.76 -14.89
CA GLU D 125 15.25 21.11 -16.08
C GLU D 125 16.74 20.76 -15.98
N PHE D 126 17.32 20.97 -14.81
CA PHE D 126 18.76 20.77 -14.64
C PHE D 126 19.11 19.88 -13.45
N SER D 127 20.30 19.30 -13.51
CA SER D 127 20.85 18.51 -12.41
C SER D 127 22.33 18.80 -12.32
N LEU D 128 22.72 19.95 -12.85
CA LEU D 128 24.11 20.34 -12.97
C LEU D 128 24.78 20.55 -11.61
N ARG D 129 24.23 21.49 -10.85
CA ARG D 129 24.84 21.90 -9.58
C ARG D 129 24.77 20.79 -8.54
N GLU D 130 23.74 19.95 -8.63
CA GLU D 130 23.57 18.86 -7.68
C GLU D 130 24.64 17.79 -7.90
N LEU D 131 25.01 17.56 -9.15
CA LEU D 131 26.02 16.57 -9.47
C LEU D 131 27.43 17.00 -9.02
N SER D 132 27.77 18.26 -9.30
CA SER D 132 29.06 18.80 -8.90
C SER D 132 29.21 18.82 -7.39
N CYS D 133 28.14 19.21 -6.70
CA CYS D 133 28.14 19.26 -5.26
C CYS D 133 28.23 17.87 -4.64
N CYS D 134 27.67 16.89 -5.33
CA CYS D 134 27.75 15.49 -4.88
C CYS D 134 29.16 14.94 -5.04
N ILE D 135 29.84 15.35 -6.11
CA ILE D 135 31.22 14.90 -6.34
C ILE D 135 32.15 15.46 -5.28
N ASN D 136 32.04 16.76 -5.02
CA ASN D 136 32.85 17.42 -4.01
C ASN D 136 32.56 16.88 -2.61
N ALA D 137 31.30 16.63 -2.32
CA ALA D 137 30.90 16.11 -1.00
C ALA D 137 31.36 14.67 -0.81
N ALA D 138 31.22 13.86 -1.85
CA ALA D 138 31.64 12.46 -1.79
C ALA D 138 33.14 12.36 -1.56
N PHE D 139 33.90 13.20 -2.25
CA PHE D 139 35.35 13.24 -2.09
C PHE D 139 35.72 13.59 -0.66
N LEU D 140 35.07 14.62 -0.11
CA LEU D 140 35.31 15.05 1.25
C LEU D 140 34.96 13.96 2.26
N ALA D 141 33.88 13.24 1.99
CA ALA D 141 33.45 12.14 2.86
C ALA D 141 34.44 10.97 2.81
N LEU D 142 35.02 10.75 1.64
CA LEU D 142 36.03 9.71 1.47
C LEU D 142 37.30 10.08 2.23
N VAL D 143 37.64 11.37 2.19
CA VAL D 143 38.79 11.87 2.93
C VAL D 143 38.59 11.70 4.43
N ASP D 144 37.39 12.06 4.90
CA ASP D 144 37.06 11.95 6.32
C ASP D 144 37.10 10.50 6.79
N ALA D 145 36.68 9.59 5.92
CA ALA D 145 36.58 8.17 6.28
C ALA D 145 37.95 7.49 6.31
N GLY D 146 38.96 8.13 5.73
CA GLY D 146 40.30 7.59 5.73
C GLY D 146 40.48 6.45 4.76
N ILE D 147 39.92 6.59 3.56
CA ILE D 147 40.02 5.56 2.54
C ILE D 147 41.10 5.91 1.53
N ALA D 148 41.88 4.92 1.12
CA ALA D 148 42.99 5.11 0.20
C ALA D 148 42.58 5.78 -1.10
N LEU D 149 43.11 6.98 -1.33
CA LEU D 149 42.84 7.72 -2.55
C LEU D 149 44.12 7.92 -3.35
N ASN D 150 44.03 7.76 -4.67
CA ASN D 150 45.19 7.91 -5.53
C ASN D 150 45.58 9.38 -5.71
N SER D 151 44.60 10.26 -5.52
CA SER D 151 44.80 11.69 -5.76
C SER D 151 43.64 12.52 -5.23
N MET D 152 43.65 13.81 -5.55
CA MET D 152 42.56 14.69 -5.15
C MET D 152 41.64 15.01 -6.31
N CYS D 153 40.57 15.76 -6.05
CA CYS D 153 39.53 15.99 -7.04
C CYS D 153 38.66 17.21 -6.70
N ALA D 154 38.21 17.91 -7.73
CA ALA D 154 37.28 19.01 -7.57
C ALA D 154 36.33 19.10 -8.76
N SER D 155 35.08 19.46 -8.50
CA SER D 155 34.08 19.56 -9.56
C SER D 155 33.35 20.89 -9.52
N ILE D 156 33.15 21.47 -10.70
CA ILE D 156 32.42 22.74 -10.82
C ILE D 156 31.40 22.65 -11.94
N PRO D 157 30.26 23.34 -11.78
CA PRO D 157 29.26 23.44 -12.85
C PRO D 157 29.52 24.66 -13.72
N ILE D 158 29.37 24.51 -15.03
CA ILE D 158 29.57 25.63 -15.95
C ILE D 158 28.41 25.75 -16.92
N ALA D 159 28.11 26.98 -17.35
CA ALA D 159 27.00 27.22 -18.27
C ALA D 159 27.32 28.30 -19.29
N ILE D 160 26.65 28.24 -20.43
CA ILE D 160 26.81 29.24 -21.49
C ILE D 160 25.48 29.93 -21.76
N ILE D 161 25.45 31.25 -21.60
CA ILE D 161 24.22 32.02 -21.70
C ILE D 161 23.81 32.28 -23.15
N LYS D 162 22.53 32.56 -23.37
CA LYS D 162 21.96 32.73 -24.69
C LYS D 162 22.62 33.82 -25.54
N ASP D 163 22.25 35.07 -25.28
CA ASP D 163 22.70 36.19 -26.09
C ASP D 163 24.19 36.48 -25.96
N THR D 164 24.64 36.68 -24.73
CA THR D 164 26.03 37.06 -24.45
C THR D 164 27.02 35.95 -24.82
N SER D 165 26.56 34.70 -24.72
CA SER D 165 27.40 33.54 -24.98
C SER D 165 28.65 33.48 -24.10
N ASP D 166 28.57 34.14 -22.95
CA ASP D 166 29.68 34.15 -22.01
C ASP D 166 29.75 32.83 -21.25
N ILE D 167 30.94 32.47 -20.80
CA ILE D 167 31.12 31.24 -20.04
C ILE D 167 31.12 31.54 -18.54
N ILE D 168 30.02 31.19 -17.89
CA ILE D 168 29.87 31.47 -16.47
C ILE D 168 30.15 30.25 -15.61
N VAL D 169 31.17 30.35 -14.77
CA VAL D 169 31.52 29.28 -13.84
C VAL D 169 30.67 29.43 -12.58
N ASP D 170 30.16 28.30 -12.08
CA ASP D 170 29.26 28.28 -10.93
C ASP D 170 28.04 29.17 -11.17
N PRO D 171 27.21 28.83 -12.17
CA PRO D 171 26.07 29.68 -12.51
C PRO D 171 24.94 29.55 -11.50
N THR D 172 24.12 30.59 -11.38
CA THR D 172 22.96 30.57 -10.51
C THR D 172 21.82 29.85 -11.22
N ALA D 173 20.71 29.63 -10.50
CA ALA D 173 19.56 28.97 -11.09
C ALA D 173 18.94 29.83 -12.19
N GLU D 174 18.95 31.14 -11.98
CA GLU D 174 18.38 32.08 -12.94
C GLU D 174 19.21 32.12 -14.22
N GLN D 175 20.52 31.93 -14.07
CA GLN D 175 21.41 31.90 -15.22
C GLN D 175 21.21 30.65 -16.05
N LEU D 176 20.89 29.55 -15.38
CA LEU D 176 20.67 28.27 -16.06
C LEU D 176 19.43 28.32 -16.94
N LYS D 177 18.41 29.03 -16.48
CA LYS D 177 17.15 29.15 -17.22
C LYS D 177 17.36 29.77 -18.60
N ILE D 178 18.35 30.65 -18.70
CA ILE D 178 18.64 31.35 -19.94
C ILE D 178 19.95 30.87 -20.58
N SER D 179 20.26 29.59 -20.39
CA SER D 179 21.50 29.02 -20.89
C SER D 179 21.29 28.24 -22.19
N LEU D 180 22.35 28.12 -22.97
CA LEU D 180 22.31 27.34 -24.21
C LEU D 180 22.96 25.97 -24.01
N SER D 181 23.85 25.89 -23.03
CA SER D 181 24.51 24.62 -22.70
C SER D 181 24.93 24.59 -21.24
N VAL D 182 24.90 23.39 -20.66
CA VAL D 182 25.29 23.20 -19.26
C VAL D 182 26.39 22.14 -19.16
N HIS D 183 27.37 22.38 -18.29
CA HIS D 183 28.55 21.54 -18.23
C HIS D 183 28.96 21.17 -16.81
N THR D 184 29.34 19.91 -16.62
CA THR D 184 29.92 19.46 -15.35
C THR D 184 31.37 19.03 -15.59
N LEU D 185 32.30 19.69 -14.90
CA LEU D 185 33.71 19.40 -15.06
C LEU D 185 34.35 18.96 -13.74
N ALA D 186 34.97 17.79 -13.75
CA ALA D 186 35.65 17.26 -12.57
C ALA D 186 37.04 16.77 -12.93
N LEU D 187 38.06 17.41 -12.36
CA LEU D 187 39.44 17.10 -12.70
C LEU D 187 40.17 16.36 -11.57
N GLU D 188 41.17 15.58 -11.95
CA GLU D 188 41.99 14.84 -10.99
C GLU D 188 43.32 15.53 -10.78
N PHE D 189 43.56 15.99 -9.56
CA PHE D 189 44.76 16.77 -9.25
C PHE D 189 45.80 16.00 -8.42
N VAL D 190 47.07 16.25 -8.73
CA VAL D 190 48.18 15.72 -7.94
C VAL D 190 49.20 16.83 -7.70
N ASN D 191 50.27 16.51 -6.97
CA ASN D 191 51.33 17.46 -6.67
C ASN D 191 50.83 18.75 -6.00
N GLY D 192 50.23 18.61 -4.83
CA GLY D 192 49.75 19.76 -4.08
C GLY D 192 48.67 20.55 -4.80
N GLY D 193 47.90 19.86 -5.63
CA GLY D 193 46.82 20.49 -6.36
C GLY D 193 47.30 21.46 -7.43
N LYS D 194 48.34 21.07 -8.16
CA LYS D 194 48.90 21.92 -9.20
C LYS D 194 48.94 21.21 -10.55
N VAL D 195 48.97 19.88 -10.52
CA VAL D 195 49.06 19.09 -11.74
C VAL D 195 47.76 18.33 -12.03
N VAL D 196 47.13 18.67 -13.16
CA VAL D 196 45.93 17.96 -13.58
C VAL D 196 46.30 16.59 -14.13
N LYS D 197 46.08 15.55 -13.32
CA LYS D 197 46.43 14.19 -13.69
C LYS D 197 45.57 13.70 -14.86
N ASN D 198 44.29 14.03 -14.80
CA ASN D 198 43.33 13.60 -15.82
C ASN D 198 42.00 14.33 -15.66
N VAL D 199 41.14 14.21 -16.66
CA VAL D 199 39.78 14.74 -16.55
C VAL D 199 38.82 13.59 -16.22
N LEU D 200 38.43 13.50 -14.95
CA LEU D 200 37.60 12.41 -14.47
C LEU D 200 36.24 12.40 -15.16
N LEU D 201 35.61 13.56 -15.22
CA LEU D 201 34.30 13.68 -15.86
C LEU D 201 34.08 15.04 -16.53
N LEU D 202 33.64 15.00 -17.78
CA LEU D 202 33.14 16.19 -18.45
C LEU D 202 31.79 15.86 -19.06
N ASP D 203 30.74 16.45 -18.51
CA ASP D 203 29.38 16.18 -18.97
C ASP D 203 28.80 17.42 -19.65
N SER D 204 28.98 17.50 -20.96
CA SER D 204 28.52 18.65 -21.72
C SER D 204 27.18 18.37 -22.40
N ASN D 205 26.21 19.24 -22.14
CA ASN D 205 24.88 19.09 -22.73
C ASN D 205 24.38 20.41 -23.32
N GLY D 206 23.83 20.34 -24.53
CA GLY D 206 23.32 21.53 -25.20
C GLY D 206 24.10 21.82 -26.47
N ASP D 207 23.84 22.97 -27.07
CA ASP D 207 24.50 23.35 -28.31
C ASP D 207 25.81 24.08 -28.03
N PHE D 208 26.90 23.58 -28.59
CA PHE D 208 28.22 24.20 -28.42
C PHE D 208 29.19 23.77 -29.52
N ASN D 209 30.18 24.62 -29.80
CA ASN D 209 31.18 24.30 -30.81
C ASN D 209 32.54 23.99 -30.19
N GLU D 210 33.48 23.55 -31.02
CA GLU D 210 34.80 23.11 -30.57
C GLU D 210 35.59 24.22 -29.87
N ASP D 211 35.45 25.44 -30.36
CA ASP D 211 36.15 26.59 -29.76
C ASP D 211 35.61 26.88 -28.36
N GLN D 212 34.29 26.79 -28.20
CA GLN D 212 33.67 26.98 -26.91
C GLN D 212 34.11 25.93 -25.91
N LEU D 213 34.32 24.71 -26.40
CA LEU D 213 34.68 23.58 -25.56
C LEU D 213 36.04 23.77 -24.89
N PHE D 214 37.03 24.19 -25.66
CA PHE D 214 38.38 24.36 -25.12
C PHE D 214 38.53 25.64 -24.31
N SER D 215 37.74 26.66 -24.64
CA SER D 215 37.70 27.88 -23.84
C SER D 215 37.06 27.54 -22.50
N LEU D 216 36.11 26.62 -22.53
CA LEU D 216 35.45 26.13 -21.32
C LEU D 216 36.45 25.33 -20.48
N LEU D 217 37.22 24.48 -21.14
CA LEU D 217 38.18 23.62 -20.46
C LEU D 217 39.35 24.42 -19.87
N GLU D 218 39.70 25.52 -20.52
CA GLU D 218 40.79 26.37 -20.05
C GLU D 218 40.38 27.16 -18.81
N LEU D 219 39.22 27.80 -18.87
CA LEU D 219 38.70 28.55 -17.74
C LEU D 219 38.24 27.61 -16.63
N GLY D 220 37.71 26.46 -17.02
CA GLY D 220 37.23 25.46 -16.08
C GLY D 220 38.35 24.88 -15.24
N GLU D 221 39.52 24.67 -15.86
CA GLU D 221 40.66 24.12 -15.16
C GLU D 221 41.19 25.09 -14.10
N GLN D 222 41.13 26.38 -14.41
CA GLN D 222 41.57 27.41 -13.47
C GLN D 222 40.71 27.43 -12.21
N LYS D 223 39.39 27.48 -12.39
CA LYS D 223 38.48 27.52 -11.26
C LYS D 223 38.46 26.21 -10.47
N CYS D 224 38.75 25.11 -11.15
CA CYS D 224 38.87 23.81 -10.48
C CYS D 224 40.09 23.80 -9.57
N GLN D 225 41.20 24.33 -10.08
CA GLN D 225 42.45 24.38 -9.33
C GLN D 225 42.29 25.26 -8.09
N GLU D 226 41.52 26.33 -8.23
CA GLU D 226 41.23 27.22 -7.12
C GLU D 226 40.39 26.49 -6.07
N LEU D 227 39.50 25.62 -6.55
CA LEU D 227 38.61 24.87 -5.67
C LEU D 227 39.38 23.85 -4.83
N VAL D 228 40.30 23.13 -5.46
CA VAL D 228 41.14 22.15 -4.76
C VAL D 228 41.91 22.83 -3.62
N THR D 229 42.50 23.98 -3.94
CA THR D 229 43.23 24.76 -2.95
C THR D 229 42.35 25.11 -1.77
N ASN D 230 41.11 25.50 -2.06
CA ASN D 230 40.15 25.81 -1.01
C ASN D 230 39.76 24.55 -0.23
N ILE D 231 39.58 23.45 -0.95
CA ILE D 231 39.26 22.18 -0.32
C ILE D 231 40.38 21.72 0.60
N ARG D 232 41.62 21.80 0.10
CA ARG D 232 42.79 21.44 0.88
C ARG D 232 42.84 22.23 2.18
N ARG D 233 42.41 23.48 2.12
CA ARG D 233 42.33 24.34 3.30
C ARG D 233 41.30 23.81 4.28
N ILE D 234 40.11 23.50 3.76
CA ILE D 234 39.01 23.00 4.59
C ILE D 234 39.37 21.67 5.25
N ILE D 235 39.98 20.78 4.48
CA ILE D 235 40.37 19.46 4.99
C ILE D 235 41.36 19.57 6.13
N GLN D 236 42.38 20.40 5.96
CA GLN D 236 43.41 20.58 6.98
C GLN D 236 42.85 21.27 8.23
N ASP D 237 41.97 22.24 8.01
CA ASP D 237 41.38 22.98 9.13
C ASP D 237 40.54 22.10 10.05
N ASN D 238 39.88 21.10 9.47
CA ASN D 238 39.00 20.23 10.24
C ASN D 238 39.71 19.01 10.84
N ILE D 239 40.60 18.41 10.06
CA ILE D 239 41.23 17.15 10.45
C ILE D 239 42.42 17.31 11.40
N SER D 240 43.20 18.36 11.20
CA SER D 240 44.37 18.61 12.05
C SER D 240 44.12 18.66 13.58
N PRO D 241 42.99 19.26 14.02
CA PRO D 241 42.75 19.22 15.46
C PRO D 241 42.57 17.80 16.01
N ARG D 242 42.15 16.87 15.16
CA ARG D 242 41.95 15.48 15.59
C ARG D 242 43.29 14.76 15.77
N LEU D 243 44.24 15.06 14.89
CA LEU D 243 45.55 14.42 14.93
C LEU D 243 46.43 15.03 16.02
N VAL D 244 47.57 14.40 16.27
CA VAL D 244 48.50 14.87 17.28
C VAL D 244 49.77 15.40 16.63
N VAL D 245 50.48 16.28 17.33
CA VAL D 245 51.72 16.85 16.81
C VAL D 245 52.94 16.07 17.30
N GLY E 1 6.35 -32.02 -9.82
CA GLY E 1 5.34 -32.50 -8.88
C GLY E 1 5.60 -32.06 -7.46
N HIS E 2 4.82 -32.58 -6.53
CA HIS E 2 4.93 -32.21 -5.12
C HIS E 2 5.66 -33.29 -4.32
N MET E 3 5.10 -34.49 -4.31
CA MET E 3 5.64 -35.60 -3.54
C MET E 3 7.02 -36.03 -4.00
N SER E 4 7.90 -36.32 -3.05
CA SER E 4 9.25 -36.80 -3.35
C SER E 4 9.36 -38.29 -3.14
N LEU E 5 9.76 -39.01 -4.19
CA LEU E 5 9.88 -40.46 -4.14
C LEU E 5 11.25 -40.89 -4.67
N SER E 6 11.75 -42.02 -4.15
CA SER E 6 13.01 -42.58 -4.62
C SER E 6 12.82 -43.27 -5.96
N VAL E 7 13.93 -43.58 -6.62
CA VAL E 7 13.89 -44.22 -7.93
C VAL E 7 13.22 -45.59 -7.83
N ALA E 8 13.49 -46.30 -6.75
CA ALA E 8 12.92 -47.63 -6.52
C ALA E 8 11.41 -47.57 -6.37
N GLU E 9 10.93 -46.62 -5.58
CA GLU E 9 9.50 -46.44 -5.36
C GLU E 9 8.78 -46.11 -6.66
N LYS E 10 9.42 -45.28 -7.48
CA LYS E 10 8.83 -44.87 -8.76
C LYS E 10 8.77 -46.04 -9.73
N SER E 11 9.81 -46.87 -9.73
CA SER E 11 9.87 -48.02 -10.62
C SER E 11 8.79 -49.03 -10.26
N TYR E 12 8.62 -49.27 -8.95
CA TYR E 12 7.60 -50.19 -8.47
C TYR E 12 6.21 -49.69 -8.82
N LEU E 13 5.98 -48.40 -8.58
CA LEU E 13 4.69 -47.79 -8.88
C LEU E 13 4.38 -47.80 -10.37
N TYR E 14 5.37 -47.49 -11.19
CA TYR E 14 5.16 -47.45 -12.63
C TYR E 14 4.80 -48.83 -13.19
N ASP E 15 5.61 -49.83 -12.86
CA ASP E 15 5.37 -51.20 -13.31
C ASP E 15 4.01 -51.69 -12.87
N SER E 16 3.61 -51.31 -11.66
CA SER E 16 2.32 -51.71 -11.11
C SER E 16 1.18 -51.04 -11.87
N LEU E 17 1.38 -49.79 -12.27
CA LEU E 17 0.36 -49.03 -12.96
C LEU E 17 0.35 -49.29 -14.47
N ALA E 18 1.52 -49.59 -15.02
CA ALA E 18 1.64 -49.82 -16.46
C ALA E 18 1.23 -51.24 -16.85
N SER E 19 0.96 -52.06 -15.84
CA SER E 19 0.53 -53.45 -16.06
C SER E 19 -0.78 -53.49 -16.83
N THR E 20 -0.98 -54.54 -17.62
CA THR E 20 -2.20 -54.68 -18.42
C THR E 20 -3.45 -54.72 -17.52
N PRO E 21 -3.43 -55.54 -16.45
CA PRO E 21 -4.44 -55.25 -15.43
C PRO E 21 -3.92 -54.18 -14.48
N SER E 22 -4.19 -52.92 -14.80
CA SER E 22 -3.63 -51.79 -14.06
C SER E 22 -3.89 -51.84 -12.56
N ILE E 23 -2.81 -51.89 -11.79
CA ILE E 23 -2.91 -51.96 -10.33
C ILE E 23 -2.64 -50.61 -9.68
N ARG E 24 -3.67 -50.02 -9.09
CA ARG E 24 -3.52 -48.76 -8.37
C ARG E 24 -3.01 -49.03 -6.96
N PRO E 25 -2.17 -48.13 -6.42
CA PRO E 25 -1.58 -48.28 -5.09
C PRO E 25 -2.62 -48.36 -3.96
N ASP E 26 -3.82 -47.83 -4.20
CA ASP E 26 -4.88 -47.87 -3.21
C ASP E 26 -5.93 -48.92 -3.57
N GLY E 27 -5.72 -49.59 -4.70
CA GLY E 27 -6.60 -50.66 -5.13
C GLY E 27 -7.79 -50.21 -5.96
N ARG E 28 -7.82 -48.92 -6.30
CA ARG E 28 -8.93 -48.37 -7.09
C ARG E 28 -8.96 -48.92 -8.51
N LEU E 29 -10.09 -48.70 -9.17
CA LEU E 29 -10.24 -49.01 -10.59
C LEU E 29 -9.94 -47.76 -11.39
N PRO E 30 -9.54 -47.93 -12.67
CA PRO E 30 -9.15 -46.79 -13.52
C PRO E 30 -10.23 -45.72 -13.74
N HIS E 31 -11.37 -45.83 -13.07
CA HIS E 31 -12.44 -44.86 -13.22
C HIS E 31 -13.01 -44.43 -11.86
N GLN E 32 -12.46 -44.99 -10.78
CA GLN E 32 -12.96 -44.69 -9.45
C GLN E 32 -12.30 -43.46 -8.85
N PHE E 33 -13.12 -42.54 -8.35
CA PHE E 33 -12.62 -41.35 -7.66
C PHE E 33 -12.48 -41.65 -6.17
N ARG E 34 -11.67 -40.84 -5.49
CA ARG E 34 -11.55 -40.92 -4.04
C ARG E 34 -12.67 -40.11 -3.39
N PRO E 35 -13.12 -40.54 -2.20
CA PRO E 35 -14.23 -39.87 -1.50
C PRO E 35 -13.92 -38.40 -1.18
N ILE E 36 -14.89 -37.53 -1.43
CA ILE E 36 -14.73 -36.12 -1.11
C ILE E 36 -15.90 -35.62 -0.25
N GLU E 37 -15.69 -34.52 0.46
CA GLU E 37 -16.74 -33.89 1.25
C GLU E 37 -16.96 -32.47 0.75
N ILE E 38 -18.23 -32.08 0.62
CA ILE E 38 -18.55 -30.75 0.12
C ILE E 38 -19.51 -29.99 1.03
N PHE E 39 -19.12 -28.79 1.43
CA PHE E 39 -19.97 -27.91 2.22
C PHE E 39 -20.39 -26.74 1.35
N THR E 40 -21.63 -26.28 1.50
CA THR E 40 -22.12 -25.15 0.72
C THR E 40 -22.91 -24.15 1.56
N ASP E 41 -23.01 -22.92 1.08
CA ASP E 41 -23.80 -21.86 1.70
C ASP E 41 -23.38 -21.57 3.14
N PHE E 42 -22.08 -21.38 3.36
CA PHE E 42 -21.59 -21.06 4.68
C PHE E 42 -21.07 -19.62 4.77
N LEU E 43 -20.99 -18.95 3.63
CA LEU E 43 -20.61 -17.55 3.60
C LEU E 43 -21.82 -16.69 3.25
N PRO E 44 -22.49 -16.17 4.29
CA PRO E 44 -23.70 -15.35 4.11
C PRO E 44 -23.39 -14.03 3.44
N SER E 45 -22.14 -13.57 3.57
CA SER E 45 -21.72 -12.32 2.99
C SER E 45 -21.66 -12.42 1.47
N SER E 46 -21.52 -13.63 0.96
CA SER E 46 -21.43 -13.86 -0.47
C SER E 46 -22.74 -14.41 -1.04
N ASN E 47 -22.85 -14.39 -2.36
CA ASN E 47 -24.04 -14.90 -3.03
C ASN E 47 -24.05 -16.41 -3.09
N GLY E 48 -22.86 -17.00 -3.00
CA GLY E 48 -22.71 -18.45 -3.04
C GLY E 48 -21.33 -18.86 -2.57
N SER E 49 -21.22 -20.08 -2.04
CA SER E 49 -19.95 -20.55 -1.51
C SER E 49 -19.89 -22.07 -1.43
N SER E 50 -18.68 -22.61 -1.50
CA SER E 50 -18.48 -24.04 -1.34
C SER E 50 -17.12 -24.35 -0.72
N ARG E 51 -16.99 -25.53 -0.13
CA ARG E 51 -15.74 -26.00 0.44
C ARG E 51 -15.60 -27.49 0.20
N ILE E 52 -14.56 -27.87 -0.53
CA ILE E 52 -14.34 -29.28 -0.85
C ILE E 52 -13.10 -29.83 -0.13
N ILE E 53 -13.26 -31.01 0.48
CA ILE E 53 -12.16 -31.66 1.17
C ILE E 53 -11.87 -33.01 0.52
N ALA E 54 -10.63 -33.21 0.11
CA ALA E 54 -10.22 -34.49 -0.48
C ALA E 54 -9.82 -35.48 0.61
N SER E 55 -9.43 -36.68 0.20
CA SER E 55 -9.04 -37.72 1.14
C SER E 55 -7.61 -37.54 1.62
N ASP E 56 -6.80 -36.83 0.84
CA ASP E 56 -5.41 -36.59 1.19
C ASP E 56 -5.23 -35.25 1.90
N GLY E 57 -6.34 -34.64 2.31
CA GLY E 57 -6.30 -33.39 3.04
C GLY E 57 -6.38 -32.16 2.16
N SER E 58 -6.43 -32.38 0.84
CA SER E 58 -6.55 -31.28 -0.11
C SER E 58 -7.85 -30.53 0.12
N GLU E 59 -7.77 -29.22 0.26
CA GLU E 59 -8.93 -28.40 0.59
C GLU E 59 -9.00 -27.15 -0.29
N CYS E 60 -10.19 -26.88 -0.79
CA CYS E 60 -10.41 -25.71 -1.65
C CYS E 60 -11.71 -24.99 -1.28
N ILE E 61 -11.64 -23.65 -1.24
CA ILE E 61 -12.80 -22.85 -0.90
C ILE E 61 -13.15 -21.87 -2.01
N VAL E 62 -14.40 -21.91 -2.46
CA VAL E 62 -14.86 -21.04 -3.54
C VAL E 62 -15.92 -20.06 -3.05
N SER E 63 -15.80 -18.81 -3.45
CA SER E 63 -16.79 -17.79 -3.12
C SER E 63 -17.37 -17.16 -4.38
N ILE E 64 -18.66 -16.86 -4.36
CA ILE E 64 -19.34 -16.26 -5.51
C ILE E 64 -19.94 -14.91 -5.15
N LYS E 65 -19.43 -13.85 -5.77
CA LYS E 65 -19.99 -12.52 -5.56
C LYS E 65 -20.47 -11.92 -6.88
N SER E 66 -21.45 -11.03 -6.78
CA SER E 66 -22.08 -10.44 -7.97
C SER E 66 -21.92 -8.93 -8.01
N LYS E 67 -21.98 -8.37 -9.21
CA LYS E 67 -21.91 -6.92 -9.38
C LYS E 67 -22.61 -6.50 -10.66
N VAL E 68 -23.47 -5.48 -10.58
CA VAL E 68 -24.17 -4.96 -11.74
C VAL E 68 -23.24 -4.18 -12.65
N VAL E 69 -23.16 -4.61 -13.90
CA VAL E 69 -22.27 -3.97 -14.86
C VAL E 69 -22.98 -3.70 -16.18
N ASP E 70 -22.42 -2.80 -16.98
CA ASP E 70 -22.90 -2.54 -18.33
C ASP E 70 -22.28 -3.55 -19.28
N HIS E 71 -23.08 -4.48 -19.78
CA HIS E 71 -22.57 -5.55 -20.62
C HIS E 71 -22.12 -5.07 -22.00
N HIS E 72 -22.31 -3.79 -22.27
CA HIS E 72 -21.85 -3.19 -23.52
C HIS E 72 -20.37 -2.81 -23.42
N VAL E 73 -19.90 -2.61 -22.21
CA VAL E 73 -18.49 -2.25 -21.99
C VAL E 73 -17.72 -3.37 -21.28
N GLU E 74 -18.43 -4.20 -20.53
CA GLU E 74 -17.82 -5.34 -19.84
C GLU E 74 -18.02 -6.62 -20.64
N ASN E 75 -17.01 -6.98 -21.43
CA ASN E 75 -17.09 -8.15 -22.29
C ASN E 75 -17.24 -9.44 -21.49
N GLU E 76 -16.32 -9.66 -20.56
CA GLU E 76 -16.35 -10.88 -19.74
C GLU E 76 -17.29 -10.70 -18.54
N LEU E 77 -18.30 -11.56 -18.47
CA LEU E 77 -19.32 -11.44 -17.43
C LEU E 77 -19.07 -12.43 -16.28
N LEU E 78 -18.01 -13.22 -16.40
CA LEU E 78 -17.65 -14.17 -15.36
C LEU E 78 -16.14 -14.24 -15.19
N GLN E 79 -15.66 -13.74 -14.05
CA GLN E 79 -14.21 -13.67 -13.79
C GLN E 79 -13.78 -14.64 -12.69
N VAL E 80 -12.87 -15.54 -13.02
CA VAL E 80 -12.35 -16.50 -12.06
C VAL E 80 -11.02 -16.02 -11.48
N ASP E 81 -10.93 -16.01 -10.16
CA ASP E 81 -9.71 -15.58 -9.47
C ASP E 81 -9.17 -16.71 -8.60
N VAL E 82 -7.96 -17.16 -8.93
CA VAL E 82 -7.37 -18.30 -8.23
C VAL E 82 -6.23 -17.88 -7.28
N ASP E 83 -6.29 -18.38 -6.05
CA ASP E 83 -5.26 -18.11 -5.06
C ASP E 83 -4.82 -19.40 -4.38
N ILE E 84 -3.64 -19.88 -4.73
CA ILE E 84 -3.08 -21.08 -4.12
C ILE E 84 -2.17 -20.68 -2.95
N ALA E 85 -2.52 -21.15 -1.76
CA ALA E 85 -1.75 -20.84 -0.56
C ALA E 85 -0.33 -21.38 -0.66
N GLY E 86 0.65 -20.51 -0.43
CA GLY E 86 2.05 -20.89 -0.52
C GLY E 86 2.65 -20.57 -1.87
N GLN E 87 1.83 -20.01 -2.76
CA GLN E 87 2.28 -19.64 -4.09
C GLN E 87 2.07 -18.15 -4.35
N ARG E 88 2.97 -17.55 -5.10
CA ARG E 88 2.83 -16.15 -5.49
C ARG E 88 1.65 -15.99 -6.44
N ASP E 89 1.09 -14.79 -6.50
CA ASP E 89 -0.03 -14.51 -7.38
C ASP E 89 0.40 -14.63 -8.85
N ASP E 90 1.69 -14.42 -9.11
CA ASP E 90 2.21 -14.48 -10.46
C ASP E 90 2.96 -15.78 -10.73
N ALA E 91 2.70 -16.80 -9.91
CA ALA E 91 3.31 -18.10 -10.12
C ALA E 91 2.82 -18.73 -11.41
N LEU E 92 3.60 -19.66 -11.96
CA LEU E 92 3.26 -20.28 -13.22
C LEU E 92 2.00 -21.14 -13.12
N VAL E 93 1.91 -21.91 -12.03
CA VAL E 93 0.78 -22.80 -11.81
C VAL E 93 -0.51 -22.01 -11.58
N VAL E 94 -0.40 -20.92 -10.84
CA VAL E 94 -1.55 -20.09 -10.51
C VAL E 94 -2.18 -19.47 -11.75
N GLU E 95 -1.36 -18.76 -12.53
CA GLU E 95 -1.84 -18.06 -13.71
C GLU E 95 -2.37 -19.02 -14.77
N THR E 96 -1.72 -20.17 -14.90
CA THR E 96 -2.15 -21.17 -15.87
C THR E 96 -3.54 -21.70 -15.54
N ILE E 97 -3.74 -22.06 -14.28
CA ILE E 97 -5.05 -22.53 -13.82
C ILE E 97 -6.09 -21.41 -13.92
N THR E 98 -5.67 -20.19 -13.61
CA THR E 98 -6.56 -19.03 -13.72
C THR E 98 -7.00 -18.81 -15.16
N SER E 99 -6.04 -18.82 -16.08
CA SER E 99 -6.34 -18.67 -17.50
C SER E 99 -7.22 -19.81 -17.99
N LEU E 100 -6.90 -21.02 -17.54
CA LEU E 100 -7.65 -22.21 -17.94
C LEU E 100 -9.10 -22.14 -17.47
N LEU E 101 -9.28 -21.85 -16.18
CA LEU E 101 -10.61 -21.80 -15.58
C LEU E 101 -11.50 -20.73 -16.20
N ASN E 102 -10.91 -19.59 -16.55
CA ASN E 102 -11.67 -18.51 -17.18
C ASN E 102 -12.20 -18.92 -18.56
N LYS E 103 -11.46 -19.80 -19.23
CA LYS E 103 -11.90 -20.31 -20.53
C LYS E 103 -13.00 -21.35 -20.35
N VAL E 104 -12.88 -22.14 -19.28
CA VAL E 104 -13.88 -23.15 -18.96
C VAL E 104 -15.23 -22.51 -18.67
N LEU E 105 -15.20 -21.35 -18.02
CA LEU E 105 -16.43 -20.66 -17.63
C LEU E 105 -16.63 -19.35 -18.38
N LYS E 106 -16.37 -19.35 -19.69
CA LYS E 106 -16.59 -18.17 -20.49
C LYS E 106 -18.08 -17.83 -20.61
N SER E 107 -18.37 -16.59 -20.99
CA SER E 107 -19.74 -16.12 -21.09
C SER E 107 -20.53 -16.83 -22.19
N GLY E 108 -19.88 -17.05 -23.32
CA GLY E 108 -20.53 -17.70 -24.45
C GLY E 108 -19.81 -18.97 -24.90
N SER E 109 -19.50 -19.84 -23.95
CA SER E 109 -18.80 -21.08 -24.25
C SER E 109 -19.36 -22.26 -23.45
N GLY E 110 -19.30 -22.15 -22.13
CA GLY E 110 -19.77 -23.22 -21.27
C GLY E 110 -20.68 -22.72 -20.15
N VAL E 111 -21.29 -21.56 -20.37
CA VAL E 111 -22.15 -20.94 -19.36
C VAL E 111 -23.31 -20.18 -20.03
N ASP E 112 -24.52 -20.42 -19.54
CA ASP E 112 -25.70 -19.70 -20.04
C ASP E 112 -25.73 -18.28 -19.47
N SER E 113 -25.07 -17.36 -20.16
CA SER E 113 -24.94 -15.98 -19.70
C SER E 113 -26.25 -15.20 -19.78
N SER E 114 -27.28 -15.82 -20.35
CA SER E 114 -28.59 -15.19 -20.45
C SER E 114 -29.21 -15.00 -19.06
N LYS E 115 -28.89 -15.91 -18.15
CA LYS E 115 -29.44 -15.88 -16.81
C LYS E 115 -28.82 -14.79 -15.95
N LEU E 116 -27.80 -14.12 -16.50
CA LEU E 116 -27.12 -13.05 -15.78
C LEU E 116 -27.62 -11.68 -16.23
N GLN E 117 -28.39 -11.67 -17.32
CA GLN E 117 -28.89 -10.41 -17.88
C GLN E 117 -30.04 -9.86 -17.04
N LEU E 118 -29.98 -8.58 -16.72
CA LEU E 118 -31.03 -7.92 -15.96
C LEU E 118 -31.93 -7.11 -16.86
N THR E 119 -31.33 -6.15 -17.58
CA THR E 119 -32.07 -5.31 -18.49
C THR E 119 -31.42 -5.32 -19.88
N LYS E 120 -31.81 -4.39 -20.73
CA LYS E 120 -31.26 -4.29 -22.07
C LYS E 120 -29.85 -3.70 -22.05
N LYS E 121 -29.46 -3.16 -20.91
CA LYS E 121 -28.17 -2.48 -20.78
C LYS E 121 -27.30 -3.11 -19.69
N TYR E 122 -27.93 -3.56 -18.60
CA TYR E 122 -27.19 -4.04 -17.45
C TYR E 122 -27.31 -5.55 -17.23
N SER E 123 -26.23 -6.14 -16.71
CA SER E 123 -26.19 -7.57 -16.41
C SER E 123 -25.38 -7.83 -15.15
N PHE E 124 -25.48 -9.04 -14.62
CA PHE E 124 -24.76 -9.42 -13.41
C PHE E 124 -23.38 -9.99 -13.73
N LYS E 125 -22.35 -9.31 -13.24
CA LYS E 125 -20.98 -9.82 -13.33
C LYS E 125 -20.74 -10.77 -12.17
N ILE E 126 -20.26 -11.98 -12.48
CA ILE E 126 -20.03 -12.99 -11.46
C ILE E 126 -18.54 -13.16 -11.16
N PHE E 127 -18.16 -12.92 -9.91
CA PHE E 127 -16.78 -13.12 -9.48
C PHE E 127 -16.63 -14.44 -8.75
N VAL E 128 -15.90 -15.38 -9.38
CA VAL E 128 -15.64 -16.68 -8.76
C VAL E 128 -14.25 -16.71 -8.15
N ASP E 129 -14.18 -16.50 -6.83
CA ASP E 129 -12.90 -16.47 -6.14
C ASP E 129 -12.52 -17.84 -5.57
N VAL E 130 -11.37 -18.35 -5.98
CA VAL E 130 -10.91 -19.65 -5.55
C VAL E 130 -9.77 -19.53 -4.55
N LEU E 131 -9.87 -20.27 -3.45
CA LEU E 131 -8.81 -20.32 -2.45
C LEU E 131 -8.40 -21.76 -2.17
N VAL E 132 -7.21 -22.14 -2.62
CA VAL E 132 -6.69 -23.48 -2.38
C VAL E 132 -5.85 -23.50 -1.11
N ILE E 133 -6.43 -24.00 -0.03
CA ILE E 133 -5.73 -24.07 1.25
C ILE E 133 -4.59 -25.08 1.20
N SER E 134 -4.87 -26.27 0.66
CA SER E 134 -3.88 -27.32 0.57
C SER E 134 -4.13 -28.20 -0.65
N SER E 135 -3.06 -28.66 -1.29
CA SER E 135 -3.17 -29.55 -2.44
C SER E 135 -1.85 -30.28 -2.70
N HIS E 136 -1.94 -31.54 -3.07
CA HIS E 136 -0.76 -32.37 -3.27
C HIS E 136 -0.60 -32.83 -4.72
N SER E 137 -1.55 -32.42 -5.56
CA SER E 137 -1.48 -32.69 -6.99
C SER E 137 -2.09 -31.52 -7.75
N HIS E 138 -2.29 -31.69 -9.05
CA HIS E 138 -2.91 -30.66 -9.88
C HIS E 138 -4.35 -30.45 -9.43
N PRO E 139 -4.64 -29.29 -8.82
CA PRO E 139 -5.92 -29.04 -8.17
C PRO E 139 -7.02 -28.60 -9.12
N ILE E 140 -6.78 -28.70 -10.43
CA ILE E 140 -7.72 -28.20 -11.43
C ILE E 140 -9.10 -28.86 -11.34
N SER E 141 -9.12 -30.17 -11.09
CA SER E 141 -10.38 -30.90 -10.98
C SER E 141 -11.04 -30.67 -9.63
N LEU E 142 -10.21 -30.46 -8.62
CA LEU E 142 -10.69 -30.18 -7.27
C LEU E 142 -11.43 -28.85 -7.24
N ILE E 143 -10.82 -27.84 -7.85
CA ILE E 143 -11.42 -26.51 -7.93
C ILE E 143 -12.71 -26.55 -8.73
N SER E 144 -12.70 -27.34 -9.81
CA SER E 144 -13.84 -27.45 -10.69
C SER E 144 -15.09 -27.95 -9.97
N PHE E 145 -14.91 -28.96 -9.13
CA PHE E 145 -16.02 -29.53 -8.36
C PHE E 145 -16.59 -28.50 -7.37
N ALA E 146 -15.71 -27.70 -6.80
CA ALA E 146 -16.10 -26.70 -5.82
C ALA E 146 -16.86 -25.54 -6.48
N ILE E 147 -16.36 -25.10 -7.62
CA ILE E 147 -17.01 -24.05 -8.39
C ILE E 147 -18.41 -24.48 -8.83
N TYR E 148 -18.52 -25.74 -9.25
CA TYR E 148 -19.79 -26.35 -9.63
C TYR E 148 -20.79 -26.25 -8.48
N SER E 149 -20.39 -26.79 -7.33
CA SER E 149 -21.23 -26.81 -6.14
C SER E 149 -21.65 -25.40 -5.71
N ALA E 150 -20.72 -24.46 -5.81
CA ALA E 150 -20.96 -23.08 -5.41
C ALA E 150 -21.96 -22.39 -6.34
N LEU E 151 -21.79 -22.59 -7.64
CA LEU E 151 -22.66 -21.95 -8.63
C LEU E 151 -24.07 -22.54 -8.64
N ASN E 152 -24.22 -23.73 -8.06
CA ASN E 152 -25.53 -24.38 -7.99
C ASN E 152 -26.27 -24.06 -6.70
N SER E 153 -25.66 -23.24 -5.86
CA SER E 153 -26.29 -22.81 -4.61
C SER E 153 -26.12 -21.31 -4.44
N THR E 154 -26.12 -20.59 -5.56
CA THR E 154 -25.92 -19.15 -5.57
C THR E 154 -27.26 -18.42 -5.70
N TYR E 155 -27.44 -17.36 -4.92
CA TYR E 155 -28.66 -16.58 -4.97
C TYR E 155 -28.37 -15.10 -5.23
N LEU E 156 -28.96 -14.56 -6.28
CA LEU E 156 -28.72 -13.19 -6.71
C LEU E 156 -29.93 -12.30 -6.40
N PRO E 157 -29.70 -10.99 -6.20
CA PRO E 157 -30.78 -10.04 -5.96
C PRO E 157 -31.79 -9.99 -7.12
N LYS E 158 -33.03 -9.65 -6.81
CA LYS E 158 -34.08 -9.60 -7.82
C LYS E 158 -34.37 -8.15 -8.24
N LEU E 159 -34.52 -7.93 -9.55
CA LEU E 159 -34.77 -6.60 -10.09
C LEU E 159 -36.22 -6.17 -9.90
N ILE E 160 -36.42 -4.86 -9.68
CA ILE E 160 -37.77 -4.30 -9.54
C ILE E 160 -38.11 -3.38 -10.71
N SER E 161 -37.20 -2.45 -11.01
CA SER E 161 -37.43 -1.47 -12.07
C SER E 161 -37.60 -2.11 -13.44
N ALA E 162 -38.10 -1.32 -14.39
CA ALA E 162 -38.34 -1.81 -15.75
C ALA E 162 -37.06 -2.21 -16.45
N PHE E 163 -37.18 -3.05 -17.48
CA PHE E 163 -36.02 -3.57 -18.18
C PHE E 163 -35.87 -3.03 -19.61
N ASP E 164 -35.96 -1.72 -19.74
CA ASP E 164 -35.76 -1.06 -21.03
C ASP E 164 -35.07 0.29 -20.84
N ASP E 165 -33.74 0.27 -20.79
CA ASP E 165 -32.96 1.46 -20.51
C ASP E 165 -32.81 2.36 -21.73
N LEU E 166 -33.19 1.84 -22.90
CA LEU E 166 -33.06 2.59 -24.14
C LEU E 166 -34.04 3.75 -24.19
N GLU E 167 -35.27 3.51 -23.73
CA GLU E 167 -36.31 4.54 -23.74
C GLU E 167 -36.44 5.24 -22.40
N VAL E 168 -37.19 4.63 -21.49
CA VAL E 168 -37.47 5.23 -20.18
C VAL E 168 -36.20 5.44 -19.35
N GLU E 169 -35.27 4.50 -19.46
CA GLU E 169 -33.97 4.57 -18.78
C GLU E 169 -34.09 4.72 -17.26
N GLU E 170 -34.66 3.71 -16.61
CA GLU E 170 -34.77 3.72 -15.15
C GLU E 170 -33.52 3.18 -14.48
N LEU E 171 -33.15 3.78 -13.36
CA LEU E 171 -32.02 3.32 -12.58
C LEU E 171 -32.32 1.96 -11.96
N PRO E 172 -31.39 1.01 -12.14
CA PRO E 172 -31.56 -0.37 -11.64
C PRO E 172 -31.81 -0.44 -10.14
N THR E 173 -33.04 -0.80 -9.77
CA THR E 173 -33.40 -0.95 -8.36
C THR E 173 -33.83 -2.38 -8.07
N PHE E 174 -33.48 -2.87 -6.90
CA PHE E 174 -33.73 -4.27 -6.54
C PHE E 174 -34.59 -4.40 -5.29
N HIS E 175 -35.23 -5.55 -5.13
CA HIS E 175 -36.07 -5.79 -3.97
C HIS E 175 -35.23 -5.85 -2.71
N ASP E 176 -35.86 -5.55 -1.58
CA ASP E 176 -35.13 -5.43 -0.32
C ASP E 176 -34.80 -6.78 0.31
N TYR E 177 -35.54 -7.83 -0.05
CA TYR E 177 -35.37 -9.11 0.63
C TYR E 177 -35.33 -10.33 -0.30
N ASP E 178 -36.18 -10.35 -1.32
CA ASP E 178 -36.26 -11.50 -2.22
C ASP E 178 -35.02 -11.65 -3.10
N MET E 179 -34.55 -12.89 -3.25
CA MET E 179 -33.43 -13.19 -4.14
C MET E 179 -33.76 -14.40 -5.01
N VAL E 180 -33.43 -14.29 -6.29
CA VAL E 180 -33.68 -15.38 -7.24
C VAL E 180 -32.47 -16.30 -7.37
N LYS E 181 -32.70 -17.60 -7.22
CA LYS E 181 -31.62 -18.58 -7.36
C LYS E 181 -31.03 -18.55 -8.76
N LEU E 182 -29.69 -18.57 -8.83
CA LEU E 182 -28.99 -18.54 -10.10
C LEU E 182 -29.09 -19.88 -10.81
N ASP E 183 -30.00 -19.96 -11.79
CA ASP E 183 -30.12 -21.16 -12.61
C ASP E 183 -29.06 -21.11 -13.71
N ILE E 184 -28.13 -22.06 -13.65
CA ILE E 184 -27.01 -22.08 -14.58
C ILE E 184 -26.45 -23.49 -14.66
N ASN E 185 -25.70 -23.78 -15.73
CA ASN E 185 -25.09 -25.09 -15.89
C ASN E 185 -23.57 -25.00 -15.87
N PRO E 186 -22.97 -25.06 -14.67
CA PRO E 186 -21.52 -25.01 -14.53
C PRO E 186 -20.87 -26.24 -15.15
N PRO E 187 -19.77 -26.03 -15.89
CA PRO E 187 -19.04 -27.14 -16.50
C PRO E 187 -18.14 -27.81 -15.47
N LEU E 188 -17.69 -29.02 -15.77
CA LEU E 188 -16.74 -29.72 -14.90
C LEU E 188 -15.42 -29.94 -15.62
N VAL E 189 -14.34 -30.01 -14.86
CA VAL E 189 -13.02 -30.25 -15.42
C VAL E 189 -12.43 -31.53 -14.85
N PHE E 190 -12.25 -32.54 -15.70
CA PHE E 190 -11.67 -33.80 -15.26
C PHE E 190 -10.20 -33.88 -15.65
N ILE E 191 -9.40 -34.47 -14.79
CA ILE E 191 -7.98 -34.67 -15.08
C ILE E 191 -7.59 -36.14 -15.07
N LEU E 192 -6.88 -36.57 -16.11
CA LEU E 192 -6.52 -37.97 -16.28
C LEU E 192 -5.00 -38.15 -16.24
N ALA E 193 -4.56 -39.36 -15.92
CA ALA E 193 -3.14 -39.68 -15.90
C ALA E 193 -2.82 -40.77 -16.91
N VAL E 194 -1.70 -40.60 -17.61
CA VAL E 194 -1.28 -41.58 -18.62
C VAL E 194 -0.04 -42.34 -18.16
N VAL E 195 -0.23 -43.59 -17.75
CA VAL E 195 0.88 -44.44 -17.34
C VAL E 195 1.01 -45.62 -18.29
N GLY E 196 1.97 -45.54 -19.21
CA GLY E 196 2.13 -46.55 -20.23
C GLY E 196 1.01 -46.47 -21.26
N ASN E 197 0.11 -47.44 -21.22
CA ASN E 197 -1.05 -47.44 -22.10
C ASN E 197 -2.36 -47.39 -21.33
N ASN E 198 -2.27 -47.14 -20.02
CA ASN E 198 -3.44 -47.06 -19.17
C ASN E 198 -3.82 -45.63 -18.84
N MET E 199 -5.12 -45.40 -18.66
CA MET E 199 -5.61 -44.07 -18.31
C MET E 199 -6.39 -44.10 -16.99
N LEU E 200 -6.00 -43.24 -16.06
CA LEU E 200 -6.59 -43.24 -14.73
C LEU E 200 -7.36 -41.95 -14.44
N LEU E 201 -8.56 -42.09 -13.93
CA LEU E 201 -9.34 -40.95 -13.47
C LEU E 201 -8.95 -40.59 -12.04
N ASP E 202 -8.90 -39.29 -11.75
CA ASP E 202 -8.49 -38.79 -10.44
C ASP E 202 -7.14 -39.37 -10.02
N PRO E 203 -6.05 -38.84 -10.60
CA PRO E 203 -4.71 -39.33 -10.28
C PRO E 203 -4.28 -38.92 -8.88
N ALA E 204 -3.77 -39.86 -8.10
CA ALA E 204 -3.24 -39.55 -6.78
C ALA E 204 -1.89 -38.87 -6.92
N ALA E 205 -1.33 -38.44 -5.80
CA ALA E 205 -0.04 -37.75 -5.80
C ALA E 205 1.07 -38.66 -6.30
N ASN E 206 1.20 -39.84 -5.70
CA ASN E 206 2.23 -40.80 -6.09
C ASN E 206 2.05 -41.30 -7.52
N GLU E 207 0.79 -41.39 -7.95
CA GLU E 207 0.47 -41.85 -9.30
C GLU E 207 0.93 -40.84 -10.35
N SER E 208 0.69 -39.56 -10.07
CA SER E 208 1.04 -38.49 -10.99
C SER E 208 2.54 -38.37 -11.18
N GLU E 209 3.30 -38.71 -10.14
CA GLU E 209 4.76 -38.59 -10.17
C GLU E 209 5.40 -39.52 -11.20
N VAL E 210 4.78 -40.67 -11.43
CA VAL E 210 5.34 -41.66 -12.33
C VAL E 210 4.64 -41.68 -13.68
N ALA E 211 3.59 -40.88 -13.82
CA ALA E 211 2.81 -40.84 -15.05
C ALA E 211 3.63 -40.36 -16.24
N ASN E 212 3.35 -40.89 -17.41
CA ASN E 212 4.03 -40.46 -18.63
C ASN E 212 3.46 -39.16 -19.17
N ASN E 213 2.16 -38.97 -18.97
CA ASN E 213 1.49 -37.74 -19.40
C ASN E 213 0.15 -37.59 -18.69
N GLY E 214 -0.61 -36.57 -19.08
CA GLY E 214 -1.90 -36.33 -18.47
C GLY E 214 -2.85 -35.56 -19.38
N LEU E 215 -4.13 -35.58 -19.03
CA LEU E 215 -5.13 -34.88 -19.83
C LEU E 215 -6.05 -34.04 -18.96
N ILE E 216 -6.40 -32.86 -19.45
CA ILE E 216 -7.38 -32.01 -18.80
C ILE E 216 -8.56 -31.83 -19.75
N ILE E 217 -9.67 -32.47 -19.40
CA ILE E 217 -10.84 -32.50 -20.27
C ILE E 217 -12.05 -31.86 -19.60
N SER E 218 -12.61 -30.84 -20.24
CA SER E 218 -13.78 -30.16 -19.71
C SER E 218 -15.07 -30.90 -20.07
N TRP E 219 -16.14 -30.61 -19.35
CA TRP E 219 -17.40 -31.33 -19.52
C TRP E 219 -18.58 -30.41 -19.25
N SER E 220 -19.48 -30.31 -20.23
CA SER E 220 -20.66 -29.45 -20.10
C SER E 220 -21.80 -29.92 -20.97
N ASN E 221 -23.02 -29.79 -20.46
CA ASN E 221 -24.24 -30.17 -21.18
C ASN E 221 -24.26 -31.62 -21.67
N GLY E 222 -23.65 -32.51 -20.90
CA GLY E 222 -23.65 -33.92 -21.21
C GLY E 222 -22.73 -34.30 -22.36
N LYS E 223 -21.72 -33.49 -22.61
CA LYS E 223 -20.77 -33.78 -23.68
C LYS E 223 -19.39 -33.17 -23.41
N ILE E 224 -18.38 -33.70 -24.08
CA ILE E 224 -17.03 -33.18 -23.99
C ILE E 224 -16.94 -31.80 -24.65
N THR E 225 -16.26 -30.88 -23.99
CA THR E 225 -16.10 -29.53 -24.52
C THR E 225 -14.72 -28.97 -24.21
N SER E 226 -14.33 -27.93 -24.94
CA SER E 226 -13.09 -27.22 -24.67
C SER E 226 -13.24 -26.43 -23.38
N PRO E 227 -12.13 -26.12 -22.70
CA PRO E 227 -10.72 -26.41 -23.02
C PRO E 227 -10.34 -27.86 -22.79
N ILE E 228 -9.60 -28.43 -23.75
CA ILE E 228 -8.99 -29.74 -23.59
C ILE E 228 -7.49 -29.57 -23.70
N ARG E 229 -6.77 -29.95 -22.65
CA ARG E 229 -5.34 -29.75 -22.60
C ARG E 229 -4.60 -30.99 -22.13
N SER E 230 -3.56 -31.36 -22.87
CA SER E 230 -2.62 -32.36 -22.38
C SER E 230 -1.70 -31.66 -21.39
N VAL E 231 -1.32 -32.36 -20.33
CA VAL E 231 -0.55 -31.74 -19.26
C VAL E 231 0.48 -32.70 -18.67
N ALA E 232 1.69 -32.20 -18.45
CA ALA E 232 2.73 -32.99 -17.79
C ALA E 232 2.52 -32.92 -16.28
N LEU E 233 2.07 -34.03 -15.70
CA LEU E 233 1.82 -34.10 -14.26
C LEU E 233 3.13 -34.01 -13.48
N ASN E 234 4.19 -34.57 -14.05
CA ASN E 234 5.54 -34.36 -13.54
C ASN E 234 6.42 -33.89 -14.70
N ASP E 235 7.71 -33.75 -14.46
CA ASP E 235 8.60 -33.25 -15.52
C ASP E 235 9.83 -34.14 -15.74
N SER E 236 9.87 -35.28 -15.07
CA SER E 236 11.01 -36.18 -15.18
C SER E 236 10.70 -37.41 -16.02
N ASN E 237 9.42 -37.71 -16.18
CA ASN E 237 9.00 -38.92 -16.89
C ASN E 237 7.97 -38.64 -17.99
N VAL E 238 8.06 -37.46 -18.60
CA VAL E 238 7.12 -37.07 -19.64
C VAL E 238 7.49 -37.67 -20.99
N LYS E 239 6.53 -38.40 -21.59
CA LYS E 239 6.76 -39.02 -22.88
C LYS E 239 5.58 -38.76 -23.82
N SER E 240 5.83 -38.89 -25.12
CA SER E 240 4.78 -38.73 -26.12
C SER E 240 3.80 -39.90 -26.02
N PHE E 241 2.57 -39.68 -26.46
CA PHE E 241 1.55 -40.72 -26.38
C PHE E 241 0.88 -40.97 -27.72
N LYS E 242 0.46 -42.22 -27.95
CA LYS E 242 -0.27 -42.59 -29.15
C LYS E 242 -1.62 -41.90 -29.17
N PRO E 243 -2.10 -41.53 -30.37
CA PRO E 243 -3.39 -40.85 -30.55
C PRO E 243 -4.58 -41.64 -29.98
N HIS E 244 -4.49 -42.96 -29.98
CA HIS E 244 -5.59 -43.78 -29.47
C HIS E 244 -5.81 -43.58 -27.98
N LEU E 245 -4.74 -43.25 -27.27
CA LEU E 245 -4.84 -42.93 -25.85
C LEU E 245 -5.67 -41.66 -25.64
N LEU E 246 -5.44 -40.68 -26.51
CA LEU E 246 -6.19 -39.42 -26.45
C LEU E 246 -7.67 -39.68 -26.68
N LYS E 247 -7.96 -40.55 -27.63
CA LYS E 247 -9.35 -40.91 -27.94
C LYS E 247 -9.94 -41.80 -26.85
N GLN E 248 -9.08 -42.54 -26.17
CA GLN E 248 -9.52 -43.39 -25.06
C GLN E 248 -9.92 -42.53 -23.87
N GLY E 249 -9.13 -41.49 -23.62
CA GLY E 249 -9.40 -40.58 -22.51
C GLY E 249 -10.71 -39.84 -22.67
N LEU E 250 -10.94 -39.31 -23.87
CA LEU E 250 -12.18 -38.60 -24.17
C LEU E 250 -13.38 -39.53 -24.03
N ALA E 251 -13.19 -40.79 -24.42
CA ALA E 251 -14.25 -41.79 -24.32
C ALA E 251 -14.49 -42.16 -22.86
N MET E 252 -13.41 -42.22 -22.08
CA MET E 252 -13.50 -42.60 -20.67
C MET E 252 -14.29 -41.55 -19.87
N VAL E 253 -14.01 -40.28 -20.13
CA VAL E 253 -14.72 -39.19 -19.48
C VAL E 253 -16.19 -39.18 -19.91
N GLU E 254 -16.41 -39.45 -21.20
CA GLU E 254 -17.73 -39.37 -21.79
C GLU E 254 -18.74 -40.34 -21.18
N LYS E 255 -18.26 -41.37 -20.50
CA LYS E 255 -19.13 -42.38 -19.93
C LYS E 255 -19.19 -42.37 -18.41
N TYR E 256 -18.19 -41.77 -17.77
CA TYR E 256 -18.13 -41.74 -16.31
C TYR E 256 -18.49 -40.38 -15.73
N ALA E 257 -18.46 -39.35 -16.56
CA ALA E 257 -18.85 -38.00 -16.13
C ALA E 257 -20.30 -37.89 -15.62
N PRO E 258 -21.28 -38.46 -16.33
CA PRO E 258 -22.66 -38.34 -15.83
C PRO E 258 -22.83 -38.96 -14.44
N ASP E 259 -22.06 -39.99 -14.15
CA ASP E 259 -22.09 -40.61 -12.84
C ASP E 259 -21.59 -39.63 -11.78
N VAL E 260 -20.54 -38.89 -12.12
CA VAL E 260 -19.98 -37.89 -11.22
C VAL E 260 -20.97 -36.75 -11.02
N VAL E 261 -21.54 -36.27 -12.12
CA VAL E 261 -22.51 -35.19 -12.08
C VAL E 261 -23.74 -35.58 -11.26
N ARG E 262 -24.16 -36.83 -11.41
CA ARG E 262 -25.33 -37.34 -10.68
C ARG E 262 -25.10 -37.33 -9.17
N SER E 263 -23.89 -37.69 -8.76
CA SER E 263 -23.53 -37.67 -7.34
C SER E 263 -23.28 -36.24 -6.87
N LEU E 264 -23.14 -35.33 -7.83
CA LEU E 264 -22.80 -33.95 -7.54
C LEU E 264 -24.01 -33.04 -7.65
N GLU E 265 -25.03 -33.49 -8.38
CA GLU E 265 -26.22 -32.68 -8.65
C GLU E 265 -27.20 -32.64 -7.49
N ASN E 266 -26.98 -33.47 -6.47
CA ASN E 266 -27.85 -33.48 -5.31
C ASN E 266 -27.80 -32.15 -4.57
N LEU E 267 -28.96 -31.52 -4.42
CA LEU E 267 -29.05 -30.20 -3.80
C LEU E 267 -28.72 -30.25 -2.30
N GLN F 4 4.67 8.46 -11.78
CA GLN F 4 4.05 7.15 -11.84
C GLN F 4 5.00 6.08 -11.32
N ASP F 5 5.79 5.50 -12.22
CA ASP F 5 6.77 4.49 -11.86
C ASP F 5 8.15 5.12 -11.70
N ARG F 6 8.88 4.67 -10.69
CA ARG F 6 10.17 5.25 -10.35
C ARG F 6 11.34 4.55 -11.07
N ARG F 7 11.00 3.59 -11.92
CA ARG F 7 12.02 2.84 -12.65
C ARG F 7 11.90 3.03 -14.16
N ARG F 8 10.79 3.62 -14.59
CA ARG F 8 10.56 3.88 -16.00
C ARG F 8 10.04 5.29 -16.24
N LEU F 9 10.14 5.75 -17.48
CA LEU F 9 9.58 7.05 -17.87
C LEU F 9 8.30 6.83 -18.66
N LEU F 10 7.17 6.93 -17.97
CA LEU F 10 5.87 6.64 -18.58
C LEU F 10 5.14 7.92 -18.97
N GLY F 11 5.78 9.06 -18.74
CA GLY F 11 5.20 10.35 -19.10
C GLY F 11 4.19 10.86 -18.11
N PRO F 12 3.42 11.89 -18.50
CA PRO F 12 2.41 12.51 -17.64
C PRO F 12 1.22 11.58 -17.38
N ALA F 13 0.60 11.71 -16.21
CA ALA F 13 -0.48 10.83 -15.81
C ALA F 13 -1.82 11.22 -16.41
N ALA F 14 -1.99 12.51 -16.69
CA ALA F 14 -3.24 13.01 -17.24
C ALA F 14 -3.37 12.67 -18.73
N ALA F 15 -2.31 12.10 -19.29
CA ALA F 15 -2.30 11.70 -20.69
C ALA F 15 -3.13 10.44 -20.91
N LYS F 16 -3.87 10.40 -22.02
CA LYS F 16 -4.66 9.24 -22.37
C LYS F 16 -4.25 8.71 -23.74
N PRO F 17 -4.06 7.39 -23.86
CA PRO F 17 -3.62 6.73 -25.09
C PRO F 17 -4.50 7.07 -26.29
N MET F 18 -3.90 7.11 -27.47
CA MET F 18 -4.63 7.47 -28.68
C MET F 18 -5.57 6.34 -29.12
N ALA F 19 -6.85 6.64 -29.17
CA ALA F 19 -7.85 5.70 -29.65
C ALA F 19 -8.35 6.14 -31.03
N PHE F 20 -8.32 5.22 -31.99
CA PHE F 20 -8.71 5.53 -33.36
C PHE F 20 -10.18 5.21 -33.60
N SER F 21 -10.74 5.81 -34.64
CA SER F 21 -12.16 5.64 -34.97
C SER F 21 -12.37 4.50 -35.97
N ASN F 22 -13.39 4.63 -36.81
CA ASN F 22 -13.71 3.63 -37.81
C ASN F 22 -13.89 4.25 -39.19
N SER F 42 -0.41 -19.79 -51.29
CA SER F 42 -0.38 -21.08 -50.61
C SER F 42 -1.12 -21.02 -49.27
N GLU F 43 -1.09 -22.12 -48.53
CA GLU F 43 -1.74 -22.20 -47.24
C GLU F 43 -1.03 -21.33 -46.21
N GLN F 44 0.31 -21.34 -46.24
CA GLN F 44 1.11 -20.57 -45.32
C GLN F 44 2.43 -20.16 -45.96
N GLU F 45 2.92 -18.97 -45.61
CA GLU F 45 4.19 -18.49 -46.13
C GLU F 45 5.19 -18.34 -44.99
N LEU F 46 6.28 -19.11 -45.06
CA LEU F 46 7.23 -19.16 -43.95
C LEU F 46 8.59 -18.53 -44.25
N SER F 47 9.30 -18.18 -43.17
CA SER F 47 10.66 -17.66 -43.27
C SER F 47 11.42 -18.05 -42.01
N LEU F 48 12.53 -18.78 -42.19
CA LEU F 48 13.29 -19.28 -41.04
C LEU F 48 14.75 -18.84 -41.06
N HIS F 49 15.24 -18.42 -39.90
CA HIS F 49 16.64 -18.04 -39.74
C HIS F 49 17.12 -18.43 -38.34
N THR F 50 18.36 -18.88 -38.22
CA THR F 50 18.90 -19.28 -36.93
C THR F 50 20.27 -18.68 -36.66
N GLY F 51 20.61 -18.55 -35.37
CA GLY F 51 21.93 -18.11 -34.95
C GLY F 51 22.31 -16.70 -35.36
N PHE F 52 21.49 -15.74 -34.95
CA PHE F 52 21.79 -14.33 -35.24
C PHE F 52 21.93 -13.52 -33.96
N ILE F 53 21.84 -14.19 -32.82
CA ILE F 53 22.01 -13.55 -31.53
C ILE F 53 23.26 -14.06 -30.81
N GLU F 54 24.30 -13.24 -30.78
CA GLU F 54 25.57 -13.63 -30.18
C GLU F 54 25.50 -13.63 -28.66
N ASN F 55 24.46 -12.99 -28.13
CA ASN F 55 24.28 -12.87 -26.69
C ASN F 55 23.99 -14.20 -26.01
N CYS F 56 23.37 -15.13 -26.74
CA CYS F 56 22.95 -16.41 -26.17
C CYS F 56 23.60 -17.60 -26.86
N ASN F 57 23.10 -18.80 -26.55
CA ASN F 57 23.63 -20.03 -27.10
C ASN F 57 22.93 -20.46 -28.38
N GLY F 58 21.63 -20.16 -28.47
CA GLY F 58 20.85 -20.50 -29.64
C GLY F 58 19.70 -19.53 -29.84
N SER F 59 19.42 -19.22 -31.11
CA SER F 59 18.36 -18.28 -31.43
C SER F 59 17.71 -18.61 -32.77
N ALA F 60 16.47 -18.17 -32.95
CA ALA F 60 15.75 -18.43 -34.19
C ALA F 60 14.77 -17.31 -34.54
N LEU F 61 14.58 -17.09 -35.83
CA LEU F 61 13.62 -16.12 -36.32
C LEU F 61 12.58 -16.85 -37.16
N VAL F 62 11.32 -16.77 -36.74
CA VAL F 62 10.24 -17.42 -37.46
C VAL F 62 9.18 -16.42 -37.90
N GLU F 63 9.02 -16.28 -39.21
CA GLU F 63 8.02 -15.36 -39.76
C GLU F 63 7.01 -16.10 -40.62
N ALA F 64 5.73 -15.86 -40.36
CA ALA F 64 4.66 -16.51 -41.11
C ALA F 64 3.65 -15.48 -41.63
N ARG F 65 3.25 -15.64 -42.88
CA ARG F 65 2.28 -14.74 -43.49
C ARG F 65 1.16 -15.53 -44.16
N SER F 66 -0.07 -15.26 -43.75
CA SER F 66 -1.23 -15.96 -44.32
C SER F 66 -2.53 -15.18 -44.13
N LEU F 67 -3.29 -15.06 -45.21
CA LEU F 67 -4.60 -14.41 -45.19
C LEU F 67 -4.56 -12.99 -44.62
N GLY F 68 -5.19 -12.81 -43.46
CA GLY F 68 -5.22 -11.51 -42.81
C GLY F 68 -4.53 -11.51 -41.47
N HIS F 69 -3.39 -12.19 -41.39
CA HIS F 69 -2.62 -12.28 -40.16
C HIS F 69 -1.18 -12.72 -40.41
N GLN F 70 -0.24 -11.86 -40.06
CA GLN F 70 1.19 -12.21 -40.17
C GLN F 70 1.83 -12.19 -38.78
N THR F 71 2.85 -13.01 -38.59
CA THR F 71 3.51 -13.11 -37.30
C THR F 71 5.03 -13.20 -37.44
N SER F 72 5.74 -12.38 -36.67
CA SER F 72 7.19 -12.44 -36.63
C SER F 72 7.66 -12.56 -35.19
N LEU F 73 8.08 -13.77 -34.81
CA LEU F 73 8.53 -14.01 -33.44
C LEU F 73 9.99 -14.48 -33.39
N ILE F 74 10.66 -14.16 -32.29
CA ILE F 74 12.07 -14.48 -32.11
C ILE F 74 12.25 -15.34 -30.86
N SER F 75 13.02 -16.42 -30.99
CA SER F 75 13.31 -17.28 -29.85
C SER F 75 14.78 -17.20 -29.47
N ALA F 76 15.07 -17.35 -28.18
CA ALA F 76 16.43 -17.28 -27.68
C ALA F 76 16.64 -18.28 -26.56
N VAL F 77 17.65 -19.14 -26.70
CA VAL F 77 17.94 -20.15 -25.70
C VAL F 77 19.20 -19.82 -24.92
N TYR F 78 19.07 -19.78 -23.59
CA TYR F 78 20.20 -19.51 -22.72
C TYR F 78 20.47 -20.73 -21.85
N GLY F 79 21.55 -21.45 -22.17
CA GLY F 79 21.90 -22.65 -21.43
C GLY F 79 22.78 -23.60 -22.20
N PRO F 80 23.26 -24.66 -21.54
CA PRO F 80 23.01 -24.94 -20.12
C PRO F 80 23.87 -24.07 -19.20
N ARG F 81 23.23 -23.41 -18.23
CA ARG F 81 23.95 -22.60 -17.27
C ARG F 81 23.72 -23.06 -15.84
N SER F 82 24.41 -22.42 -14.91
CA SER F 82 24.45 -22.87 -13.52
C SER F 82 23.11 -22.78 -12.78
N ILE F 83 22.84 -23.79 -11.96
CA ILE F 83 21.73 -23.76 -11.02
C ILE F 83 22.24 -24.07 -9.62
N ARG F 84 22.32 -23.04 -8.79
CA ARG F 84 22.89 -23.18 -7.46
C ARG F 84 21.82 -23.53 -6.42
N GLY F 85 21.27 -24.73 -6.54
CA GLY F 85 20.25 -25.19 -5.61
C GLY F 85 20.13 -26.70 -5.61
N SER F 86 20.45 -27.31 -4.47
CA SER F 86 20.41 -28.76 -4.30
C SER F 86 21.25 -29.47 -5.35
N PHE F 87 20.66 -30.46 -6.01
CA PHE F 87 21.31 -31.16 -7.11
C PHE F 87 20.27 -31.90 -7.94
N THR F 88 20.47 -31.95 -9.25
CA THR F 88 19.56 -32.64 -10.14
C THR F 88 20.31 -33.47 -11.17
N SER F 89 19.88 -34.71 -11.37
CA SER F 89 20.53 -35.60 -12.32
C SER F 89 20.28 -35.15 -13.76
N GLN F 90 19.15 -34.46 -13.98
CA GLN F 90 18.80 -33.96 -15.30
C GLN F 90 18.69 -32.44 -15.31
N GLY F 91 18.52 -31.87 -16.49
CA GLY F 91 18.43 -30.43 -16.63
C GLY F 91 17.04 -29.90 -16.38
N THR F 92 16.93 -28.61 -16.10
CA THR F 92 15.64 -27.98 -15.85
C THR F 92 15.34 -26.93 -16.91
N ILE F 93 14.22 -27.10 -17.61
CA ILE F 93 13.82 -26.20 -18.67
C ILE F 93 12.85 -25.13 -18.16
N SER F 94 13.08 -23.89 -18.57
CA SER F 94 12.12 -22.82 -18.33
C SER F 94 11.81 -22.11 -19.64
N ILE F 95 10.53 -21.80 -19.86
CA ILE F 95 10.11 -21.09 -21.05
C ILE F 95 9.27 -19.88 -20.69
N GLN F 96 9.63 -18.72 -21.24
CA GLN F 96 8.90 -17.49 -20.96
C GLN F 96 8.55 -16.78 -22.27
N LEU F 97 7.27 -16.48 -22.44
CA LEU F 97 6.83 -15.71 -23.59
C LEU F 97 6.70 -14.22 -23.22
N LYS F 98 7.22 -13.36 -24.09
CA LYS F 98 7.11 -11.92 -23.86
C LYS F 98 6.26 -11.26 -24.94
N ASN F 99 5.42 -10.31 -24.52
CA ASN F 99 4.66 -9.50 -25.46
C ASN F 99 5.59 -8.66 -26.32
N GLY F 100 5.20 -8.44 -27.57
CA GLY F 100 6.00 -7.66 -28.48
C GLY F 100 5.59 -6.21 -28.52
N LEU F 101 5.72 -5.59 -29.69
CA LEU F 101 5.42 -4.18 -29.85
C LEU F 101 3.94 -3.96 -30.15
N LEU F 102 3.42 -4.71 -31.11
CA LEU F 102 2.05 -4.52 -31.58
C LEU F 102 1.03 -5.21 -30.68
N GLU F 103 0.63 -6.43 -31.06
CA GLU F 103 -0.43 -7.14 -30.37
C GLU F 103 -0.02 -7.61 -28.98
N LYS F 104 -0.85 -7.28 -28.00
CA LYS F 104 -0.60 -7.69 -26.62
C LYS F 104 -1.49 -8.88 -26.24
N TYR F 105 -1.04 -9.64 -25.25
CA TYR F 105 -1.82 -10.75 -24.72
C TYR F 105 -1.83 -10.71 -23.20
N ASN F 106 -2.83 -11.35 -22.59
CA ASN F 106 -2.91 -11.44 -21.15
C ASN F 106 -1.71 -12.21 -20.60
N THR F 107 -1.18 -11.77 -19.46
CA THR F 107 -0.04 -12.44 -18.85
C THR F 107 -0.39 -13.88 -18.50
N ASN F 108 -1.63 -14.09 -18.06
CA ASN F 108 -2.14 -15.44 -17.79
C ASN F 108 -2.06 -16.32 -19.01
N GLU F 109 -2.47 -15.78 -20.15
CA GLU F 109 -2.51 -16.53 -21.40
C GLU F 109 -1.11 -16.87 -21.88
N LEU F 110 -0.16 -15.98 -21.64
CA LEU F 110 1.24 -16.22 -22.00
C LEU F 110 1.87 -17.25 -21.07
N LYS F 111 1.44 -17.25 -19.81
CA LYS F 111 1.90 -18.23 -18.84
C LYS F 111 1.37 -19.62 -19.19
N GLU F 112 0.13 -19.67 -19.64
CA GLU F 112 -0.52 -20.93 -19.99
C GLU F 112 0.17 -21.60 -21.18
N VAL F 113 0.50 -20.80 -22.19
CA VAL F 113 1.21 -21.31 -23.35
C VAL F 113 2.62 -21.75 -22.94
N SER F 114 3.24 -21.00 -22.05
CA SER F 114 4.56 -21.35 -21.53
C SER F 114 4.55 -22.72 -20.87
N SER F 115 3.51 -22.97 -20.07
CA SER F 115 3.36 -24.26 -19.38
C SER F 115 3.14 -25.38 -20.40
N PHE F 116 2.34 -25.09 -21.41
CA PHE F 116 2.04 -26.05 -22.47
C PHE F 116 3.29 -26.37 -23.28
N LEU F 117 4.15 -25.37 -23.45
CA LEU F 117 5.40 -25.55 -24.18
C LEU F 117 6.44 -26.30 -23.36
N MET F 118 6.44 -26.08 -22.05
CA MET F 118 7.34 -26.78 -21.14
C MET F 118 7.10 -28.28 -21.17
N GLY F 119 5.82 -28.66 -21.18
CA GLY F 119 5.45 -30.06 -21.23
C GLY F 119 5.92 -30.73 -22.50
N ILE F 120 5.86 -29.98 -23.60
CA ILE F 120 6.26 -30.50 -24.90
C ILE F 120 7.76 -30.79 -24.98
N PHE F 121 8.57 -29.80 -24.61
CA PHE F 121 10.02 -29.94 -24.73
C PHE F 121 10.66 -30.72 -23.59
N ASN F 122 9.88 -31.05 -22.57
CA ASN F 122 10.33 -31.96 -21.54
C ASN F 122 10.19 -33.41 -22.01
N SER F 123 9.62 -33.56 -23.21
CA SER F 123 9.46 -34.86 -23.83
C SER F 123 10.43 -35.02 -24.99
N VAL F 124 11.09 -33.92 -25.34
CA VAL F 124 11.98 -33.90 -26.50
C VAL F 124 13.44 -33.67 -26.11
N VAL F 125 13.68 -32.73 -25.21
CA VAL F 125 15.05 -32.40 -24.79
C VAL F 125 15.65 -33.53 -23.96
N ASN F 126 16.82 -34.01 -24.39
CA ASN F 126 17.54 -35.05 -23.66
C ASN F 126 18.15 -34.49 -22.37
N LEU F 127 17.31 -34.35 -21.35
CA LEU F 127 17.70 -33.72 -20.10
C LEU F 127 18.81 -34.47 -19.36
N SER F 128 18.95 -35.76 -19.64
CA SER F 128 19.93 -36.60 -18.96
C SER F 128 21.36 -36.15 -19.20
N ARG F 129 21.57 -35.38 -20.27
CA ARG F 129 22.91 -34.98 -20.67
C ARG F 129 23.35 -33.68 -19.99
N TYR F 130 22.47 -33.10 -19.18
CA TYR F 130 22.77 -31.82 -18.54
C TYR F 130 22.45 -31.78 -17.05
N PRO F 131 23.26 -32.48 -16.23
CA PRO F 131 23.05 -32.49 -14.78
C PRO F 131 23.29 -31.12 -14.15
N LYS F 132 22.55 -30.81 -13.09
CA LYS F 132 22.58 -29.51 -12.41
C LYS F 132 22.74 -28.30 -13.33
N SER F 133 22.01 -28.32 -14.44
CA SER F 133 22.08 -27.25 -15.42
C SER F 133 20.70 -26.68 -15.73
N GLY F 134 20.66 -25.46 -16.22
CA GLY F 134 19.42 -24.80 -16.56
C GLY F 134 19.39 -24.35 -18.01
N ILE F 135 18.29 -24.67 -18.70
CA ILE F 135 18.11 -24.24 -20.08
C ILE F 135 16.93 -23.30 -20.16
N ASP F 136 17.22 -22.00 -20.19
CA ASP F 136 16.18 -20.99 -20.20
C ASP F 136 15.85 -20.53 -21.62
N ILE F 137 14.63 -20.81 -22.06
CA ILE F 137 14.21 -20.51 -23.42
C ILE F 137 13.26 -19.31 -23.45
N PHE F 138 13.64 -18.28 -24.19
CA PHE F 138 12.82 -17.09 -24.31
C PHE F 138 12.22 -17.00 -25.70
N VAL F 139 10.92 -16.69 -25.77
CA VAL F 139 10.27 -16.49 -27.06
C VAL F 139 9.63 -15.10 -27.09
N TYR F 140 10.17 -14.24 -27.94
CA TYR F 140 9.67 -12.87 -28.05
C TYR F 140 8.63 -12.76 -29.16
N LEU F 141 7.39 -12.47 -28.77
CA LEU F 141 6.31 -12.27 -29.75
C LEU F 141 6.43 -10.89 -30.38
N THR F 142 7.58 -10.63 -31.00
CA THR F 142 7.95 -9.30 -31.49
C THR F 142 6.86 -8.58 -32.28
N TYR F 143 6.49 -9.13 -33.43
CA TYR F 143 5.52 -8.48 -34.30
C TYR F 143 4.39 -9.41 -34.70
N ASP F 144 3.23 -9.20 -34.11
CA ASP F 144 2.04 -9.99 -34.43
C ASP F 144 0.94 -9.07 -34.95
N LYS F 145 0.81 -8.99 -36.27
CA LYS F 145 -0.16 -8.09 -36.89
C LYS F 145 -1.49 -8.78 -37.15
N ASP F 146 -2.58 -8.14 -36.75
CA ASP F 146 -3.92 -8.65 -37.01
C ASP F 146 -4.63 -7.80 -38.05
N LEU F 147 -4.77 -8.34 -39.25
CA LEU F 147 -5.20 -7.56 -40.37
C LEU F 147 -6.63 -7.83 -40.83
N THR F 148 -7.42 -8.33 -39.90
CA THR F 148 -8.81 -8.63 -40.17
C THR F 148 -9.59 -7.34 -40.29
N ASN F 149 -8.88 -6.27 -40.63
CA ASN F 149 -9.53 -5.01 -40.91
C ASN F 149 -10.82 -4.84 -40.12
N SER F 163 -9.55 -16.02 -28.46
CA SER F 163 -8.22 -16.57 -28.23
C SER F 163 -7.44 -16.68 -29.53
N GLN F 164 -6.73 -15.60 -29.88
CA GLN F 164 -5.93 -15.59 -31.10
C GLN F 164 -4.58 -16.26 -30.85
N ILE F 165 -4.30 -16.57 -29.59
CA ILE F 165 -3.00 -17.13 -29.20
C ILE F 165 -2.80 -18.54 -29.73
N SER F 166 -3.90 -19.20 -30.13
CA SER F 166 -3.84 -20.58 -30.58
C SER F 166 -3.12 -20.71 -31.93
N SER F 167 -3.18 -19.67 -32.74
CA SER F 167 -2.57 -19.69 -34.06
C SER F 167 -1.07 -19.38 -34.01
N LEU F 168 -0.61 -18.90 -32.86
CA LEU F 168 0.80 -18.56 -32.68
C LEU F 168 1.59 -19.73 -32.11
N ILE F 169 0.89 -20.65 -31.45
CA ILE F 169 1.53 -21.79 -30.78
C ILE F 169 2.42 -22.68 -31.68
N PRO F 170 1.93 -23.07 -32.88
CA PRO F 170 2.79 -23.90 -33.73
C PRO F 170 4.08 -23.19 -34.14
N HIS F 171 4.01 -21.87 -34.29
CA HIS F 171 5.18 -21.09 -34.68
C HIS F 171 6.18 -20.97 -33.54
N CYS F 172 5.67 -20.98 -32.31
CA CYS F 172 6.53 -20.95 -31.13
C CYS F 172 7.34 -22.23 -31.03
N ILE F 173 6.67 -23.37 -31.17
CA ILE F 173 7.32 -24.67 -31.12
C ILE F 173 8.39 -24.78 -32.19
N THR F 174 8.11 -24.23 -33.37
CA THR F 174 9.06 -24.22 -34.46
C THR F 174 10.30 -23.39 -34.10
N SER F 175 10.08 -22.24 -33.48
CA SER F 175 11.18 -21.36 -33.09
C SER F 175 12.04 -21.98 -31.98
N ILE F 176 11.39 -22.56 -30.98
CA ILE F 176 12.09 -23.19 -29.87
C ILE F 176 12.90 -24.40 -30.33
N THR F 177 12.32 -25.19 -31.23
CA THR F 177 13.01 -26.35 -31.78
C THR F 177 14.24 -25.92 -32.58
N LEU F 178 14.09 -24.88 -33.39
CA LEU F 178 15.20 -24.35 -34.17
C LEU F 178 16.29 -23.79 -33.26
N ALA F 179 15.88 -23.05 -32.23
CA ALA F 179 16.81 -22.43 -31.30
C ALA F 179 17.60 -23.45 -30.50
N LEU F 180 16.91 -24.48 -30.01
CA LEU F 180 17.55 -25.55 -29.26
C LEU F 180 18.56 -26.30 -30.11
N ALA F 181 18.17 -26.61 -31.35
CA ALA F 181 19.05 -27.29 -32.28
C ALA F 181 20.24 -26.40 -32.65
N ASP F 182 19.98 -25.10 -32.73
CA ASP F 182 21.03 -24.14 -33.03
C ASP F 182 21.97 -23.96 -31.83
N ALA F 183 21.44 -24.18 -30.65
CA ALA F 183 22.21 -24.05 -29.41
C ALA F 183 23.10 -25.27 -29.22
N GLY F 184 22.69 -26.41 -29.76
CA GLY F 184 23.43 -27.64 -29.61
C GLY F 184 22.85 -28.51 -28.50
N ILE F 185 21.61 -28.22 -28.12
CA ILE F 185 20.91 -29.01 -27.11
C ILE F 185 20.31 -30.26 -27.75
N GLU F 186 20.60 -31.42 -27.16
CA GLU F 186 20.16 -32.68 -27.71
C GLU F 186 18.64 -32.83 -27.72
N LEU F 187 18.11 -33.24 -28.87
CA LEU F 187 16.68 -33.47 -29.02
C LEU F 187 16.41 -34.88 -29.50
N VAL F 188 15.40 -35.52 -28.92
CA VAL F 188 15.01 -36.87 -29.33
C VAL F 188 14.51 -36.87 -30.77
N ASP F 189 13.75 -35.83 -31.12
CA ASP F 189 13.21 -35.70 -32.48
C ASP F 189 12.79 -34.25 -32.75
N MET F 190 12.72 -33.89 -34.02
CA MET F 190 12.28 -32.55 -34.41
C MET F 190 10.81 -32.34 -34.09
N ALA F 191 10.54 -31.64 -32.99
CA ALA F 191 9.16 -31.38 -32.58
C ALA F 191 8.53 -30.25 -33.38
N GLY F 192 7.41 -30.54 -34.03
CA GLY F 192 6.66 -29.56 -34.77
C GLY F 192 5.19 -29.65 -34.42
N ALA F 193 4.37 -28.76 -34.98
CA ALA F 193 2.95 -28.76 -34.66
C ALA F 193 2.09 -28.19 -35.79
N GLY F 194 0.78 -28.16 -35.55
CA GLY F 194 -0.17 -27.60 -36.49
C GLY F 194 -1.39 -27.05 -35.77
N GLU F 195 -2.15 -26.21 -36.47
CA GLU F 195 -3.36 -25.64 -35.88
C GLU F 195 -4.53 -25.76 -36.84
N ALA F 196 -5.69 -26.17 -36.32
CA ALA F 196 -6.89 -26.32 -37.13
C ALA F 196 -8.15 -26.10 -36.28
N ASN F 197 -8.83 -24.98 -36.55
CA ASN F 197 -10.07 -24.63 -35.86
C ASN F 197 -9.91 -24.58 -34.33
N GLY F 198 -8.92 -23.84 -33.87
CA GLY F 198 -8.68 -23.66 -32.45
C GLY F 198 -8.05 -24.86 -31.77
N THR F 199 -7.74 -25.90 -32.54
CA THR F 199 -7.11 -27.09 -32.00
C THR F 199 -5.64 -27.16 -32.41
N VAL F 200 -4.76 -27.26 -31.42
CA VAL F 200 -3.33 -27.35 -31.68
C VAL F 200 -2.76 -28.65 -31.13
N VAL F 201 -2.05 -29.38 -31.98
CA VAL F 201 -1.44 -30.65 -31.57
C VAL F 201 -0.03 -30.80 -32.14
N SER F 202 0.93 -31.06 -31.25
CA SER F 202 2.33 -31.17 -31.64
C SER F 202 2.75 -32.63 -31.78
N PHE F 203 3.46 -32.94 -32.86
CA PHE F 203 3.85 -34.31 -33.16
C PHE F 203 5.37 -34.52 -33.12
N ILE F 204 5.77 -35.78 -32.90
CA ILE F 204 7.13 -36.22 -33.14
C ILE F 204 7.07 -37.59 -33.81
N LYS F 205 8.24 -38.14 -34.15
CA LYS F 205 8.34 -39.47 -34.75
C LYS F 205 7.46 -39.62 -36.00
N ASN F 206 7.69 -38.75 -36.97
CA ASN F 206 6.93 -38.77 -38.23
C ASN F 206 5.41 -38.69 -38.05
N GLY F 207 4.98 -38.07 -36.96
CA GLY F 207 3.57 -37.87 -36.70
C GLY F 207 2.89 -39.08 -36.07
N GLU F 208 3.68 -40.07 -35.69
CA GLU F 208 3.14 -41.29 -35.08
C GLU F 208 2.59 -41.01 -33.68
N GLU F 209 3.29 -40.17 -32.93
CA GLU F 209 2.89 -39.89 -31.55
C GLU F 209 2.70 -38.39 -31.28
N ILE F 210 2.09 -38.08 -30.15
CA ILE F 210 1.75 -36.71 -29.81
C ILE F 210 2.45 -36.25 -28.53
N VAL F 211 3.09 -35.09 -28.59
CA VAL F 211 3.80 -34.54 -27.44
C VAL F 211 3.03 -33.40 -26.77
N GLY F 212 1.87 -33.05 -27.33
CA GLY F 212 1.05 -32.00 -26.76
C GLY F 212 -0.26 -31.81 -27.50
N PHE F 213 -1.34 -31.60 -26.76
CA PHE F 213 -2.66 -31.38 -27.35
C PHE F 213 -3.35 -30.16 -26.74
N TRP F 214 -3.79 -29.25 -27.61
CA TRP F 214 -4.40 -28.00 -27.18
C TRP F 214 -5.70 -27.78 -27.95
N LYS F 215 -6.77 -27.43 -27.24
CA LYS F 215 -8.05 -27.17 -27.89
C LYS F 215 -8.88 -26.09 -27.20
N ASP F 216 -9.12 -25.00 -27.93
CA ASP F 216 -10.04 -23.96 -27.49
C ASP F 216 -11.13 -23.76 -28.54
N ASP F 217 -12.34 -23.45 -28.07
CA ASP F 217 -13.49 -23.22 -28.95
C ASP F 217 -13.73 -24.42 -29.88
N GLY F 218 -13.64 -24.18 -31.19
CA GLY F 218 -13.81 -25.22 -32.17
C GLY F 218 -15.20 -25.81 -32.20
N ASP F 219 -15.33 -27.00 -32.79
CA ASP F 219 -16.63 -27.66 -32.90
C ASP F 219 -16.62 -29.00 -32.16
N ASP F 220 -17.68 -29.78 -32.36
CA ASP F 220 -17.82 -31.07 -31.70
C ASP F 220 -17.49 -32.22 -32.65
N GLU F 221 -16.84 -33.25 -32.11
CA GLU F 221 -16.48 -34.45 -32.86
C GLU F 221 -15.66 -34.13 -34.11
N ASP F 222 -14.73 -33.19 -33.98
CA ASP F 222 -13.88 -32.79 -35.10
C ASP F 222 -12.43 -33.14 -34.84
N LEU F 223 -12.21 -34.09 -33.92
CA LEU F 223 -10.86 -34.48 -33.53
C LEU F 223 -10.05 -35.09 -34.67
N LEU F 224 -10.66 -36.00 -35.40
CA LEU F 224 -9.97 -36.71 -36.48
C LEU F 224 -9.55 -35.78 -37.62
N GLU F 225 -10.40 -34.80 -37.92
CA GLU F 225 -10.11 -33.85 -39.00
C GLU F 225 -8.97 -32.92 -38.60
N CYS F 226 -8.95 -32.51 -37.34
CA CYS F 226 -7.91 -31.62 -36.83
C CYS F 226 -6.55 -32.30 -36.81
N LEU F 227 -6.52 -33.57 -36.40
CA LEU F 227 -5.29 -34.34 -36.33
C LEU F 227 -4.62 -34.46 -37.70
N ASP F 228 -5.44 -34.68 -38.73
CA ASP F 228 -4.93 -34.82 -40.09
C ASP F 228 -4.39 -33.49 -40.63
N ARG F 229 -5.15 -32.42 -40.41
CA ARG F 229 -4.75 -31.10 -40.89
C ARG F 229 -3.50 -30.59 -40.19
N CYS F 230 -3.39 -30.87 -38.90
CA CYS F 230 -2.23 -30.43 -38.12
C CYS F 230 -0.99 -31.24 -38.46
N LYS F 231 -1.17 -32.52 -38.75
CA LYS F 231 -0.06 -33.39 -39.12
C LYS F 231 0.52 -32.95 -40.47
N GLU F 232 -0.33 -32.41 -41.33
CA GLU F 232 0.13 -31.86 -42.61
C GLU F 232 0.99 -30.63 -42.40
N GLN F 233 0.58 -29.79 -41.45
CA GLN F 233 1.36 -28.60 -41.10
C GLN F 233 2.63 -29.01 -40.39
N TYR F 234 2.52 -30.00 -39.52
CA TYR F 234 3.66 -30.54 -38.78
C TYR F 234 4.73 -31.05 -39.73
N ASN F 235 4.30 -31.79 -40.76
CA ASN F 235 5.22 -32.33 -41.74
C ASN F 235 5.92 -31.25 -42.56
N ARG F 236 5.15 -30.22 -42.94
CA ARG F 236 5.71 -29.13 -43.73
C ARG F 236 6.71 -28.33 -42.90
N TYR F 237 6.34 -28.04 -41.66
CA TYR F 237 7.20 -27.27 -40.77
C TYR F 237 8.50 -28.03 -40.47
N ARG F 238 8.39 -29.35 -40.29
CA ARG F 238 9.55 -30.17 -39.98
C ARG F 238 10.53 -30.19 -41.15
N ASP F 239 10.01 -30.27 -42.36
CA ASP F 239 10.84 -30.28 -43.55
C ASP F 239 11.61 -28.97 -43.72
N LEU F 240 10.91 -27.86 -43.51
CA LEU F 240 11.52 -26.53 -43.63
C LEU F 240 12.54 -26.29 -42.53
N MET F 241 12.27 -26.84 -41.34
CA MET F 241 13.19 -26.72 -40.21
C MET F 241 14.50 -27.47 -40.48
N ILE F 242 14.39 -28.72 -40.93
CA ILE F 242 15.55 -29.52 -41.26
C ILE F 242 16.33 -28.85 -42.41
N SER F 243 15.59 -28.32 -43.38
CA SER F 243 16.20 -27.63 -44.51
C SER F 243 16.96 -26.39 -44.03
N CYS F 244 16.46 -25.76 -42.97
CA CYS F 244 17.09 -24.56 -42.43
C CYS F 244 18.31 -24.91 -41.58
N LEU F 245 18.21 -25.98 -40.80
CA LEU F 245 19.29 -26.40 -39.93
C LEU F 245 20.47 -26.95 -40.71
N MET F 246 20.21 -27.43 -41.93
CA MET F 246 21.25 -28.02 -42.76
C MET F 246 21.90 -27.02 -43.70
N ASN F 247 21.13 -26.55 -44.68
CA ASN F 247 21.64 -25.68 -45.73
C ASN F 247 22.21 -24.35 -45.23
N GLN F 248 21.47 -23.69 -44.34
CA GLN F 248 21.90 -22.41 -43.80
C GLN F 248 23.16 -22.55 -42.96
N MET G 3 49.51 23.92 14.46
CA MET G 3 50.11 23.91 13.14
C MET G 3 50.93 22.64 12.92
N SER G 4 50.65 21.95 11.81
CA SER G 4 51.37 20.72 11.49
C SER G 4 51.65 20.62 9.99
N THR G 5 52.46 19.64 9.62
CA THR G 5 52.83 19.44 8.22
C THR G 5 51.91 18.44 7.54
N PHE G 6 50.84 18.96 6.95
CA PHE G 6 49.81 18.12 6.33
C PHE G 6 50.21 17.62 4.95
N ILE G 7 49.79 16.39 4.63
CA ILE G 7 50.03 15.83 3.31
C ILE G 7 48.73 15.28 2.72
N PHE G 8 48.61 15.34 1.40
CA PHE G 8 47.41 14.92 0.71
C PHE G 8 47.73 13.83 -0.32
N PRO G 9 46.74 13.01 -0.69
CA PRO G 9 46.97 11.96 -1.69
C PRO G 9 47.38 12.55 -3.04
N GLY G 10 48.33 11.90 -3.70
CA GLY G 10 48.80 12.36 -5.00
C GLY G 10 49.99 13.30 -4.90
N ASP G 11 50.23 13.84 -3.71
CA ASP G 11 51.35 14.75 -3.48
C ASP G 11 52.69 14.03 -3.62
N SER G 12 53.74 14.79 -3.91
CA SER G 12 55.06 14.21 -4.08
C SER G 12 55.61 13.73 -2.74
N PHE G 13 56.23 12.55 -2.75
CA PHE G 13 56.81 11.99 -1.53
C PHE G 13 58.19 12.58 -1.26
N PRO G 14 58.34 13.27 -0.12
CA PRO G 14 59.55 13.99 0.27
C PRO G 14 60.82 13.16 0.23
N VAL G 15 60.79 11.98 0.83
CA VAL G 15 61.98 11.14 0.93
C VAL G 15 62.49 10.69 -0.44
N ASP G 16 63.80 10.63 -0.58
CA ASP G 16 64.44 10.22 -1.83
C ASP G 16 64.61 8.71 -1.90
N PRO G 17 64.50 8.14 -3.13
CA PRO G 17 64.64 6.70 -3.36
C PRO G 17 66.02 6.15 -2.98
N THR G 18 67.01 7.03 -2.85
CA THR G 18 68.36 6.62 -2.50
C THR G 18 68.45 6.15 -1.05
N THR G 19 67.43 6.50 -0.27
CA THR G 19 67.37 6.10 1.14
C THR G 19 66.39 4.96 1.34
N PRO G 20 66.86 3.87 1.98
CA PRO G 20 65.99 2.72 2.27
C PRO G 20 64.89 3.10 3.26
N VAL G 21 63.64 2.95 2.84
CA VAL G 21 62.50 3.37 3.66
C VAL G 21 61.48 2.24 3.85
N LYS G 22 61.16 1.96 5.10
CA LYS G 22 60.10 1.01 5.43
C LYS G 22 58.76 1.75 5.41
N LEU G 23 57.84 1.27 4.59
CA LEU G 23 56.56 1.96 4.41
C LEU G 23 55.51 1.49 5.41
N GLY G 24 54.89 2.45 6.10
CA GLY G 24 53.83 2.16 7.05
C GLY G 24 52.47 2.57 6.51
N PRO G 25 51.50 2.79 7.41
CA PRO G 25 50.15 3.20 7.05
C PRO G 25 50.13 4.52 6.28
N GLY G 26 49.25 4.62 5.29
CA GLY G 26 49.10 5.85 4.52
C GLY G 26 49.95 5.87 3.27
N ILE G 27 51.09 5.22 3.31
CA ILE G 27 52.02 5.20 2.18
C ILE G 27 51.77 3.97 1.31
N TYR G 28 51.75 4.17 0.00
CA TYR G 28 51.44 3.10 -0.94
C TYR G 28 52.52 2.96 -2.02
N CYS G 29 52.93 1.72 -2.27
CA CYS G 29 53.89 1.44 -3.33
C CYS G 29 53.18 0.82 -4.53
N ASP G 30 53.07 1.57 -5.61
CA ASP G 30 52.35 1.12 -6.80
C ASP G 30 53.01 -0.10 -7.43
N PRO G 31 52.27 -1.21 -7.52
CA PRO G 31 52.77 -2.48 -8.07
C PRO G 31 53.13 -2.39 -9.54
N ASN G 32 52.58 -1.39 -10.24
CA ASN G 32 52.79 -1.27 -11.67
C ASN G 32 53.93 -0.32 -12.03
N THR G 33 53.92 0.87 -11.43
CA THR G 33 54.91 1.90 -11.75
C THR G 33 56.04 1.97 -10.71
N GLN G 34 55.93 1.15 -9.68
CA GLN G 34 56.96 1.05 -8.64
C GLN G 34 57.21 2.35 -7.85
N GLU G 35 56.38 3.36 -8.08
CA GLU G 35 56.53 4.63 -7.39
C GLU G 35 55.90 4.59 -6.00
N ILE G 36 56.51 5.31 -5.06
CA ILE G 36 55.98 5.41 -3.71
C ILE G 36 55.18 6.70 -3.56
N ARG G 37 53.91 6.57 -3.22
CA ARG G 37 53.03 7.74 -3.14
C ARG G 37 52.05 7.64 -1.97
N PRO G 38 51.75 8.78 -1.34
CA PRO G 38 50.79 8.84 -0.24
C PRO G 38 49.34 8.70 -0.72
N VAL G 39 48.54 7.92 0.00
CA VAL G 39 47.15 7.72 -0.38
C VAL G 39 46.18 8.17 0.71
N ASN G 40 46.73 8.58 1.85
CA ASN G 40 45.91 9.07 2.95
C ASN G 40 46.21 10.52 3.29
N THR G 41 45.26 11.16 3.98
CA THR G 41 45.37 12.59 4.30
C THR G 41 45.65 12.80 5.79
N GLY G 42 46.78 13.44 6.09
CA GLY G 42 47.13 13.73 7.47
C GLY G 42 48.56 14.21 7.64
N VAL G 43 49.15 13.85 8.78
CA VAL G 43 50.51 14.28 9.11
C VAL G 43 51.52 13.20 8.76
N LEU G 44 52.53 13.57 7.98
CA LEU G 44 53.60 12.64 7.62
C LEU G 44 54.64 12.54 8.74
N HIS G 45 54.92 11.31 9.17
CA HIS G 45 55.92 11.08 10.20
C HIS G 45 57.06 10.22 9.64
N VAL G 46 58.28 10.76 9.70
CA VAL G 46 59.45 10.04 9.25
C VAL G 46 60.43 9.82 10.40
N SER G 47 60.78 8.57 10.65
CA SER G 47 61.70 8.22 11.73
C SER G 47 63.11 8.73 11.42
N ALA G 48 63.83 9.11 12.47
CA ALA G 48 65.17 9.65 12.33
C ALA G 48 66.16 8.60 11.81
N LYS G 49 67.20 9.07 11.13
CA LYS G 49 68.22 8.18 10.58
C LYS G 49 69.07 7.58 11.69
N GLY G 50 69.68 6.42 11.40
CA GLY G 50 70.49 5.73 12.39
C GLY G 50 69.74 4.56 12.99
N LYS G 51 68.45 4.47 12.70
CA LYS G 51 67.62 3.38 13.21
C LYS G 51 67.91 2.09 12.44
N SER G 52 69.09 1.52 12.68
CA SER G 52 69.54 0.30 12.01
C SER G 52 69.59 0.45 10.49
N GLY G 53 69.81 1.68 10.03
CA GLY G 53 69.94 1.95 8.61
C GLY G 53 68.61 1.96 7.86
N VAL G 54 67.51 1.82 8.59
CA VAL G 54 66.19 1.79 7.98
C VAL G 54 65.27 2.84 8.59
N GLN G 55 64.78 3.75 7.74
CA GLN G 55 63.84 4.78 8.18
C GLN G 55 62.39 4.37 7.92
N THR G 56 61.54 4.54 8.93
CA THR G 56 60.14 4.18 8.81
C THR G 56 59.28 5.43 8.59
N ALA G 57 58.58 5.46 7.46
CA ALA G 57 57.72 6.59 7.12
C ALA G 57 56.26 6.16 7.01
N TYR G 58 55.37 6.93 7.64
CA TYR G 58 53.95 6.64 7.59
C TYR G 58 53.14 7.93 7.73
N ILE G 59 51.83 7.83 7.54
CA ILE G 59 50.96 8.99 7.68
C ILE G 59 49.91 8.76 8.76
N ASP G 60 49.87 9.65 9.75
CA ASP G 60 48.83 9.60 10.76
C ASP G 60 47.56 10.26 10.22
N TYR G 61 46.56 9.45 9.91
CA TYR G 61 45.31 9.97 9.36
C TYR G 61 44.11 9.59 10.24
N SER G 62 43.09 10.42 10.21
CA SER G 62 41.89 10.19 11.00
C SER G 62 41.05 9.06 10.40
N SER G 63 40.66 8.11 11.25
CA SER G 63 39.85 6.99 10.81
C SER G 63 39.15 6.32 11.99
N LYS G 64 38.05 5.63 11.71
CA LYS G 64 37.32 4.90 12.75
C LYS G 64 36.98 3.47 12.32
N ARG G 65 37.23 3.17 11.05
CA ARG G 65 37.01 1.82 10.54
C ARG G 65 38.31 1.02 10.61
N TYR G 66 38.34 0.03 11.50
CA TYR G 66 39.56 -0.74 11.73
C TYR G 66 39.87 -1.74 10.63
N ILE G 67 41.15 -1.85 10.29
CA ILE G 67 41.63 -2.82 9.33
C ILE G 67 42.72 -3.67 9.99
N PRO G 68 42.47 -4.98 10.13
CA PRO G 68 43.33 -5.90 10.88
C PRO G 68 44.78 -5.89 10.42
N SER G 69 45.70 -5.70 11.36
CA SER G 69 47.12 -5.80 11.08
C SER G 69 47.79 -6.67 12.13
N VAL G 70 48.83 -7.41 11.71
CA VAL G 70 49.52 -8.34 12.60
C VAL G 70 50.10 -7.63 13.83
N ASN G 71 50.15 -8.34 14.95
CA ASN G 71 50.64 -7.82 16.22
C ASN G 71 49.83 -6.66 16.78
N ASP G 72 48.51 -6.77 16.73
CA ASP G 72 47.62 -5.76 17.29
C ASP G 72 46.76 -6.33 18.41
N PHE G 73 46.69 -5.61 19.52
CA PHE G 73 45.81 -6.01 20.62
C PHE G 73 44.41 -5.44 20.39
N VAL G 74 43.44 -6.33 20.26
CA VAL G 74 42.08 -5.93 19.91
C VAL G 74 41.05 -6.52 20.88
N ILE G 75 39.89 -5.88 20.93
CA ILE G 75 38.77 -6.37 21.74
C ILE G 75 37.65 -6.87 20.83
N GLY G 76 37.46 -8.19 20.80
CA GLY G 76 36.44 -8.77 19.95
C GLY G 76 35.27 -9.33 20.73
N VAL G 77 34.20 -9.66 20.02
CA VAL G 77 33.03 -10.28 20.63
C VAL G 77 32.66 -11.56 19.87
N ILE G 78 32.51 -12.65 20.61
CA ILE G 78 32.16 -13.94 20.02
C ILE G 78 30.74 -13.92 19.48
N ILE G 79 30.60 -14.14 18.17
CA ILE G 79 29.29 -14.08 17.53
C ILE G 79 28.92 -15.39 16.84
N GLY G 80 29.76 -16.40 16.99
CA GLY G 80 29.50 -17.69 16.36
C GLY G 80 30.52 -18.75 16.72
N THR G 81 30.13 -20.01 16.59
CA THR G 81 30.99 -21.13 16.90
C THR G 81 31.04 -22.13 15.75
N PHE G 82 32.16 -22.16 15.04
CA PHE G 82 32.35 -23.13 13.97
C PHE G 82 32.93 -24.44 14.49
N SER G 83 33.46 -25.24 13.57
CA SER G 83 33.98 -26.56 13.93
C SER G 83 35.29 -26.50 14.71
N ASP G 84 36.22 -25.67 14.25
CA ASP G 84 37.55 -25.62 14.86
C ASP G 84 37.92 -24.24 15.40
N SER G 85 37.03 -23.27 15.22
CA SER G 85 37.33 -21.90 15.65
C SER G 85 36.08 -21.11 16.02
N TYR G 86 36.29 -19.93 16.62
CA TYR G 86 35.21 -19.01 16.90
C TYR G 86 35.10 -17.98 15.79
N LYS G 87 33.87 -17.57 15.47
CA LYS G 87 33.66 -16.42 14.61
C LYS G 87 33.50 -15.20 15.50
N VAL G 88 34.42 -14.25 15.38
CA VAL G 88 34.44 -13.07 16.25
C VAL G 88 34.38 -11.77 15.47
N SER G 89 33.61 -10.82 15.97
CA SER G 89 33.50 -9.50 15.34
C SER G 89 34.36 -8.47 16.07
N LEU G 90 35.21 -7.77 15.32
CA LEU G 90 36.05 -6.74 15.89
C LEU G 90 35.38 -5.37 15.78
N GLN G 91 34.48 -5.24 14.80
CA GLN G 91 33.74 -4.01 14.59
C GLN G 91 32.48 -4.30 13.79
N ASN G 92 31.39 -3.59 14.11
CA ASN G 92 30.13 -3.78 13.41
C ASN G 92 30.25 -3.60 11.90
N PHE G 93 29.57 -4.48 11.17
CA PHE G 93 29.52 -4.47 9.70
C PHE G 93 30.84 -4.85 9.04
N SER G 94 31.88 -5.05 9.83
CA SER G 94 33.18 -5.46 9.30
C SER G 94 33.22 -6.97 9.06
N SER G 95 34.20 -7.40 8.28
CA SER G 95 34.38 -8.82 8.01
C SER G 95 34.81 -9.54 9.28
N SER G 96 34.21 -10.70 9.54
CA SER G 96 34.49 -11.46 10.75
C SER G 96 35.93 -11.96 10.81
N VAL G 97 36.40 -12.21 12.02
CA VAL G 97 37.74 -12.73 12.25
C VAL G 97 37.61 -14.11 12.89
N SER G 98 38.63 -14.96 12.74
CA SER G 98 38.58 -16.29 13.32
C SER G 98 39.49 -16.45 14.54
N LEU G 99 38.98 -17.13 15.55
CA LEU G 99 39.76 -17.42 16.76
C LEU G 99 39.76 -18.92 16.99
N SER G 100 40.89 -19.55 16.70
CA SER G 100 41.01 -21.01 16.78
C SER G 100 40.84 -21.54 18.20
N TYR G 101 40.29 -22.75 18.31
CA TYR G 101 40.13 -23.41 19.60
C TYR G 101 41.48 -23.81 20.18
N MET G 102 42.49 -23.88 19.33
CA MET G 102 43.84 -24.24 19.74
C MET G 102 44.67 -23.00 20.05
N ALA G 103 44.07 -21.82 19.90
CA ALA G 103 44.76 -20.56 20.16
C ALA G 103 44.53 -20.09 21.59
N PHE G 104 44.55 -21.04 22.52
CA PHE G 104 44.35 -20.75 23.94
C PHE G 104 45.42 -21.46 24.76
N PRO G 105 45.69 -20.97 25.97
CA PRO G 105 46.60 -21.68 26.88
C PRO G 105 46.00 -23.02 27.31
N ASN G 106 46.85 -24.03 27.45
CA ASN G 106 46.42 -25.38 27.82
C ASN G 106 45.37 -25.94 26.86
N ALA G 107 45.60 -25.76 25.56
CA ALA G 107 44.66 -26.22 24.55
C ALA G 107 44.83 -27.70 24.26
N SER G 108 43.76 -28.34 23.82
CA SER G 108 43.77 -29.76 23.47
C SER G 108 42.67 -30.06 22.47
N LYS G 109 42.88 -31.10 21.66
CA LYS G 109 41.91 -31.49 20.65
C LYS G 109 40.67 -32.14 21.28
N LYS G 110 40.79 -32.49 22.56
CA LYS G 110 39.70 -33.15 23.27
C LYS G 110 38.80 -32.15 23.98
N ASN G 111 39.40 -31.06 24.48
CA ASN G 111 38.65 -30.06 25.24
C ASN G 111 38.61 -28.69 24.60
N ARG G 112 37.42 -28.28 24.15
CA ARG G 112 37.23 -26.95 23.59
C ARG G 112 37.09 -25.91 24.71
N PRO G 113 37.47 -24.66 24.43
CA PRO G 113 37.31 -23.57 25.39
C PRO G 113 35.85 -23.35 25.79
N THR G 114 35.63 -22.73 26.94
CA THR G 114 34.28 -22.56 27.48
C THR G 114 33.64 -21.24 27.08
N LEU G 115 34.28 -20.53 26.16
CA LEU G 115 33.74 -19.25 25.69
C LEU G 115 32.43 -19.43 24.95
N GLN G 116 31.43 -18.64 25.35
CA GLN G 116 30.12 -18.69 24.71
C GLN G 116 29.92 -17.46 23.83
N VAL G 117 28.97 -17.54 22.91
CA VAL G 117 28.65 -16.42 22.02
C VAL G 117 28.13 -15.23 22.81
N GLY G 118 28.74 -14.07 22.60
CA GLY G 118 28.36 -12.87 23.31
C GLY G 118 29.44 -12.43 24.28
N ASP G 119 30.46 -13.26 24.44
CA ASP G 119 31.58 -12.95 25.34
C ASP G 119 32.56 -11.99 24.69
N LEU G 120 33.14 -11.11 25.49
CA LEU G 120 34.20 -10.23 25.02
C LEU G 120 35.55 -10.91 25.20
N VAL G 121 36.41 -10.79 24.21
CA VAL G 121 37.76 -11.35 24.30
C VAL G 121 38.82 -10.33 23.94
N TYR G 122 39.87 -10.27 24.76
CA TYR G 122 41.03 -9.45 24.47
C TYR G 122 42.05 -10.36 23.80
N ALA G 123 42.40 -10.07 22.56
CA ALA G 123 43.26 -10.97 21.79
C ALA G 123 44.30 -10.23 20.96
N ARG G 124 45.18 -11.00 20.33
CA ARG G 124 46.20 -10.44 19.45
C ARG G 124 46.02 -10.97 18.03
N VAL G 125 46.09 -10.06 17.06
CA VAL G 125 45.98 -10.46 15.65
C VAL G 125 47.25 -11.16 15.21
N CYS G 126 47.14 -12.43 14.83
CA CYS G 126 48.32 -13.22 14.46
C CYS G 126 48.58 -13.23 12.96
N THR G 127 47.53 -13.37 12.16
CA THR G 127 47.65 -13.26 10.70
C THR G 127 46.59 -12.32 10.16
N ALA G 128 47.00 -11.45 9.23
CA ALA G 128 46.08 -10.47 8.66
C ALA G 128 46.30 -10.30 7.16
N GLU G 129 46.08 -11.38 6.41
CA GLU G 129 46.20 -11.33 4.96
C GLU G 129 45.10 -10.44 4.38
N LYS G 130 45.47 -9.67 3.36
CA LYS G 130 44.57 -8.69 2.76
C LYS G 130 43.37 -9.34 2.07
N GLU G 131 43.62 -10.48 1.43
CA GLU G 131 42.60 -11.17 0.65
C GLU G 131 42.17 -12.47 1.32
N LEU G 132 42.10 -12.44 2.65
CA LEU G 132 41.79 -13.64 3.41
C LEU G 132 41.26 -13.25 4.79
N GLU G 133 40.45 -14.11 5.39
CA GLU G 133 39.92 -13.87 6.73
C GLU G 133 41.04 -13.77 7.74
N ALA G 134 41.09 -12.66 8.47
CA ALA G 134 42.12 -12.44 9.48
C ALA G 134 41.97 -13.41 10.64
N GLU G 135 43.04 -13.57 11.41
CA GLU G 135 43.02 -14.47 12.56
C GLU G 135 43.51 -13.79 13.83
N ILE G 136 42.89 -14.13 14.95
CA ILE G 136 43.36 -13.66 16.26
C ILE G 136 43.65 -14.84 17.17
N GLU G 137 44.44 -14.59 18.22
CA GLU G 137 44.81 -15.61 19.19
C GLU G 137 44.72 -15.07 20.60
N CYS G 138 44.41 -15.94 21.55
CA CYS G 138 44.31 -15.52 22.95
C CYS G 138 45.38 -16.15 23.82
N PHE G 139 46.61 -16.19 23.31
CA PHE G 139 47.75 -16.72 24.05
C PHE G 139 49.08 -16.32 23.42
N ASP G 140 50.17 -16.71 24.07
CA ASP G 140 51.51 -16.53 23.51
C ASP G 140 51.87 -17.77 22.71
N SER G 141 52.13 -17.59 21.43
CA SER G 141 52.39 -18.72 20.52
C SER G 141 53.64 -19.51 20.90
N THR G 142 54.60 -18.85 21.53
CA THR G 142 55.87 -19.50 21.88
C THR G 142 55.84 -20.12 23.28
N THR G 143 55.49 -19.32 24.28
CA THR G 143 55.48 -19.79 25.66
C THR G 143 54.28 -20.69 25.93
N GLY G 144 53.13 -20.31 25.40
CA GLY G 144 51.91 -21.10 25.60
C GLY G 144 51.02 -20.55 26.68
N ARG G 145 51.53 -19.60 27.46
CA ARG G 145 50.76 -18.98 28.53
C ARG G 145 49.76 -17.97 27.95
N ASP G 146 48.94 -17.40 28.83
CA ASP G 146 48.05 -16.32 28.44
C ASP G 146 48.71 -14.98 28.74
N ALA G 147 48.98 -14.20 27.69
CA ALA G 147 49.63 -12.91 27.85
C ALA G 147 48.60 -11.82 28.14
N GLY G 148 47.80 -12.04 29.19
CA GLY G 148 46.75 -11.10 29.56
C GLY G 148 45.54 -11.21 28.64
N PHE G 149 45.60 -12.15 27.71
CA PHE G 149 44.52 -12.37 26.76
C PHE G 149 43.41 -13.20 27.39
N GLY G 150 42.25 -13.19 26.76
CA GLY G 150 41.13 -13.99 27.23
C GLY G 150 39.86 -13.20 27.46
N ILE G 151 38.93 -13.82 28.17
CA ILE G 151 37.60 -13.24 28.39
C ILE G 151 37.66 -11.97 29.26
N LEU G 152 36.80 -11.01 28.91
CA LEU G 152 36.62 -9.82 29.73
C LEU G 152 35.26 -9.89 30.42
N GLU G 153 35.26 -10.34 31.67
CA GLU G 153 34.03 -10.53 32.43
C GLU G 153 33.36 -9.21 32.77
N ASP G 154 32.07 -9.10 32.45
CA ASP G 154 31.26 -7.93 32.78
C ASP G 154 31.84 -6.63 32.22
N GLY G 155 31.71 -5.56 32.99
CA GLY G 155 32.22 -4.26 32.59
C GLY G 155 31.37 -3.63 31.51
N MET G 156 31.88 -2.55 30.92
CA MET G 156 31.21 -1.87 29.83
C MET G 156 32.20 -1.57 28.71
N ILE G 157 31.77 -1.72 27.47
CA ILE G 157 32.63 -1.48 26.33
C ILE G 157 32.32 -0.12 25.69
N ILE G 158 33.34 0.55 25.17
CA ILE G 158 33.16 1.90 24.65
C ILE G 158 33.67 2.03 23.21
N ASP G 159 32.86 2.64 22.35
CA ASP G 159 33.27 2.94 20.99
C ASP G 159 34.15 4.19 20.97
N VAL G 160 35.20 4.14 20.16
CA VAL G 160 36.21 5.19 20.15
C VAL G 160 36.97 5.15 18.82
N ASN G 161 37.28 6.31 18.26
CA ASN G 161 37.99 6.37 16.99
C ASN G 161 39.42 5.82 17.12
N LEU G 162 39.93 5.24 16.04
CA LEU G 162 41.22 4.55 16.07
C LEU G 162 42.37 5.39 16.59
N ASN G 163 42.34 6.68 16.31
CA ASN G 163 43.38 7.59 16.79
C ASN G 163 43.38 7.72 18.30
N PHE G 164 42.18 7.88 18.87
CA PHE G 164 42.03 8.02 20.31
C PHE G 164 42.45 6.76 21.04
N ALA G 165 42.19 5.62 20.42
CA ALA G 165 42.54 4.33 21.01
C ALA G 165 44.04 4.08 20.93
N ARG G 166 44.65 4.48 19.82
CA ARG G 166 46.09 4.30 19.64
C ARG G 166 46.89 5.18 20.60
N GLN G 167 46.38 6.39 20.84
CA GLN G 167 47.02 7.29 21.79
C GLN G 167 46.87 6.78 23.22
N LEU G 168 45.76 6.10 23.49
CA LEU G 168 45.49 5.59 24.83
C LEU G 168 46.35 4.37 25.15
N LEU G 169 46.82 3.69 24.10
CA LEU G 169 47.54 2.43 24.27
C LEU G 169 49.05 2.62 24.24
N PHE G 170 49.53 3.54 23.39
CA PHE G 170 50.96 3.69 23.17
C PHE G 170 51.55 4.96 23.77
N ASN G 171 50.73 5.97 23.98
CA ASN G 171 51.20 7.25 24.52
C ASN G 171 51.02 7.33 26.03
N ASN G 172 52.13 7.50 26.74
CA ASN G 172 52.10 7.57 28.20
C ASN G 172 51.79 8.98 28.70
N ASP G 173 51.89 9.96 27.80
CA ASP G 173 51.60 11.34 28.17
C ASP G 173 50.10 11.64 28.11
N PHE G 174 49.31 10.68 27.67
CA PHE G 174 47.87 10.83 27.61
C PHE G 174 47.29 10.78 29.02
N PRO G 175 46.73 11.90 29.48
CA PRO G 175 46.31 12.08 30.88
C PRO G 175 45.04 11.32 31.26
N LEU G 176 44.36 10.73 30.28
CA LEU G 176 43.07 10.10 30.51
C LEU G 176 43.09 9.02 31.60
N LEU G 177 44.06 8.11 31.50
CA LEU G 177 44.17 7.03 32.48
C LEU G 177 44.54 7.57 33.86
N LYS G 178 45.26 8.69 33.87
CA LYS G 178 45.68 9.31 35.12
C LYS G 178 44.53 10.03 35.82
N VAL G 179 43.75 10.79 35.05
CA VAL G 179 42.65 11.55 35.62
C VAL G 179 41.50 10.66 36.08
N LEU G 180 41.44 9.44 35.54
CA LEU G 180 40.43 8.48 35.95
C LEU G 180 40.88 7.74 37.21
N ALA G 181 42.18 7.59 37.37
CA ALA G 181 42.75 6.95 38.54
C ALA G 181 42.66 7.87 39.76
N ALA G 182 42.53 9.17 39.49
CA ALA G 182 42.44 10.16 40.55
C ALA G 182 41.02 10.25 41.11
N HIS G 183 40.10 9.49 40.49
CA HIS G 183 38.71 9.50 40.93
C HIS G 183 38.25 8.14 41.47
N THR G 184 38.74 7.07 40.85
CA THR G 184 38.34 5.73 41.26
C THR G 184 39.31 4.65 40.80
N LYS G 185 39.22 3.48 41.43
CA LYS G 185 39.94 2.30 41.00
C LYS G 185 39.23 1.69 39.81
N PHE G 186 39.99 1.28 38.79
CA PHE G 186 39.40 0.67 37.60
C PHE G 186 40.41 -0.12 36.80
N GLU G 187 39.94 -1.18 36.14
CA GLU G 187 40.77 -1.92 35.21
C GLU G 187 40.29 -1.68 33.79
N VAL G 188 41.22 -1.61 32.84
CA VAL G 188 40.88 -1.23 31.48
C VAL G 188 41.60 -2.07 30.42
N ALA G 189 40.84 -2.53 29.43
CA ALA G 189 41.41 -3.20 28.26
C ALA G 189 41.31 -2.26 27.07
N ILE G 190 42.41 -2.13 26.32
CA ILE G 190 42.44 -1.21 25.19
C ILE G 190 42.68 -1.93 23.88
N GLY G 191 41.75 -1.77 22.94
CA GLY G 191 41.87 -2.40 21.64
C GLY G 191 42.18 -1.42 20.53
N LEU G 192 43.08 -1.81 19.64
CA LEU G 192 43.46 -0.96 18.50
C LEU G 192 42.35 -0.88 17.45
N ASN G 193 41.30 -1.68 17.65
CA ASN G 193 40.14 -1.64 16.77
C ASN G 193 39.10 -0.62 17.24
N GLY G 194 39.51 0.27 18.13
CA GLY G 194 38.65 1.32 18.62
C GLY G 194 37.64 0.88 19.66
N LYS G 195 38.05 -0.06 20.51
CA LYS G 195 37.19 -0.52 21.59
C LYS G 195 37.92 -0.37 22.94
N ILE G 196 37.21 0.16 23.94
CA ILE G 196 37.77 0.31 25.26
C ILE G 196 36.88 -0.34 26.31
N TRP G 197 37.42 -1.28 27.06
CA TRP G 197 36.68 -2.00 28.09
C TRP G 197 37.00 -1.43 29.47
N VAL G 198 35.96 -1.07 30.22
CA VAL G 198 36.13 -0.48 31.54
C VAL G 198 35.29 -1.22 32.58
N LYS G 199 35.89 -1.49 33.74
CA LYS G 199 35.18 -2.19 34.81
C LYS G 199 35.64 -1.75 36.19
N CYS G 200 34.68 -1.37 37.04
CA CYS G 200 34.97 -1.01 38.42
C CYS G 200 34.23 -1.95 39.37
N GLU G 201 34.36 -1.69 40.66
CA GLU G 201 33.67 -2.50 41.67
C GLU G 201 32.19 -2.15 41.69
N GLU G 202 31.87 -0.87 41.52
CA GLU G 202 30.49 -0.41 41.49
C GLU G 202 30.11 0.11 40.11
N LEU G 203 28.86 -0.05 39.74
CA LEU G 203 28.38 0.34 38.42
C LEU G 203 28.46 1.86 38.21
N SER G 204 28.19 2.61 39.27
CA SER G 204 28.18 4.07 39.18
C SER G 204 29.55 4.62 38.77
N ASN G 205 30.60 3.94 39.21
CA ASN G 205 31.96 4.34 38.85
C ASN G 205 32.31 3.97 37.41
N THR G 206 31.88 2.78 36.99
CA THR G 206 32.09 2.34 35.63
C THR G 206 31.32 3.25 34.67
N LEU G 207 30.10 3.61 35.06
CA LEU G 207 29.27 4.51 34.28
C LEU G 207 29.93 5.88 34.18
N ALA G 208 30.50 6.34 35.29
CA ALA G 208 31.18 7.63 35.31
C ALA G 208 32.41 7.61 34.39
N CYS G 209 33.11 6.48 34.37
CA CYS G 209 34.26 6.32 33.48
C CYS G 209 33.82 6.31 32.03
N TYR G 210 32.72 5.62 31.75
CA TYR G 210 32.16 5.55 30.41
C TYR G 210 31.86 6.95 29.89
N ARG G 211 31.17 7.74 30.70
CA ARG G 211 30.76 9.08 30.30
C ARG G 211 31.95 10.01 30.08
N THR G 212 33.00 9.84 30.89
CA THR G 212 34.21 10.66 30.74
C THR G 212 34.94 10.33 29.45
N ILE G 213 35.19 9.03 29.23
CA ILE G 213 35.90 8.59 28.03
C ILE G 213 35.15 8.99 26.76
N MET G 214 33.83 8.91 26.81
CA MET G 214 32.99 9.34 25.69
C MET G 214 33.18 10.81 25.37
N GLU G 215 33.09 11.66 26.40
CA GLU G 215 33.19 13.10 26.22
C GLU G 215 34.61 13.54 25.84
N CYS G 216 35.60 12.89 26.42
CA CYS G 216 37.00 13.20 26.14
C CYS G 216 37.36 12.83 24.69
N CYS G 217 36.75 11.75 24.21
CA CYS G 217 36.96 11.32 22.84
C CYS G 217 36.30 12.32 21.88
N GLN G 218 35.21 12.92 22.33
CA GLN G 218 34.45 13.86 21.50
C GLN G 218 35.16 15.21 21.37
N LYS G 219 35.66 15.73 22.50
CA LYS G 219 36.31 17.03 22.50
C LYS G 219 37.73 17.00 21.94
N ASN G 220 38.46 15.93 22.28
CA ASN G 220 39.85 15.78 21.88
C ASN G 220 40.74 16.95 22.33
N ASP G 221 40.37 17.54 23.46
CA ASP G 221 41.18 18.60 24.06
C ASP G 221 41.83 18.07 25.32
N THR G 222 43.12 17.72 25.22
CA THR G 222 43.87 17.12 26.31
C THR G 222 43.79 17.91 27.61
N ALA G 223 44.00 19.22 27.53
CA ALA G 223 43.94 20.08 28.70
C ALA G 223 42.50 20.38 29.11
N ALA G 224 41.70 19.34 29.27
CA ALA G 224 40.30 19.48 29.66
C ALA G 224 39.76 18.18 30.22
N PHE G 225 40.62 17.15 30.25
CA PHE G 225 40.22 15.83 30.73
C PHE G 225 39.92 15.86 32.23
N LYS G 226 40.75 16.59 32.98
CA LYS G 226 40.61 16.65 34.44
C LYS G 226 39.30 17.32 34.85
N ASP G 227 38.89 18.33 34.10
CA ASP G 227 37.67 19.06 34.40
C ASP G 227 36.44 18.25 34.04
N ILE G 228 36.51 17.53 32.93
CA ILE G 228 35.44 16.66 32.49
C ILE G 228 35.19 15.55 33.50
N ALA G 229 36.28 14.92 33.95
CA ALA G 229 36.20 13.88 34.97
C ALA G 229 35.65 14.44 36.27
N LYS G 230 36.00 15.70 36.56
CA LYS G 230 35.54 16.37 37.77
C LYS G 230 34.02 16.50 37.78
N ARG G 231 33.46 17.07 36.71
CA ARG G 231 32.02 17.30 36.63
C ARG G 231 31.23 16.01 36.47
N GLN G 232 31.86 14.99 35.89
CA GLN G 232 31.18 13.71 35.68
C GLN G 232 31.00 12.92 36.96
N PHE G 233 32.09 12.71 37.69
CA PHE G 233 32.03 11.99 38.96
C PHE G 233 31.21 12.76 39.98
N LYS G 234 31.14 14.07 39.82
CA LYS G 234 30.31 14.93 40.67
C LYS G 234 28.83 14.70 40.38
N GLU G 235 28.49 14.66 39.09
CA GLU G 235 27.11 14.54 38.65
C GLU G 235 26.48 13.22 39.05
N ILE G 236 27.31 12.18 39.16
CA ILE G 236 26.85 10.87 39.58
C ILE G 236 26.41 10.90 41.04
N LEU G 237 27.11 11.70 41.85
CA LEU G 237 26.83 11.80 43.27
C LEU G 237 25.45 12.40 43.58
N THR G 238 24.94 13.21 42.65
CA THR G 238 23.64 13.84 42.81
C THR G 238 22.51 12.81 42.75
N SER H 4 -22.98 -43.78 -5.66
CA SER H 4 -21.60 -43.96 -5.24
C SER H 4 -20.88 -45.01 -6.10
N GLU H 5 -21.35 -45.16 -7.33
CA GLU H 5 -20.77 -46.14 -8.25
C GLU H 5 -19.39 -45.71 -8.72
N VAL H 6 -19.20 -44.41 -8.87
CA VAL H 6 -17.93 -43.86 -9.34
C VAL H 6 -17.27 -42.98 -8.28
N ILE H 7 -18.04 -42.09 -7.67
CA ILE H 7 -17.51 -41.20 -6.65
C ILE H 7 -18.48 -41.02 -5.48
N THR H 8 -17.94 -41.04 -4.27
CA THR H 8 -18.74 -40.83 -3.07
C THR H 8 -18.59 -39.39 -2.58
N ILE H 9 -19.65 -38.60 -2.73
CA ILE H 9 -19.61 -37.20 -2.36
C ILE H 9 -20.57 -36.89 -1.21
N THR H 10 -20.00 -36.65 -0.03
CA THR H 10 -20.80 -36.30 1.14
C THR H 10 -21.05 -34.79 1.18
N LYS H 11 -22.31 -34.40 1.36
CA LYS H 11 -22.67 -32.99 1.32
C LYS H 11 -23.27 -32.46 2.62
N ARG H 12 -23.24 -31.14 2.76
CA ARG H 12 -23.67 -30.46 3.99
C ARG H 12 -23.91 -28.99 3.69
N ASN H 13 -24.98 -28.42 4.25
CA ASN H 13 -25.34 -27.04 3.96
C ASN H 13 -25.34 -26.13 5.18
N GLY H 14 -25.12 -24.84 4.95
CA GLY H 14 -25.24 -23.83 5.99
C GLY H 14 -24.16 -23.90 7.06
N ALA H 15 -23.13 -24.70 6.83
CA ALA H 15 -22.06 -24.86 7.80
C ALA H 15 -20.70 -25.00 7.13
N PHE H 16 -19.69 -24.39 7.74
CA PHE H 16 -18.33 -24.49 7.24
C PHE H 16 -17.79 -25.91 7.43
N GLN H 17 -18.23 -26.55 8.50
CA GLN H 17 -17.80 -27.90 8.82
C GLN H 17 -18.84 -28.62 9.66
N ASN H 18 -18.64 -29.92 9.89
CA ASN H 18 -19.53 -30.70 10.72
C ASN H 18 -19.35 -30.38 12.20
N SER H 19 -20.43 -29.97 12.85
CA SER H 19 -20.41 -29.66 14.28
C SER H 19 -21.80 -29.77 14.88
N SER H 52 -6.01 -42.90 39.57
CA SER H 52 -5.26 -42.99 38.32
C SER H 52 -5.90 -42.13 37.23
N ASP H 53 -6.59 -41.07 37.65
CA ASP H 53 -7.24 -40.16 36.71
C ASP H 53 -6.23 -39.21 36.07
N SER H 54 -6.31 -39.04 34.76
CA SER H 54 -5.43 -38.15 34.04
C SER H 54 -5.93 -36.71 34.11
N GLN H 55 -5.16 -35.85 34.75
CA GLN H 55 -5.53 -34.45 34.93
C GLN H 55 -5.19 -33.62 33.70
N ILE H 56 -6.21 -33.10 33.03
CA ILE H 56 -6.00 -32.25 31.86
C ILE H 56 -5.70 -30.81 32.28
N VAL H 57 -4.60 -30.26 31.78
CA VAL H 57 -4.25 -28.88 32.06
C VAL H 57 -3.98 -28.10 30.77
N THR H 58 -4.20 -26.79 30.85
CA THR H 58 -3.99 -25.89 29.72
C THR H 58 -2.84 -24.92 30.03
N PRO H 59 -2.27 -24.29 28.99
CA PRO H 59 -1.20 -23.31 29.22
C PRO H 59 -1.59 -22.21 30.21
N GLY H 60 -0.70 -21.93 31.17
CA GLY H 60 -0.95 -20.91 32.16
C GLY H 60 -1.58 -21.44 33.44
N GLU H 61 -2.07 -22.67 33.38
CA GLU H 61 -2.74 -23.27 34.54
C GLU H 61 -1.75 -23.71 35.61
N LEU H 62 -2.09 -23.45 36.86
CA LEU H 62 -1.26 -23.81 38.00
C LEU H 62 -1.38 -25.30 38.30
N VAL H 63 -0.26 -26.01 38.25
CA VAL H 63 -0.24 -27.45 38.48
C VAL H 63 -0.01 -27.78 39.95
N THR H 64 0.99 -27.15 40.55
CA THR H 64 1.32 -27.39 41.94
C THR H 64 2.04 -26.21 42.56
N ASP H 65 2.17 -26.23 43.89
CA ASP H 65 2.88 -25.17 44.61
C ASP H 65 3.92 -25.75 45.55
N ASP H 66 4.39 -26.95 45.22
CA ASP H 66 5.42 -27.62 46.00
C ASP H 66 6.79 -27.43 45.35
N PRO H 67 7.65 -26.60 45.97
CA PRO H 67 8.96 -26.25 45.41
C PRO H 67 9.95 -27.41 45.37
N ILE H 68 9.61 -28.52 46.02
CA ILE H 68 10.49 -29.69 46.05
C ILE H 68 10.56 -30.35 44.67
N TRP H 69 9.46 -30.26 43.91
CA TRP H 69 9.38 -30.86 42.58
C TRP H 69 10.49 -30.44 41.64
N MET H 70 10.91 -31.36 40.77
CA MET H 70 11.79 -31.02 39.66
C MET H 70 10.94 -30.85 38.41
N ARG H 71 10.94 -29.63 37.87
CA ARG H 71 10.10 -29.31 36.71
C ARG H 71 10.69 -29.88 35.42
N GLY H 72 9.87 -30.64 34.70
CA GLY H 72 10.30 -31.23 33.43
C GLY H 72 9.69 -30.53 32.24
N HIS H 73 9.59 -31.25 31.12
CA HIS H 73 9.03 -30.69 29.90
C HIS H 73 7.55 -30.36 30.07
N GLY H 74 7.07 -29.39 29.30
CA GLY H 74 5.68 -29.01 29.34
C GLY H 74 5.34 -28.09 30.51
N THR H 75 6.34 -27.74 31.30
CA THR H 75 6.12 -26.90 32.47
C THR H 75 7.06 -25.70 32.52
N TYR H 76 6.73 -24.76 33.40
CA TYR H 76 7.63 -23.67 33.76
C TYR H 76 7.26 -23.21 35.16
N PHE H 77 8.19 -22.55 35.85
CA PHE H 77 7.98 -22.25 37.26
C PHE H 77 8.42 -20.85 37.68
N LEU H 78 7.89 -20.41 38.81
CA LEU H 78 8.28 -19.14 39.43
C LEU H 78 8.19 -19.32 40.93
N ASP H 79 9.34 -19.41 41.58
CA ASP H 79 9.43 -19.72 43.01
C ASP H 79 8.78 -21.08 43.31
N ASN H 80 7.68 -21.05 44.06
CA ASN H 80 7.00 -22.27 44.44
C ASN H 80 6.00 -22.77 43.41
N MET H 81 5.43 -21.83 42.65
CA MET H 81 4.41 -22.17 41.67
C MET H 81 4.96 -22.82 40.41
N THR H 82 4.33 -23.92 40.00
CA THR H 82 4.69 -24.61 38.76
C THR H 82 3.50 -24.56 37.80
N TYR H 83 3.73 -23.98 36.61
CA TYR H 83 2.66 -23.82 35.64
C TYR H 83 2.84 -24.74 34.44
N SER H 84 1.78 -24.89 33.65
CA SER H 84 1.83 -25.69 32.43
C SER H 84 2.09 -24.80 31.23
N SER H 85 2.91 -25.28 30.30
CA SER H 85 3.23 -24.52 29.10
C SER H 85 2.46 -25.05 27.89
N VAL H 86 1.95 -26.28 28.01
CA VAL H 86 1.21 -26.90 26.93
C VAL H 86 -0.14 -27.42 27.42
N ALA H 87 -0.97 -27.87 26.47
CA ALA H 87 -2.23 -28.51 26.81
C ALA H 87 -2.04 -30.02 26.80
N GLY H 88 -2.13 -30.63 27.98
CA GLY H 88 -1.95 -32.06 28.11
C GLY H 88 -2.21 -32.56 29.51
N THR H 89 -1.72 -33.76 29.80
CA THR H 89 -1.93 -34.40 31.09
C THR H 89 -0.70 -34.27 31.99
N VAL H 90 -0.94 -33.99 33.27
CA VAL H 90 0.14 -33.88 34.24
C VAL H 90 0.77 -35.25 34.52
N SER H 91 2.10 -35.32 34.41
CA SER H 91 2.82 -36.57 34.63
C SER H 91 3.75 -36.48 35.83
N ARG H 92 3.67 -37.46 36.71
CA ARG H 92 4.55 -37.51 37.88
C ARG H 92 5.36 -38.80 37.91
N VAL H 93 6.64 -38.69 37.57
CA VAL H 93 7.57 -39.80 37.68
C VAL H 93 8.62 -39.47 38.73
N ASN H 94 8.57 -40.20 39.85
CA ASN H 94 9.43 -39.92 41.00
C ASN H 94 9.22 -38.50 41.52
N ARG H 95 10.27 -37.68 41.42
CA ARG H 95 10.18 -36.28 41.81
C ARG H 95 10.27 -35.36 40.60
N LEU H 96 9.95 -35.91 39.43
CA LEU H 96 10.00 -35.14 38.19
C LEU H 96 8.61 -34.85 37.65
N LEU H 97 8.16 -33.62 37.84
CA LEU H 97 6.83 -33.21 37.36
C LEU H 97 6.94 -32.64 35.95
N SER H 98 6.15 -33.22 35.04
CA SER H 98 6.11 -32.75 33.66
C SER H 98 4.70 -32.88 33.12
N VAL H 99 4.40 -32.15 32.04
CA VAL H 99 3.10 -32.22 31.41
C VAL H 99 3.22 -32.79 30.00
N ILE H 100 2.64 -33.96 29.79
CA ILE H 100 2.68 -34.60 28.47
C ILE H 100 1.64 -33.99 27.55
N PRO H 101 2.10 -33.38 26.44
CA PRO H 101 1.21 -32.72 25.48
C PRO H 101 0.28 -33.70 24.80
N LEU H 102 -0.88 -33.22 24.38
CA LEU H 102 -1.84 -34.04 23.66
C LEU H 102 -1.38 -34.23 22.21
N LYS H 103 -0.69 -33.22 21.69
CA LYS H 103 -0.20 -33.27 20.31
C LYS H 103 1.26 -32.82 20.23
N GLY H 104 1.88 -33.08 19.08
CA GLY H 104 3.28 -32.73 18.86
C GLY H 104 3.94 -33.70 17.92
N ARG H 105 5.02 -33.27 17.28
CA ARG H 105 5.76 -34.11 16.35
C ARG H 105 6.47 -35.27 17.04
N TYR H 106 6.93 -36.22 16.24
CA TYR H 106 7.70 -37.35 16.75
C TYR H 106 8.98 -36.87 17.43
N ALA H 107 9.23 -37.37 18.63
CA ALA H 107 10.44 -37.02 19.38
C ALA H 107 11.39 -38.21 19.43
N PRO H 108 12.51 -38.11 18.69
CA PRO H 108 13.47 -39.21 18.56
C PRO H 108 14.16 -39.58 19.88
N GLU H 109 13.96 -40.81 20.32
CA GLU H 109 14.67 -41.35 21.48
C GLU H 109 15.85 -42.17 20.97
N THR H 110 16.89 -42.28 21.79
CA THR H 110 18.08 -43.04 21.40
C THR H 110 17.78 -44.53 21.31
N GLY H 111 18.00 -45.10 20.13
CA GLY H 111 17.79 -46.52 19.91
C GLY H 111 16.51 -46.86 19.17
N ASP H 112 15.81 -45.83 18.71
CA ASP H 112 14.56 -46.05 17.97
C ASP H 112 14.84 -46.58 16.56
N HIS H 113 13.94 -47.45 16.08
CA HIS H 113 14.03 -47.93 14.71
C HIS H 113 13.12 -47.08 13.82
N VAL H 114 13.74 -46.21 13.02
CA VAL H 114 12.98 -45.28 12.19
C VAL H 114 13.18 -45.52 10.70
N VAL H 115 12.21 -45.05 9.92
CA VAL H 115 12.31 -45.06 8.47
C VAL H 115 12.34 -43.61 8.01
N GLY H 116 13.34 -43.26 7.21
CA GLY H 116 13.50 -41.88 6.80
C GLY H 116 13.87 -41.70 5.34
N ARG H 117 13.71 -40.47 4.84
CA ARG H 117 14.05 -40.15 3.46
C ARG H 117 15.17 -39.13 3.42
N ILE H 118 16.17 -39.38 2.59
CA ILE H 118 17.30 -38.45 2.44
C ILE H 118 16.83 -37.11 1.89
N ALA H 119 16.99 -36.06 2.69
CA ALA H 119 16.57 -34.73 2.30
C ALA H 119 17.69 -34.00 1.54
N GLU H 120 18.91 -34.12 2.03
CA GLU H 120 20.05 -33.47 1.39
C GLU H 120 21.35 -34.22 1.69
N VAL H 121 22.35 -33.99 0.84
CA VAL H 121 23.66 -34.62 1.00
C VAL H 121 24.77 -33.56 0.97
N GLY H 122 25.60 -33.55 2.01
CA GLY H 122 26.67 -32.57 2.09
C GLY H 122 27.90 -33.07 2.84
N ASN H 123 29.04 -32.44 2.57
CA ASN H 123 30.33 -32.80 3.17
C ASN H 123 30.59 -34.31 3.34
N LYS H 124 30.43 -34.81 4.56
CA LYS H 124 30.60 -36.22 4.84
C LYS H 124 29.43 -36.75 5.64
N ARG H 125 28.23 -36.31 5.28
CA ARG H 125 27.01 -36.72 5.98
C ARG H 125 25.77 -36.51 5.12
N TRP H 126 24.70 -37.23 5.46
CA TRP H 126 23.41 -36.99 4.86
C TRP H 126 22.48 -36.41 5.91
N LYS H 127 21.51 -35.63 5.47
CA LYS H 127 20.42 -35.22 6.36
C LYS H 127 19.14 -35.89 5.89
N VAL H 128 18.55 -36.70 6.77
CA VAL H 128 17.39 -37.50 6.40
C VAL H 128 16.12 -37.04 7.11
N ASP H 129 15.02 -37.01 6.38
CA ASP H 129 13.73 -36.62 6.93
C ASP H 129 13.10 -37.77 7.69
N ILE H 130 12.95 -37.59 9.00
CA ILE H 130 12.35 -38.59 9.85
C ILE H 130 10.89 -38.24 10.14
N GLY H 131 10.64 -36.95 10.38
CA GLY H 131 9.30 -36.49 10.66
C GLY H 131 9.24 -35.74 11.97
N GLY H 132 10.40 -35.24 12.41
CA GLY H 132 10.49 -34.50 13.66
C GLY H 132 10.61 -33.01 13.41
N LYS H 133 11.07 -32.28 14.43
CA LYS H 133 11.25 -30.85 14.31
C LYS H 133 12.44 -30.54 13.41
N GLN H 134 13.44 -31.41 13.42
CA GLN H 134 14.64 -31.20 12.62
C GLN H 134 15.02 -32.45 11.84
N HIS H 135 15.75 -32.28 10.75
CA HIS H 135 16.29 -33.40 10.01
C HIS H 135 17.32 -34.12 10.86
N ALA H 136 17.35 -35.44 10.78
CA ALA H 136 18.38 -36.21 11.47
C ALA H 136 19.63 -36.27 10.60
N VAL H 137 20.78 -36.47 11.22
CA VAL H 137 22.03 -36.56 10.48
C VAL H 137 22.49 -38.01 10.33
N LEU H 138 23.16 -38.30 9.23
CA LEU H 138 23.70 -39.62 8.99
C LEU H 138 25.13 -39.50 8.47
N MET H 139 26.09 -39.57 9.38
CA MET H 139 27.51 -39.43 9.04
C MET H 139 27.95 -40.53 8.09
N LEU H 140 28.94 -40.22 7.26
CA LEU H 140 29.47 -41.19 6.30
C LEU H 140 30.09 -42.39 7.01
N GLY H 141 30.59 -42.16 8.22
CA GLY H 141 31.20 -43.21 9.01
C GLY H 141 30.19 -44.02 9.80
N SER H 142 28.90 -43.70 9.62
CA SER H 142 27.83 -44.37 10.35
C SER H 142 27.05 -45.33 9.46
N VAL H 143 27.55 -45.55 8.24
CA VAL H 143 26.89 -46.46 7.31
C VAL H 143 27.84 -47.56 6.85
N ASN H 144 27.27 -48.60 6.24
CA ASN H 144 28.09 -49.68 5.69
C ASN H 144 28.36 -49.44 4.21
N LEU H 145 29.60 -49.19 3.86
CA LEU H 145 29.96 -49.03 2.46
C LEU H 145 29.90 -50.33 1.72
N PRO H 146 29.64 -50.26 0.43
CA PRO H 146 29.47 -51.45 -0.37
C PRO H 146 30.76 -52.24 -0.41
N GLY H 147 30.65 -53.57 -0.29
CA GLY H 147 31.77 -54.49 -0.31
C GLY H 147 32.26 -54.75 1.09
N GLY H 148 31.81 -53.91 2.01
CA GLY H 148 31.98 -54.11 3.43
C GLY H 148 33.38 -54.30 3.97
N ILE H 149 33.52 -55.27 4.87
CA ILE H 149 34.74 -55.44 5.64
C ILE H 149 35.98 -55.61 4.77
N LEU H 150 35.79 -56.13 3.56
CA LEU H 150 36.92 -56.34 2.65
C LEU H 150 37.37 -55.05 2.00
N ARG H 151 36.46 -54.08 1.91
CA ARG H 151 36.75 -52.79 1.28
C ARG H 151 37.83 -52.00 2.01
N ARG H 152 38.78 -51.49 1.25
CA ARG H 152 39.82 -50.62 1.80
C ARG H 152 39.32 -49.17 1.83
N LYS H 153 39.76 -48.42 2.82
CA LYS H 153 39.34 -47.03 2.99
C LYS H 153 39.74 -46.17 1.80
N SER H 154 38.82 -45.34 1.33
CA SER H 154 39.08 -44.47 0.18
C SER H 154 38.65 -43.03 0.49
N GLU H 155 39.44 -42.07 0.04
CA GLU H 155 39.15 -40.66 0.26
C GLU H 155 38.25 -40.10 -0.84
N SER H 156 37.81 -40.98 -1.74
CA SER H 156 36.94 -40.59 -2.83
C SER H 156 35.48 -40.84 -2.48
N ASP H 157 35.26 -41.55 -1.37
CA ASP H 157 33.92 -41.86 -0.91
C ASP H 157 33.18 -40.60 -0.48
N GLU H 158 33.90 -39.69 0.17
CA GLU H 158 33.31 -38.44 0.65
C GLU H 158 32.91 -37.52 -0.50
N LEU H 159 33.46 -37.77 -1.68
CA LEU H 159 33.14 -36.98 -2.86
C LEU H 159 32.14 -37.70 -3.75
N GLN H 160 31.85 -38.96 -3.43
CA GLN H 160 30.93 -39.76 -4.22
C GLN H 160 29.83 -40.36 -3.36
N MET H 161 29.36 -39.58 -2.39
CA MET H 161 28.31 -40.04 -1.48
C MET H 161 26.98 -40.23 -2.20
N ARG H 162 26.81 -39.53 -3.32
CA ARG H 162 25.56 -39.56 -4.07
C ARG H 162 25.36 -40.91 -4.78
N SER H 163 26.43 -41.69 -4.83
CA SER H 163 26.37 -43.02 -5.44
C SER H 163 25.87 -44.06 -4.43
N PHE H 164 25.80 -43.65 -3.17
CA PHE H 164 25.30 -44.53 -2.12
C PHE H 164 23.89 -44.11 -1.73
N LEU H 165 23.77 -42.92 -1.15
CA LEU H 165 22.47 -42.38 -0.75
C LEU H 165 22.28 -40.98 -1.32
N LYS H 166 21.29 -40.83 -2.19
CA LYS H 166 20.97 -39.53 -2.77
C LYS H 166 19.62 -39.03 -2.30
N GLU H 167 19.27 -37.81 -2.71
CA GLU H 167 18.02 -37.19 -2.30
C GLU H 167 16.80 -38.00 -2.75
N GLY H 168 15.94 -38.34 -1.81
CA GLY H 168 14.71 -39.05 -2.13
C GLY H 168 14.72 -40.51 -1.70
N ASP H 169 15.91 -41.07 -1.49
CA ASP H 169 16.05 -42.46 -1.12
C ASP H 169 15.46 -42.76 0.26
N LEU H 170 14.82 -43.91 0.39
CA LEU H 170 14.30 -44.37 1.67
C LEU H 170 15.25 -45.38 2.30
N LEU H 171 15.24 -45.47 3.62
CA LEU H 171 16.14 -46.38 4.32
C LEU H 171 15.74 -46.69 5.76
N ASN H 172 16.17 -47.85 6.24
CA ASN H 172 16.06 -48.19 7.65
C ASN H 172 17.24 -47.57 8.39
N ALA H 173 17.01 -47.17 9.63
CA ALA H 173 18.07 -46.58 10.44
C ALA H 173 17.74 -46.64 11.92
N GLU H 174 18.78 -46.65 12.74
CA GLU H 174 18.60 -46.65 14.18
C GLU H 174 19.14 -45.35 14.76
N VAL H 175 18.38 -44.74 15.67
CA VAL H 175 18.82 -43.53 16.34
C VAL H 175 19.98 -43.85 17.27
N GLN H 176 21.19 -43.59 16.78
CA GLN H 176 22.41 -43.90 17.52
C GLN H 176 22.58 -42.99 18.73
N SER H 177 22.56 -41.68 18.50
CA SER H 177 22.76 -40.72 19.57
C SER H 177 21.83 -39.52 19.42
N LEU H 178 21.91 -38.61 20.39
CA LEU H 178 21.06 -37.41 20.39
C LEU H 178 21.90 -36.16 20.59
N PHE H 179 21.54 -35.09 19.88
CA PHE H 179 22.22 -33.81 20.04
C PHE H 179 21.62 -33.03 21.21
N GLN H 180 22.23 -31.91 21.55
CA GLN H 180 21.81 -31.11 22.70
C GLN H 180 20.36 -30.63 22.58
N ASP H 181 19.97 -30.17 21.40
CA ASP H 181 18.61 -29.69 21.19
C ASP H 181 17.59 -30.82 21.17
N GLY H 182 18.04 -32.01 20.80
CA GLY H 182 17.16 -33.16 20.74
C GLY H 182 17.22 -33.87 19.39
N SER H 183 17.96 -33.28 18.46
CA SER H 183 18.13 -33.86 17.12
C SER H 183 18.74 -35.25 17.22
N ALA H 184 18.51 -36.07 16.21
CA ALA H 184 18.98 -37.44 16.23
C ALA H 184 20.12 -37.68 15.26
N SER H 185 21.11 -38.45 15.70
CA SER H 185 22.17 -38.93 14.82
C SER H 185 21.87 -40.38 14.48
N LEU H 186 21.79 -40.69 13.20
CA LEU H 186 21.41 -42.02 12.75
C LEU H 186 22.61 -42.87 12.38
N HIS H 187 22.38 -44.18 12.27
CA HIS H 187 23.39 -45.10 11.78
C HIS H 187 22.73 -46.30 11.12
N THR H 188 23.42 -46.90 10.16
CA THR H 188 22.90 -48.08 9.47
C THR H 188 23.94 -49.19 9.51
N ARG H 189 24.75 -49.22 10.56
CA ARG H 189 25.82 -50.20 10.69
C ARG H 189 25.28 -51.58 11.02
N SER H 190 24.49 -52.13 10.09
CA SER H 190 23.90 -53.45 10.25
C SER H 190 23.29 -53.91 8.94
N LEU H 191 23.11 -55.21 8.79
CA LEU H 191 22.45 -55.77 7.61
C LEU H 191 20.95 -55.50 7.69
N LYS H 192 20.45 -55.40 8.92
CA LYS H 192 19.05 -55.12 9.18
C LYS H 192 18.65 -53.74 8.64
N TYR H 193 19.60 -52.81 8.69
CA TYR H 193 19.35 -51.44 8.23
C TYR H 193 19.94 -51.21 6.84
N GLY H 194 19.39 -50.23 6.14
CA GLY H 194 19.88 -49.89 4.81
C GLY H 194 18.79 -49.36 3.88
N LYS H 195 19.16 -49.18 2.62
CA LYS H 195 18.26 -48.63 1.61
C LYS H 195 17.06 -49.54 1.36
N LEU H 196 15.89 -48.94 1.16
CA LEU H 196 14.65 -49.70 0.99
C LEU H 196 14.22 -49.82 -0.46
N ARG H 197 13.65 -50.97 -0.81
CA ARG H 197 13.19 -51.22 -2.18
C ARG H 197 12.12 -52.30 -2.19
N ASN H 198 11.74 -52.74 -3.39
CA ASN H 198 10.79 -53.83 -3.57
C ASN H 198 9.44 -53.62 -2.87
N GLY H 199 8.98 -52.37 -2.80
CA GLY H 199 7.74 -52.09 -2.13
C GLY H 199 7.19 -50.69 -2.30
N MET H 200 6.41 -50.25 -1.30
CA MET H 200 5.71 -48.98 -1.36
C MET H 200 5.73 -48.30 0.02
N PHE H 201 5.66 -46.97 0.03
CA PHE H 201 5.72 -46.21 1.26
C PHE H 201 4.37 -45.66 1.68
N CYS H 202 4.13 -45.63 2.99
CA CYS H 202 2.94 -44.98 3.54
C CYS H 202 3.26 -44.54 4.97
N GLN H 203 2.54 -43.54 5.46
CA GLN H 203 2.81 -43.01 6.79
C GLN H 203 1.56 -42.78 7.62
N VAL H 204 1.69 -43.01 8.93
CA VAL H 204 0.61 -42.78 9.89
C VAL H 204 1.17 -41.88 10.99
N PRO H 205 0.29 -41.23 11.77
CA PRO H 205 0.75 -40.45 12.91
C PRO H 205 1.63 -41.28 13.85
N SER H 206 2.75 -40.72 14.27
CA SER H 206 3.74 -41.46 15.07
C SER H 206 3.17 -41.94 16.41
N SER H 207 2.09 -41.33 16.85
CA SER H 207 1.45 -41.71 18.10
C SER H 207 0.81 -43.10 18.03
N LEU H 208 0.55 -43.56 16.80
CA LEU H 208 -0.11 -44.84 16.59
C LEU H 208 0.89 -45.99 16.48
N ILE H 209 2.17 -45.67 16.59
CA ILE H 209 3.21 -46.69 16.58
C ILE H 209 4.16 -46.51 17.75
N VAL H 210 4.24 -47.51 18.62
CA VAL H 210 5.05 -47.43 19.82
C VAL H 210 6.33 -48.25 19.69
N ARG H 211 7.22 -48.11 20.66
CA ARG H 211 8.47 -48.89 20.68
C ARG H 211 8.17 -50.34 21.00
N ALA H 212 8.99 -51.25 20.46
CA ALA H 212 8.84 -52.67 20.68
C ALA H 212 10.18 -53.39 20.55
N LYS H 213 10.16 -54.71 20.76
CA LYS H 213 11.36 -55.50 20.63
C LYS H 213 11.86 -55.53 19.19
N ASN H 214 10.92 -55.47 18.25
CA ASN H 214 11.27 -55.46 16.83
C ASN H 214 10.14 -54.85 16.00
N HIS H 215 10.53 -54.09 14.97
CA HIS H 215 9.54 -53.37 14.16
C HIS H 215 9.41 -53.91 12.74
N THR H 216 10.23 -54.89 12.40
CA THR H 216 10.11 -55.56 11.10
C THR H 216 9.34 -56.86 11.28
N HIS H 217 8.25 -57.02 10.53
CA HIS H 217 7.38 -58.17 10.72
C HIS H 217 7.02 -58.87 9.41
N ASN H 218 6.92 -60.19 9.46
CA ASN H 218 6.50 -60.96 8.30
C ASN H 218 5.01 -61.28 8.34
N LEU H 219 4.33 -61.07 7.22
CA LEU H 219 2.88 -61.19 7.17
C LEU H 219 2.46 -62.13 6.05
N PRO H 220 1.25 -62.73 6.17
CA PRO H 220 0.74 -63.60 5.11
C PRO H 220 0.60 -62.86 3.78
N GLY H 221 0.99 -63.52 2.69
CA GLY H 221 0.96 -62.90 1.38
C GLY H 221 2.37 -62.64 0.87
N ASN H 222 3.35 -63.17 1.59
CA ASN H 222 4.76 -63.01 1.26
C ASN H 222 5.23 -61.56 1.24
N ILE H 223 4.65 -60.73 2.10
CA ILE H 223 5.06 -59.35 2.21
C ILE H 223 5.59 -59.04 3.61
N THR H 224 6.44 -58.03 3.71
CA THR H 224 7.05 -57.66 4.98
C THR H 224 6.82 -56.18 5.28
N VAL H 225 6.43 -55.88 6.52
CA VAL H 225 6.21 -54.51 6.94
C VAL H 225 7.39 -54.00 7.78
N VAL H 226 7.73 -52.73 7.61
CA VAL H 226 8.72 -52.09 8.47
C VAL H 226 8.07 -50.90 9.17
N LEU H 227 7.71 -51.10 10.44
CA LEU H 227 6.97 -50.10 11.19
C LEU H 227 7.89 -49.17 11.96
N GLY H 228 8.36 -48.11 11.32
CA GLY H 228 9.18 -47.12 11.97
C GLY H 228 8.45 -46.45 13.11
N VAL H 229 9.18 -46.17 14.20
CA VAL H 229 8.57 -45.56 15.38
C VAL H 229 8.11 -44.14 15.07
N ASN H 230 8.72 -43.54 14.06
CA ASN H 230 8.39 -42.17 13.65
C ASN H 230 7.09 -42.08 12.86
N GLY H 231 6.49 -43.23 12.57
CA GLY H 231 5.24 -43.27 11.84
C GLY H 231 5.43 -43.59 10.37
N TYR H 232 6.68 -43.59 9.92
CA TYR H 232 6.98 -43.92 8.52
C TYR H 232 7.00 -45.43 8.34
N ILE H 233 6.18 -45.93 7.44
CA ILE H 233 6.00 -47.38 7.25
C ILE H 233 6.42 -47.82 5.86
N TRP H 234 7.13 -48.94 5.79
CA TRP H 234 7.54 -49.50 4.50
C TRP H 234 7.01 -50.91 4.31
N LEU H 235 6.22 -51.10 3.26
CA LEU H 235 5.67 -52.41 2.91
C LEU H 235 6.37 -52.95 1.68
N ARG H 236 7.06 -54.07 1.81
CA ARG H 236 7.79 -54.65 0.70
C ARG H 236 7.54 -56.14 0.55
N LYS H 237 8.00 -56.70 -0.57
CA LYS H 237 8.00 -58.14 -0.78
C LYS H 237 9.01 -58.78 0.16
N THR H 238 8.60 -59.86 0.83
CA THR H 238 9.46 -60.56 1.77
C THR H 238 10.74 -61.05 1.09
N SER H 239 11.89 -60.65 1.63
CA SER H 239 13.18 -61.07 1.10
C SER H 239 13.73 -62.24 1.91
N GLN H 240 14.87 -62.77 1.47
CA GLN H 240 15.51 -63.89 2.15
C GLN H 240 15.93 -63.51 3.57
N MET H 241 16.33 -62.26 3.75
CA MET H 241 16.72 -61.77 5.07
C MET H 241 15.53 -61.79 6.02
N ASP H 242 14.37 -61.40 5.52
CA ASP H 242 13.14 -61.37 6.32
C ASP H 242 12.75 -62.76 6.80
N LEU H 243 13.08 -63.77 6.00
CA LEU H 243 12.83 -65.16 6.37
C LEU H 243 13.86 -65.65 7.39
N ALA H 244 15.12 -65.27 7.17
CA ALA H 244 16.21 -65.70 8.03
C ALA H 244 16.16 -65.02 9.40
N ARG H 245 15.36 -63.97 9.50
CA ARG H 245 15.20 -63.25 10.76
C ARG H 245 14.57 -64.15 11.83
N ASP H 246 13.64 -65.00 11.42
CA ASP H 246 12.96 -65.90 12.34
C ASP H 246 13.29 -67.36 12.02
N THR H 247 14.29 -67.56 11.17
CA THR H 247 14.72 -68.91 10.80
C THR H 247 16.22 -68.98 10.58
N GLU H 277 29.01 -60.78 -3.00
CA GLU H 277 28.53 -60.11 -4.20
C GLU H 277 27.26 -59.31 -3.91
N SER H 278 26.53 -59.71 -2.87
CA SER H 278 25.29 -59.05 -2.51
C SER H 278 25.55 -57.77 -1.72
N SER H 279 26.75 -57.65 -1.17
CA SER H 279 27.12 -56.48 -0.38
C SER H 279 27.53 -55.30 -1.27
N TRP H 280 27.57 -55.55 -2.58
CA TRP H 280 27.90 -54.51 -3.54
C TRP H 280 26.62 -53.84 -4.04
N GLN H 281 25.50 -54.54 -3.88
CA GLN H 281 24.22 -54.05 -4.39
C GLN H 281 23.26 -53.69 -3.27
N ILE H 282 23.79 -53.10 -2.20
CA ILE H 282 22.96 -52.71 -1.06
C ILE H 282 22.43 -51.30 -1.19
N TYR H 283 22.83 -50.62 -2.26
CA TYR H 283 22.38 -49.25 -2.52
C TYR H 283 21.79 -49.09 -3.92
N SER H 284 21.43 -50.20 -4.54
CA SER H 284 20.89 -50.17 -5.90
C SER H 284 19.43 -49.76 -5.92
N ASP H 285 19.08 -48.86 -6.84
CA ASP H 285 17.70 -48.40 -6.98
C ASP H 285 16.83 -49.46 -7.63
N GLU H 286 17.48 -50.46 -8.23
CA GLU H 286 16.78 -51.52 -8.93
C GLU H 286 15.95 -52.38 -7.99
N ASN H 287 14.73 -52.70 -8.40
CA ASN H 287 13.87 -53.58 -7.62
C ASN H 287 13.99 -55.02 -8.07
N ASP H 288 13.30 -55.91 -7.36
CA ASP H 288 13.23 -57.32 -7.75
C ASP H 288 12.48 -57.40 -9.09
N PRO H 289 13.16 -57.91 -10.12
CA PRO H 289 12.58 -57.99 -11.47
C PRO H 289 11.37 -58.92 -11.54
N SER H 290 11.24 -59.81 -10.56
CA SER H 290 10.13 -60.75 -10.52
C SER H 290 9.27 -60.54 -9.29
N ILE H 291 8.30 -59.63 -9.39
CA ILE H 291 7.35 -59.40 -8.32
C ILE H 291 5.93 -59.63 -8.83
N SER H 292 5.30 -60.69 -8.33
CA SER H 292 3.98 -61.11 -8.79
C SER H 292 2.90 -60.09 -8.46
N ASN H 293 1.80 -60.15 -9.22
CA ASN H 293 0.67 -59.26 -8.99
C ASN H 293 0.00 -59.56 -7.65
N ASN H 294 0.08 -60.82 -7.23
CA ASN H 294 -0.52 -61.24 -5.97
C ASN H 294 0.16 -60.59 -4.77
N ILE H 295 1.46 -60.32 -4.90
CA ILE H 295 2.19 -59.59 -3.87
C ILE H 295 1.86 -58.11 -3.96
N ARG H 296 1.80 -57.59 -5.18
CA ARG H 296 1.47 -56.18 -5.41
C ARG H 296 0.06 -55.86 -4.90
N GLN H 297 -0.88 -56.75 -5.16
CA GLN H 297 -2.26 -56.55 -4.70
C GLN H 297 -2.37 -56.78 -3.20
N ALA H 298 -1.42 -57.51 -2.65
CA ALA H 298 -1.36 -57.71 -1.20
C ALA H 298 -0.86 -56.44 -0.52
N ILE H 299 0.16 -55.83 -1.11
CA ILE H 299 0.72 -54.58 -0.60
C ILE H 299 -0.35 -53.50 -0.54
N CYS H 300 -1.11 -53.37 -1.62
CA CYS H 300 -2.19 -52.39 -1.70
C CYS H 300 -3.22 -52.61 -0.59
N ARG H 301 -3.52 -53.87 -0.32
CA ARG H 301 -4.51 -54.22 0.70
C ARG H 301 -3.97 -53.92 2.10
N TYR H 302 -2.73 -54.30 2.34
CA TYR H 302 -2.09 -54.01 3.62
C TYR H 302 -1.97 -52.50 3.84
N ALA H 303 -1.74 -51.76 2.76
CA ALA H 303 -1.65 -50.31 2.83
C ALA H 303 -2.97 -49.70 3.27
N ASN H 304 -4.05 -50.12 2.62
CA ASN H 304 -5.39 -49.59 2.91
C ASN H 304 -5.87 -49.88 4.33
N VAL H 305 -5.59 -51.07 4.83
CA VAL H 305 -6.03 -51.45 6.18
C VAL H 305 -5.23 -50.71 7.24
N ILE H 306 -3.98 -50.40 6.94
CA ILE H 306 -3.15 -49.60 7.84
C ILE H 306 -3.69 -48.19 7.91
N LYS H 307 -4.06 -47.64 6.76
CA LYS H 307 -4.68 -46.32 6.69
C LYS H 307 -6.02 -46.34 7.41
N ALA H 308 -6.70 -47.47 7.37
CA ALA H 308 -7.99 -47.64 8.04
C ALA H 308 -7.81 -47.63 9.56
N LEU H 309 -6.80 -48.34 10.04
CA LEU H 309 -6.48 -48.34 11.47
C LEU H 309 -6.09 -46.95 11.94
N ALA H 310 -5.35 -46.24 11.09
CA ALA H 310 -4.93 -44.88 11.39
C ALA H 310 -6.11 -43.93 11.41
N PHE H 311 -7.09 -44.19 10.56
CA PHE H 311 -8.28 -43.35 10.46
C PHE H 311 -9.12 -43.42 11.72
N CYS H 312 -9.02 -44.53 12.44
CA CYS H 312 -9.81 -44.75 13.65
C CYS H 312 -9.00 -44.51 14.92
N GLU H 313 -7.83 -43.90 14.77
CA GLU H 313 -6.92 -43.65 15.90
C GLU H 313 -6.52 -44.94 16.61
N ILE H 314 -6.47 -46.04 15.86
CA ILE H 314 -6.10 -47.33 16.43
C ILE H 314 -4.60 -47.57 16.34
N GLY H 315 -3.99 -47.93 17.47
CA GLY H 315 -2.57 -48.21 17.52
C GLY H 315 -2.18 -49.37 16.62
N ILE H 316 -1.26 -49.12 15.71
CA ILE H 316 -0.84 -50.14 14.75
C ILE H 316 0.18 -51.11 15.36
N THR H 317 -0.19 -52.40 15.36
CA THR H 317 0.73 -53.46 15.75
C THR H 317 0.70 -54.53 14.66
N GLN H 318 1.64 -55.47 14.72
CA GLN H 318 1.71 -56.52 13.71
C GLN H 318 0.49 -57.44 13.74
N GLN H 319 -0.11 -57.58 14.91
CA GLN H 319 -1.30 -58.41 15.07
C GLN H 319 -2.52 -57.71 14.49
N ARG H 320 -2.68 -56.43 14.80
CA ARG H 320 -3.80 -55.64 14.30
C ARG H 320 -3.81 -55.58 12.77
N ILE H 321 -2.63 -55.55 12.17
CA ILE H 321 -2.50 -55.45 10.72
C ILE H 321 -2.98 -56.74 10.03
N VAL H 322 -2.44 -57.87 10.45
CA VAL H 322 -2.80 -59.16 9.89
C VAL H 322 -4.29 -59.46 10.11
N SER H 323 -4.77 -59.11 11.31
CA SER H 323 -6.17 -59.31 11.64
C SER H 323 -7.08 -58.51 10.71
N ALA H 324 -6.70 -57.26 10.46
CA ALA H 324 -7.46 -56.39 9.57
C ALA H 324 -7.36 -56.86 8.12
N TYR H 325 -6.18 -57.36 7.76
CA TYR H 325 -5.93 -57.83 6.39
C TYR H 325 -6.82 -59.01 6.01
N GLU H 326 -7.02 -59.93 6.96
CA GLU H 326 -7.87 -61.08 6.73
C GLU H 326 -9.34 -60.72 6.86
N ALA H 327 -9.64 -59.78 7.74
CA ALA H 327 -11.01 -59.32 7.93
C ALA H 327 -11.49 -58.50 6.74
N SER H 328 -10.57 -57.85 6.05
CA SER H 328 -10.91 -57.02 4.90
C SER H 328 -11.22 -57.86 3.67
N MET H 329 -10.94 -59.16 3.76
CA MET H 329 -11.17 -60.07 2.65
C MET H 329 -12.64 -60.20 2.27
N VAL H 330 -13.51 -59.75 3.18
CA VAL H 330 -14.95 -59.69 2.91
C VAL H 330 -15.21 -58.90 1.63
N TYR H 331 -14.50 -57.79 1.47
CA TYR H 331 -14.65 -56.94 0.31
C TYR H 331 -13.83 -57.45 -0.87
N SER H 332 -14.51 -57.70 -1.99
CA SER H 332 -13.88 -58.24 -3.19
C SER H 332 -12.79 -57.31 -3.71
N ASN H 333 -13.19 -56.13 -4.19
CA ASN H 333 -12.25 -55.14 -4.69
C ASN H 333 -11.50 -54.44 -3.56
N VAL H 334 -10.19 -54.29 -3.73
CA VAL H 334 -9.34 -53.67 -2.71
C VAL H 334 -9.68 -52.19 -2.54
N GLY H 335 -10.11 -51.56 -3.61
CA GLY H 335 -10.44 -50.14 -3.60
C GLY H 335 -11.65 -49.79 -2.76
N GLU H 336 -12.35 -50.81 -2.26
CA GLU H 336 -13.51 -50.59 -1.40
C GLU H 336 -13.08 -50.20 0.00
N LEU H 337 -11.80 -50.36 0.30
CA LEU H 337 -11.27 -50.10 1.64
C LEU H 337 -10.95 -48.63 1.86
N ILE H 338 -11.11 -47.81 0.84
CA ILE H 338 -10.77 -46.40 0.94
C ILE H 338 -11.96 -45.57 1.42
N GLU H 339 -13.15 -46.17 1.37
CA GLU H 339 -14.37 -45.49 1.80
C GLU H 339 -14.44 -45.40 3.32
N LYS H 340 -15.04 -44.33 3.82
CA LYS H 340 -15.07 -44.04 5.25
C LYS H 340 -15.76 -45.13 6.09
N ASN H 341 -16.98 -45.50 5.70
CA ASN H 341 -17.76 -46.47 6.46
C ASN H 341 -17.10 -47.84 6.54
N VAL H 342 -16.32 -48.19 5.51
CA VAL H 342 -15.58 -49.44 5.50
C VAL H 342 -14.42 -49.38 6.49
N MET H 343 -13.69 -48.28 6.47
CA MET H 343 -12.56 -48.09 7.37
C MET H 343 -13.01 -48.10 8.83
N GLU H 344 -14.09 -47.38 9.12
CA GLU H 344 -14.61 -47.27 10.48
C GLU H 344 -15.06 -48.61 11.03
N SER H 345 -15.71 -49.42 10.19
CA SER H 345 -16.21 -50.72 10.63
C SER H 345 -15.09 -51.72 10.85
N ILE H 346 -14.09 -51.70 9.96
CA ILE H 346 -12.94 -52.59 10.08
C ILE H 346 -12.19 -52.36 11.39
N GLY H 347 -11.98 -51.10 11.73
CA GLY H 347 -11.33 -50.74 12.98
C GLY H 347 -12.21 -51.09 14.16
N SER H 348 -13.52 -50.87 14.01
CA SER H 348 -14.47 -51.19 15.07
C SER H 348 -14.57 -52.68 15.31
N ASP H 349 -14.46 -53.46 14.23
CA ASP H 349 -14.51 -54.92 14.34
C ASP H 349 -13.29 -55.47 15.05
N ILE H 350 -12.15 -54.79 14.91
CA ILE H 350 -10.92 -55.20 15.56
C ILE H 350 -10.99 -54.96 17.08
N LEU H 351 -11.51 -53.81 17.47
CA LEU H 351 -11.65 -53.47 18.88
C LEU H 351 -12.62 -54.42 19.59
N THR H 352 -13.73 -54.74 18.94
CA THR H 352 -14.72 -55.65 19.51
C THR H 352 -14.21 -57.09 19.52
N ALA H 353 -13.37 -57.43 18.55
CA ALA H 353 -12.77 -58.76 18.50
C ALA H 353 -11.82 -58.95 19.68
N GLU H 354 -11.07 -57.89 19.99
CA GLU H 354 -10.15 -57.92 21.12
C GLU H 354 -10.92 -57.88 22.44
N LYS H 355 -12.15 -57.37 22.38
CA LYS H 355 -13.02 -57.32 23.55
C LYS H 355 -13.43 -58.72 24.00
N MET H 356 -14.03 -59.48 23.09
CA MET H 356 -14.54 -60.80 23.41
C MET H 356 -13.48 -61.90 23.43
N ARG H 357 -12.28 -61.57 22.97
CA ARG H 357 -11.17 -62.51 23.02
C ARG H 357 -10.35 -62.28 24.28
N GLY H 358 -10.39 -61.05 24.79
CA GLY H 358 -9.65 -60.69 25.98
C GLY H 358 -10.33 -61.11 27.26
N ASN H 359 -11.63 -60.82 27.36
CA ASN H 359 -12.41 -61.17 28.54
C ASN H 359 -12.56 -62.68 28.70
N MET I 10 38.49 -46.08 -36.94
CA MET I 10 38.04 -44.70 -37.08
C MET I 10 37.35 -44.46 -38.43
N ALA I 11 36.55 -45.44 -38.85
CA ALA I 11 35.82 -45.34 -40.11
C ALA I 11 34.49 -46.07 -40.06
N CYS I 12 33.41 -45.36 -40.30
CA CYS I 12 32.07 -45.94 -40.26
C CYS I 12 31.77 -46.72 -41.53
N ASN I 13 30.81 -47.64 -41.44
CA ASN I 13 30.41 -48.41 -42.60
C ASN I 13 29.73 -47.54 -43.65
N PHE I 14 29.72 -48.00 -44.90
CA PHE I 14 29.17 -47.22 -46.00
C PHE I 14 27.64 -47.12 -45.94
N GLN I 15 27.03 -47.93 -45.09
CA GLN I 15 25.57 -47.93 -44.94
C GLN I 15 25.11 -46.87 -43.94
N PHE I 16 26.06 -46.10 -43.42
CA PHE I 16 25.75 -45.06 -42.44
C PHE I 16 25.50 -43.73 -43.14
N PRO I 17 24.62 -42.89 -42.55
CA PRO I 17 24.37 -41.55 -43.09
C PRO I 17 25.54 -40.62 -42.81
N GLU I 18 25.81 -39.70 -43.74
CA GLU I 18 26.93 -38.77 -43.61
C GLU I 18 26.57 -37.59 -42.71
N ILE I 19 25.47 -36.93 -43.02
CA ILE I 19 24.99 -35.80 -42.22
C ILE I 19 23.86 -36.27 -41.30
N ALA I 20 23.60 -35.53 -40.24
CA ALA I 20 22.58 -35.94 -39.27
C ALA I 20 21.84 -34.77 -38.62
N TYR I 21 20.54 -34.95 -38.45
CA TYR I 21 19.69 -33.99 -37.73
C TYR I 21 18.98 -34.73 -36.60
N PRO I 22 18.53 -34.00 -35.57
CA PRO I 22 17.86 -34.65 -34.43
C PRO I 22 16.65 -35.49 -34.84
N GLY I 23 16.74 -36.80 -34.61
CA GLY I 23 15.65 -37.70 -34.94
C GLY I 23 15.99 -38.64 -36.09
N LYS I 24 17.12 -38.40 -36.73
CA LYS I 24 17.52 -39.21 -37.87
C LYS I 24 18.19 -40.52 -37.42
N LEU I 25 17.74 -41.63 -38.01
CA LEU I 25 18.30 -42.94 -37.68
C LEU I 25 19.72 -43.08 -38.22
N ILE I 26 20.58 -43.73 -37.44
CA ILE I 26 21.97 -43.92 -37.84
C ILE I 26 22.29 -45.39 -38.13
N CYS I 27 22.13 -46.23 -37.11
CA CYS I 27 22.47 -47.64 -37.24
C CYS I 27 21.82 -48.48 -36.15
N PRO I 28 21.64 -49.79 -36.41
CA PRO I 28 21.14 -50.71 -35.39
C PRO I 28 22.12 -50.82 -34.22
N GLN I 29 21.70 -51.48 -33.14
CA GLN I 29 22.56 -51.64 -31.98
C GLN I 29 23.72 -52.56 -32.28
N TYR I 30 23.52 -53.51 -33.20
CA TYR I 30 24.55 -54.47 -33.55
C TYR I 30 24.70 -54.63 -35.07
N GLY I 31 25.91 -54.95 -35.49
CA GLY I 31 26.20 -55.19 -36.90
C GLY I 31 27.17 -56.35 -37.07
N THR I 32 27.26 -56.86 -38.29
CA THR I 32 28.17 -57.97 -38.57
C THR I 32 28.59 -58.03 -40.03
N GLU I 33 29.71 -58.69 -40.30
CA GLU I 33 30.22 -58.85 -41.65
C GLU I 33 31.04 -60.14 -41.76
N ASN I 34 31.41 -60.50 -42.98
CA ASN I 34 32.21 -61.70 -43.21
C ASN I 34 33.57 -61.36 -43.82
N LYS I 35 34.63 -61.57 -43.04
CA LYS I 35 35.98 -61.29 -43.51
C LYS I 35 36.92 -62.45 -43.19
N ASP I 36 37.61 -62.93 -44.22
CA ASP I 36 38.58 -64.02 -44.09
C ASP I 36 37.99 -65.29 -43.48
N GLY I 37 36.75 -65.60 -43.88
CA GLY I 37 36.10 -66.81 -43.41
C GLY I 37 35.68 -66.77 -41.95
N GLU I 38 35.64 -65.57 -41.39
CA GLU I 38 35.23 -65.37 -40.01
C GLU I 38 34.27 -64.21 -39.88
N ASP I 39 33.25 -64.38 -39.04
CA ASP I 39 32.24 -63.34 -38.86
C ASP I 39 32.62 -62.37 -37.74
N ILE I 40 32.76 -61.10 -38.09
CA ILE I 40 33.13 -60.06 -37.13
C ILE I 40 31.90 -59.36 -36.58
N ILE I 41 31.80 -59.26 -35.26
CA ILE I 41 30.65 -58.64 -34.62
C ILE I 41 30.91 -57.19 -34.24
N PHE I 42 30.09 -56.29 -34.74
CA PHE I 42 30.21 -54.87 -34.44
C PHE I 42 29.23 -54.44 -33.36
N ASN I 43 29.77 -54.07 -32.20
CA ASN I 43 28.95 -53.60 -31.09
C ASN I 43 28.88 -52.07 -31.04
N TYR I 44 27.78 -51.51 -31.55
CA TYR I 44 27.63 -50.06 -31.61
C TYR I 44 27.16 -49.47 -30.29
N VAL I 45 27.91 -48.49 -29.79
CA VAL I 45 27.62 -47.85 -28.52
C VAL I 45 27.18 -46.40 -28.71
N PRO I 46 26.03 -46.03 -28.12
CA PRO I 46 25.53 -44.65 -28.19
C PRO I 46 26.51 -43.68 -27.54
N GLY I 47 27.12 -42.81 -28.34
CA GLY I 47 28.04 -41.81 -27.83
C GLY I 47 27.38 -40.45 -27.72
N PRO I 48 28.18 -39.40 -27.51
CA PRO I 48 27.68 -38.03 -27.41
C PRO I 48 27.00 -37.57 -28.70
N GLY I 49 25.73 -37.18 -28.61
CA GLY I 49 25.00 -36.72 -29.77
C GLY I 49 24.06 -37.77 -30.31
N THR I 50 24.08 -38.96 -29.70
CA THR I 50 23.21 -40.04 -30.11
C THR I 50 22.48 -40.64 -28.90
N LYS I 51 21.50 -41.49 -29.17
CA LYS I 51 20.74 -42.16 -28.12
C LYS I 51 19.98 -43.37 -28.66
N LEU I 52 20.01 -44.47 -27.92
CA LEU I 52 19.28 -45.67 -28.31
C LEU I 52 17.78 -45.48 -28.11
N ILE I 53 17.03 -45.50 -29.21
CA ILE I 53 15.59 -45.32 -29.17
C ILE I 53 14.87 -46.54 -29.72
N GLN I 54 13.89 -47.04 -28.98
CA GLN I 54 13.11 -48.19 -29.39
C GLN I 54 11.92 -47.79 -30.26
N TYR I 55 11.93 -48.22 -31.51
CA TYR I 55 10.85 -47.91 -32.45
C TYR I 55 9.99 -49.14 -32.71
N GLU I 56 8.84 -48.92 -33.34
CA GLU I 56 7.99 -50.03 -33.76
C GLU I 56 7.73 -49.97 -35.27
N HIS I 57 7.71 -51.14 -35.91
CA HIS I 57 7.49 -51.24 -37.34
C HIS I 57 7.23 -52.70 -37.72
N ASN I 58 6.25 -52.92 -38.59
CA ASN I 58 5.82 -54.26 -38.99
C ASN I 58 5.32 -55.14 -37.84
N GLY I 59 5.11 -54.54 -36.67
CA GLY I 59 4.64 -55.28 -35.51
C GLY I 59 5.74 -55.64 -34.53
N ARG I 60 6.97 -55.74 -35.04
CA ARG I 60 8.11 -56.09 -34.19
C ARG I 60 8.88 -54.84 -33.75
N THR I 61 9.27 -54.81 -32.48
CA THR I 61 10.01 -53.67 -31.94
C THR I 61 11.46 -53.67 -32.42
N LEU I 62 12.11 -52.52 -32.30
CA LEU I 62 13.48 -52.38 -32.78
C LEU I 62 14.18 -51.19 -32.11
N GLU I 63 15.38 -51.42 -31.59
CA GLU I 63 16.17 -50.36 -30.99
C GLU I 63 17.30 -49.93 -31.93
N ALA I 64 17.30 -48.65 -32.30
CA ALA I 64 18.29 -48.13 -33.24
C ALA I 64 18.93 -46.84 -32.75
N ILE I 65 20.21 -46.65 -33.09
CA ILE I 65 20.93 -45.44 -32.72
C ILE I 65 20.36 -44.23 -33.45
N THR I 66 19.96 -43.22 -32.68
CA THR I 66 19.35 -42.03 -33.26
C THR I 66 20.13 -40.78 -32.91
N ALA I 67 20.43 -39.97 -33.92
CA ALA I 67 21.14 -38.72 -33.72
C ALA I 67 20.26 -37.72 -32.97
N THR I 68 20.85 -37.04 -31.99
CA THR I 68 20.11 -36.06 -31.19
C THR I 68 20.61 -34.64 -31.44
N LEU I 69 21.63 -34.51 -32.28
CA LEU I 69 22.19 -33.22 -32.64
C LEU I 69 22.22 -33.02 -34.14
N VAL I 70 22.53 -31.80 -34.56
CA VAL I 70 22.69 -31.51 -35.98
C VAL I 70 24.17 -31.39 -36.34
N GLY I 71 24.65 -32.33 -37.14
CA GLY I 71 26.05 -32.36 -37.53
C GLY I 71 26.45 -33.62 -38.25
N THR I 72 27.74 -33.95 -38.22
CA THR I 72 28.27 -35.10 -38.92
C THR I 72 28.42 -36.31 -38.00
N VAL I 73 28.37 -37.50 -38.58
CA VAL I 73 28.47 -38.74 -37.82
C VAL I 73 29.88 -39.31 -37.87
N ARG I 74 30.44 -39.61 -36.70
CA ARG I 74 31.77 -40.21 -36.62
C ARG I 74 31.76 -41.49 -35.78
N CYS I 75 32.63 -42.43 -36.14
CA CYS I 75 32.74 -43.69 -35.41
C CYS I 75 34.18 -43.95 -35.01
N GLU I 76 34.37 -44.63 -33.87
CA GLU I 76 35.70 -44.95 -33.39
C GLU I 76 35.69 -46.21 -32.52
N GLU I 77 36.62 -47.12 -32.78
CA GLU I 77 36.72 -48.36 -32.01
C GLU I 77 37.37 -48.11 -30.66
N GLU I 78 36.74 -48.63 -29.60
CA GLU I 78 37.26 -48.44 -28.24
C GLU I 78 36.97 -49.65 -27.37
N LYS I 79 38.00 -50.09 -26.63
CA LYS I 79 37.86 -51.22 -25.72
C LYS I 79 38.71 -51.00 -24.46
N LYS I 80 38.22 -51.51 -23.33
CA LYS I 80 38.93 -51.35 -22.06
C LYS I 80 38.63 -52.52 -21.13
N THR I 108 33.79 -72.97 -27.56
CA THR I 108 33.57 -72.06 -28.67
C THR I 108 34.31 -70.75 -28.48
N ARG I 109 34.45 -69.98 -29.57
CA ARG I 109 35.13 -68.70 -29.52
C ARG I 109 34.37 -67.66 -30.33
N ARG I 110 34.60 -66.38 -30.02
CA ARG I 110 33.89 -65.30 -30.70
C ARG I 110 34.65 -63.98 -30.59
N THR I 111 34.67 -63.22 -31.69
CA THR I 111 35.36 -61.94 -31.73
C THR I 111 34.37 -60.78 -31.90
N VAL I 112 34.52 -59.75 -31.07
CA VAL I 112 33.61 -58.60 -31.11
C VAL I 112 34.38 -57.28 -31.11
N LYS I 113 34.05 -56.40 -32.06
CA LYS I 113 34.64 -55.07 -32.12
C LYS I 113 33.65 -54.01 -31.64
N ASN I 114 34.04 -53.25 -30.63
CA ASN I 114 33.18 -52.21 -30.08
C ASN I 114 33.36 -50.86 -30.77
N ILE I 115 32.28 -50.37 -31.38
CA ILE I 115 32.31 -49.11 -32.11
C ILE I 115 31.50 -48.03 -31.40
N LEU I 116 32.08 -46.84 -31.29
CA LEU I 116 31.41 -45.71 -30.63
C LEU I 116 30.81 -44.77 -31.66
N VAL I 117 29.47 -44.71 -31.69
CA VAL I 117 28.77 -43.83 -32.64
C VAL I 117 28.37 -42.52 -31.98
N SER I 118 28.82 -41.41 -32.56
CA SER I 118 28.52 -40.10 -32.01
C SER I 118 28.24 -39.08 -33.12
N VAL I 119 27.70 -37.92 -32.74
CA VAL I 119 27.41 -36.86 -33.70
C VAL I 119 28.04 -35.54 -33.26
N LEU I 120 28.89 -34.99 -34.11
CA LEU I 120 29.56 -33.73 -33.81
C LEU I 120 29.03 -32.59 -34.67
N PRO I 121 28.71 -31.45 -34.04
CA PRO I 121 28.15 -30.28 -34.71
C PRO I 121 29.08 -29.73 -35.79
N GLY I 122 28.57 -29.66 -37.02
CA GLY I 122 29.37 -29.16 -38.14
C GLY I 122 29.04 -29.85 -39.45
N ASN I 135 33.81 -23.79 -28.86
CA ASN I 135 32.82 -22.73 -28.91
C ASN I 135 31.56 -23.08 -28.14
N ASP I 136 31.09 -24.30 -28.30
CA ASP I 136 29.91 -24.77 -27.58
C ASP I 136 30.27 -25.53 -26.30
N PHE I 137 30.09 -24.85 -25.18
CA PHE I 137 30.37 -25.41 -23.86
C PHE I 137 29.29 -26.43 -23.50
N ALA I 138 28.19 -26.39 -24.24
CA ALA I 138 27.02 -27.22 -23.97
C ALA I 138 27.33 -28.71 -23.97
N ASN I 139 27.64 -29.26 -25.14
CA ASN I 139 27.84 -30.69 -25.30
C ASN I 139 29.06 -31.21 -24.54
N ASN I 140 29.94 -30.29 -24.14
CA ASN I 140 31.15 -30.67 -23.41
C ASN I 140 31.13 -30.16 -21.97
N LEU I 141 30.03 -30.41 -21.27
CA LEU I 141 29.88 -29.99 -19.89
C LEU I 141 30.88 -30.72 -19.00
N PRO I 142 31.46 -30.02 -18.01
CA PRO I 142 32.48 -30.59 -17.12
C PRO I 142 31.99 -31.84 -16.38
N LYS I 143 32.66 -32.95 -16.61
CA LYS I 143 32.35 -34.21 -15.93
C LYS I 143 33.57 -34.66 -15.14
N GLU I 144 33.38 -35.64 -14.26
CA GLU I 144 34.48 -36.19 -13.46
C GLU I 144 35.67 -36.62 -14.31
N GLY I 145 36.83 -36.07 -14.02
CA GLY I 145 38.04 -36.41 -14.74
C GLY I 145 38.49 -35.36 -15.72
N ASP I 146 37.56 -34.49 -16.13
CA ASP I 146 37.87 -33.45 -17.09
C ASP I 146 38.76 -32.36 -16.49
N ILE I 147 39.62 -31.79 -17.32
CA ILE I 147 40.48 -30.68 -16.90
C ILE I 147 39.83 -29.37 -17.32
N VAL I 148 39.83 -28.39 -16.42
CA VAL I 148 39.17 -27.12 -16.69
C VAL I 148 40.05 -25.91 -16.34
N LEU I 149 39.79 -24.79 -17.01
CA LEU I 149 40.44 -23.53 -16.69
C LEU I 149 39.51 -22.71 -15.80
N THR I 150 39.94 -22.42 -14.59
CA THR I 150 39.10 -21.70 -13.64
C THR I 150 39.76 -20.40 -13.18
N ARG I 151 38.96 -19.53 -12.56
CA ARG I 151 39.46 -18.28 -12.01
C ARG I 151 39.09 -18.15 -10.54
N VAL I 152 40.10 -17.94 -9.70
CA VAL I 152 39.89 -17.82 -8.26
C VAL I 152 39.07 -16.58 -7.92
N THR I 153 37.96 -16.77 -7.22
CA THR I 153 37.07 -15.66 -6.89
C THR I 153 37.15 -15.30 -5.41
N ARG I 154 37.50 -16.28 -4.58
CA ARG I 154 37.58 -16.06 -3.14
C ARG I 154 38.42 -17.14 -2.46
N LEU I 155 39.36 -16.71 -1.64
CA LEU I 155 40.18 -17.63 -0.86
C LEU I 155 39.66 -17.72 0.57
N SER I 156 39.72 -18.93 1.13
CA SER I 156 39.37 -19.13 2.53
C SER I 156 40.51 -19.87 3.21
N LEU I 157 40.39 -20.05 4.52
CA LEU I 157 41.43 -20.70 5.29
C LEU I 157 41.57 -22.19 4.95
N GLN I 158 40.50 -22.78 4.43
CA GLN I 158 40.46 -24.22 4.20
C GLN I 158 40.22 -24.62 2.74
N ARG I 159 39.74 -23.69 1.93
CA ARG I 159 39.44 -24.00 0.54
C ARG I 159 39.61 -22.80 -0.39
N ALA I 160 39.53 -23.05 -1.69
CA ALA I 160 39.63 -21.99 -2.68
C ALA I 160 38.44 -22.05 -3.65
N ASN I 161 37.61 -21.02 -3.63
CA ASN I 161 36.44 -20.96 -4.50
C ASN I 161 36.77 -20.38 -5.87
N VAL I 162 36.40 -21.11 -6.92
CA VAL I 162 36.68 -20.68 -8.29
C VAL I 162 35.44 -20.75 -9.17
N GLU I 163 35.52 -20.19 -10.36
CA GLU I 163 34.48 -20.33 -11.36
C GLU I 163 35.05 -20.92 -12.65
N ILE I 164 34.38 -21.92 -13.21
CA ILE I 164 34.84 -22.56 -14.44
C ILE I 164 34.63 -21.65 -15.64
N LEU I 165 35.71 -21.40 -16.38
CA LEU I 165 35.64 -20.53 -17.55
C LEU I 165 35.73 -21.33 -18.85
N ALA I 166 36.47 -22.42 -18.82
CA ALA I 166 36.63 -23.27 -20.00
C ALA I 166 36.94 -24.70 -19.61
N VAL I 167 36.65 -25.63 -20.51
CA VAL I 167 36.93 -27.04 -20.27
C VAL I 167 37.89 -27.59 -21.34
N GLU I 168 38.91 -28.31 -20.92
CA GLU I 168 39.81 -28.91 -21.89
C GLU I 168 39.09 -30.01 -22.65
N ASP I 169 39.23 -29.99 -23.97
CA ASP I 169 38.83 -31.11 -24.82
C ASP I 169 39.93 -32.10 -25.11
N LYS I 170 39.56 -33.31 -25.50
CA LYS I 170 40.52 -34.36 -25.82
C LYS I 170 40.99 -34.25 -27.28
N PRO I 171 42.28 -34.42 -27.49
CA PRO I 171 42.86 -34.35 -28.84
C PRO I 171 41.86 -34.79 -29.91
N ALA I 194 48.93 -28.63 -30.13
CA ALA I 194 48.25 -27.97 -29.02
C ALA I 194 46.85 -28.55 -28.79
N ALA I 195 46.38 -28.48 -27.56
CA ALA I 195 45.06 -29.00 -27.21
C ALA I 195 43.97 -28.01 -27.57
N THR I 196 42.72 -28.47 -27.56
CA THR I 196 41.58 -27.61 -27.87
C THR I 196 40.77 -27.30 -26.60
N PHE I 197 39.94 -26.27 -26.67
CA PHE I 197 39.16 -25.85 -25.51
C PHE I 197 37.71 -25.55 -25.89
N SER I 198 36.85 -25.57 -24.88
CA SER I 198 35.46 -25.17 -25.05
C SER I 198 35.12 -24.09 -24.02
N VAL I 199 34.97 -22.86 -24.49
CA VAL I 199 34.78 -21.70 -23.62
C VAL I 199 33.33 -21.52 -23.20
N SER I 200 33.11 -21.33 -21.91
CA SER I 200 31.77 -21.05 -21.39
C SER I 200 31.34 -19.64 -21.78
N GLN I 201 30.22 -19.53 -22.48
CA GLN I 201 29.72 -18.24 -22.95
C GLN I 201 28.96 -17.48 -21.87
N ALA I 202 28.80 -18.12 -20.71
CA ALA I 202 28.08 -17.51 -19.59
C ALA I 202 28.80 -16.27 -19.07
N SER I 203 28.08 -15.44 -18.32
CA SER I 203 28.65 -14.21 -17.77
C SER I 203 29.11 -14.39 -16.34
N SER I 204 30.30 -13.86 -16.04
CA SER I 204 30.85 -13.94 -14.69
C SER I 204 30.33 -12.81 -13.82
N ASP I 205 29.51 -11.95 -14.42
CA ASP I 205 28.98 -10.78 -13.73
C ASP I 205 27.65 -11.08 -13.06
N LEU I 206 26.98 -12.12 -13.55
CA LEU I 206 25.64 -12.47 -13.08
C LEU I 206 25.63 -13.81 -12.35
N GLY I 207 26.82 -14.35 -12.09
CA GLY I 207 26.94 -15.64 -11.44
C GLY I 207 26.41 -16.76 -12.32
N GLU I 208 26.49 -16.55 -13.63
CA GLU I 208 25.95 -17.48 -14.60
C GLU I 208 26.89 -18.66 -14.82
N THR I 209 28.14 -18.50 -14.39
CA THR I 209 29.16 -19.52 -14.58
C THR I 209 29.12 -20.58 -13.49
N PHE I 210 29.44 -21.82 -13.86
CA PHE I 210 29.50 -22.92 -12.90
C PHE I 210 30.66 -22.71 -11.93
N ARG I 211 30.34 -22.65 -10.64
CA ARG I 211 31.35 -22.43 -9.63
C ARG I 211 31.91 -23.75 -9.09
N GLY I 212 33.15 -23.71 -8.62
CA GLY I 212 33.81 -24.90 -8.10
C GLY I 212 34.62 -24.62 -6.85
N ILE I 213 35.15 -25.68 -6.25
CA ILE I 213 35.92 -25.56 -5.01
C ILE I 213 37.17 -26.44 -5.04
N ILE I 214 38.31 -25.83 -4.74
CA ILE I 214 39.56 -26.57 -4.57
C ILE I 214 39.92 -26.64 -3.10
N ARG I 215 39.71 -27.80 -2.49
CA ARG I 215 40.02 -28.00 -1.08
C ARG I 215 41.53 -27.95 -0.85
N SER I 216 41.92 -27.62 0.39
CA SER I 216 43.33 -27.45 0.73
C SER I 216 44.13 -28.74 0.55
N GLN I 217 43.49 -29.88 0.77
CA GLN I 217 44.18 -31.16 0.64
C GLN I 217 44.24 -31.64 -0.81
N ASP I 218 43.59 -30.91 -1.71
CA ASP I 218 43.61 -31.25 -3.12
C ASP I 218 44.44 -30.27 -3.92
N VAL I 219 45.15 -29.39 -3.21
CA VAL I 219 46.02 -28.41 -3.86
C VAL I 219 47.23 -29.09 -4.50
N ARG I 220 48.03 -29.76 -3.68
CA ARG I 220 49.19 -30.49 -4.18
C ARG I 220 49.15 -31.96 -3.73
N SER I 221 50.11 -32.74 -4.19
CA SER I 221 50.15 -34.17 -3.89
C SER I 221 50.91 -34.47 -2.60
N THR I 222 52.02 -33.76 -2.39
CA THR I 222 52.86 -34.00 -1.22
C THR I 222 52.53 -33.02 -0.10
N ASP I 223 52.53 -33.53 1.14
CA ASP I 223 52.25 -32.72 2.33
C ASP I 223 50.90 -32.02 2.20
N ARG I 224 49.83 -32.82 2.14
CA ARG I 224 48.49 -32.27 1.96
C ARG I 224 47.86 -31.84 3.28
N ASP I 225 48.56 -32.13 4.39
CA ASP I 225 48.06 -31.78 5.71
C ASP I 225 48.35 -30.32 6.06
N ARG I 226 49.56 -29.88 5.75
CA ARG I 226 49.97 -28.50 6.04
C ARG I 226 50.06 -27.68 4.76
N VAL I 227 48.92 -27.11 4.35
CA VAL I 227 48.85 -26.31 3.14
C VAL I 227 48.25 -24.94 3.41
N LYS I 228 49.04 -23.89 3.17
CA LYS I 228 48.54 -22.52 3.26
C LYS I 228 47.93 -22.09 1.95
N VAL I 229 46.65 -21.72 1.97
CA VAL I 229 45.92 -21.35 0.77
C VAL I 229 46.47 -20.05 0.18
N ILE I 230 46.84 -19.12 1.05
CA ILE I 230 47.31 -17.80 0.62
C ILE I 230 48.63 -17.87 -0.16
N GLU I 231 49.35 -18.98 -0.01
CA GLU I 231 50.63 -19.16 -0.68
C GLU I 231 50.51 -20.08 -1.89
N CYS I 232 49.30 -20.55 -2.16
CA CYS I 232 49.06 -21.43 -3.30
C CYS I 232 48.29 -20.71 -4.40
N PHE I 233 47.26 -19.96 -4.02
CA PHE I 233 46.45 -19.21 -4.97
C PHE I 233 46.26 -17.77 -4.52
N LYS I 234 45.79 -16.93 -5.44
CA LYS I 234 45.44 -15.55 -5.14
C LYS I 234 44.20 -15.19 -5.95
N PRO I 235 43.40 -14.23 -5.46
CA PRO I 235 42.20 -13.81 -6.17
C PRO I 235 42.52 -13.31 -7.58
N GLY I 236 41.82 -13.84 -8.58
CA GLY I 236 42.03 -13.43 -9.95
C GLY I 236 42.89 -14.40 -10.74
N ASP I 237 43.64 -15.25 -10.03
CA ASP I 237 44.51 -16.23 -10.67
C ASP I 237 43.72 -17.18 -11.57
N ILE I 238 44.34 -17.56 -12.68
CA ILE I 238 43.73 -18.52 -13.59
C ILE I 238 44.31 -19.90 -13.34
N VAL I 239 43.51 -20.75 -12.69
CA VAL I 239 43.99 -22.05 -12.24
C VAL I 239 43.49 -23.20 -13.11
N ARG I 240 44.42 -23.98 -13.64
CA ARG I 240 44.09 -25.18 -14.41
C ARG I 240 43.89 -26.34 -13.45
N ALA I 241 42.67 -26.86 -13.39
CA ALA I 241 42.34 -27.92 -12.45
C ALA I 241 41.57 -29.07 -13.10
N GLN I 242 41.48 -30.19 -12.39
CA GLN I 242 40.77 -31.37 -12.89
C GLN I 242 39.58 -31.70 -12.00
N VAL I 243 38.47 -32.08 -12.62
CA VAL I 243 37.24 -32.38 -11.88
C VAL I 243 37.31 -33.69 -11.11
N LEU I 244 37.03 -33.62 -9.82
CA LEU I 244 36.97 -34.82 -8.98
C LEU I 244 35.56 -35.39 -8.95
N SER I 245 34.58 -34.53 -8.73
CA SER I 245 33.18 -34.93 -8.73
C SER I 245 32.28 -33.75 -9.09
N LEU I 246 31.02 -34.04 -9.40
CA LEU I 246 30.07 -33.00 -9.74
C LEU I 246 29.67 -32.20 -8.50
N GLY I 247 29.80 -32.82 -7.34
CA GLY I 247 29.42 -32.19 -6.09
C GLY I 247 27.93 -31.89 -6.05
N ASP I 248 27.57 -30.75 -5.46
CA ASP I 248 26.19 -30.31 -5.45
C ASP I 248 25.94 -29.35 -6.60
N GLY I 249 24.73 -28.78 -6.65
CA GLY I 249 24.38 -27.86 -7.71
C GLY I 249 25.16 -26.57 -7.65
N THR I 250 25.67 -26.25 -6.47
CA THR I 250 26.41 -25.01 -6.26
C THR I 250 27.86 -25.11 -6.73
N ASN I 251 28.61 -26.03 -6.13
CA ASN I 251 30.04 -26.11 -6.40
C ASN I 251 30.51 -27.45 -6.97
N TYR I 252 31.33 -27.37 -8.02
CA TYR I 252 32.07 -28.53 -8.49
C TYR I 252 33.17 -28.81 -7.48
N TYR I 253 33.79 -29.99 -7.57
CA TYR I 253 34.95 -30.30 -6.75
C TYR I 253 36.15 -30.61 -7.62
N LEU I 254 37.18 -29.77 -7.51
CA LEU I 254 38.33 -29.86 -8.40
C LEU I 254 39.61 -30.20 -7.65
N THR I 255 40.68 -30.45 -8.40
CA THR I 255 41.98 -30.75 -7.83
C THR I 255 43.10 -30.19 -8.69
N THR I 256 44.24 -29.92 -8.07
CA THR I 256 45.42 -29.44 -8.78
C THR I 256 46.66 -30.20 -8.36
N ALA I 257 46.45 -31.42 -7.87
CA ALA I 257 47.54 -32.24 -7.33
C ALA I 257 48.32 -32.99 -8.42
N ARG I 258 48.66 -32.29 -9.50
CA ARG I 258 49.53 -32.84 -10.54
C ARG I 258 50.50 -31.77 -11.03
N ASN I 259 51.52 -32.20 -11.77
CA ASN I 259 52.54 -31.28 -12.27
C ASN I 259 52.01 -30.24 -13.27
N ASP I 260 51.07 -30.67 -14.12
CA ASP I 260 50.52 -29.79 -15.15
C ASP I 260 49.28 -29.05 -14.65
N LEU I 261 49.07 -29.04 -13.35
CA LEU I 261 47.93 -28.35 -12.75
C LEU I 261 48.41 -27.25 -11.80
N GLY I 262 47.57 -26.23 -11.62
CA GLY I 262 47.90 -25.12 -10.75
C GLY I 262 47.71 -23.78 -11.43
N VAL I 263 48.26 -22.73 -10.84
CA VAL I 263 48.16 -21.39 -11.40
C VAL I 263 48.89 -21.28 -12.73
N VAL I 264 48.17 -20.88 -13.76
CA VAL I 264 48.73 -20.79 -15.10
C VAL I 264 48.96 -19.33 -15.52
N PHE I 265 47.94 -18.51 -15.38
CA PHE I 265 48.05 -17.10 -15.70
C PHE I 265 47.79 -16.23 -14.47
N ALA I 266 48.65 -15.24 -14.24
CA ALA I 266 48.50 -14.37 -13.08
C ALA I 266 49.25 -13.05 -13.25
N ARG I 267 48.77 -12.03 -12.55
CA ARG I 267 49.45 -10.74 -12.49
C ARG I 267 49.82 -10.43 -11.04
N ALA I 268 50.83 -9.59 -10.86
CA ALA I 268 51.27 -9.23 -9.52
C ALA I 268 50.23 -8.37 -8.80
N ALA I 269 50.17 -8.52 -7.48
CA ALA I 269 49.26 -7.74 -6.63
C ALA I 269 47.80 -7.83 -7.07
N ASN I 270 47.36 -9.04 -7.41
CA ASN I 270 45.97 -9.30 -7.79
C ASN I 270 45.51 -8.51 -9.01
N GLY I 271 46.37 -8.44 -10.03
CA GLY I 271 46.02 -7.77 -11.27
C GLY I 271 46.41 -6.30 -11.31
N ALA I 272 46.92 -5.80 -10.19
CA ALA I 272 47.33 -4.40 -10.11
C ALA I 272 48.77 -4.21 -10.56
N GLY I 273 49.44 -5.33 -10.88
CA GLY I 273 50.82 -5.29 -11.31
C GLY I 273 51.03 -5.84 -12.70
N GLY I 274 52.28 -6.15 -13.03
CA GLY I 274 52.62 -6.64 -14.35
C GLY I 274 52.42 -8.14 -14.49
N LEU I 275 52.72 -8.65 -15.68
CA LEU I 275 52.56 -10.07 -15.96
C LEU I 275 53.59 -10.91 -15.22
N MET I 276 53.15 -12.05 -14.68
CA MET I 276 54.06 -12.97 -14.02
C MET I 276 54.06 -14.33 -14.72
N TYR I 277 55.25 -14.86 -14.94
CA TYR I 277 55.40 -16.17 -15.58
C TYR I 277 55.91 -17.20 -14.58
N ALA I 278 55.62 -18.46 -14.84
CA ALA I 278 56.01 -19.54 -13.93
C ALA I 278 57.47 -19.96 -14.15
N THR I 279 58.38 -19.31 -13.42
CA THR I 279 59.79 -19.67 -13.48
C THR I 279 60.03 -20.97 -12.73
N ASP I 280 59.66 -20.99 -11.45
CA ASP I 280 59.73 -22.19 -10.63
C ASP I 280 58.32 -22.75 -10.49
N TRP I 281 58.21 -24.03 -10.14
CA TRP I 281 56.91 -24.67 -9.96
C TRP I 281 56.19 -24.12 -8.74
N GLN I 282 56.92 -23.46 -7.86
CA GLN I 282 56.36 -22.93 -6.62
C GLN I 282 56.58 -21.41 -6.53
N MET I 283 57.12 -20.82 -7.59
CA MET I 283 57.40 -19.39 -7.58
C MET I 283 57.11 -18.73 -8.93
N MET I 284 56.39 -17.63 -8.90
CA MET I 284 56.10 -16.86 -10.11
C MET I 284 56.80 -15.50 -10.08
N THR I 285 57.48 -15.17 -11.17
CA THR I 285 58.27 -13.94 -11.24
C THR I 285 57.86 -13.05 -12.41
N SER I 286 58.19 -11.77 -12.31
CA SER I 286 57.90 -10.80 -13.36
C SER I 286 59.20 -10.35 -14.04
N PRO I 287 59.27 -10.50 -15.36
CA PRO I 287 60.46 -10.14 -16.14
C PRO I 287 60.80 -8.66 -16.04
N VAL I 288 59.79 -7.80 -15.88
CA VAL I 288 60.00 -6.36 -15.84
C VAL I 288 60.46 -5.87 -14.47
N THR I 289 59.63 -6.13 -13.45
CA THR I 289 59.91 -5.63 -12.11
C THR I 289 60.94 -6.48 -11.36
N GLY I 290 60.87 -7.79 -11.54
CA GLY I 290 61.78 -8.70 -10.86
C GLY I 290 61.18 -9.26 -9.58
N ALA I 291 60.14 -8.60 -9.08
CA ALA I 291 59.47 -9.03 -7.87
C ALA I 291 58.75 -10.36 -8.09
N THR I 292 58.89 -11.27 -7.13
CA THR I 292 58.31 -12.60 -7.25
C THR I 292 57.18 -12.82 -6.24
N GLU I 293 56.35 -13.82 -6.50
CA GLU I 293 55.26 -14.19 -5.60
C GLU I 293 55.20 -15.71 -5.47
N LYS I 294 54.72 -16.19 -4.33
CA LYS I 294 54.62 -17.62 -4.09
C LYS I 294 53.26 -18.18 -4.48
N ARG I 295 53.23 -19.05 -5.48
CA ARG I 295 51.98 -19.67 -5.94
C ARG I 295 52.20 -21.13 -6.35
N LYS I 296 51.13 -21.93 -6.27
CA LYS I 296 51.20 -23.31 -6.73
C LYS I 296 51.05 -23.33 -8.25
N CYS I 297 52.18 -23.24 -8.94
CA CYS I 297 52.19 -23.12 -10.40
C CYS I 297 52.24 -24.47 -11.08
N ALA I 298 51.82 -24.49 -12.34
CA ALA I 298 51.95 -25.70 -13.16
C ALA I 298 53.39 -25.82 -13.64
N LYS I 299 53.88 -27.05 -13.74
CA LYS I 299 55.26 -27.30 -14.14
C LYS I 299 55.55 -26.75 -15.54
N PRO I 300 56.49 -25.79 -15.63
CA PRO I 300 56.88 -25.18 -16.90
C PRO I 300 57.72 -26.12 -17.76
N ARG J 11 -30.82 -20.60 10.23
CA ARG J 11 -31.12 -21.29 11.48
C ARG J 11 -31.12 -20.33 12.66
N ARG J 12 -31.28 -20.88 13.87
CA ARG J 12 -31.26 -20.09 15.09
C ARG J 12 -30.45 -20.79 16.15
N LYS J 13 -29.46 -20.09 16.71
CA LYS J 13 -28.59 -20.66 17.72
C LYS J 13 -28.92 -20.15 19.13
N ARG J 14 -28.92 -21.06 20.10
CA ARG J 14 -29.14 -20.71 21.49
C ARG J 14 -27.80 -20.55 22.21
N LEU J 15 -27.64 -19.44 22.93
CA LEU J 15 -26.40 -19.18 23.64
C LEU J 15 -26.54 -19.47 25.14
N ALA J 16 -25.46 -19.22 25.88
CA ALA J 16 -25.40 -19.55 27.29
C ALA J 16 -26.28 -18.67 28.17
N ASP J 17 -26.41 -17.39 27.80
CA ASP J 17 -27.16 -16.43 28.60
C ASP J 17 -28.67 -16.58 28.41
N GLY J 18 -29.06 -17.56 27.61
CA GLY J 18 -30.46 -17.72 27.22
C GLY J 18 -30.73 -16.79 26.06
N LEU J 19 -29.65 -16.25 25.50
CA LEU J 19 -29.72 -15.35 24.36
C LEU J 19 -29.72 -16.18 23.09
N SER J 20 -30.40 -15.68 22.07
CA SER J 20 -30.44 -16.35 20.78
C SER J 20 -29.84 -15.45 19.71
N VAL J 21 -29.54 -16.03 18.54
CA VAL J 21 -28.98 -15.24 17.45
C VAL J 21 -29.40 -15.80 16.08
N THR J 22 -29.88 -14.91 15.22
CA THR J 22 -30.27 -15.30 13.86
C THR J 22 -29.65 -14.34 12.84
N GLN J 23 -30.02 -14.53 11.58
CA GLN J 23 -29.41 -13.77 10.50
C GLN J 23 -30.40 -12.87 9.78
N LYS J 24 -30.18 -11.56 9.85
CA LYS J 24 -30.98 -10.60 9.12
C LYS J 24 -30.26 -10.20 7.84
N VAL J 25 -30.80 -10.63 6.69
CA VAL J 25 -30.17 -10.36 5.40
C VAL J 25 -31.10 -9.59 4.47
N PHE J 26 -30.60 -8.46 3.95
CA PHE J 26 -31.38 -7.66 3.00
C PHE J 26 -30.51 -7.10 1.88
N VAL J 27 -31.15 -6.60 0.83
CA VAL J 27 -30.43 -6.04 -0.31
C VAL J 27 -30.54 -4.52 -0.35
N ARG J 28 -29.40 -3.86 -0.46
CA ARG J 28 -29.36 -2.41 -0.52
C ARG J 28 -29.06 -1.91 -1.93
N SER J 29 -30.05 -1.31 -2.56
CA SER J 29 -29.87 -0.72 -3.89
C SER J 29 -29.37 0.71 -3.76
N ARG J 30 -28.18 0.97 -4.28
CA ARG J 30 -27.59 2.31 -4.21
C ARG J 30 -26.88 2.66 -5.50
N ASN J 31 -27.31 3.78 -6.10
CA ASN J 31 -26.71 4.26 -7.34
C ASN J 31 -26.73 3.23 -8.46
N GLY J 32 -27.83 2.48 -8.54
CA GLY J 32 -27.97 1.45 -9.55
C GLY J 32 -27.19 0.20 -9.21
N GLY J 33 -26.67 0.14 -7.99
CA GLY J 33 -25.89 -0.99 -7.53
C GLY J 33 -26.70 -1.96 -6.69
N ALA J 34 -26.20 -3.19 -6.56
CA ALA J 34 -26.88 -4.20 -5.76
C ALA J 34 -25.91 -4.87 -4.79
N THR J 35 -26.08 -4.59 -3.50
CA THR J 35 -25.21 -5.15 -2.46
C THR J 35 -26.01 -5.97 -1.45
N LYS J 36 -25.57 -7.20 -1.23
CA LYS J 36 -26.20 -8.07 -0.24
C LYS J 36 -25.68 -7.77 1.16
N ILE J 37 -26.52 -7.15 1.98
CA ILE J 37 -26.14 -6.80 3.34
C ILE J 37 -26.61 -7.87 4.32
N VAL J 38 -25.70 -8.34 5.16
CA VAL J 38 -26.05 -9.32 6.17
C VAL J 38 -25.56 -8.90 7.56
N ARG J 39 -26.49 -8.78 8.50
CA ARG J 39 -26.17 -8.47 9.88
C ARG J 39 -26.74 -9.56 10.78
N GLU J 40 -26.09 -9.78 11.92
CA GLU J 40 -26.61 -10.75 12.87
C GLU J 40 -27.70 -10.14 13.74
N HIS J 41 -28.69 -10.94 14.09
CA HIS J 41 -29.86 -10.47 14.82
C HIS J 41 -30.04 -11.26 16.11
N TYR J 42 -29.76 -10.60 17.24
CA TYR J 42 -29.84 -11.25 18.54
C TYR J 42 -31.23 -11.19 19.14
N LEU J 43 -31.71 -12.34 19.61
CA LEU J 43 -33.03 -12.45 20.23
C LEU J 43 -32.90 -12.54 21.74
N ARG J 44 -33.34 -11.49 22.43
CA ARG J 44 -33.20 -11.42 23.88
C ARG J 44 -34.38 -12.07 24.60
N SER J 45 -34.41 -11.90 25.92
CA SER J 45 -35.49 -12.45 26.73
C SER J 45 -35.76 -11.52 27.91
N ASP J 46 -35.10 -10.36 27.91
CA ASP J 46 -35.24 -9.40 28.99
C ASP J 46 -35.74 -8.04 28.51
N ILE J 47 -36.74 -8.06 27.63
CA ILE J 47 -37.32 -6.82 27.11
C ILE J 47 -38.52 -6.39 27.95
N PRO J 48 -38.37 -5.26 28.66
CA PRO J 48 -39.41 -4.75 29.57
C PRO J 48 -40.65 -4.26 28.82
N CYS J 49 -41.82 -4.47 29.42
CA CYS J 49 -43.07 -3.98 28.86
C CYS J 49 -43.23 -2.50 29.17
N LEU J 50 -42.44 -2.01 30.12
CA LEU J 50 -42.43 -0.62 30.52
C LEU J 50 -43.78 -0.14 31.06
N SER J 51 -44.47 -1.02 31.76
CA SER J 51 -45.78 -0.68 32.35
C SER J 51 -45.70 -0.64 33.88
N ARG J 52 -46.37 0.35 34.46
CA ARG J 52 -46.42 0.50 35.92
C ARG J 52 -47.13 -0.68 36.58
N SER J 53 -48.06 -1.29 35.85
CA SER J 53 -48.85 -2.40 36.38
C SER J 53 -48.03 -3.69 36.49
N CYS J 54 -47.08 -3.87 35.59
CA CYS J 54 -46.31 -5.09 35.52
C CYS J 54 -45.52 -5.39 36.80
N THR J 55 -45.52 -6.66 37.19
CA THR J 55 -44.83 -7.08 38.41
C THR J 55 -43.80 -8.15 38.12
N LYS J 56 -43.57 -8.44 36.84
CA LYS J 56 -42.63 -9.47 36.44
C LYS J 56 -41.39 -8.87 35.78
N CYS J 57 -41.61 -7.92 34.87
CA CYS J 57 -40.51 -7.27 34.14
C CYS J 57 -39.42 -6.60 34.98
N PRO J 58 -39.79 -5.85 36.05
CA PRO J 58 -38.73 -5.23 36.84
C PRO J 58 -37.76 -6.24 37.48
N GLN J 59 -38.16 -7.50 37.55
CA GLN J 59 -37.32 -8.54 38.13
C GLN J 59 -36.32 -9.11 37.12
N ILE J 60 -36.57 -8.84 35.84
CA ILE J 60 -35.72 -9.37 34.78
C ILE J 60 -34.98 -8.28 34.02
N VAL J 61 -35.17 -7.03 34.44
CA VAL J 61 -34.58 -5.89 33.74
C VAL J 61 -33.12 -5.67 34.19
N VAL J 62 -32.30 -5.17 33.27
CA VAL J 62 -30.89 -4.91 33.55
C VAL J 62 -30.52 -3.45 33.28
N PRO J 63 -29.56 -2.91 34.06
CA PRO J 63 -29.12 -1.52 33.87
C PRO J 63 -28.35 -1.33 32.57
N ASP J 64 -28.34 -0.10 32.06
CA ASP J 64 -27.65 0.20 30.81
C ASP J 64 -26.17 0.52 31.04
N ALA J 65 -25.58 1.27 30.12
CA ALA J 65 -24.16 1.61 30.19
C ALA J 65 -23.83 2.52 31.36
N GLN J 66 -24.74 3.44 31.67
CA GLN J 66 -24.52 4.40 32.74
C GLN J 66 -25.09 3.92 34.07
N ASN J 67 -25.27 2.60 34.19
CA ASN J 67 -25.80 1.98 35.41
C ASN J 67 -27.15 2.53 35.82
N GLU J 68 -28.08 2.61 34.87
CA GLU J 68 -29.40 3.18 35.11
C GLU J 68 -30.50 2.30 34.53
N LEU J 69 -31.30 1.70 35.41
CA LEU J 69 -32.42 0.88 34.98
C LEU J 69 -33.48 1.75 34.31
N PRO J 70 -34.09 1.24 33.22
CA PRO J 70 -35.11 2.00 32.50
C PRO J 70 -36.39 2.16 33.31
N LYS J 71 -37.04 3.31 33.15
CA LYS J 71 -38.23 3.62 33.95
C LYS J 71 -39.50 3.08 33.31
N PHE J 72 -40.32 2.41 34.13
CA PHE J 72 -41.63 1.95 33.69
C PHE J 72 -42.61 3.12 33.76
N ILE J 73 -43.05 3.59 32.60
CA ILE J 73 -43.81 4.83 32.54
C ILE J 73 -45.30 4.67 32.21
N LEU J 74 -45.65 3.59 31.52
CA LEU J 74 -47.04 3.35 31.15
C LEU J 74 -47.94 3.24 32.39
N SER J 75 -48.90 4.15 32.49
CA SER J 75 -49.74 4.29 33.68
C SER J 75 -50.49 3.01 34.07
N ASP J 76 -50.64 2.80 35.37
CA ASP J 76 -51.35 1.63 35.88
C ASP J 76 -52.86 1.80 35.79
N SER J 77 -53.30 3.02 35.47
CA SER J 77 -54.72 3.30 35.25
C SER J 77 -54.89 4.21 34.03
N PRO J 78 -54.81 3.62 32.83
CA PRO J 78 -54.90 4.39 31.58
C PRO J 78 -56.32 4.88 31.30
N LEU J 79 -56.52 5.51 30.15
CA LEU J 79 -57.82 6.01 29.74
C LEU J 79 -58.84 4.87 29.63
N GLU J 80 -59.88 4.93 30.46
CA GLU J 80 -60.91 3.91 30.46
C GLU J 80 -62.03 4.26 29.48
N LEU J 81 -62.38 3.28 28.65
CA LEU J 81 -63.33 3.45 27.59
C LEU J 81 -64.43 2.45 27.77
N SER J 82 -65.57 2.71 27.14
CA SER J 82 -66.72 1.81 27.24
C SER J 82 -66.34 0.39 26.84
N ALA J 83 -66.82 -0.59 27.61
CA ALA J 83 -66.54 -1.99 27.34
C ALA J 83 -66.77 -2.32 25.87
N PRO J 84 -66.16 -3.41 25.41
CA PRO J 84 -65.32 -4.25 26.28
C PRO J 84 -63.87 -3.78 26.29
N ILE J 85 -63.66 -2.51 25.95
CA ILE J 85 -62.31 -1.95 25.93
C ILE J 85 -61.79 -1.69 27.34
N GLY J 86 -62.61 -1.05 28.16
CA GLY J 86 -62.24 -0.73 29.52
C GLY J 86 -60.99 0.09 29.59
N LYS J 87 -60.08 -0.27 30.47
CA LYS J 87 -58.78 0.37 30.54
C LYS J 87 -58.00 -0.18 29.39
N HIS J 88 -57.15 0.60 28.77
CA HIS J 88 -56.48 0.06 27.58
C HIS J 88 -55.18 0.78 27.24
N TYR J 89 -54.29 0.05 26.57
CA TYR J 89 -53.11 0.65 25.96
C TYR J 89 -53.30 0.66 24.45
N VAL J 90 -52.63 1.59 23.78
CA VAL J 90 -52.76 1.72 22.33
C VAL J 90 -51.47 1.34 21.61
N VAL J 91 -51.58 0.36 20.70
CA VAL J 91 -50.45 -0.01 19.85
C VAL J 91 -50.68 0.54 18.45
N LEU J 92 -49.68 1.22 17.91
CA LEU J 92 -49.83 1.90 16.63
C LEU J 92 -49.30 1.11 15.44
N ASP J 93 -49.88 1.36 14.28
CA ASP J 93 -49.40 0.79 13.03
C ASP J 93 -48.48 1.82 12.37
N THR J 94 -47.79 1.42 11.31
CA THR J 94 -46.87 2.31 10.62
C THR J 94 -47.60 3.45 9.91
N ASN J 95 -48.72 3.12 9.27
CA ASN J 95 -49.47 4.10 8.49
C ASN J 95 -50.14 5.18 9.32
N VAL J 96 -50.73 4.78 10.45
CA VAL J 96 -51.43 5.73 11.31
C VAL J 96 -50.47 6.73 11.96
N VAL J 97 -49.19 6.35 12.03
CA VAL J 97 -48.16 7.24 12.55
C VAL J 97 -47.76 8.28 11.51
N LEU J 98 -47.55 7.81 10.28
CA LEU J 98 -47.13 8.67 9.18
C LEU J 98 -48.20 9.70 8.81
N GLN J 99 -49.46 9.33 9.01
CA GLN J 99 -50.56 10.18 8.56
C GLN J 99 -51.08 11.13 9.64
N ALA J 100 -51.21 10.64 10.86
CA ALA J 100 -51.77 11.43 11.95
C ALA J 100 -50.79 11.67 13.09
N ILE J 101 -49.58 12.11 12.76
CA ILE J 101 -48.59 12.44 13.77
C ILE J 101 -49.03 13.66 14.59
N ASP J 102 -49.81 14.54 13.96
CA ASP J 102 -50.35 15.71 14.63
C ASP J 102 -51.34 15.31 15.71
N LEU J 103 -52.18 14.32 15.39
CA LEU J 103 -53.17 13.82 16.33
C LEU J 103 -52.48 13.03 17.44
N LEU J 104 -51.30 12.50 17.14
CA LEU J 104 -50.51 11.76 18.12
C LEU J 104 -49.78 12.69 19.08
N GLU J 105 -49.79 13.98 18.76
CA GLU J 105 -49.16 14.97 19.62
C GLU J 105 -50.22 15.78 20.36
N ASN J 106 -51.48 15.55 20.02
CA ASN J 106 -52.59 16.24 20.65
C ASN J 106 -52.72 15.86 22.12
N PRO J 107 -52.67 16.88 23.01
CA PRO J 107 -52.72 16.67 24.47
C PRO J 107 -54.03 16.06 24.96
N ASN J 108 -55.05 16.03 24.12
CA ASN J 108 -56.37 15.57 24.54
C ASN J 108 -56.71 14.14 24.12
N CYS J 109 -55.70 13.42 23.64
CA CYS J 109 -55.89 12.02 23.24
C CYS J 109 -54.55 11.28 23.17
N PHE J 110 -54.62 9.96 23.09
CA PHE J 110 -53.43 9.11 23.06
C PHE J 110 -52.50 9.38 24.23
N PHE J 111 -52.81 8.79 25.38
CA PHE J 111 -52.05 9.05 26.60
C PHE J 111 -51.05 7.93 26.90
N ASP J 112 -51.46 6.69 26.70
CA ASP J 112 -50.58 5.55 26.87
C ASP J 112 -50.47 4.78 25.57
N VAL J 113 -49.34 4.96 24.88
CA VAL J 113 -49.16 4.38 23.55
C VAL J 113 -47.92 3.51 23.45
N ILE J 114 -48.07 2.32 22.85
CA ILE J 114 -46.96 1.41 22.64
C ILE J 114 -46.55 1.40 21.17
N VAL J 115 -45.31 1.83 20.91
CA VAL J 115 -44.79 1.86 19.54
C VAL J 115 -43.79 0.72 19.31
N PRO J 116 -44.20 -0.28 18.53
CA PRO J 116 -43.34 -1.44 18.22
C PRO J 116 -42.05 -1.01 17.52
N GLN J 117 -40.98 -1.79 17.71
CA GLN J 117 -39.70 -1.50 17.09
C GLN J 117 -39.81 -1.50 15.58
N ILE J 118 -40.52 -2.49 15.05
CA ILE J 118 -40.68 -2.63 13.60
C ILE J 118 -41.39 -1.41 13.02
N VAL J 119 -42.31 -0.82 13.78
CA VAL J 119 -43.00 0.39 13.36
C VAL J 119 -42.02 1.56 13.35
N LEU J 120 -41.29 1.71 14.45
CA LEU J 120 -40.31 2.78 14.59
C LEU J 120 -39.27 2.76 13.47
N ASP J 121 -38.91 1.55 13.05
CA ASP J 121 -37.94 1.37 11.98
C ASP J 121 -38.50 1.79 10.63
N GLU J 122 -39.72 1.35 10.35
CA GLU J 122 -40.38 1.67 9.08
C GLU J 122 -40.64 3.17 8.95
N VAL J 123 -41.00 3.81 10.06
CA VAL J 123 -41.24 5.24 10.07
C VAL J 123 -39.95 6.01 9.81
N ARG J 124 -38.86 5.51 10.39
CA ARG J 124 -37.55 6.13 10.22
C ARG J 124 -37.12 6.13 8.75
N ASN J 125 -37.38 5.02 8.07
CA ASN J 125 -36.99 4.88 6.67
C ASN J 125 -37.91 5.65 5.73
N LYS J 126 -39.21 5.66 6.04
CA LYS J 126 -40.19 6.33 5.20
C LYS J 126 -40.17 7.84 5.42
N SER J 127 -40.04 8.27 6.66
CA SER J 127 -40.02 9.70 6.99
C SER J 127 -39.25 9.99 8.27
N TYR J 128 -38.01 10.44 8.13
CA TYR J 128 -37.17 10.79 9.27
C TYR J 128 -37.72 11.88 10.20
N PRO J 129 -38.28 12.97 9.65
CA PRO J 129 -38.81 13.99 10.56
C PRO J 129 -39.95 13.51 11.44
N VAL J 130 -40.80 12.63 10.91
CA VAL J 130 -41.88 12.05 11.71
C VAL J 130 -41.29 11.14 12.78
N TYR J 131 -40.26 10.39 12.41
CA TYR J 131 -39.56 9.51 13.34
C TYR J 131 -38.98 10.27 14.53
N THR J 132 -38.46 11.46 14.25
CA THR J 132 -37.90 12.32 15.30
C THR J 132 -39.01 12.80 16.24
N ARG J 133 -40.14 13.18 15.65
CA ARG J 133 -41.28 13.65 16.43
C ARG J 133 -41.86 12.53 17.29
N LEU J 134 -41.80 11.31 16.78
CA LEU J 134 -42.31 10.15 17.51
C LEU J 134 -41.38 9.80 18.67
N ARG J 135 -40.07 9.91 18.43
CA ARG J 135 -39.08 9.67 19.47
C ARG J 135 -39.18 10.71 20.57
N THR J 136 -39.50 11.95 20.18
CA THR J 136 -39.65 13.04 21.13
C THR J 136 -40.81 12.77 22.09
N LEU J 137 -41.88 12.19 21.55
CA LEU J 137 -43.04 11.82 22.36
C LEU J 137 -42.68 10.74 23.38
N CYS J 138 -41.80 9.83 22.98
CA CYS J 138 -41.34 8.77 23.86
C CYS J 138 -40.42 9.32 24.93
N ARG J 139 -39.51 10.20 24.52
CA ARG J 139 -38.52 10.78 25.41
C ARG J 139 -39.11 11.76 26.42
N ASP J 140 -40.01 12.62 25.94
CA ASP J 140 -40.62 13.63 26.80
C ASP J 140 -41.91 13.16 27.45
N SER J 141 -41.92 11.91 27.90
CA SER J 141 -43.10 11.35 28.56
C SER J 141 -43.30 11.97 29.94
N ASP J 142 -44.50 12.46 30.18
CA ASP J 142 -44.84 13.06 31.47
C ASP J 142 -46.03 12.37 32.12
N ASP J 143 -46.84 13.12 32.85
CA ASP J 143 -48.02 12.58 33.49
C ASP J 143 -49.27 12.78 32.63
N HIS J 144 -49.09 13.37 31.45
CA HIS J 144 -50.17 13.58 30.51
C HIS J 144 -50.08 12.63 29.33
N LYS J 145 -48.89 12.54 28.74
CA LYS J 145 -48.65 11.69 27.59
C LYS J 145 -47.52 10.72 27.83
N ARG J 146 -47.72 9.46 27.47
CA ARG J 146 -46.72 8.42 27.70
C ARG J 146 -46.55 7.51 26.49
N PHE J 147 -45.39 7.61 25.84
CA PHE J 147 -45.07 6.77 24.69
C PHE J 147 -43.83 5.92 24.98
N ILE J 148 -43.87 4.65 24.56
CA ILE J 148 -42.71 3.78 24.71
C ILE J 148 -42.34 3.10 23.40
N VAL J 149 -41.18 2.45 23.39
CA VAL J 149 -40.75 1.67 22.24
C VAL J 149 -40.45 0.24 22.68
N PHE J 150 -41.36 -0.68 22.35
CA PHE J 150 -41.16 -2.08 22.67
C PHE J 150 -40.39 -2.79 21.57
N HIS J 151 -39.14 -3.14 21.86
CA HIS J 151 -38.29 -3.80 20.87
C HIS J 151 -38.77 -5.23 20.59
N ASN J 152 -39.79 -5.35 19.74
CA ASN J 152 -40.41 -6.63 19.45
C ASN J 152 -39.55 -7.54 18.60
N GLU J 153 -38.70 -6.95 17.77
CA GLU J 153 -37.83 -7.72 16.89
C GLU J 153 -36.70 -8.39 17.68
N PHE J 154 -36.33 -7.76 18.81
CA PHE J 154 -35.25 -8.27 19.64
C PHE J 154 -35.75 -9.24 20.71
N SER J 155 -37.05 -9.20 20.98
CA SER J 155 -37.66 -10.11 21.96
C SER J 155 -37.99 -11.45 21.33
N GLU J 156 -37.48 -12.53 21.92
CA GLU J 156 -37.70 -13.87 21.40
C GLU J 156 -39.17 -14.27 21.46
N HIS J 157 -39.89 -13.68 22.40
CA HIS J 157 -41.31 -14.00 22.58
C HIS J 157 -42.19 -13.46 21.46
N THR J 158 -41.77 -12.33 20.88
CA THR J 158 -42.59 -11.64 19.89
C THR J 158 -42.02 -11.69 18.48
N PHE J 159 -40.74 -12.06 18.37
CA PHE J 159 -40.09 -12.08 17.06
C PHE J 159 -40.69 -13.13 16.14
N VAL J 160 -41.13 -12.69 14.96
CA VAL J 160 -41.63 -13.60 13.94
C VAL J 160 -40.73 -13.56 12.71
N GLU J 161 -40.67 -14.67 11.99
CA GLU J 161 -39.85 -14.74 10.79
C GLU J 161 -40.71 -14.98 9.55
N ARG J 162 -40.22 -14.51 8.41
CA ARG J 162 -40.95 -14.60 7.16
C ARG J 162 -41.33 -16.02 6.79
N LEU J 163 -42.62 -16.26 6.61
CA LEU J 163 -43.11 -17.55 6.17
C LEU J 163 -42.89 -17.70 4.67
N PRO J 164 -42.79 -18.96 4.19
CA PRO J 164 -42.64 -19.23 2.75
C PRO J 164 -43.73 -18.54 1.93
N ASN J 165 -43.32 -17.83 0.88
CA ASN J 165 -44.25 -17.08 0.03
C ASN J 165 -45.07 -16.04 0.81
N GLU J 166 -44.37 -15.13 1.48
CA GLU J 166 -45.03 -14.07 2.24
C GLU J 166 -44.33 -12.74 2.01
N THR J 167 -45.10 -11.73 1.64
CA THR J 167 -44.54 -10.39 1.43
C THR J 167 -44.09 -9.78 2.75
N ILE J 168 -43.10 -8.89 2.66
CA ILE J 168 -42.52 -8.25 3.84
C ILE J 168 -43.55 -7.40 4.58
N ASN J 169 -44.50 -6.84 3.84
CA ASN J 169 -45.53 -6.01 4.43
C ASN J 169 -46.49 -6.81 5.29
N ASP J 170 -46.75 -8.05 4.89
CA ASP J 170 -47.64 -8.92 5.66
C ASP J 170 -46.93 -9.50 6.88
N ARG J 171 -45.63 -9.72 6.77
CA ARG J 171 -44.85 -10.21 7.90
C ARG J 171 -44.79 -9.15 9.00
N ASN J 172 -44.53 -7.91 8.59
CA ASN J 172 -44.47 -6.80 9.52
C ASN J 172 -45.81 -6.54 10.22
N ASN J 173 -46.89 -6.64 9.46
CA ASN J 173 -48.23 -6.52 10.03
C ASN J 173 -48.51 -7.66 11.00
N ARG J 174 -47.98 -8.84 10.69
CA ARG J 174 -48.12 -9.99 11.57
C ARG J 174 -47.25 -9.82 12.82
N ALA J 175 -46.13 -9.13 12.65
CA ALA J 175 -45.22 -8.85 13.76
C ALA J 175 -45.87 -7.90 14.76
N ILE J 176 -46.50 -6.84 14.24
CA ILE J 176 -47.21 -5.89 15.08
C ILE J 176 -48.36 -6.58 15.80
N ARG J 177 -49.06 -7.43 15.06
CA ARG J 177 -50.20 -8.17 15.60
C ARG J 177 -49.75 -9.16 16.67
N LYS J 178 -48.54 -9.68 16.52
CA LYS J 178 -47.98 -10.61 17.51
C LYS J 178 -47.62 -9.85 18.79
N THR J 179 -47.18 -8.61 18.63
CA THR J 179 -46.84 -7.77 19.78
C THR J 179 -48.09 -7.45 20.58
N CYS J 180 -49.18 -7.13 19.89
CA CYS J 180 -50.45 -6.86 20.54
C CYS J 180 -50.95 -8.10 21.26
N GLN J 181 -50.80 -9.25 20.61
CA GLN J 181 -51.20 -10.53 21.19
C GLN J 181 -50.40 -10.82 22.45
N TRP J 182 -49.10 -10.54 22.39
CA TRP J 182 -48.22 -10.76 23.53
C TRP J 182 -48.56 -9.82 24.68
N TYR J 183 -48.68 -8.53 24.36
CA TYR J 183 -49.02 -7.52 25.36
C TYR J 183 -50.36 -7.81 26.02
N SER J 184 -51.33 -8.25 25.23
CA SER J 184 -52.65 -8.57 25.73
C SER J 184 -52.57 -9.67 26.77
N GLU J 185 -51.90 -10.76 26.43
CA GLU J 185 -51.75 -11.90 27.33
C GLU J 185 -50.90 -11.52 28.54
N HIS J 186 -49.93 -10.64 28.32
CA HIS J 186 -49.00 -10.24 29.36
C HIS J 186 -49.64 -9.31 30.39
N LEU J 187 -50.70 -8.62 29.99
CA LEU J 187 -51.34 -7.63 30.85
C LEU J 187 -52.72 -8.07 31.34
N LYS J 188 -53.08 -9.33 31.08
CA LYS J 188 -54.34 -9.90 31.54
C LYS J 188 -54.58 -9.79 33.06
N PRO J 189 -53.57 -10.12 33.89
CA PRO J 189 -53.82 -10.03 35.34
C PRO J 189 -54.08 -8.59 35.83
N TYR J 190 -53.78 -7.61 35.00
CA TYR J 190 -53.95 -6.21 35.40
C TYR J 190 -55.18 -5.58 34.75
N ASP J 191 -55.97 -6.42 34.07
CA ASP J 191 -57.22 -5.99 33.43
C ASP J 191 -57.03 -4.82 32.45
N ILE J 192 -55.89 -4.82 31.76
CA ILE J 192 -55.62 -3.79 30.76
C ILE J 192 -55.58 -4.39 29.36
N ASN J 193 -56.58 -4.06 28.55
CA ASN J 193 -56.63 -4.54 27.17
C ASN J 193 -55.72 -3.72 26.27
N VAL J 194 -55.51 -4.20 25.05
CA VAL J 194 -54.73 -3.46 24.08
C VAL J 194 -55.54 -3.20 22.80
N VAL J 195 -55.45 -1.98 22.29
CA VAL J 195 -56.18 -1.60 21.09
C VAL J 195 -55.20 -1.33 19.94
N LEU J 196 -55.37 -2.06 18.84
CA LEU J 196 -54.52 -1.87 17.68
C LEU J 196 -55.14 -0.87 16.70
N VAL J 197 -54.57 0.33 16.66
CA VAL J 197 -55.04 1.36 15.74
C VAL J 197 -54.36 1.22 14.39
N THR J 198 -55.10 0.74 13.40
CA THR J 198 -54.54 0.51 12.07
C THR J 198 -55.58 0.75 10.96
N ASN J 199 -55.14 1.39 9.89
CA ASN J 199 -56.01 1.64 8.74
C ASN J 199 -55.89 0.54 7.69
N ASP J 200 -54.90 -0.33 7.86
CA ASP J 200 -54.68 -1.44 6.94
C ASP J 200 -55.82 -2.45 7.05
N ARG J 201 -56.36 -2.84 5.90
CA ARG J 201 -57.50 -3.76 5.85
C ARG J 201 -57.08 -5.20 6.14
N LEU J 202 -55.79 -5.47 6.06
CA LEU J 202 -55.28 -6.82 6.29
C LEU J 202 -55.33 -7.20 7.77
N ASN J 203 -54.88 -6.30 8.63
CA ASN J 203 -54.90 -6.54 10.07
C ASN J 203 -56.31 -6.56 10.65
N ARG J 204 -57.17 -5.68 10.13
CA ARG J 204 -58.55 -5.61 10.59
C ARG J 204 -59.32 -6.87 10.23
N GLU J 205 -59.06 -7.40 9.03
CA GLU J 205 -59.71 -8.61 8.56
C GLU J 205 -59.20 -9.83 9.33
N ALA J 206 -57.90 -9.85 9.61
CA ALA J 206 -57.28 -10.96 10.32
C ALA J 206 -57.74 -11.02 11.78
N ALA J 207 -58.17 -9.88 12.30
CA ALA J 207 -58.65 -9.80 13.67
C ALA J 207 -60.16 -9.99 13.74
N THR J 208 -60.86 -9.59 12.68
CA THR J 208 -62.31 -9.76 12.60
C THR J 208 -62.67 -11.23 12.51
N LYS J 209 -61.89 -11.98 11.72
CA LYS J 209 -62.11 -13.42 11.59
C LYS J 209 -61.79 -14.13 12.90
N GLU J 210 -60.88 -13.54 13.68
CA GLU J 210 -60.48 -14.07 14.98
C GLU J 210 -60.02 -15.52 14.89
N VAL J 211 -59.05 -15.76 14.01
CA VAL J 211 -58.56 -17.11 13.76
C VAL J 211 -57.78 -17.68 14.94
N GLU J 212 -56.73 -16.97 15.36
CA GLU J 212 -55.85 -17.45 16.41
C GLU J 212 -56.21 -16.89 17.78
N SER J 213 -55.77 -15.66 18.05
CA SER J 213 -56.01 -15.03 19.34
C SER J 213 -56.93 -13.82 19.23
N ASN J 214 -57.53 -13.43 20.35
CA ASN J 214 -58.44 -12.29 20.38
C ASN J 214 -57.71 -10.95 20.51
N ILE J 215 -57.79 -10.13 19.47
CA ILE J 215 -57.11 -8.84 19.45
C ILE J 215 -58.05 -7.72 19.03
N ILE J 216 -58.18 -6.72 19.90
CA ILE J 216 -59.07 -5.58 19.65
C ILE J 216 -58.48 -4.64 18.60
N THR J 217 -59.02 -4.71 17.39
CA THR J 217 -58.53 -3.89 16.28
C THR J 217 -59.51 -2.80 15.89
N LYS J 218 -59.04 -1.56 15.88
CA LYS J 218 -59.86 -0.42 15.49
C LYS J 218 -59.10 0.44 14.49
N SER J 219 -59.80 1.00 13.51
CA SER J 219 -59.18 1.94 12.59
C SER J 219 -59.06 3.28 13.28
N LEU J 220 -58.30 4.21 12.69
CA LEU J 220 -58.04 5.50 13.30
C LEU J 220 -59.32 6.29 13.55
N VAL J 221 -60.13 6.46 12.51
CA VAL J 221 -61.39 7.19 12.62
C VAL J 221 -62.35 6.46 13.57
N GLN J 222 -62.36 5.13 13.50
CA GLN J 222 -63.24 4.32 14.33
C GLN J 222 -62.85 4.38 15.80
N TYR J 223 -61.56 4.55 16.07
CA TYR J 223 -61.07 4.66 17.44
C TYR J 223 -61.42 6.01 18.06
N ILE J 224 -61.26 7.07 17.27
CA ILE J 224 -61.56 8.42 17.71
C ILE J 224 -63.02 8.55 18.15
N GLU J 225 -63.89 7.81 17.46
CA GLU J 225 -65.33 7.87 17.74
C GLU J 225 -65.71 7.10 19.01
N LEU J 226 -64.69 6.64 19.75
CA LEU J 226 -64.92 5.93 20.99
C LEU J 226 -64.42 6.74 22.19
N LEU J 227 -63.88 7.91 21.92
CA LEU J 227 -63.34 8.77 22.97
C LEU J 227 -64.38 9.77 23.47
N PRO J 228 -64.27 10.18 24.75
CA PRO J 228 -65.19 11.16 25.35
C PRO J 228 -65.18 12.49 24.61
N ASN J 229 -64.03 12.88 24.09
CA ASN J 229 -63.90 14.15 23.38
C ASN J 229 -63.78 13.96 21.88
N ALA J 230 -64.59 13.06 21.34
CA ALA J 230 -64.55 12.72 19.92
C ALA J 230 -64.82 13.93 19.02
N ASP J 231 -65.73 14.80 19.45
CA ASP J 231 -66.11 15.96 18.66
C ASP J 231 -65.00 17.02 18.64
N ASP J 232 -64.12 16.98 19.64
CA ASP J 232 -63.06 17.97 19.75
C ASP J 232 -61.79 17.57 19.01
N ILE J 233 -61.70 16.30 18.62
CA ILE J 233 -60.49 15.79 18.00
C ILE J 233 -60.76 15.12 16.65
N ARG J 234 -62.01 15.14 16.20
CA ARG J 234 -62.37 14.53 14.93
C ARG J 234 -61.86 15.36 13.75
N ASP J 235 -61.60 16.63 14.01
CA ASP J 235 -61.15 17.54 12.96
C ASP J 235 -59.66 17.39 12.66
N SER J 236 -58.98 16.56 13.45
CA SER J 236 -57.55 16.38 13.29
C SER J 236 -57.21 15.10 12.51
N ILE J 237 -58.24 14.32 12.17
CA ILE J 237 -58.05 13.11 11.38
C ILE J 237 -57.63 13.47 9.97
N PRO J 238 -56.51 12.88 9.50
CA PRO J 238 -56.00 13.15 8.15
C PRO J 238 -56.93 12.60 7.07
N GLN J 239 -57.13 13.36 6.00
CA GLN J 239 -57.99 12.94 4.91
C GLN J 239 -57.17 12.54 3.69
N THR J 251 -66.79 15.52 -7.60
CA THR J 251 -65.85 16.15 -8.50
C THR J 251 -65.35 17.49 -7.93
N PHE J 252 -64.04 17.69 -8.00
CA PHE J 252 -63.43 18.91 -7.48
C PHE J 252 -62.37 19.42 -8.46
N SER J 253 -62.67 19.33 -9.75
CA SER J 253 -61.69 19.71 -10.77
C SER J 253 -62.30 19.98 -12.13
N ASP J 254 -61.53 20.71 -12.95
CA ASP J 254 -61.86 20.91 -14.36
C ASP J 254 -60.86 20.14 -15.21
N PHE J 255 -59.63 20.06 -14.72
CA PHE J 255 -58.57 19.30 -15.37
C PHE J 255 -57.90 18.37 -14.37
N THR J 256 -56.86 17.66 -14.82
CA THR J 256 -56.16 16.72 -13.95
C THR J 256 -54.65 16.85 -14.10
N PHE J 257 -53.94 16.99 -12.99
CA PHE J 257 -52.49 17.07 -12.98
C PHE J 257 -51.88 15.75 -13.44
N PRO J 258 -50.75 15.82 -14.15
CA PRO J 258 -50.04 14.61 -14.58
C PRO J 258 -49.40 13.90 -13.38
N GLU J 259 -49.30 12.58 -13.46
CA GLU J 259 -48.70 11.80 -12.38
C GLU J 259 -47.21 12.10 -12.24
N TYR J 260 -46.69 11.97 -11.02
CA TYR J 260 -45.27 12.14 -10.79
C TYR J 260 -44.50 10.93 -11.32
N TYR J 261 -43.27 11.16 -11.76
CA TYR J 261 -42.43 10.07 -12.23
C TYR J 261 -42.07 9.16 -11.08
N SER J 262 -41.76 7.90 -11.38
CA SER J 262 -41.34 6.96 -10.36
C SER J 262 -39.97 7.36 -9.82
N THR J 263 -39.67 6.92 -8.60
CA THR J 263 -38.39 7.24 -7.98
C THR J 263 -37.24 6.68 -8.79
N ALA J 264 -37.45 5.50 -9.38
CA ALA J 264 -36.43 4.85 -10.20
C ALA J 264 -36.16 5.64 -11.48
N ARG J 265 -37.20 6.29 -12.00
CA ARG J 265 -37.06 7.06 -13.23
C ARG J 265 -36.29 8.36 -13.01
N VAL J 266 -36.68 9.11 -11.97
CA VAL J 266 -36.03 10.38 -11.67
C VAL J 266 -34.59 10.19 -11.23
N MET J 267 -34.31 9.05 -10.61
CA MET J 267 -32.96 8.75 -10.15
C MET J 267 -32.05 8.49 -11.34
N GLY J 268 -32.61 7.85 -12.36
CA GLY J 268 -31.87 7.62 -13.59
C GLY J 268 -31.77 8.89 -14.42
N GLY J 269 -32.78 9.74 -14.30
CA GLY J 269 -32.81 11.00 -15.01
C GLY J 269 -31.75 11.96 -14.52
N LEU J 270 -31.61 12.06 -13.20
CA LEU J 270 -30.59 12.91 -12.61
C LEU J 270 -29.20 12.41 -12.95
N LYS J 271 -29.05 11.09 -13.02
CA LYS J 271 -27.76 10.47 -13.27
C LYS J 271 -27.36 10.57 -14.75
N ASN J 272 -28.36 10.68 -15.62
CA ASN J 272 -28.11 10.78 -17.05
C ASN J 272 -28.20 12.22 -17.58
N GLY J 273 -28.26 13.17 -16.67
CA GLY J 273 -28.29 14.58 -17.03
C GLY J 273 -29.55 14.99 -17.78
N VAL J 274 -30.62 14.22 -17.58
CA VAL J 274 -31.89 14.50 -18.24
C VAL J 274 -32.80 15.32 -17.33
N LEU J 275 -32.88 14.92 -16.06
CA LEU J 275 -33.69 15.64 -15.09
C LEU J 275 -32.79 16.43 -14.14
N TYR J 276 -33.36 17.47 -13.53
CA TYR J 276 -32.58 18.37 -12.67
C TYR J 276 -33.39 18.77 -11.45
N GLN J 277 -32.73 18.76 -10.28
CA GLN J 277 -33.41 19.13 -9.04
C GLN J 277 -32.94 20.47 -8.49
N GLY J 278 -33.84 21.18 -7.84
CA GLY J 278 -33.53 22.47 -7.24
C GLY J 278 -34.71 23.01 -6.46
N ASN J 279 -34.52 24.14 -5.80
CA ASN J 279 -35.60 24.79 -5.06
C ASN J 279 -36.39 25.75 -5.93
N ILE J 280 -37.71 25.62 -5.89
CA ILE J 280 -38.59 26.43 -6.74
C ILE J 280 -39.11 27.66 -6.01
N GLN J 281 -39.15 28.78 -6.71
CA GLN J 281 -39.70 30.02 -6.17
C GLN J 281 -41.02 30.38 -6.83
N ILE J 282 -42.03 30.62 -6.01
CA ILE J 282 -43.33 31.06 -6.50
C ILE J 282 -43.72 32.38 -5.83
N SER J 283 -43.81 33.44 -6.63
CA SER J 283 -44.09 34.77 -6.12
C SER J 283 -45.58 34.99 -5.88
N GLU J 284 -45.89 35.86 -4.92
CA GLU J 284 -47.29 36.18 -4.61
C GLU J 284 -47.89 37.06 -5.70
N TYR J 285 -47.03 37.66 -6.53
CA TYR J 285 -47.46 38.50 -7.63
C TYR J 285 -47.95 37.66 -8.80
N ASN J 286 -47.48 36.42 -8.87
CA ASN J 286 -47.86 35.51 -9.95
C ASN J 286 -47.76 34.05 -9.52
N PHE J 287 -48.93 33.42 -9.38
CA PHE J 287 -48.99 32.02 -8.94
C PHE J 287 -48.93 31.04 -10.11
N LEU J 288 -48.94 31.56 -11.33
CA LEU J 288 -48.95 30.72 -12.52
C LEU J 288 -47.56 30.59 -13.13
N GLU J 289 -46.55 31.13 -12.44
CA GLU J 289 -45.18 31.06 -12.93
C GLU J 289 -44.20 30.82 -11.79
N GLY J 290 -43.34 29.80 -11.97
CA GLY J 290 -42.31 29.48 -11.01
C GLY J 290 -40.95 29.44 -11.66
N SER J 291 -39.91 29.47 -10.85
CA SER J 291 -38.54 29.43 -11.35
C SER J 291 -37.64 28.58 -10.45
N VAL J 292 -36.87 27.69 -11.06
CA VAL J 292 -35.98 26.81 -10.30
C VAL J 292 -34.51 27.18 -10.49
N SER J 293 -33.76 27.11 -9.40
CA SER J 293 -32.33 27.40 -9.44
C SER J 293 -31.54 26.12 -9.70
N LEU J 294 -31.00 26.00 -10.91
CA LEU J 294 -30.24 24.81 -11.29
C LEU J 294 -28.74 25.12 -11.40
N PRO J 295 -27.90 24.19 -10.92
CA PRO J 295 -26.45 24.37 -10.94
C PRO J 295 -25.87 24.38 -12.35
N ARG J 296 -26.44 23.58 -13.25
CA ARG J 296 -25.93 23.49 -14.61
C ARG J 296 -26.30 24.72 -15.45
N PHE J 297 -27.28 25.48 -14.99
CA PHE J 297 -27.77 26.63 -15.75
C PHE J 297 -27.45 27.96 -15.06
N SER J 298 -27.10 28.96 -15.85
CA SER J 298 -26.73 30.28 -15.31
C SER J 298 -27.94 31.01 -14.75
N LYS J 299 -28.95 31.19 -15.59
CA LYS J 299 -30.19 31.86 -15.18
C LYS J 299 -31.26 30.84 -14.82
N PRO J 300 -32.09 31.14 -13.80
CA PRO J 300 -33.11 30.21 -13.31
C PRO J 300 -34.12 29.81 -14.39
N VAL J 301 -34.40 28.51 -14.47
CA VAL J 301 -35.34 27.99 -15.45
C VAL J 301 -36.79 28.29 -15.05
N LEU J 302 -37.53 28.95 -15.95
CA LEU J 302 -38.91 29.30 -15.68
C LEU J 302 -39.84 28.10 -15.83
N ILE J 303 -40.92 28.09 -15.05
CA ILE J 303 -41.94 27.05 -15.16
C ILE J 303 -43.31 27.71 -15.33
N VAL J 304 -43.80 27.71 -16.56
CA VAL J 304 -45.04 28.41 -16.90
C VAL J 304 -46.22 27.45 -17.00
N GLY J 305 -47.33 27.80 -16.34
CA GLY J 305 -48.52 26.99 -16.38
C GLY J 305 -48.87 26.41 -15.01
N GLN J 306 -50.07 25.88 -14.88
CA GLN J 306 -50.50 25.27 -13.63
C GLN J 306 -50.23 23.77 -13.66
N LYS J 307 -50.32 23.17 -14.84
CA LYS J 307 -49.98 21.77 -15.01
C LYS J 307 -48.47 21.56 -14.93
N ASN J 308 -47.72 22.56 -15.38
CA ASN J 308 -46.26 22.49 -15.36
C ASN J 308 -45.68 22.65 -13.96
N LEU J 309 -46.32 23.47 -13.14
CA LEU J 309 -45.93 23.62 -11.75
C LEU J 309 -46.25 22.34 -10.99
N ASN J 310 -47.33 21.68 -11.40
CA ASN J 310 -47.73 20.38 -10.86
C ASN J 310 -47.80 20.34 -9.34
N ARG J 311 -48.71 21.12 -8.77
CA ARG J 311 -49.02 21.08 -7.34
C ARG J 311 -47.82 21.36 -6.44
N ALA J 312 -46.87 22.14 -6.95
CA ALA J 312 -45.67 22.46 -6.18
C ALA J 312 -45.86 23.69 -5.30
N PHE J 313 -45.25 23.66 -4.12
CA PHE J 313 -45.28 24.80 -3.21
C PHE J 313 -44.00 25.61 -3.31
N ASN J 314 -44.05 26.84 -2.79
CA ASN J 314 -42.87 27.68 -2.76
C ASN J 314 -41.84 27.14 -1.78
N GLY J 315 -40.61 26.96 -2.25
CA GLY J 315 -39.53 26.48 -1.40
C GLY J 315 -39.32 24.99 -1.50
N ASP J 316 -40.19 24.30 -2.24
CA ASP J 316 -40.09 22.87 -2.43
C ASP J 316 -38.90 22.50 -3.31
N GLN J 317 -38.21 21.43 -2.96
CA GLN J 317 -37.18 20.87 -3.83
C GLN J 317 -37.87 20.00 -4.87
N VAL J 318 -37.87 20.46 -6.11
CA VAL J 318 -38.57 19.75 -7.19
C VAL J 318 -37.60 19.23 -8.24
N ILE J 319 -38.02 18.20 -8.97
CA ILE J 319 -37.26 17.69 -10.09
C ILE J 319 -37.97 18.09 -11.38
N VAL J 320 -37.26 18.81 -12.24
CA VAL J 320 -37.86 19.36 -13.44
C VAL J 320 -37.33 18.71 -14.73
N GLU J 321 -38.17 18.71 -15.76
CA GLU J 321 -37.78 18.22 -17.07
C GLU J 321 -37.92 19.35 -18.09
N LEU J 322 -36.88 19.58 -18.86
CA LEU J 322 -36.87 20.65 -19.85
C LEU J 322 -37.91 20.43 -20.96
N LEU J 323 -38.75 21.43 -21.16
CA LEU J 323 -39.76 21.37 -22.22
C LEU J 323 -39.10 21.62 -23.58
N PRO J 324 -39.74 21.17 -24.67
CA PRO J 324 -39.24 21.42 -26.02
C PRO J 324 -39.00 22.91 -26.29
N GLN J 325 -38.10 23.21 -27.20
CA GLN J 325 -37.70 24.59 -27.48
C GLN J 325 -38.86 25.44 -28.00
N SER J 326 -39.84 24.78 -28.60
CA SER J 326 -41.03 25.47 -29.11
C SER J 326 -41.94 25.95 -27.98
N GLU J 327 -41.77 25.36 -26.81
CA GLU J 327 -42.61 25.69 -25.66
C GLU J 327 -41.93 26.70 -24.74
N TRP J 328 -40.87 27.34 -25.22
CA TRP J 328 -40.13 28.31 -24.42
C TRP J 328 -40.79 29.69 -24.42
N LYS J 329 -40.30 30.57 -23.55
CA LYS J 329 -40.89 31.89 -23.37
C LYS J 329 -39.98 33.00 -23.90
N ALA J 330 -40.59 33.99 -24.54
CA ALA J 330 -39.87 35.16 -25.01
C ALA J 330 -40.38 36.41 -24.32
N PRO J 331 -39.55 36.99 -23.43
CA PRO J 331 -39.95 38.17 -22.65
C PRO J 331 -40.06 39.43 -23.51
N VAL J 366 -38.70 15.98 -28.35
CA VAL J 366 -37.58 15.07 -28.20
C VAL J 366 -38.02 13.72 -27.64
N ILE J 367 -37.22 12.69 -27.88
CA ILE J 367 -37.54 11.34 -27.43
C ILE J 367 -36.40 10.73 -26.63
N SER J 368 -35.26 10.55 -27.28
CA SER J 368 -34.10 9.91 -26.65
C SER J 368 -33.43 10.82 -25.62
N ASP J 369 -32.56 10.23 -24.81
CA ASP J 369 -31.84 10.97 -23.79
C ASP J 369 -30.78 11.86 -24.42
N LYS J 370 -30.28 11.46 -25.58
CA LYS J 370 -29.27 12.22 -26.30
C LYS J 370 -29.84 13.58 -26.72
N GLN J 371 -31.06 13.57 -27.24
CA GLN J 371 -31.72 14.79 -27.67
C GLN J 371 -32.05 15.70 -26.49
N ARG J 372 -32.31 15.09 -25.34
CA ARG J 372 -32.62 15.86 -24.13
C ARG J 372 -31.38 16.56 -23.59
N ARG J 373 -30.22 15.94 -23.74
CA ARG J 373 -28.96 16.55 -23.34
C ARG J 373 -28.56 17.63 -24.34
N LEU J 374 -28.96 17.47 -25.59
CA LEU J 374 -28.74 18.50 -26.60
C LEU J 374 -29.67 19.67 -26.34
N LEU J 375 -30.89 19.37 -25.92
CA LEU J 375 -31.86 20.39 -25.57
C LEU J 375 -31.34 21.18 -24.39
N ALA J 376 -30.67 20.49 -23.46
CA ALA J 376 -30.09 21.12 -22.29
C ALA J 376 -29.01 22.11 -22.70
N LYS J 377 -28.19 21.73 -23.68
CA LYS J 377 -27.13 22.59 -24.18
C LYS J 377 -27.70 23.80 -24.90
N ASP J 378 -28.76 23.59 -25.68
CA ASP J 378 -29.43 24.68 -26.37
C ASP J 378 -30.09 25.62 -25.37
N ALA J 379 -30.45 25.08 -24.20
CA ALA J 379 -31.04 25.87 -23.14
C ALA J 379 -30.00 26.77 -22.49
N MET J 380 -28.79 26.26 -22.33
CA MET J 380 -27.69 27.04 -21.75
C MET J 380 -27.29 28.17 -22.69
N ILE J 381 -27.31 27.89 -24.00
CA ILE J 381 -27.01 28.88 -25.01
C ILE J 381 -28.05 29.99 -25.00
N ALA J 382 -29.32 29.60 -24.92
CA ALA J 382 -30.43 30.54 -24.94
C ALA J 382 -30.42 31.47 -23.73
N GLN J 383 -29.89 30.99 -22.61
CA GLN J 383 -29.81 31.78 -21.40
C GLN J 383 -28.73 32.86 -21.51
N ARG J 384 -27.70 32.58 -22.29
CA ARG J 384 -26.63 33.54 -22.51
C ARG J 384 -27.06 34.63 -23.49
N SER J 385 -27.90 34.26 -24.45
CA SER J 385 -28.35 35.18 -25.49
C SER J 385 -29.34 36.21 -24.96
N LYS J 386 -30.07 35.84 -23.91
CA LYS J 386 -31.04 36.72 -23.26
C LYS J 386 -32.18 37.17 -24.17
N LYS J 387 -32.38 36.45 -25.28
CA LYS J 387 -33.49 36.73 -26.17
C LYS J 387 -34.70 35.89 -25.78
N ILE J 388 -34.51 34.56 -25.80
CA ILE J 388 -35.54 33.63 -25.35
C ILE J 388 -35.05 32.88 -24.12
N GLN J 389 -35.96 32.57 -23.21
CA GLN J 389 -35.60 31.86 -21.98
C GLN J 389 -36.30 30.51 -21.88
N PRO J 390 -35.53 29.45 -21.58
CA PRO J 390 -36.02 28.06 -21.52
C PRO J 390 -37.04 27.84 -20.41
N THR J 391 -38.01 26.97 -20.67
CA THR J 391 -39.01 26.61 -19.68
C THR J 391 -38.96 25.12 -19.38
N ALA J 392 -39.55 24.71 -18.26
CA ALA J 392 -39.57 23.30 -17.87
C ALA J 392 -40.86 22.95 -17.12
N LYS J 393 -40.94 21.72 -16.67
CA LYS J 393 -42.09 21.25 -15.90
C LYS J 393 -41.61 20.36 -14.76
N VAL J 394 -42.21 20.53 -13.59
CA VAL J 394 -41.87 19.66 -12.47
C VAL J 394 -42.54 18.30 -12.64
N VAL J 395 -41.80 17.24 -12.34
CA VAL J 395 -42.28 15.89 -12.57
C VAL J 395 -42.17 15.06 -11.29
N TYR J 396 -41.65 15.68 -10.24
CA TYR J 396 -41.40 14.99 -8.99
C TYR J 396 -41.11 16.00 -7.89
N ILE J 397 -41.62 15.74 -6.69
CA ILE J 397 -41.33 16.61 -5.55
C ILE J 397 -40.40 15.89 -4.58
N GLN J 398 -39.12 16.28 -4.60
CA GLN J 398 -38.11 15.66 -3.74
C GLN J 398 -38.42 15.88 -2.26
N ARG J 399 -38.41 17.14 -1.85
CA ARG J 399 -38.68 17.47 -0.45
C ARG J 399 -39.72 18.59 -0.34
N ARG J 400 -40.87 18.24 0.23
CA ARG J 400 -41.92 19.23 0.46
C ARG J 400 -41.51 20.20 1.55
N SER J 401 -41.88 21.46 1.39
CA SER J 401 -41.62 22.48 2.41
C SER J 401 -42.81 22.57 3.35
N TRP J 402 -43.65 21.55 3.34
CA TRP J 402 -44.87 21.52 4.15
C TRP J 402 -44.56 21.50 5.65
N ARG J 403 -45.44 22.12 6.42
CA ARG J 403 -45.32 22.18 7.87
C ARG J 403 -46.66 22.60 8.45
N GLN J 404 -46.70 22.84 9.76
CA GLN J 404 -47.90 23.35 10.39
C GLN J 404 -48.06 24.84 10.09
N TYR J 405 -49.02 25.17 9.24
CA TYR J 405 -49.24 26.56 8.83
C TYR J 405 -50.32 27.23 9.67
N VAL J 406 -50.26 28.55 9.75
CA VAL J 406 -51.28 29.34 10.41
C VAL J 406 -52.14 30.04 9.37
N GLY J 407 -53.45 29.98 9.55
CA GLY J 407 -54.37 30.63 8.64
C GLY J 407 -55.72 30.90 9.26
N GLN J 408 -56.68 31.26 8.43
CA GLN J 408 -58.04 31.53 8.88
C GLN J 408 -59.05 31.06 7.84
N LEU J 409 -60.20 30.58 8.31
CA LEU J 409 -61.23 30.09 7.40
C LEU J 409 -61.79 31.21 6.53
N ALA J 410 -61.98 30.91 5.26
CA ALA J 410 -62.61 31.86 4.34
C ALA J 410 -64.12 31.79 4.49
N PRO J 411 -64.75 32.91 4.87
CA PRO J 411 -66.19 32.99 5.11
C PRO J 411 -67.02 32.64 3.88
N SER J 412 -66.38 32.60 2.72
CA SER J 412 -67.07 32.36 1.46
C SER J 412 -67.43 30.88 1.26
N SER J 413 -66.65 29.99 1.85
CA SER J 413 -66.81 28.56 1.62
C SER J 413 -67.48 27.83 2.77
N VAL J 414 -67.98 28.58 3.75
CA VAL J 414 -68.67 27.98 4.88
C VAL J 414 -70.15 28.37 4.92
N ASP J 415 -71.02 27.35 4.95
CA ASP J 415 -72.46 27.58 4.99
C ASP J 415 -72.98 27.49 6.43
N PRO J 416 -73.51 28.61 6.94
CA PRO J 416 -74.06 28.68 8.31
C PRO J 416 -75.28 27.79 8.49
N GLN J 417 -75.97 27.48 7.39
CA GLN J 417 -77.17 26.67 7.45
C GLN J 417 -76.84 25.18 7.63
N SER J 418 -75.64 24.79 7.21
CA SER J 418 -75.21 23.40 7.31
C SER J 418 -74.93 23.00 8.76
N SER J 419 -75.37 21.80 9.14
CA SER J 419 -75.17 21.31 10.49
C SER J 419 -74.20 20.13 10.52
N SER J 420 -74.16 19.38 9.43
CA SER J 420 -73.27 18.24 9.31
C SER J 420 -71.86 18.67 8.90
N THR J 421 -71.00 17.71 8.62
CA THR J 421 -69.64 18.00 8.21
C THR J 421 -69.62 18.61 6.81
N GLN J 422 -68.83 19.67 6.65
CA GLN J 422 -68.73 20.33 5.34
C GLN J 422 -67.30 20.72 5.00
N ASN J 423 -67.02 20.81 3.70
CA ASN J 423 -65.70 21.23 3.23
C ASN J 423 -65.59 22.75 3.20
N VAL J 424 -64.48 23.27 3.72
CA VAL J 424 -64.22 24.70 3.71
C VAL J 424 -62.79 24.99 3.25
N PHE J 425 -62.48 26.26 3.04
CA PHE J 425 -61.13 26.66 2.67
C PHE J 425 -60.49 27.50 3.76
N VAL J 426 -59.17 27.36 3.91
CA VAL J 426 -58.42 28.16 4.89
C VAL J 426 -57.34 28.98 4.19
N ILE J 427 -57.34 30.28 4.46
CA ILE J 427 -56.37 31.18 3.85
C ILE J 427 -55.10 31.27 4.72
N LEU J 428 -54.02 30.68 4.23
CA LEU J 428 -52.75 30.68 4.95
C LEU J 428 -52.16 32.08 5.05
N MET J 429 -51.44 32.35 6.14
CA MET J 429 -50.84 33.66 6.36
C MET J 429 -49.69 33.93 5.38
N ASP J 430 -49.19 32.87 4.76
CA ASP J 430 -48.14 33.01 3.75
C ASP J 430 -48.79 33.40 2.42
N LYS J 431 -48.50 34.60 1.95
CA LYS J 431 -49.10 35.12 0.73
C LYS J 431 -48.56 34.44 -0.52
N CYS J 432 -47.49 33.66 -0.35
CA CYS J 432 -46.88 32.94 -1.47
C CYS J 432 -47.41 31.51 -1.55
N LEU J 433 -48.40 31.20 -0.73
CA LEU J 433 -48.94 29.84 -0.66
C LEU J 433 -50.43 29.80 -0.96
N PRO J 434 -50.87 28.73 -1.66
CA PRO J 434 -52.29 28.51 -1.99
C PRO J 434 -53.14 28.22 -0.76
N LYS J 435 -54.44 28.03 -0.95
CA LYS J 435 -55.34 27.73 0.16
C LYS J 435 -55.57 26.23 0.29
N VAL J 436 -56.04 25.80 1.46
CA VAL J 436 -56.19 24.38 1.76
C VAL J 436 -57.63 24.01 2.10
N ARG J 437 -58.06 22.82 1.67
CA ARG J 437 -59.39 22.31 1.98
C ARG J 437 -59.42 21.65 3.35
N ILE J 438 -60.48 21.90 4.11
CA ILE J 438 -60.60 21.38 5.47
C ILE J 438 -61.96 20.71 5.72
N ARG J 439 -61.93 19.50 6.29
CA ARG J 439 -63.14 18.82 6.73
C ARG J 439 -63.42 19.18 8.18
N THR J 440 -64.60 19.75 8.44
CA THR J 440 -64.94 20.18 9.79
C THR J 440 -66.44 20.25 10.05
N ARG J 441 -66.80 20.23 11.33
CA ARG J 441 -68.20 20.39 11.75
C ARG J 441 -68.36 21.68 12.54
N ARG J 442 -67.26 22.11 13.18
CA ARG J 442 -67.27 23.34 13.97
C ARG J 442 -66.85 24.53 13.11
N ALA J 443 -67.38 24.59 11.90
CA ALA J 443 -67.01 25.64 10.95
C ALA J 443 -67.46 27.02 11.43
N ALA J 444 -68.48 27.05 12.28
CA ALA J 444 -68.99 28.31 12.82
C ALA J 444 -68.16 28.78 14.01
N GLU J 445 -67.53 27.83 14.69
CA GLU J 445 -66.73 28.14 15.87
C GLU J 445 -65.30 28.53 15.51
N LEU J 446 -64.91 28.23 14.27
CA LEU J 446 -63.57 28.55 13.80
C LEU J 446 -63.62 29.63 12.72
N LEU J 447 -64.74 30.35 12.68
CA LEU J 447 -65.00 31.33 11.63
C LEU J 447 -64.06 32.53 11.69
N ASP J 448 -63.98 33.18 12.84
CA ASP J 448 -63.17 34.38 12.99
C ASP J 448 -62.01 34.13 13.95
N LYS J 449 -61.21 33.11 13.66
CA LYS J 449 -60.09 32.75 14.53
C LYS J 449 -58.85 32.34 13.73
N ARG J 450 -57.68 32.59 14.33
CA ARG J 450 -56.42 32.12 13.77
C ARG J 450 -56.27 30.64 14.08
N ILE J 451 -56.23 29.80 13.05
CA ILE J 451 -56.13 28.37 13.25
C ILE J 451 -54.83 27.79 12.69
N VAL J 452 -54.39 26.68 13.27
CA VAL J 452 -53.22 25.97 12.77
C VAL J 452 -53.66 24.73 12.00
N ILE J 453 -53.20 24.62 10.76
CA ILE J 453 -53.54 23.48 9.92
C ILE J 453 -52.28 22.80 9.39
N SER J 454 -52.41 21.54 9.00
CA SER J 454 -51.30 20.81 8.39
C SER J 454 -51.77 20.10 7.13
N ILE J 455 -51.00 20.25 6.06
CA ILE J 455 -51.38 19.68 4.77
C ILE J 455 -51.08 18.18 4.70
N ASP J 456 -52.10 17.41 4.33
CA ASP J 456 -51.96 15.96 4.19
C ASP J 456 -51.43 15.60 2.82
N SER J 457 -52.17 15.97 1.78
CA SER J 457 -51.79 15.65 0.41
C SER J 457 -52.43 16.58 -0.61
N TRP J 458 -52.04 16.41 -1.87
CA TRP J 458 -52.63 17.15 -2.98
C TRP J 458 -52.80 16.21 -4.16
N PRO J 459 -53.93 15.50 -4.22
CA PRO J 459 -54.24 14.55 -5.30
C PRO J 459 -54.20 15.21 -6.67
N THR J 460 -53.90 14.43 -7.70
CA THR J 460 -53.83 14.93 -9.07
C THR J 460 -55.18 15.46 -9.52
N THR J 461 -56.24 14.93 -8.93
CA THR J 461 -57.60 15.36 -9.26
C THR J 461 -57.92 16.71 -8.63
N HIS J 462 -57.84 16.78 -7.31
CA HIS J 462 -58.20 17.99 -6.58
C HIS J 462 -57.45 19.24 -7.03
N LYS J 463 -58.18 20.35 -7.13
CA LYS J 463 -57.60 21.62 -7.57
C LYS J 463 -56.80 22.27 -6.45
N TYR J 464 -57.22 22.05 -5.22
CA TYR J 464 -56.53 22.60 -4.06
C TYR J 464 -56.06 21.49 -3.12
N PRO J 465 -54.93 21.69 -2.45
CA PRO J 465 -54.37 20.68 -1.53
C PRO J 465 -55.27 20.44 -0.33
N LEU J 466 -55.21 19.23 0.21
CA LEU J 466 -56.06 18.83 1.33
C LEU J 466 -55.27 18.78 2.64
N GLY J 467 -55.92 19.18 3.73
CA GLY J 467 -55.29 19.18 5.04
C GLY J 467 -56.29 18.98 6.15
N HIS J 468 -55.85 19.18 7.40
CA HIS J 468 -56.74 19.05 8.55
C HIS J 468 -56.45 20.08 9.62
N PHE J 469 -57.44 20.28 10.50
CA PHE J 469 -57.32 21.22 11.61
C PHE J 469 -56.43 20.66 12.71
N VAL J 470 -55.70 21.55 13.37
CA VAL J 470 -54.81 21.15 14.48
C VAL J 470 -55.15 21.86 15.77
N ARG J 471 -54.91 23.18 15.82
CA ARG J 471 -55.15 23.95 17.03
C ARG J 471 -55.94 25.24 16.78
N ASP J 472 -56.53 25.76 17.85
CA ASP J 472 -57.24 27.03 17.79
C ASP J 472 -56.45 28.07 18.60
N LEU J 473 -55.72 28.93 17.89
CA LEU J 473 -54.87 29.93 18.54
C LEU J 473 -55.69 31.00 19.25
N GLY J 474 -56.87 31.30 18.72
CA GLY J 474 -57.75 32.29 19.32
C GLY J 474 -58.31 33.27 18.30
N THR J 475 -59.05 34.26 18.80
CA THR J 475 -59.69 35.25 17.94
C THR J 475 -58.65 36.16 17.27
N ILE J 476 -58.91 36.51 16.01
CA ILE J 476 -58.03 37.38 15.25
C ILE J 476 -57.91 38.75 15.91
N GLU J 477 -56.74 39.38 15.75
CA GLU J 477 -56.44 40.69 16.33
C GLU J 477 -56.41 40.70 17.86
N SER J 478 -56.17 39.54 18.45
CA SER J 478 -55.98 39.45 19.89
C SER J 478 -54.51 39.21 20.20
N ALA J 479 -54.04 39.77 21.32
CA ALA J 479 -52.63 39.70 21.70
C ALA J 479 -52.15 38.25 21.86
N GLN J 480 -53.04 37.38 22.30
CA GLN J 480 -52.69 35.98 22.51
C GLN J 480 -52.54 35.23 21.19
N ALA J 481 -53.57 35.31 20.36
CA ALA J 481 -53.61 34.58 19.09
C ALA J 481 -52.61 35.12 18.08
N GLU J 482 -52.48 36.43 17.99
CA GLU J 482 -51.60 37.05 17.01
C GLU J 482 -50.12 36.85 17.31
N THR J 483 -49.75 36.94 18.59
CA THR J 483 -48.37 36.73 19.00
C THR J 483 -47.96 35.27 18.78
N GLU J 484 -48.86 34.36 19.14
CA GLU J 484 -48.60 32.93 18.99
C GLU J 484 -48.48 32.53 17.53
N ALA J 485 -49.33 33.12 16.69
CA ALA J 485 -49.29 32.87 15.26
C ALA J 485 -48.04 33.48 14.65
N LEU J 486 -47.64 34.64 15.19
CA LEU J 486 -46.47 35.35 14.72
C LEU J 486 -45.20 34.54 14.94
N LEU J 487 -45.09 33.93 16.12
CA LEU J 487 -43.90 33.16 16.48
C LEU J 487 -43.75 31.91 15.63
N LEU J 488 -44.77 31.06 15.62
CA LEU J 488 -44.66 29.76 14.96
C LEU J 488 -44.65 29.85 13.43
N GLU J 489 -44.98 31.03 12.90
CA GLU J 489 -44.88 31.25 11.46
C GLU J 489 -43.43 31.53 11.05
N HIS J 490 -42.64 32.02 11.99
CA HIS J 490 -41.23 32.28 11.77
C HIS J 490 -40.37 31.19 12.40
N ASP J 491 -40.98 30.03 12.64
CA ASP J 491 -40.30 28.87 13.22
C ASP J 491 -39.60 29.23 14.52
N VAL J 492 -40.37 29.60 15.53
CA VAL J 492 -39.83 29.96 16.83
C VAL J 492 -40.44 29.10 17.94
N GLU J 493 -39.64 28.20 18.50
CA GLU J 493 -40.12 27.35 19.59
C GLU J 493 -40.37 28.16 20.85
N TYR J 494 -41.63 28.25 21.25
CA TYR J 494 -42.03 29.04 22.41
C TYR J 494 -42.51 28.17 23.56
N ARG J 495 -42.63 26.87 23.32
CA ARG J 495 -43.07 25.93 24.34
C ARG J 495 -42.07 25.90 25.50
N PRO J 496 -42.57 25.65 26.73
CA PRO J 496 -41.69 25.60 27.90
C PRO J 496 -40.68 24.46 27.81
N PHE J 497 -39.54 24.63 28.47
CA PHE J 497 -38.47 23.64 28.43
C PHE J 497 -38.91 22.32 29.06
N SER J 498 -38.59 21.22 28.38
CA SER J 498 -38.97 19.89 28.84
C SER J 498 -38.29 19.52 30.15
N LYS J 499 -38.72 18.43 30.75
CA LYS J 499 -38.16 17.99 32.02
C LYS J 499 -36.69 17.59 31.88
N LYS J 500 -36.36 16.94 30.77
CA LYS J 500 -35.00 16.52 30.49
C LYS J 500 -34.05 17.72 30.41
N VAL J 501 -34.57 18.85 29.94
CA VAL J 501 -33.80 20.08 29.86
C VAL J 501 -33.54 20.65 31.26
N LEU J 502 -34.61 20.76 32.04
CA LEU J 502 -34.53 21.36 33.37
C LEU J 502 -33.73 20.53 34.36
N GLU J 503 -33.53 19.25 34.06
CA GLU J 503 -32.77 18.38 34.94
C GLU J 503 -31.27 18.63 34.85
N CYS J 504 -30.83 19.27 33.77
CA CYS J 504 -29.43 19.60 33.58
C CYS J 504 -29.02 20.82 34.41
N LEU J 505 -30.02 21.50 34.98
CA LEU J 505 -29.77 22.65 35.84
C LEU J 505 -29.18 22.21 37.18
N PRO J 506 -28.43 23.11 37.84
CA PRO J 506 -27.84 22.83 39.15
C PRO J 506 -28.87 22.35 40.17
N ALA J 507 -28.46 21.41 41.02
CA ALA J 507 -29.36 20.81 42.01
C ALA J 507 -29.74 21.80 43.10
N GLU J 508 -28.91 22.83 43.28
CA GLU J 508 -29.17 23.85 44.29
C GLU J 508 -30.45 24.63 43.97
N GLY J 509 -30.58 25.06 42.73
CA GLY J 509 -31.72 25.84 42.30
C GLY J 509 -31.42 27.33 42.32
N HIS J 510 -32.34 28.11 42.86
CA HIS J 510 -32.17 29.56 42.93
C HIS J 510 -31.24 29.97 44.07
N ASP J 511 -30.95 29.03 44.97
CA ASP J 511 -30.07 29.31 46.09
C ASP J 511 -28.63 28.90 45.78
N TRP J 512 -28.29 28.84 44.50
CA TRP J 512 -26.92 28.58 44.07
C TRP J 512 -26.06 29.78 44.43
N LYS J 513 -24.80 29.52 44.77
CA LYS J 513 -23.89 30.60 45.14
C LYS J 513 -22.44 30.26 44.82
N ALA J 514 -21.70 31.25 44.34
CA ALA J 514 -20.27 31.10 44.11
C ALA J 514 -19.57 30.91 45.45
N PRO J 515 -18.60 29.99 45.51
CA PRO J 515 -17.90 29.70 46.76
C PRO J 515 -17.16 30.92 47.31
N THR J 516 -17.25 31.12 48.63
CA THR J 516 -16.59 32.25 49.28
C THR J 516 -15.08 32.19 49.08
N LYS J 517 -14.51 31.02 49.34
CA LYS J 517 -13.09 30.79 49.12
C LYS J 517 -12.87 29.93 47.89
N LEU J 518 -11.95 30.35 47.03
CA LEU J 518 -11.68 29.64 45.78
C LEU J 518 -10.66 28.52 45.98
N ASP J 519 -10.30 28.25 47.22
CA ASP J 519 -9.36 27.18 47.55
C ASP J 519 -9.97 26.20 48.54
N ASP J 520 -11.25 26.38 48.84
CA ASP J 520 -11.97 25.52 49.77
C ASP J 520 -12.00 24.08 49.27
N PRO J 521 -11.61 23.13 50.14
CA PRO J 521 -11.52 21.70 49.82
C PRO J 521 -12.79 21.14 49.17
N GLU J 522 -13.94 21.46 49.74
CA GLU J 522 -15.23 21.00 49.20
C GLU J 522 -15.47 21.58 47.80
N ALA J 523 -15.24 22.88 47.65
CA ALA J 523 -15.48 23.56 46.38
C ALA J 523 -14.54 23.10 45.29
N VAL J 524 -13.29 22.81 45.67
CA VAL J 524 -12.30 22.34 44.72
C VAL J 524 -12.56 20.88 44.35
N SER J 525 -13.09 20.12 45.32
CA SER J 525 -13.44 18.73 45.08
C SER J 525 -14.53 18.60 44.01
N LYS J 526 -15.51 19.49 44.08
CA LYS J 526 -16.60 19.50 43.10
C LYS J 526 -16.15 20.15 41.79
N ASP J 527 -15.42 21.25 41.92
CA ASP J 527 -14.94 21.99 40.76
C ASP J 527 -13.41 22.09 40.80
N PRO J 528 -12.71 21.16 40.13
CA PRO J 528 -11.25 21.17 40.10
C PRO J 528 -10.70 22.28 39.21
N LEU J 529 -11.57 22.93 38.44
CA LEU J 529 -11.16 24.02 37.56
C LEU J 529 -11.26 25.37 38.29
N LEU J 530 -11.72 25.32 39.53
CA LEU J 530 -11.92 26.53 40.33
C LEU J 530 -10.60 27.22 40.66
N THR J 531 -9.51 26.47 40.60
CA THR J 531 -8.18 27.02 40.87
C THR J 531 -7.74 27.96 39.75
N LYS J 532 -8.30 27.77 38.57
CA LYS J 532 -7.98 28.62 37.42
C LYS J 532 -8.83 29.88 37.44
N ARG J 533 -9.88 29.87 38.26
CA ARG J 533 -10.79 31.00 38.37
C ARG J 533 -10.14 32.18 39.08
N LYS J 534 -10.06 33.31 38.39
CA LYS J 534 -9.49 34.52 38.98
C LYS J 534 -10.52 35.20 39.90
N ASP J 535 -10.04 36.08 40.77
CA ASP J 535 -10.92 36.78 41.70
C ASP J 535 -10.94 38.27 41.43
N LEU J 536 -12.06 38.76 40.90
CA LEU J 536 -12.20 40.18 40.59
C LEU J 536 -13.36 40.79 41.36
N ARG J 537 -13.63 40.24 42.54
CA ARG J 537 -14.72 40.74 43.38
C ARG J 537 -14.32 42.02 44.12
N ASP J 538 -13.06 42.43 43.96
CA ASP J 538 -12.57 43.66 44.55
C ASP J 538 -12.76 44.81 43.55
N LYS J 539 -13.00 44.45 42.30
CA LYS J 539 -13.19 45.44 41.24
C LYS J 539 -14.58 46.07 41.34
N LEU J 540 -14.74 47.24 40.72
CA LEU J 540 -16.01 47.96 40.77
C LEU J 540 -16.82 47.76 39.50
N ILE J 541 -17.52 46.63 39.44
CA ILE J 541 -18.28 46.25 38.25
C ILE J 541 -19.71 46.81 38.30
N CYS J 542 -20.18 47.33 37.17
CA CYS J 542 -21.55 47.78 37.04
C CYS J 542 -22.12 47.39 35.69
N SER J 543 -23.43 47.20 35.62
CA SER J 543 -24.09 46.80 34.38
C SER J 543 -25.06 47.86 33.87
N ILE J 544 -24.91 48.25 32.61
CA ILE J 544 -25.76 49.26 32.01
C ILE J 544 -26.70 48.64 30.97
N ASP J 545 -27.93 48.39 31.38
CA ASP J 545 -28.91 47.70 30.55
C ASP J 545 -30.27 48.41 30.66
N PRO J 546 -31.21 48.14 29.72
CA PRO J 546 -32.56 48.71 29.76
C PRO J 546 -33.27 48.52 31.10
N PRO J 547 -34.30 49.35 31.38
CA PRO J 547 -35.06 49.32 32.63
C PRO J 547 -35.48 47.93 33.10
N GLY J 548 -36.29 47.23 32.31
CA GLY J 548 -36.81 45.94 32.70
C GLY J 548 -35.92 44.77 32.32
N CYS J 549 -34.60 44.98 32.35
CA CYS J 549 -33.65 43.94 31.99
C CYS J 549 -33.27 43.09 33.19
N VAL J 550 -33.59 41.81 33.12
CA VAL J 550 -33.26 40.88 34.20
C VAL J 550 -32.15 39.91 33.75
N ASP J 551 -32.05 39.70 32.44
CA ASP J 551 -31.01 38.86 31.88
C ASP J 551 -29.79 39.69 31.47
N ILE J 552 -28.86 39.88 32.40
CA ILE J 552 -27.69 40.70 32.17
C ILE J 552 -26.51 39.87 31.65
N ASN J 553 -25.99 40.26 30.49
CA ASN J 553 -24.87 39.56 29.88
C ASN J 553 -23.52 40.21 30.19
N ASP J 554 -23.48 41.54 30.12
CA ASP J 554 -22.22 42.27 30.23
C ASP J 554 -22.12 43.08 31.52
N ALA J 555 -20.89 43.43 31.87
CA ALA J 555 -20.61 44.22 33.05
C ALA J 555 -19.24 44.89 32.89
N LEU J 556 -19.16 46.17 33.21
CA LEU J 556 -17.94 46.93 32.93
C LEU J 556 -17.32 47.52 34.18
N HIS J 557 -16.02 47.80 34.11
CA HIS J 557 -15.31 48.48 35.18
C HIS J 557 -14.07 49.18 34.62
N ALA J 558 -13.52 50.12 35.37
CA ALA J 558 -12.33 50.84 34.94
C ALA J 558 -11.52 51.38 36.10
N LYS J 559 -10.21 51.12 36.07
CA LYS J 559 -9.28 51.66 37.06
C LYS J 559 -8.10 52.32 36.37
N LYS J 560 -7.46 53.25 37.08
CA LYS J 560 -6.27 53.92 36.56
C LYS J 560 -5.00 53.34 37.16
N LEU J 561 -4.23 52.64 36.34
CA LEU J 561 -2.99 52.01 36.77
C LEU J 561 -1.96 53.07 37.13
N PRO J 562 -1.03 52.74 38.06
CA PRO J 562 -0.02 53.69 38.53
C PRO J 562 0.93 54.19 37.44
N ASN J 563 1.02 53.46 36.34
CA ASN J 563 1.92 53.84 35.25
C ASN J 563 1.27 54.82 34.26
N GLY J 564 0.11 55.35 34.64
CA GLY J 564 -0.58 56.33 33.82
C GLY J 564 -1.62 55.73 32.89
N ASN J 565 -1.47 54.45 32.58
CA ASN J 565 -2.41 53.76 31.68
C ASN J 565 -3.70 53.35 32.38
N TRP J 566 -4.69 52.99 31.58
CA TRP J 566 -6.00 52.60 32.11
C TRP J 566 -6.18 51.09 32.08
N GLU J 567 -6.92 50.57 33.07
CA GLU J 567 -7.27 49.16 33.11
C GLU J 567 -8.76 48.99 32.87
N VAL J 568 -9.11 48.50 31.68
CA VAL J 568 -10.51 48.30 31.32
C VAL J 568 -10.85 46.82 31.34
N GLY J 569 -11.96 46.48 32.00
CA GLY J 569 -12.40 45.11 32.09
C GLY J 569 -13.84 44.90 31.67
N VAL J 570 -14.03 44.10 30.63
CA VAL J 570 -15.37 43.72 30.20
C VAL J 570 -15.67 42.30 30.68
N HIS J 571 -16.75 42.16 31.45
CA HIS J 571 -17.08 40.89 32.09
C HIS J 571 -18.37 40.31 31.51
N ILE J 572 -18.27 39.12 30.94
CA ILE J 572 -19.39 38.47 30.30
C ILE J 572 -19.85 37.26 31.11
N ALA J 573 -21.16 37.02 31.12
CA ALA J 573 -21.75 35.92 31.88
C ALA J 573 -21.13 34.57 31.51
N ASP J 574 -20.78 33.78 32.52
CA ASP J 574 -20.13 32.50 32.31
C ASP J 574 -21.16 31.39 32.10
N VAL J 575 -21.80 31.41 30.94
CA VAL J 575 -22.85 30.45 30.62
C VAL J 575 -22.29 29.04 30.40
N THR J 576 -21.08 28.96 29.87
CA THR J 576 -20.41 27.69 29.59
C THR J 576 -20.31 26.79 30.82
N HIS J 577 -20.13 27.42 31.99
CA HIS J 577 -19.99 26.68 33.24
C HIS J 577 -21.25 25.90 33.59
N PHE J 578 -22.37 26.29 33.03
CA PHE J 578 -23.65 25.65 33.34
C PHE J 578 -24.18 24.77 32.20
N VAL J 579 -24.00 25.22 30.96
CA VAL J 579 -24.41 24.39 29.82
C VAL J 579 -23.24 23.60 29.25
N LYS J 580 -23.37 22.28 29.27
CA LYS J 580 -22.30 21.40 28.82
C LYS J 580 -22.72 20.64 27.56
N PRO J 581 -21.78 20.48 26.61
CA PRO J 581 -22.03 19.79 25.35
C PRO J 581 -22.55 18.36 25.57
N GLY J 582 -23.58 17.99 24.82
CA GLY J 582 -24.15 16.65 24.92
C GLY J 582 -25.47 16.63 25.67
N THR J 583 -25.61 17.51 26.66
CA THR J 583 -26.82 17.59 27.46
C THR J 583 -28.00 18.06 26.63
N ALA J 584 -29.21 17.81 27.11
CA ALA J 584 -30.43 18.25 26.43
C ALA J 584 -30.57 19.76 26.53
N LEU J 585 -29.99 20.34 27.58
CA LEU J 585 -30.01 21.78 27.77
C LEU J 585 -29.21 22.46 26.66
N ASP J 586 -28.02 21.91 26.39
CA ASP J 586 -27.18 22.41 25.31
C ASP J 586 -27.84 22.15 23.96
N ALA J 587 -28.53 21.01 23.86
CA ALA J 587 -29.21 20.63 22.63
C ALA J 587 -30.30 21.63 22.27
N GLU J 588 -31.14 21.96 23.24
CA GLU J 588 -32.21 22.92 23.03
C GLU J 588 -31.64 24.32 22.79
N GLY J 589 -30.53 24.61 23.44
CA GLY J 589 -29.87 25.89 23.30
C GLY J 589 -29.37 26.12 21.88
N ALA J 590 -28.79 25.07 21.30
CA ALA J 590 -28.30 25.13 19.93
C ALA J 590 -29.46 25.20 18.94
N ALA J 591 -30.54 24.48 19.25
CA ALA J 591 -31.71 24.44 18.40
C ALA J 591 -32.34 25.82 18.23
N ARG J 592 -32.55 26.50 19.35
CA ARG J 592 -33.15 27.82 19.34
C ARG J 592 -32.20 28.85 18.72
N GLY J 593 -30.89 28.65 18.93
CA GLY J 593 -29.89 29.53 18.36
C GLY J 593 -29.80 30.89 19.03
N THR J 594 -30.96 31.52 19.22
CA THR J 594 -31.03 32.82 19.88
C THR J 594 -32.41 33.03 20.47
N SER J 595 -32.50 33.88 21.49
CA SER J 595 -33.78 34.22 22.09
C SER J 595 -34.41 35.38 21.34
N VAL J 596 -35.69 35.24 21.01
CA VAL J 596 -36.40 36.29 20.28
C VAL J 596 -36.98 37.33 21.23
N TYR J 597 -36.98 38.58 20.79
CA TYR J 597 -37.44 39.70 21.63
C TYR J 597 -38.68 40.37 21.06
N LEU J 598 -39.76 40.32 21.81
CA LEU J 598 -41.01 40.94 21.41
C LEU J 598 -41.42 41.98 22.45
N VAL J 599 -42.31 42.88 22.06
CA VAL J 599 -42.85 43.85 23.02
C VAL J 599 -43.73 43.10 24.00
N ASP J 600 -44.45 42.10 23.50
CA ASP J 600 -45.32 41.28 24.32
C ASP J 600 -44.51 40.46 25.31
N LYS J 601 -43.94 39.36 24.83
CA LYS J 601 -43.22 38.42 25.69
C LYS J 601 -41.73 38.41 25.39
N ARG J 602 -41.08 37.31 25.78
CA ARG J 602 -39.65 37.14 25.54
C ARG J 602 -39.31 35.66 25.62
N ILE J 603 -39.20 35.01 24.46
CA ILE J 603 -38.89 33.59 24.43
C ILE J 603 -37.40 33.37 24.65
N ASP J 604 -37.05 32.85 25.82
CA ASP J 604 -35.65 32.66 26.20
C ASP J 604 -35.01 31.46 25.51
N MET J 605 -33.70 31.57 25.28
CA MET J 605 -32.92 30.48 24.71
C MET J 605 -32.58 29.46 25.79
N LEU J 606 -32.41 29.95 27.01
CA LEU J 606 -32.09 29.11 28.15
C LEU J 606 -33.15 29.29 29.23
N PRO J 607 -33.33 28.28 30.11
CA PRO J 607 -34.31 28.36 31.21
C PRO J 607 -34.19 29.63 32.05
N MET J 608 -35.29 30.04 32.65
CA MET J 608 -35.35 31.26 33.45
C MET J 608 -34.39 31.24 34.62
N LEU J 609 -34.28 30.08 35.27
CA LEU J 609 -33.41 29.90 36.43
C LEU J 609 -31.96 30.20 36.10
N LEU J 610 -31.59 29.92 34.85
CA LEU J 610 -30.20 30.07 34.42
C LEU J 610 -29.93 31.47 33.86
N GLY J 611 -30.80 31.92 32.96
CA GLY J 611 -30.60 33.17 32.25
C GLY J 611 -30.94 34.43 33.01
N THR J 612 -31.92 34.36 33.90
CA THR J 612 -32.39 35.54 34.62
C THR J 612 -32.07 35.48 36.11
N ASP J 613 -31.08 34.67 36.48
CA ASP J 613 -30.69 34.53 37.88
C ASP J 613 -29.24 34.12 38.05
N LEU J 614 -28.95 32.85 37.82
CA LEU J 614 -27.61 32.29 38.05
C LEU J 614 -26.52 32.91 37.18
N CYS J 615 -26.66 32.76 35.86
CA CYS J 615 -25.68 33.28 34.92
C CYS J 615 -25.73 34.80 34.83
N SER J 616 -26.93 35.35 35.02
CA SER J 616 -27.14 36.79 34.96
C SER J 616 -26.26 37.53 35.95
N LEU J 617 -25.50 38.50 35.46
CA LEU J 617 -24.59 39.27 36.30
C LEU J 617 -25.35 40.29 37.15
N LYS J 618 -26.22 39.78 38.02
CA LYS J 618 -27.01 40.63 38.91
C LYS J 618 -26.13 41.35 39.91
N PRO J 619 -26.58 42.51 40.41
CA PRO J 619 -25.81 43.24 41.41
C PRO J 619 -25.90 42.59 42.79
N TYR J 620 -24.96 42.96 43.66
CA TYR J 620 -24.96 42.56 45.07
C TYR J 620 -24.73 41.06 45.31
N VAL J 621 -24.43 40.32 44.25
CA VAL J 621 -24.22 38.88 44.36
C VAL J 621 -22.96 38.41 43.64
N ASP J 622 -22.34 37.35 44.17
CA ASP J 622 -21.17 36.77 43.54
C ASP J 622 -21.57 35.94 42.33
N ARG J 623 -21.05 36.31 41.17
CA ARG J 623 -21.39 35.63 39.93
C ARG J 623 -20.14 35.21 39.16
N PHE J 624 -20.19 34.03 38.55
CA PHE J 624 -19.13 33.58 37.67
C PHE J 624 -19.18 34.35 36.36
N ALA J 625 -18.01 34.68 35.82
CA ALA J 625 -17.94 35.44 34.58
C ALA J 625 -16.66 35.17 33.80
N PHE J 626 -16.73 35.35 32.48
CA PHE J 626 -15.57 35.25 31.63
C PHE J 626 -15.08 36.65 31.33
N SER J 627 -13.98 37.04 31.97
CA SER J 627 -13.51 38.43 31.93
C SER J 627 -12.40 38.68 30.92
N VAL J 628 -12.46 39.84 30.27
CA VAL J 628 -11.41 40.26 29.36
C VAL J 628 -10.86 41.61 29.83
N ILE J 629 -9.59 41.63 30.23
CA ILE J 629 -8.99 42.83 30.79
C ILE J 629 -7.92 43.40 29.86
N TRP J 630 -8.05 44.69 29.54
CA TRP J 630 -7.07 45.38 28.71
C TRP J 630 -6.22 46.33 29.55
N GLU J 631 -5.02 46.62 29.05
CA GLU J 631 -4.22 47.72 29.57
C GLU J 631 -3.95 48.67 28.42
N LEU J 632 -4.61 49.83 28.45
CA LEU J 632 -4.51 50.79 27.36
C LEU J 632 -4.19 52.20 27.83
N ASP J 633 -3.58 52.99 26.95
CA ASP J 633 -3.21 54.36 27.28
C ASP J 633 -4.40 55.31 27.24
N ASP J 634 -4.13 56.60 27.34
CA ASP J 634 -5.18 57.61 27.34
C ASP J 634 -5.81 57.77 25.95
N SER J 635 -5.06 57.37 24.92
CA SER J 635 -5.54 57.46 23.55
C SER J 635 -6.24 56.17 23.13
N ALA J 636 -6.60 55.36 24.12
CA ALA J 636 -7.34 54.11 23.90
C ALA J 636 -6.61 53.11 23.00
N ASN J 637 -5.29 53.10 23.10
CA ASN J 637 -4.50 52.14 22.32
C ASN J 637 -4.12 50.95 23.20
N ILE J 638 -4.49 49.76 22.73
CA ILE J 638 -4.23 48.54 23.48
C ILE J 638 -2.74 48.22 23.57
N VAL J 639 -2.23 48.13 24.79
CA VAL J 639 -0.85 47.72 25.02
C VAL J 639 -0.78 46.21 25.16
N ASN J 640 -1.70 45.66 25.93
CA ASN J 640 -1.82 44.21 26.09
C ASN J 640 -3.23 43.80 26.50
N VAL J 641 -3.54 42.52 26.36
CA VAL J 641 -4.87 42.00 26.67
C VAL J 641 -4.80 40.60 27.26
N ASN J 642 -5.58 40.37 28.32
CA ASN J 642 -5.62 39.06 28.97
C ASN J 642 -7.04 38.52 29.11
N PHE J 643 -7.21 37.24 28.82
CA PHE J 643 -8.50 36.57 28.96
C PHE J 643 -8.45 35.63 30.15
N MET J 644 -9.50 35.65 30.97
CA MET J 644 -9.52 34.84 32.18
C MET J 644 -10.93 34.63 32.72
N LYS J 645 -11.22 33.40 33.13
CA LYS J 645 -12.48 33.12 33.81
C LYS J 645 -12.37 33.59 35.25
N SER J 646 -13.36 34.35 35.71
CA SER J 646 -13.28 34.98 37.02
C SER J 646 -14.61 34.93 37.78
N VAL J 647 -14.58 35.43 39.02
CA VAL J 647 -15.78 35.58 39.81
C VAL J 647 -15.90 37.05 40.24
N ILE J 648 -17.04 37.66 39.94
CA ILE J 648 -17.23 39.08 40.22
C ILE J 648 -18.46 39.35 41.07
N ARG J 649 -18.64 40.61 41.45
CA ARG J 649 -19.82 41.04 42.18
C ARG J 649 -20.19 42.45 41.73
N SER J 650 -21.29 42.55 40.98
CA SER J 650 -21.71 43.83 40.41
C SER J 650 -22.13 44.83 41.48
N ARG J 651 -21.51 46.01 41.44
CA ARG J 651 -21.79 47.06 42.41
C ARG J 651 -23.22 47.57 42.28
N GLU J 652 -23.65 47.78 41.03
CA GLU J 652 -24.99 48.32 40.76
C GLU J 652 -25.41 48.05 39.32
N ALA J 653 -26.68 47.66 39.14
CA ALA J 653 -27.24 47.46 37.81
C ALA J 653 -27.96 48.71 37.34
N PHE J 654 -27.24 49.57 36.61
CA PHE J 654 -27.79 50.83 36.15
C PHE J 654 -28.72 50.67 34.95
N SER J 655 -29.55 51.67 34.73
CA SER J 655 -30.32 51.79 33.49
C SER J 655 -29.62 52.83 32.62
N TYR J 656 -29.92 52.81 31.32
CA TYR J 656 -29.27 53.74 30.39
C TYR J 656 -29.55 55.20 30.75
N GLU J 657 -30.77 55.48 31.21
CA GLU J 657 -31.13 56.82 31.64
C GLU J 657 -30.54 57.11 33.02
N GLN J 658 -30.54 56.09 33.88
CA GLN J 658 -30.02 56.25 35.23
C GLN J 658 -28.50 56.42 35.24
N ALA J 659 -27.82 55.73 34.34
CA ALA J 659 -26.37 55.82 34.24
C ALA J 659 -25.92 57.18 33.72
N GLN J 660 -26.64 57.69 32.72
CA GLN J 660 -26.32 58.98 32.12
C GLN J 660 -26.49 60.13 33.11
N LEU J 661 -27.54 60.06 33.92
CA LEU J 661 -27.81 61.09 34.93
C LEU J 661 -26.73 61.11 36.01
N ARG J 662 -26.26 59.93 36.39
CA ARG J 662 -25.25 59.82 37.44
C ARG J 662 -23.88 60.32 36.95
N ILE J 663 -23.65 60.24 35.66
CA ILE J 663 -22.40 60.72 35.07
C ILE J 663 -22.42 62.24 34.92
N ASP J 664 -23.59 62.79 34.60
CA ASP J 664 -23.73 64.21 34.30
C ASP J 664 -23.91 65.11 35.51
N ASP J 665 -24.52 64.58 36.57
CA ASP J 665 -24.89 65.39 37.73
C ASP J 665 -23.72 66.09 38.42
N LYS J 666 -22.53 65.48 38.33
CA LYS J 666 -21.32 66.03 38.92
C LYS J 666 -21.39 66.21 40.44
N THR J 667 -22.44 65.66 41.04
CA THR J 667 -22.60 65.68 42.49
C THR J 667 -21.95 64.43 43.06
N GLN J 668 -22.13 63.32 42.34
CA GLN J 668 -21.57 62.04 42.76
C GLN J 668 -20.20 61.83 42.11
N ASN J 669 -19.15 61.86 42.92
CA ASN J 669 -17.79 61.64 42.43
C ASN J 669 -17.12 60.44 43.09
N ASP J 670 -17.93 59.42 43.41
CA ASP J 670 -17.42 58.20 44.00
C ASP J 670 -16.56 57.43 43.00
N GLU J 671 -15.81 56.46 43.50
CA GLU J 671 -14.87 55.71 42.67
C GLU J 671 -15.55 55.02 41.47
N LEU J 672 -16.80 54.59 41.68
CA LEU J 672 -17.54 53.93 40.62
C LEU J 672 -17.89 54.89 39.48
N THR J 673 -18.45 56.04 39.85
CA THR J 673 -18.84 57.05 38.86
C THR J 673 -17.62 57.61 38.12
N MET J 674 -16.51 57.74 38.85
CA MET J 674 -15.26 58.21 38.25
C MET J 674 -14.76 57.22 37.19
N GLY J 675 -15.07 55.94 37.39
CA GLY J 675 -14.72 54.92 36.43
C GLY J 675 -15.66 54.93 35.24
N MET J 676 -16.93 55.23 35.51
CA MET J 676 -17.94 55.29 34.45
C MET J 676 -17.64 56.41 33.47
N ARG J 677 -17.19 57.55 33.98
CA ARG J 677 -16.80 58.68 33.15
C ARG J 677 -15.53 58.34 32.37
N ALA J 678 -14.66 57.56 32.99
CA ALA J 678 -13.44 57.10 32.34
C ALA J 678 -13.79 56.16 31.19
N LEU J 679 -14.84 55.37 31.38
CA LEU J 679 -15.32 54.48 30.33
C LEU J 679 -15.86 55.28 29.15
N LEU J 680 -16.63 56.33 29.44
CA LEU J 680 -17.22 57.17 28.42
C LEU J 680 -16.14 57.94 27.65
N LYS J 681 -15.13 58.41 28.38
CA LYS J 681 -14.03 59.15 27.78
C LYS J 681 -13.25 58.26 26.82
N LEU J 682 -13.02 57.01 27.23
CA LEU J 682 -12.34 56.04 26.38
C LEU J 682 -13.27 55.56 25.26
N SER J 683 -14.57 55.64 25.51
CA SER J 683 -15.56 55.27 24.51
C SER J 683 -15.52 56.23 23.33
N VAL J 684 -15.34 57.52 23.64
CA VAL J 684 -15.25 58.54 22.61
C VAL J 684 -14.00 58.35 21.77
N LYS J 685 -12.88 58.02 22.43
CA LYS J 685 -11.62 57.78 21.74
C LYS J 685 -11.71 56.56 20.82
N LEU J 686 -12.30 55.48 21.32
CA LEU J 686 -12.43 54.25 20.55
C LEU J 686 -13.37 54.42 19.36
N LYS J 687 -14.45 55.17 19.56
CA LYS J 687 -15.42 55.41 18.50
C LYS J 687 -14.83 56.34 17.44
N GLN J 688 -13.99 57.28 17.88
CA GLN J 688 -13.31 58.19 16.98
C GLN J 688 -12.38 57.43 16.05
N LYS J 689 -11.49 56.64 16.64
CA LYS J 689 -10.50 55.92 15.85
C LYS J 689 -11.21 54.97 14.90
N ARG J 690 -12.29 54.36 15.37
CA ARG J 690 -13.00 53.36 14.58
C ARG J 690 -13.59 53.99 13.31
N LEU J 691 -14.25 55.12 13.47
CA LEU J 691 -14.83 55.85 12.34
C LEU J 691 -13.76 56.31 11.38
N GLU J 692 -12.60 56.69 11.92
CA GLU J 692 -11.47 57.10 11.09
C GLU J 692 -10.90 55.92 10.34
N ALA J 693 -11.03 54.73 10.93
CA ALA J 693 -10.56 53.50 10.30
C ALA J 693 -11.48 53.10 9.15
N GLY J 694 -12.70 53.64 9.15
CA GLY J 694 -13.64 53.38 8.09
C GLY J 694 -14.91 52.71 8.56
N ALA J 695 -15.25 52.88 9.84
CA ALA J 695 -16.45 52.29 10.39
C ALA J 695 -17.70 52.94 9.82
N LEU J 696 -18.74 52.13 9.62
CA LEU J 696 -20.00 52.63 9.08
C LEU J 696 -20.90 53.18 10.18
N ASN J 697 -21.80 54.07 9.79
CA ASN J 697 -22.78 54.62 10.73
C ASN J 697 -24.18 54.57 10.15
N LEU J 698 -24.70 53.36 9.98
CA LEU J 698 -26.05 53.16 9.49
C LEU J 698 -27.04 53.47 10.61
N ALA J 699 -28.32 53.52 10.28
CA ALA J 699 -29.33 53.86 11.27
C ALA J 699 -30.70 53.26 10.96
N SER J 700 -31.36 52.78 12.02
CA SER J 700 -32.75 52.34 11.92
C SER J 700 -33.39 52.29 13.30
N PRO J 701 -33.54 53.47 13.95
CA PRO J 701 -34.11 53.51 15.30
C PRO J 701 -35.61 53.25 15.28
N GLU J 702 -36.00 51.98 15.37
CA GLU J 702 -37.41 51.62 15.36
C GLU J 702 -38.16 52.14 16.58
N VAL J 703 -39.47 52.30 16.44
CA VAL J 703 -40.30 52.83 17.50
C VAL J 703 -40.52 51.83 18.62
N LYS J 704 -40.83 52.34 19.80
CA LYS J 704 -41.12 51.49 20.96
C LYS J 704 -42.58 51.65 21.37
N VAL J 705 -43.32 50.54 21.35
CA VAL J 705 -44.74 50.56 21.69
C VAL J 705 -44.95 50.78 23.18
N HIS J 706 -45.31 52.00 23.55
CA HIS J 706 -45.59 52.34 24.94
C HIS J 706 -47.00 51.90 25.31
N MET J 707 -47.14 50.64 25.73
CA MET J 707 -48.42 50.10 26.14
C MET J 707 -48.96 50.83 27.36
N ASP J 708 -50.24 51.18 27.33
CA ASP J 708 -50.86 51.87 28.45
C ASP J 708 -50.86 51.00 29.69
N SER J 709 -50.06 51.39 30.68
CA SER J 709 -49.94 50.63 31.92
C SER J 709 -51.08 50.94 32.89
N GLU J 710 -52.08 51.66 32.41
CA GLU J 710 -53.25 51.98 33.22
C GLU J 710 -54.49 51.25 32.72
N THR J 711 -54.44 50.81 31.46
CA THR J 711 -55.55 50.09 30.86
C THR J 711 -55.13 48.67 30.46
N SER J 712 -55.15 48.40 29.15
CA SER J 712 -54.78 47.08 28.64
C SER J 712 -54.16 47.18 27.25
N ASP J 713 -54.97 47.61 26.28
CA ASP J 713 -54.51 47.73 24.90
C ASP J 713 -53.48 48.83 24.74
N PRO J 714 -52.54 48.66 23.80
CA PRO J 714 -51.52 49.69 23.53
C PRO J 714 -52.14 50.96 22.98
N ASN J 715 -51.64 52.11 23.43
CA ASN J 715 -52.21 53.39 23.03
C ASN J 715 -51.18 54.40 22.51
N GLU J 716 -49.94 54.29 23.00
CA GLU J 716 -48.92 55.27 22.66
C GLU J 716 -47.73 54.67 21.91
N VAL J 717 -47.24 55.39 20.92
CA VAL J 717 -46.05 54.97 20.18
C VAL J 717 -44.98 56.07 20.25
N GLU J 718 -43.89 55.78 20.94
CA GLU J 718 -42.80 56.75 21.09
C GLU J 718 -41.56 56.28 20.35
N ILE J 719 -40.45 56.98 20.57
CA ILE J 719 -39.18 56.63 19.94
C ILE J 719 -38.06 56.52 20.96
N LYS J 720 -37.26 55.45 20.85
CA LYS J 720 -36.13 55.24 21.74
C LYS J 720 -34.97 56.16 21.37
N LYS J 721 -34.45 56.88 22.36
CA LYS J 721 -33.36 57.82 22.14
C LYS J 721 -32.03 57.19 22.52
N LEU J 722 -31.03 57.35 21.66
CA LEU J 722 -29.69 56.84 21.93
C LEU J 722 -28.93 57.79 22.87
N LEU J 723 -28.69 57.32 24.09
CA LEU J 723 -27.91 58.09 25.05
C LEU J 723 -26.43 57.81 24.88
N ALA J 724 -25.59 58.61 25.54
CA ALA J 724 -24.15 58.42 25.45
C ALA J 724 -23.70 57.12 26.11
N THR J 725 -24.52 56.62 27.02
CA THR J 725 -24.24 55.35 27.69
C THR J 725 -24.41 54.18 26.72
N ASN J 726 -25.25 54.35 25.71
CA ASN J 726 -25.43 53.34 24.69
C ASN J 726 -24.17 53.21 23.84
N SER J 727 -23.51 54.34 23.59
CA SER J 727 -22.25 54.35 22.86
C SER J 727 -21.12 53.84 23.74
N LEU J 728 -21.29 53.99 25.05
CA LEU J 728 -20.31 53.50 26.02
C LEU J 728 -20.27 51.98 25.98
N VAL J 729 -21.43 51.35 26.13
CA VAL J 729 -21.53 49.90 26.13
C VAL J 729 -21.15 49.31 24.78
N GLU J 730 -21.66 49.91 23.70
CA GLU J 730 -21.42 49.43 22.34
C GLU J 730 -19.93 49.34 22.01
N GLU J 731 -19.18 50.38 22.36
CA GLU J 731 -17.76 50.44 22.04
C GLU J 731 -16.93 49.38 22.75
N PHE J 732 -17.29 49.08 23.99
CA PHE J 732 -16.55 48.08 24.77
C PHE J 732 -17.00 46.65 24.46
N MET J 733 -18.23 46.50 23.97
CA MET J 733 -18.70 45.19 23.53
C MET J 733 -17.99 44.80 22.23
N LEU J 734 -17.83 45.78 21.34
CA LEU J 734 -17.11 45.58 20.09
C LEU J 734 -15.65 45.25 20.37
N LEU J 735 -15.06 45.96 21.33
CA LEU J 735 -13.66 45.75 21.70
C LEU J 735 -13.45 44.35 22.25
N ALA J 736 -14.42 43.88 23.03
CA ALA J 736 -14.36 42.54 23.61
C ALA J 736 -14.45 41.48 22.52
N ASN J 737 -15.41 41.65 21.62
CA ASN J 737 -15.62 40.70 20.53
C ASN J 737 -14.42 40.61 19.58
N ILE J 738 -13.75 41.74 19.36
CA ILE J 738 -12.60 41.78 18.47
C ILE J 738 -11.40 41.02 19.05
N SER J 739 -11.08 41.31 20.31
CA SER J 739 -9.95 40.66 20.97
C SER J 739 -10.15 39.15 21.10
N VAL J 740 -11.37 38.75 21.41
CA VAL J 740 -11.70 37.33 21.52
C VAL J 740 -11.59 36.64 20.16
N ALA J 741 -12.07 37.32 19.11
CA ALA J 741 -12.00 36.80 17.76
C ALA J 741 -10.57 36.53 17.33
N ARG J 742 -9.67 37.45 17.65
CA ARG J 742 -8.27 37.31 17.32
C ARG J 742 -7.64 36.14 18.08
N LYS J 743 -8.06 35.95 19.33
CA LYS J 743 -7.47 34.93 20.19
C LYS J 743 -7.94 33.52 19.82
N ILE J 744 -9.24 33.37 19.59
CA ILE J 744 -9.80 32.05 19.26
C ILE J 744 -9.35 31.57 17.88
N TYR J 745 -9.15 32.50 16.97
CA TYR J 745 -8.70 32.17 15.63
C TYR J 745 -7.23 31.79 15.62
N ASP J 746 -6.47 32.39 16.53
CA ASP J 746 -5.06 32.06 16.68
C ASP J 746 -4.91 30.67 17.27
N ALA J 747 -5.88 30.27 18.10
CA ALA J 747 -5.85 28.96 18.75
C ALA J 747 -6.46 27.88 17.87
N PHE J 748 -7.56 28.21 17.20
CA PHE J 748 -8.23 27.26 16.32
C PHE J 748 -8.48 27.88 14.95
N PRO J 749 -7.45 27.87 14.09
CA PRO J 749 -7.47 28.55 12.78
C PRO J 749 -8.45 27.93 11.78
N GLN J 750 -9.00 26.76 12.10
CA GLN J 750 -9.82 26.04 11.14
C GLN J 750 -11.28 25.87 11.57
N THR J 751 -11.56 26.04 12.85
CA THR J 751 -12.93 25.88 13.35
C THR J 751 -13.35 27.01 14.28
N ALA J 752 -12.85 28.21 14.04
CA ALA J 752 -13.18 29.36 14.89
C ALA J 752 -14.53 29.96 14.52
N MET J 753 -15.44 29.99 15.49
CA MET J 753 -16.74 30.60 15.29
C MET J 753 -16.60 32.11 15.12
N LEU J 754 -16.76 32.58 13.89
CA LEU J 754 -16.58 33.99 13.57
C LEU J 754 -17.84 34.58 12.94
N ARG J 755 -17.75 35.84 12.53
CA ARG J 755 -18.87 36.52 11.88
C ARG J 755 -18.38 37.56 10.89
N ARG J 756 -18.74 37.38 9.62
CA ARG J 756 -18.28 38.28 8.56
C ARG J 756 -19.42 39.12 7.98
N HIS J 757 -19.05 40.16 7.24
CA HIS J 757 -20.03 41.00 6.57
C HIS J 757 -19.52 41.37 5.17
N ALA J 758 -20.19 40.84 4.15
CA ALA J 758 -19.79 41.05 2.78
C ALA J 758 -19.95 42.50 2.34
N ALA J 759 -19.04 42.96 1.49
CA ALA J 759 -19.12 44.31 0.93
C ALA J 759 -20.28 44.39 -0.04
N PRO J 760 -21.06 45.47 0.02
CA PRO J 760 -22.24 45.65 -0.83
C PRO J 760 -21.87 45.81 -2.30
N PRO J 761 -22.58 45.10 -3.20
CA PRO J 761 -22.37 45.21 -4.64
C PRO J 761 -22.72 46.59 -5.15
N SER J 762 -22.16 46.98 -6.30
CA SER J 762 -22.44 48.29 -6.87
C SER J 762 -23.89 48.40 -7.33
N THR J 763 -24.46 47.27 -7.71
CA THR J 763 -25.84 47.22 -8.22
C THR J 763 -26.86 47.68 -7.18
N ASN J 764 -26.53 47.48 -5.91
CA ASN J 764 -27.43 47.84 -4.81
C ASN J 764 -27.53 49.36 -4.62
N PHE J 765 -26.44 50.06 -4.92
CA PHE J 765 -26.39 51.51 -4.72
C PHE J 765 -26.58 52.31 -6.01
N GLU J 766 -26.54 51.62 -7.15
CA GLU J 766 -26.74 52.28 -8.44
C GLU J 766 -28.13 52.89 -8.54
N ILE J 767 -29.11 52.24 -7.91
CA ILE J 767 -30.48 52.74 -7.91
C ILE J 767 -30.65 53.90 -6.92
N LEU J 768 -29.93 53.82 -5.80
CA LEU J 768 -30.00 54.88 -4.80
C LEU J 768 -29.27 56.13 -5.28
N ASN J 769 -28.10 55.93 -5.89
CA ASN J 769 -27.33 57.03 -6.45
C ASN J 769 -28.05 57.65 -7.65
N GLU J 770 -28.88 56.85 -8.32
CA GLU J 770 -29.68 57.32 -9.44
C GLU J 770 -30.70 58.34 -8.97
N MET J 771 -31.36 58.04 -7.85
CA MET J 771 -32.37 58.94 -7.30
C MET J 771 -31.72 60.16 -6.65
N LEU J 772 -30.52 59.98 -6.11
CA LEU J 772 -29.81 61.06 -5.45
C LEU J 772 -29.27 62.07 -6.45
N ASN J 773 -28.60 61.57 -7.50
CA ASN J 773 -28.00 62.44 -8.51
C ASN J 773 -29.05 63.16 -9.37
N THR J 774 -30.24 62.57 -9.44
CA THR J 774 -31.31 63.15 -10.24
C THR J 774 -32.08 64.22 -9.47
N ARG J 775 -32.51 63.88 -8.26
CA ARG J 775 -33.34 64.78 -7.46
C ARG J 775 -32.52 65.73 -6.59
N LYS J 776 -31.62 65.16 -5.78
CA LYS J 776 -30.85 65.94 -4.82
C LYS J 776 -29.44 66.27 -5.33
N ASN J 777 -29.11 65.73 -6.50
CA ASN J 777 -27.79 65.93 -7.11
C ASN J 777 -26.63 65.54 -6.18
N MET J 778 -26.69 64.32 -5.66
CA MET J 778 -25.63 63.80 -4.80
C MET J 778 -25.34 62.35 -5.14
N SER J 779 -24.32 61.78 -4.49
CA SER J 779 -23.93 60.41 -4.78
C SER J 779 -23.13 59.78 -3.64
N ILE J 780 -23.15 58.45 -3.57
CA ILE J 780 -22.36 57.71 -2.60
C ILE J 780 -21.18 57.06 -3.30
N SER J 781 -19.99 57.18 -2.70
CA SER J 781 -18.75 56.79 -3.35
C SER J 781 -18.62 55.28 -3.64
N LEU J 782 -18.90 54.47 -2.63
CA LEU J 782 -18.80 53.00 -2.74
C LEU J 782 -17.37 52.50 -2.98
N GLU J 783 -16.40 53.42 -2.99
CA GLU J 783 -15.00 53.06 -3.19
C GLU J 783 -14.47 52.32 -1.97
N SER J 784 -14.84 52.80 -0.79
CA SER J 784 -14.45 52.16 0.46
C SER J 784 -15.52 52.41 1.51
N SER J 785 -15.43 51.67 2.62
CA SER J 785 -16.38 51.82 3.72
C SER J 785 -16.33 53.24 4.28
N LYS J 786 -15.13 53.80 4.36
CA LYS J 786 -14.95 55.17 4.83
C LYS J 786 -15.52 56.15 3.80
N ALA J 787 -15.32 55.84 2.53
CA ALA J 787 -15.84 56.67 1.45
C ALA J 787 -17.37 56.65 1.44
N LEU J 788 -17.93 55.47 1.68
CA LEU J 788 -19.38 55.31 1.74
C LEU J 788 -19.95 56.06 2.94
N ALA J 789 -19.20 56.08 4.03
CA ALA J 789 -19.64 56.74 5.25
C ALA J 789 -19.58 58.26 5.12
N ASP J 790 -18.50 58.76 4.53
CA ASP J 790 -18.31 60.19 4.37
C ASP J 790 -19.35 60.79 3.41
N SER J 791 -19.60 60.10 2.31
CA SER J 791 -20.57 60.56 1.32
C SER J 791 -22.00 60.46 1.84
N LEU J 792 -22.24 59.49 2.71
CA LEU J 792 -23.55 59.31 3.32
C LEU J 792 -23.76 60.36 4.40
N ASP J 793 -22.66 60.82 4.99
CA ASP J 793 -22.70 61.80 6.06
C ASP J 793 -23.04 63.19 5.53
N ARG J 794 -22.43 63.54 4.40
CA ARG J 794 -22.66 64.85 3.79
C ARG J 794 -24.01 64.90 3.06
N CYS J 795 -24.62 63.73 2.90
CA CYS J 795 -25.93 63.64 2.27
C CYS J 795 -27.01 64.14 3.22
N VAL J 796 -27.10 65.46 3.37
CA VAL J 796 -28.05 66.06 4.31
C VAL J 796 -28.69 67.33 3.74
N ASP J 797 -30.01 67.43 3.91
CA ASP J 797 -30.76 68.61 3.45
C ASP J 797 -30.96 69.59 4.60
N PRO J 798 -30.65 70.87 4.35
CA PRO J 798 -30.72 71.91 5.39
C PRO J 798 -32.16 72.26 5.77
N GLU J 799 -33.09 72.11 4.84
CA GLU J 799 -34.49 72.46 5.08
C GLU J 799 -35.20 71.38 5.91
N ASP J 800 -34.60 70.20 5.96
CA ASP J 800 -35.17 69.09 6.72
C ASP J 800 -34.08 68.17 7.27
N PRO J 801 -33.87 68.22 8.59
CA PRO J 801 -32.83 67.43 9.27
C PRO J 801 -33.04 65.92 9.14
N TYR J 802 -34.30 65.50 9.00
CA TYR J 802 -34.61 64.07 8.95
C TYR J 802 -34.25 63.44 7.61
N PHE J 803 -33.96 64.28 6.61
CA PHE J 803 -33.59 63.78 5.29
C PHE J 803 -32.37 62.86 5.35
N ASN J 804 -31.39 63.24 6.16
CA ASN J 804 -30.19 62.43 6.34
C ASN J 804 -30.50 61.08 6.97
N THR J 805 -31.44 61.08 7.91
CA THR J 805 -31.87 59.85 8.58
C THR J 805 -32.58 58.95 7.60
N LEU J 806 -33.38 59.54 6.73
CA LEU J 806 -34.15 58.80 5.72
C LEU J 806 -33.22 58.09 4.73
N VAL J 807 -32.16 58.77 4.32
CA VAL J 807 -31.20 58.18 3.39
C VAL J 807 -30.46 57.04 4.05
N ARG J 808 -30.11 57.21 5.32
CA ARG J 808 -29.40 56.19 6.08
C ARG J 808 -30.24 54.92 6.27
N ILE J 809 -31.50 55.10 6.63
CA ILE J 809 -32.40 53.97 6.87
C ILE J 809 -32.78 53.30 5.54
N MET J 810 -32.50 53.98 4.44
CA MET J 810 -32.81 53.48 3.11
C MET J 810 -31.57 52.83 2.48
N SER J 811 -30.39 53.35 2.83
CA SER J 811 -29.14 52.77 2.35
C SER J 811 -28.76 51.56 3.19
N THR J 812 -29.52 51.33 4.26
CA THR J 812 -29.32 50.16 5.11
C THR J 812 -29.96 48.95 4.46
N ARG J 813 -31.03 49.19 3.68
CA ARG J 813 -31.75 48.13 3.02
C ARG J 813 -30.96 47.49 1.88
N CYS J 814 -29.94 48.19 1.40
CA CYS J 814 -29.12 47.68 0.30
C CYS J 814 -27.75 47.20 0.77
N MET J 815 -27.68 46.75 2.01
CA MET J 815 -26.46 46.16 2.56
C MET J 815 -26.55 44.64 2.58
N MET J 816 -25.42 43.98 2.35
CA MET J 816 -25.37 42.53 2.37
C MET J 816 -25.53 42.00 3.79
N ALA J 817 -26.24 40.89 3.93
CA ALA J 817 -26.51 40.31 5.24
C ALA J 817 -25.25 39.72 5.86
N ALA J 818 -24.97 40.11 7.10
CA ALA J 818 -23.84 39.55 7.84
C ALA J 818 -24.20 38.13 8.29
N GLN J 819 -23.21 37.24 8.26
CA GLN J 819 -23.46 35.84 8.59
C GLN J 819 -22.37 35.26 9.46
N TYR J 820 -22.73 34.26 10.27
CA TYR J 820 -21.76 33.51 11.05
C TYR J 820 -21.08 32.49 10.16
N PHE J 821 -19.88 32.07 10.55
CA PHE J 821 -19.12 31.07 9.79
C PHE J 821 -17.98 30.52 10.63
N TYR J 822 -17.30 29.50 10.10
CA TYR J 822 -16.10 28.99 10.75
C TYR J 822 -14.88 29.31 9.91
N SER J 823 -13.77 29.58 10.59
CA SER J 823 -12.56 30.11 9.94
C SER J 823 -11.95 29.20 8.87
N GLY J 824 -12.38 27.94 8.83
CA GLY J 824 -11.87 27.01 7.84
C GLY J 824 -12.67 27.02 6.55
N ALA J 825 -13.80 27.72 6.57
CA ALA J 825 -14.68 27.77 5.40
C ALA J 825 -14.25 28.85 4.41
N TYR J 826 -13.55 29.85 4.91
CA TYR J 826 -13.10 30.95 4.07
C TYR J 826 -11.64 31.30 4.34
N SER J 827 -11.06 32.10 3.45
CA SER J 827 -9.69 32.58 3.63
C SER J 827 -9.70 33.82 4.52
N TYR J 828 -8.52 34.25 4.95
CA TYR J 828 -8.40 35.39 5.85
C TYR J 828 -8.97 36.72 5.34
N PRO J 829 -8.71 37.07 4.05
CA PRO J 829 -9.30 38.33 3.56
C PRO J 829 -10.84 38.31 3.55
N ASP J 830 -11.43 37.13 3.60
CA ASP J 830 -12.89 37.01 3.59
C ASP J 830 -13.49 37.13 5.00
N PHE J 831 -12.62 37.27 5.99
CA PHE J 831 -13.06 37.45 7.38
C PHE J 831 -13.53 38.89 7.58
N ARG J 832 -13.26 39.74 6.59
CA ARG J 832 -13.52 41.16 6.66
C ARG J 832 -14.98 41.51 6.99
N HIS J 833 -15.16 42.45 7.92
CA HIS J 833 -16.48 42.96 8.26
C HIS J 833 -16.61 44.39 7.76
N TYR J 834 -17.36 44.57 6.68
CA TYR J 834 -17.45 45.87 6.01
C TYR J 834 -18.05 46.96 6.88
N GLY J 835 -19.17 46.66 7.52
CA GLY J 835 -19.90 47.63 8.32
C GLY J 835 -19.16 48.11 9.57
N LEU J 836 -18.14 47.36 9.97
CA LEU J 836 -17.36 47.71 11.16
C LEU J 836 -15.92 48.02 10.82
N ALA J 837 -15.53 47.73 9.58
CA ALA J 837 -14.17 47.95 9.10
C ALA J 837 -13.11 47.26 9.96
N VAL J 838 -13.36 45.99 10.26
CA VAL J 838 -12.40 45.18 11.02
C VAL J 838 -12.02 43.92 10.25
N ASP J 839 -10.78 43.48 10.43
CA ASP J 839 -10.27 42.31 9.71
C ASP J 839 -10.87 41.01 10.22
N ILE J 840 -11.31 41.01 11.48
CA ILE J 840 -11.87 39.82 12.10
C ILE J 840 -12.85 40.20 13.21
N TYR J 841 -13.88 39.38 13.40
CA TYR J 841 -14.92 39.69 14.36
C TYR J 841 -15.76 38.46 14.71
N THR J 842 -16.39 38.48 15.87
CA THR J 842 -17.30 37.41 16.29
C THR J 842 -18.29 37.92 17.32
N HIS J 843 -19.18 37.04 17.77
CA HIS J 843 -20.09 37.35 18.87
C HIS J 843 -19.69 36.57 20.11
N PHE J 844 -19.59 37.27 21.24
CA PHE J 844 -19.04 36.69 22.45
C PHE J 844 -19.69 37.28 23.71
N THR J 845 -20.20 38.50 23.59
CA THR J 845 -20.64 39.25 24.76
C THR J 845 -22.04 38.92 25.27
N SER J 846 -22.77 38.07 24.55
CA SER J 846 -24.13 37.73 24.96
C SER J 846 -24.45 36.24 24.81
N PRO J 847 -23.94 35.42 25.75
CA PRO J 847 -24.10 33.96 25.70
C PRO J 847 -25.47 33.50 26.18
N ILE J 848 -26.17 34.35 26.93
CA ILE J 848 -27.48 34.00 27.45
C ILE J 848 -28.53 34.03 26.33
N ARG J 849 -28.36 34.98 25.40
CA ARG J 849 -29.33 35.18 24.34
C ARG J 849 -28.82 34.80 22.95
N ARG J 850 -27.55 34.39 22.87
CA ARG J 850 -26.97 33.93 21.61
C ARG J 850 -26.14 32.67 21.80
N TYR J 851 -26.44 31.63 21.04
CA TYR J 851 -25.69 30.38 21.13
C TYR J 851 -24.33 30.48 20.48
N CYS J 852 -24.18 31.43 19.57
CA CYS J 852 -22.89 31.68 18.92
C CYS J 852 -21.84 32.05 19.96
N ASP J 853 -22.25 32.88 20.92
CA ASP J 853 -21.35 33.31 21.98
C ASP J 853 -20.96 32.15 22.90
N VAL J 854 -21.85 31.17 23.02
CA VAL J 854 -21.57 29.98 23.80
C VAL J 854 -20.42 29.20 23.16
N VAL J 855 -20.46 29.08 21.84
CA VAL J 855 -19.40 28.41 21.09
C VAL J 855 -18.09 29.18 21.24
N ALA J 856 -18.17 30.50 21.11
CA ALA J 856 -16.99 31.36 21.24
C ALA J 856 -16.38 31.26 22.64
N HIS J 857 -17.25 31.14 23.65
CA HIS J 857 -16.79 31.00 25.03
C HIS J 857 -15.99 29.71 25.21
N ARG J 858 -16.52 28.60 24.69
CA ARG J 858 -15.86 27.31 24.80
C ARG J 858 -14.53 27.32 24.05
N GLN J 859 -14.48 28.03 22.93
CA GLN J 859 -13.27 28.12 22.14
C GLN J 859 -12.21 28.99 22.82
N LEU J 860 -12.65 30.05 23.48
CA LEU J 860 -11.75 30.93 24.21
C LEU J 860 -11.18 30.21 25.43
N ALA J 861 -12.02 29.40 26.07
CA ALA J 861 -11.59 28.63 27.23
C ALA J 861 -10.49 27.64 26.86
N GLY J 862 -10.61 27.07 25.67
CA GLY J 862 -9.59 26.18 25.16
C GLY J 862 -8.38 26.96 24.67
N ALA J 863 -8.61 28.19 24.24
CA ALA J 863 -7.55 29.05 23.75
C ALA J 863 -6.59 29.46 24.86
N ILE J 864 -7.13 29.73 26.05
CA ILE J 864 -6.32 30.14 27.18
C ILE J 864 -5.81 28.94 27.97
N GLY J 865 -6.39 27.78 27.72
CA GLY J 865 -5.95 26.55 28.37
C GLY J 865 -6.75 26.23 29.63
N TYR J 866 -7.91 26.86 29.77
CA TYR J 866 -8.76 26.62 30.92
C TYR J 866 -9.35 25.20 30.89
N GLU J 867 -9.81 24.80 29.71
CA GLU J 867 -10.45 23.50 29.52
C GLU J 867 -10.44 23.16 28.04
N PRO J 868 -10.08 21.91 27.71
CA PRO J 868 -9.99 21.47 26.31
C PRO J 868 -11.29 21.66 25.55
N LEU J 869 -11.19 22.13 24.31
CA LEU J 869 -12.36 22.39 23.48
C LEU J 869 -13.02 21.09 23.02
N SER J 870 -14.34 21.03 23.14
CA SER J 870 -15.10 19.85 22.76
C SER J 870 -14.89 19.50 21.29
N LEU J 871 -14.98 18.21 20.97
CA LEU J 871 -14.75 17.73 19.60
C LEU J 871 -15.74 18.33 18.62
N THR J 872 -16.94 18.64 19.10
CA THR J 872 -18.00 19.18 18.26
C THR J 872 -17.69 20.58 17.73
N HIS J 873 -16.73 21.26 18.37
CA HIS J 873 -16.35 22.60 17.95
C HIS J 873 -15.00 22.58 17.24
N ARG J 874 -14.57 21.38 16.84
CA ARG J 874 -13.34 21.22 16.08
C ARG J 874 -13.60 20.35 14.86
N ASP J 875 -14.87 20.07 14.62
CA ASP J 875 -15.30 19.33 13.44
C ASP J 875 -15.83 20.33 12.42
N LYS J 876 -15.18 20.41 11.26
CA LYS J 876 -15.57 21.34 10.21
C LYS J 876 -16.99 21.08 9.73
N ASN J 877 -17.42 19.82 9.81
CA ASN J 877 -18.76 19.44 9.41
C ASN J 877 -19.81 19.87 10.43
N LYS J 878 -19.54 19.62 11.71
CA LYS J 878 -20.44 20.01 12.77
C LYS J 878 -20.54 21.53 12.91
N MET J 879 -19.42 22.21 12.67
CA MET J 879 -19.39 23.67 12.73
C MET J 879 -20.21 24.29 11.61
N ASP J 880 -20.24 23.63 10.46
CA ASP J 880 -21.00 24.12 9.32
C ASP J 880 -22.50 24.04 9.59
N MET J 881 -22.92 23.02 10.32
CA MET J 881 -24.32 22.84 10.68
C MET J 881 -24.76 23.86 11.73
N ILE J 882 -23.86 24.14 12.68
CA ILE J 882 -24.14 25.11 13.72
C ILE J 882 -24.29 26.51 13.12
N CYS J 883 -23.42 26.85 12.20
CA CYS J 883 -23.43 28.16 11.56
C CYS J 883 -24.66 28.36 10.68
N ARG J 884 -24.99 27.36 9.88
CA ARG J 884 -26.15 27.45 9.00
C ARG J 884 -27.46 27.51 9.78
N ASN J 885 -27.45 26.95 10.98
CA ASN J 885 -28.62 26.98 11.85
C ASN J 885 -28.82 28.33 12.54
N ILE J 886 -27.78 28.80 13.21
CA ILE J 886 -27.87 30.08 13.93
C ILE J 886 -28.06 31.25 12.98
N ASN J 887 -27.62 31.09 11.74
CA ASN J 887 -27.86 32.10 10.71
C ASN J 887 -29.34 32.19 10.36
N ARG J 888 -29.98 31.02 10.28
CA ARG J 888 -31.41 30.95 9.96
C ARG J 888 -32.25 31.41 11.16
N LYS J 889 -31.81 31.02 12.35
CA LYS J 889 -32.51 31.41 13.58
C LYS J 889 -32.36 32.91 13.84
N HIS J 890 -31.23 33.47 13.42
CA HIS J 890 -30.99 34.90 13.56
C HIS J 890 -31.95 35.70 12.70
N ARG J 891 -32.12 35.28 11.45
CA ARG J 891 -33.03 35.94 10.52
C ARG J 891 -34.47 35.82 11.01
N ASN J 892 -34.82 34.63 11.50
CA ASN J 892 -36.16 34.40 12.02
C ASN J 892 -36.44 35.20 13.29
N ALA J 893 -35.38 35.53 14.02
CA ALA J 893 -35.51 36.29 15.25
C ALA J 893 -35.87 37.75 14.97
N GLN J 894 -35.13 38.37 14.07
CA GLN J 894 -35.34 39.77 13.72
C GLN J 894 -36.66 39.98 12.99
N PHE J 895 -37.01 39.05 12.12
CA PHE J 895 -38.28 39.13 11.37
C PHE J 895 -39.47 39.00 12.31
N ALA J 896 -39.37 38.09 13.27
CA ALA J 896 -40.43 37.91 14.26
C ALA J 896 -40.50 39.14 15.17
N GLY J 897 -39.34 39.72 15.46
CA GLY J 897 -39.26 40.91 16.29
C GLY J 897 -39.89 42.11 15.61
N ARG J 898 -39.59 42.29 14.33
CA ARG J 898 -40.16 43.39 13.56
C ARG J 898 -41.65 43.19 13.33
N ALA J 899 -42.07 41.94 13.24
CA ALA J 899 -43.49 41.63 13.05
C ALA J 899 -44.27 41.93 14.33
N SER J 900 -43.63 41.75 15.47
CA SER J 900 -44.26 42.04 16.76
C SER J 900 -44.52 43.53 16.90
N ILE J 901 -43.56 44.34 16.43
CA ILE J 901 -43.72 45.79 16.41
C ILE J 901 -44.87 46.16 15.48
N GLU J 902 -44.92 45.49 14.34
CA GLU J 902 -45.93 45.76 13.31
C GLU J 902 -47.36 45.56 13.82
N TYR J 903 -47.56 44.51 14.61
CA TYR J 903 -48.88 44.21 15.15
C TYR J 903 -49.34 45.22 16.18
N TYR J 904 -48.48 45.50 17.15
CA TYR J 904 -48.82 46.42 18.23
C TYR J 904 -49.03 47.86 17.75
N VAL J 905 -48.17 48.31 16.83
CA VAL J 905 -48.32 49.63 16.24
C VAL J 905 -49.61 49.68 15.41
N GLY J 906 -49.90 48.58 14.73
CA GLY J 906 -51.11 48.47 13.95
C GLY J 906 -52.37 48.50 14.81
N GLN J 907 -52.21 48.11 16.07
CA GLN J 907 -53.32 48.14 17.02
C GLN J 907 -53.50 49.52 17.63
N VAL J 908 -52.43 50.30 17.65
CA VAL J 908 -52.49 51.67 18.14
C VAL J 908 -53.28 52.54 17.16
N MET J 909 -53.07 52.32 15.88
CA MET J 909 -53.74 53.09 14.84
C MET J 909 -55.01 52.40 14.37
N ARG J 910 -55.51 51.45 15.16
CA ARG J 910 -56.67 50.66 14.80
C ARG J 910 -57.91 51.52 14.56
N ASN J 911 -58.28 52.30 15.57
CA ASN J 911 -59.44 53.18 15.46
C ASN J 911 -59.06 54.64 15.64
N ASN J 912 -57.98 55.07 14.99
CA ASN J 912 -57.50 56.44 15.10
C ASN J 912 -56.99 57.00 13.77
N GLU J 913 -57.32 58.26 13.51
CA GLU J 913 -56.85 58.95 12.32
C GLU J 913 -56.15 60.26 12.72
N SER J 914 -54.93 60.43 12.24
CA SER J 914 -54.15 61.62 12.57
C SER J 914 -53.23 62.02 11.42
N THR J 915 -53.17 63.31 11.13
CA THR J 915 -52.30 63.83 10.08
C THR J 915 -50.85 63.82 10.54
N GLU J 916 -50.08 62.85 10.05
CA GLU J 916 -48.68 62.70 10.45
C GLU J 916 -47.74 63.11 9.32
N THR J 917 -46.45 63.14 9.63
CA THR J 917 -45.43 63.49 8.65
C THR J 917 -44.98 62.25 7.89
N GLY J 918 -44.95 62.35 6.57
CA GLY J 918 -44.56 61.22 5.73
C GLY J 918 -43.47 61.56 4.73
N TYR J 919 -42.79 60.52 4.24
CA TYR J 919 -41.71 60.69 3.28
C TYR J 919 -41.83 59.66 2.15
N VAL J 920 -41.79 60.15 0.91
CA VAL J 920 -41.89 59.27 -0.25
C VAL J 920 -40.59 58.51 -0.49
N ILE J 921 -40.65 57.19 -0.39
CA ILE J 921 -39.46 56.35 -0.57
C ILE J 921 -39.48 55.60 -1.90
N LYS J 922 -40.67 55.36 -2.43
CA LYS J 922 -40.81 54.64 -3.70
C LYS J 922 -41.86 55.30 -4.59
N VAL J 923 -41.48 55.59 -5.83
CA VAL J 923 -42.39 56.21 -6.79
C VAL J 923 -42.65 55.27 -7.96
N PHE J 924 -43.93 54.97 -8.21
CA PHE J 924 -44.31 54.08 -9.30
C PHE J 924 -45.47 54.66 -10.10
N ASN J 925 -45.83 54.00 -11.19
CA ASN J 925 -46.94 54.44 -12.02
C ASN J 925 -48.30 53.97 -11.51
N ASN J 926 -48.26 53.05 -10.54
CA ASN J 926 -49.48 52.53 -9.95
C ASN J 926 -49.78 53.23 -8.63
N GLY J 927 -48.87 54.09 -8.20
CA GLY J 927 -49.02 54.82 -6.95
C GLY J 927 -47.68 55.12 -6.30
N ILE J 928 -47.71 55.53 -5.05
CA ILE J 928 -46.49 55.84 -4.32
C ILE J 928 -46.44 55.11 -2.97
N VAL J 929 -45.24 55.05 -2.39
CA VAL J 929 -45.06 54.45 -1.08
C VAL J 929 -44.45 55.47 -0.13
N VAL J 930 -45.17 55.80 0.94
CA VAL J 930 -44.71 56.79 1.90
C VAL J 930 -44.38 56.16 3.25
N LEU J 931 -43.35 56.69 3.90
CA LEU J 931 -42.93 56.19 5.21
C LEU J 931 -43.25 57.20 6.31
N VAL J 932 -43.91 56.71 7.36
CA VAL J 932 -44.23 57.56 8.51
C VAL J 932 -43.27 57.24 9.66
N PRO J 933 -42.30 58.14 9.89
CA PRO J 933 -41.27 57.95 10.93
C PRO J 933 -41.86 57.93 12.34
N LYS J 934 -43.01 58.55 12.53
CA LYS J 934 -43.64 58.61 13.85
C LYS J 934 -44.06 57.22 14.32
N PHE J 935 -44.60 56.42 13.41
CA PHE J 935 -45.06 55.08 13.73
C PHE J 935 -44.13 54.02 13.16
N GLY J 936 -43.22 54.43 12.29
CA GLY J 936 -42.27 53.52 11.67
C GLY J 936 -42.94 52.51 10.76
N VAL J 937 -44.00 52.94 10.09
CA VAL J 937 -44.76 52.06 9.21
C VAL J 937 -44.81 52.60 7.78
N GLU J 938 -44.47 51.74 6.83
CA GLU J 938 -44.54 52.10 5.41
C GLU J 938 -45.93 51.78 4.86
N GLY J 939 -46.45 52.68 4.04
CA GLY J 939 -47.78 52.52 3.47
C GLY J 939 -47.81 52.69 1.96
N LEU J 940 -48.76 52.03 1.31
CA LEU J 940 -48.90 52.11 -0.13
C LEU J 940 -50.16 52.87 -0.53
N ILE J 941 -49.98 53.94 -1.30
CA ILE J 941 -51.12 54.72 -1.80
C ILE J 941 -51.35 54.42 -3.27
N ARG J 942 -52.37 53.60 -3.54
CA ARG J 942 -52.70 53.21 -4.91
C ARG J 942 -53.17 54.43 -5.71
N LEU J 943 -52.96 54.39 -7.02
CA LEU J 943 -53.28 55.50 -7.90
C LEU J 943 -54.76 55.89 -7.85
N ASP J 944 -55.63 54.90 -7.66
CA ASP J 944 -57.06 55.15 -7.59
C ASP J 944 -57.43 55.99 -6.38
N ASN J 945 -56.74 55.74 -5.26
CA ASN J 945 -56.97 56.50 -4.04
C ASN J 945 -55.94 57.61 -3.86
N LEU J 946 -55.07 57.77 -4.84
CA LEU J 946 -54.05 58.81 -4.81
C LEU J 946 -54.58 60.11 -5.40
N THR J 947 -55.31 60.00 -6.50
CA THR J 947 -55.80 61.17 -7.21
C THR J 947 -57.01 60.83 -8.07
N GLU J 948 -57.61 61.85 -8.67
CA GLU J 948 -58.74 61.65 -9.57
C GLU J 948 -58.26 61.58 -11.02
N ASP J 949 -59.01 60.88 -11.85
CA ASP J 949 -58.67 60.67 -13.25
C ASP J 949 -57.28 60.03 -13.41
N PRO J 950 -57.20 58.70 -13.27
CA PRO J 950 -55.95 57.97 -13.33
C PRO J 950 -55.31 57.98 -14.72
N ASN J 951 -56.11 58.28 -15.74
CA ASN J 951 -55.63 58.32 -17.11
C ASN J 951 -54.91 59.62 -17.44
N SER J 952 -55.04 60.61 -16.56
CA SER J 952 -54.41 61.91 -16.76
C SER J 952 -53.08 62.00 -16.04
N ALA J 953 -52.84 61.08 -15.11
CA ALA J 953 -51.60 61.06 -14.34
C ALA J 953 -50.46 60.47 -15.16
N ALA J 954 -49.25 61.00 -14.95
CA ALA J 954 -48.08 60.55 -15.69
C ALA J 954 -46.90 60.24 -14.76
N PHE J 955 -46.13 59.23 -15.11
CA PHE J 955 -44.97 58.84 -14.33
C PHE J 955 -43.68 58.97 -15.15
N ASP J 956 -42.75 59.79 -14.65
CA ASP J 956 -41.46 59.96 -15.30
C ASP J 956 -40.38 59.18 -14.54
N GLU J 957 -39.98 58.06 -15.09
CA GLU J 957 -38.99 57.19 -14.45
C GLU J 957 -37.62 57.85 -14.34
N VAL J 958 -37.31 58.72 -15.30
CA VAL J 958 -36.03 59.40 -15.32
C VAL J 958 -35.86 60.34 -14.12
N GLU J 959 -36.96 60.97 -13.71
CA GLU J 959 -36.93 61.92 -12.61
C GLU J 959 -37.59 61.38 -11.35
N TYR J 960 -38.13 60.17 -11.44
CA TYR J 960 -38.89 59.55 -10.34
C TYR J 960 -40.02 60.46 -9.86
N LYS J 961 -40.63 61.17 -10.80
CA LYS J 961 -41.70 62.12 -10.51
C LYS J 961 -43.05 61.53 -10.89
N LEU J 962 -44.05 61.72 -10.04
CA LEU J 962 -45.41 61.28 -10.33
C LEU J 962 -46.38 62.45 -10.26
N THR J 963 -46.77 62.96 -11.42
CA THR J 963 -47.70 64.09 -11.49
C THR J 963 -49.15 63.61 -11.59
N PHE J 964 -50.01 64.19 -10.76
CA PHE J 964 -51.42 63.83 -10.74
C PHE J 964 -52.27 64.94 -10.13
N VAL J 965 -53.59 64.83 -10.30
CA VAL J 965 -54.51 65.83 -9.76
C VAL J 965 -55.31 65.27 -8.59
N PRO J 966 -55.00 65.74 -7.36
CA PRO J 966 -55.59 65.28 -6.10
C PRO J 966 -57.12 65.22 -6.14
N THR J 967 -57.69 64.33 -5.35
CA THR J 967 -59.14 64.10 -5.33
C THR J 967 -59.89 65.35 -4.86
N ASN J 968 -59.34 66.03 -3.86
CA ASN J 968 -59.98 67.21 -3.30
C ASN J 968 -59.51 68.51 -3.97
N SER J 969 -58.91 68.38 -5.15
CA SER J 969 -58.39 69.55 -5.87
C SER J 969 -58.47 69.36 -7.38
N ASP J 970 -57.89 70.31 -8.11
CA ASP J 970 -57.88 70.26 -9.57
C ASP J 970 -56.59 70.87 -10.13
N LYS J 971 -55.58 70.99 -9.28
CA LYS J 971 -54.30 71.55 -9.69
C LYS J 971 -53.24 70.46 -9.83
N PRO J 972 -52.64 70.35 -11.02
CA PRO J 972 -51.61 69.35 -11.31
C PRO J 972 -50.42 69.45 -10.37
N ARG J 973 -50.31 68.50 -9.45
CA ARG J 973 -49.23 68.49 -8.47
C ARG J 973 -48.18 67.44 -8.82
N ASP J 974 -46.91 67.87 -8.85
CA ASP J 974 -45.80 66.95 -9.12
C ASP J 974 -45.18 66.47 -7.82
N VAL J 975 -45.32 65.16 -7.56
CA VAL J 975 -44.76 64.56 -6.35
C VAL J 975 -43.46 63.81 -6.65
N TYR J 976 -42.34 64.41 -6.24
CA TYR J 976 -41.04 63.79 -6.45
C TYR J 976 -40.75 62.80 -5.33
N VAL J 977 -39.52 62.30 -5.29
CA VAL J 977 -39.10 61.39 -4.24
C VAL J 977 -38.44 62.19 -3.11
N PHE J 978 -38.34 61.56 -1.93
CA PHE J 978 -37.71 62.16 -0.75
C PHE J 978 -38.46 63.39 -0.22
N ASP J 979 -39.69 63.58 -0.71
CA ASP J 979 -40.47 64.74 -0.31
C ASP J 979 -41.21 64.52 1.01
N LYS J 980 -41.18 65.53 1.87
CA LYS J 980 -41.94 65.49 3.13
C LYS J 980 -43.37 65.92 2.87
N VAL J 981 -44.30 64.97 2.99
CA VAL J 981 -45.70 65.25 2.72
C VAL J 981 -46.60 64.94 3.91
N GLU J 982 -47.72 65.64 3.99
CA GLU J 982 -48.71 65.41 5.03
C GLU J 982 -49.57 64.20 4.66
N VAL J 983 -49.72 63.26 5.59
CA VAL J 983 -50.44 62.03 5.32
C VAL J 983 -51.40 61.64 6.44
N GLN J 984 -52.64 61.36 6.09
CA GLN J 984 -53.63 60.89 7.04
C GLN J 984 -53.52 59.38 7.22
N VAL J 985 -53.24 58.95 8.45
CA VAL J 985 -53.09 57.53 8.74
C VAL J 985 -54.42 56.85 9.04
N ARG J 986 -54.53 55.58 8.68
CA ARG J 986 -55.73 54.80 8.91
C ARG J 986 -55.42 53.31 8.77
N SER J 987 -55.98 52.50 9.66
CA SER J 987 -55.73 51.07 9.63
C SER J 987 -57.00 50.28 9.31
N VAL J 988 -56.84 49.25 8.47
CA VAL J 988 -57.96 48.40 8.09
C VAL J 988 -57.49 46.98 7.77
N MET J 989 -58.09 46.01 8.43
CA MET J 989 -57.75 44.61 8.16
C MET J 989 -58.35 44.16 6.83
N ASP J 990 -57.49 43.69 5.94
CA ASP J 990 -57.93 43.22 4.64
C ASP J 990 -58.78 41.95 4.78
N PRO J 991 -59.94 41.93 4.12
CA PRO J 991 -60.88 40.79 4.24
C PRO J 991 -60.41 39.53 3.52
N ILE J 992 -59.25 39.58 2.89
CA ILE J 992 -58.71 38.43 2.18
C ILE J 992 -57.46 37.87 2.83
N THR J 993 -56.57 38.76 3.26
CA THR J 993 -55.30 38.35 3.86
C THR J 993 -55.35 38.35 5.39
N SER J 994 -56.37 39.00 5.94
CA SER J 994 -56.55 39.12 7.38
C SER J 994 -55.33 39.75 8.07
N LYS J 995 -54.64 40.62 7.36
CA LYS J 995 -53.47 41.30 7.89
C LYS J 995 -53.75 42.79 8.10
N ARG J 996 -53.45 43.28 9.30
CA ARG J 996 -53.69 44.67 9.63
C ARG J 996 -52.76 45.60 8.86
N LYS J 997 -53.24 46.11 7.73
CA LYS J 997 -52.46 47.03 6.91
C LYS J 997 -52.85 48.48 7.19
N ALA J 998 -51.93 49.40 6.92
CA ALA J 998 -52.16 50.81 7.18
C ALA J 998 -52.43 51.61 5.91
N GLU J 999 -53.71 51.81 5.61
CA GLU J 999 -54.11 52.60 4.45
C GLU J 999 -53.85 54.09 4.68
N LEU J 1000 -53.01 54.68 3.83
CA LEU J 1000 -52.62 56.07 3.99
C LEU J 1000 -53.19 56.95 2.88
N LEU J 1001 -53.69 58.12 3.25
CA LEU J 1001 -54.19 59.09 2.29
C LEU J 1001 -53.41 60.40 2.41
N LEU J 1002 -52.66 60.75 1.37
CA LEU J 1002 -51.86 61.97 1.37
C LEU J 1002 -52.74 63.21 1.31
N LYS J 1003 -52.14 64.36 1.56
CA LYS J 1003 -52.86 65.64 1.54
C LYS J 1003 -52.01 66.75 0.94
N ILE K 18 17.83 -58.47 -23.56
CA ILE K 18 18.89 -59.24 -24.19
C ILE K 18 20.23 -58.54 -24.04
N LEU K 19 21.32 -59.27 -24.29
CA LEU K 19 22.66 -58.73 -24.17
C LEU K 19 23.55 -59.32 -25.27
N LEU K 20 24.76 -58.79 -25.40
CA LEU K 20 25.72 -59.30 -26.38
C LEU K 20 26.08 -60.75 -26.05
N GLU K 21 26.55 -61.48 -27.07
CA GLU K 21 26.87 -62.91 -26.98
C GLU K 21 25.64 -63.81 -26.88
N THR K 22 24.54 -63.26 -26.33
CA THR K 22 23.27 -63.96 -26.31
C THR K 22 22.65 -63.88 -27.69
N ILE K 23 22.91 -62.78 -28.38
CA ILE K 23 22.43 -62.57 -29.73
C ILE K 23 23.39 -63.20 -30.76
N SER K 24 22.83 -63.92 -31.72
CA SER K 24 23.64 -64.61 -32.72
C SER K 24 23.70 -63.83 -34.04
N VAL K 25 24.54 -64.30 -34.96
CA VAL K 25 24.70 -63.66 -36.26
C VAL K 25 23.42 -63.58 -37.10
N PRO K 26 22.63 -64.67 -37.18
CA PRO K 26 21.36 -64.54 -37.92
C PRO K 26 20.41 -63.52 -37.29
N GLN K 27 20.50 -63.35 -35.97
CA GLN K 27 19.67 -62.37 -35.28
C GLN K 27 20.13 -60.95 -35.61
N ILE K 28 21.44 -60.77 -35.75
CA ILE K 28 22.01 -59.47 -36.09
C ILE K 28 21.61 -59.04 -37.50
N ARG K 29 21.76 -59.94 -38.47
CA ARG K 29 21.38 -59.66 -39.85
C ARG K 29 19.88 -59.43 -39.97
N ASP K 30 19.11 -60.02 -39.06
CA ASP K 30 17.66 -59.78 -39.00
C ASP K 30 17.40 -58.35 -38.58
N VAL K 31 18.12 -57.91 -37.55
CA VAL K 31 18.00 -56.55 -37.04
C VAL K 31 18.44 -55.53 -38.10
N MET K 32 19.53 -55.83 -38.78
CA MET K 32 20.03 -54.98 -39.87
C MET K 32 19.00 -54.90 -41.00
N GLU K 33 18.28 -55.99 -41.22
CA GLU K 33 17.26 -56.04 -42.27
C GLU K 33 16.07 -55.15 -41.95
N ARG K 34 15.50 -55.34 -40.76
CA ARG K 34 14.34 -54.58 -40.33
C ARG K 34 14.66 -53.10 -40.21
N PHE K 35 15.91 -52.79 -39.86
CA PHE K 35 16.36 -51.41 -39.78
C PHE K 35 16.40 -50.78 -41.17
N SER K 36 16.90 -51.52 -42.14
CA SER K 36 16.95 -51.06 -43.52
C SER K 36 15.54 -50.85 -44.07
N VAL K 37 14.61 -51.68 -43.61
CA VAL K 37 13.21 -51.53 -43.97
C VAL K 37 12.63 -50.26 -43.35
N LEU K 38 12.89 -50.07 -42.07
CA LEU K 38 12.41 -48.90 -41.34
C LEU K 38 13.04 -47.61 -41.87
N CYS K 39 14.34 -47.67 -42.13
CA CYS K 39 15.08 -46.49 -42.59
C CYS K 39 14.62 -46.05 -43.98
N ASN K 40 14.32 -47.03 -44.84
CA ASN K 40 13.89 -46.75 -46.20
C ASN K 40 12.37 -46.57 -46.32
N SER K 41 11.69 -46.53 -45.17
CA SER K 41 10.25 -46.31 -45.16
C SER K 41 9.93 -44.89 -44.71
N ASN K 42 10.89 -44.25 -44.04
CA ASN K 42 10.73 -42.89 -43.58
C ASN K 42 10.89 -41.87 -44.70
N ILE K 43 11.47 -42.32 -45.80
CA ILE K 43 11.72 -41.46 -46.96
C ILE K 43 10.42 -41.12 -47.68
N VAL K 51 10.20 -24.14 -52.65
CA VAL K 51 9.76 -23.12 -51.72
C VAL K 51 10.94 -22.52 -50.95
N THR K 52 11.15 -21.21 -51.13
CA THR K 52 12.24 -20.52 -50.45
C THR K 52 11.72 -19.71 -49.26
N ASN K 53 12.54 -19.60 -48.22
CA ASN K 53 12.15 -18.83 -47.03
C ASN K 53 12.46 -17.35 -47.18
N SER K 54 11.80 -16.72 -48.14
CA SER K 54 11.98 -15.29 -48.40
C SER K 54 11.54 -14.47 -47.20
N SER K 55 12.17 -13.30 -47.03
CA SER K 55 11.88 -12.43 -45.91
C SER K 55 10.44 -11.92 -45.93
N ILE K 56 9.86 -11.73 -44.74
CA ILE K 56 8.51 -11.23 -44.62
C ILE K 56 8.50 -9.85 -43.97
N LEU K 57 9.38 -9.67 -42.97
CA LEU K 57 9.47 -8.40 -42.27
C LEU K 57 10.88 -8.13 -41.76
N LEU K 58 11.37 -9.01 -40.90
CA LEU K 58 12.68 -8.83 -40.26
C LEU K 58 13.72 -9.80 -40.82
N GLY K 59 13.42 -10.41 -41.95
CA GLY K 59 14.27 -11.43 -42.53
C GLY K 59 15.53 -10.90 -43.22
N LYS K 60 15.46 -9.67 -43.70
CA LYS K 60 16.60 -9.08 -44.41
C LYS K 60 17.57 -8.40 -43.45
N ILE K 61 17.03 -7.86 -42.36
CA ILE K 61 17.81 -7.00 -41.48
C ILE K 61 18.48 -7.73 -40.31
N LEU K 62 17.76 -8.63 -39.66
CA LEU K 62 18.30 -9.33 -38.49
C LEU K 62 19.46 -10.29 -38.79
N PRO K 63 19.29 -11.22 -39.75
CA PRO K 63 20.37 -12.18 -39.97
C PRO K 63 21.57 -11.60 -40.72
N ARG K 64 21.51 -10.32 -41.05
CA ARG K 64 22.58 -9.66 -41.81
C ARG K 64 23.93 -9.75 -41.09
N GLU K 65 24.93 -10.25 -41.80
CA GLU K 65 26.27 -10.41 -41.25
C GLU K 65 26.90 -9.06 -40.90
N GLU K 66 27.94 -9.10 -40.07
CA GLU K 66 28.63 -7.87 -39.67
C GLU K 66 29.50 -7.32 -40.78
N HIS K 67 29.37 -6.01 -41.02
CA HIS K 67 30.25 -5.32 -41.95
C HIS K 67 30.92 -4.16 -41.22
N ASP K 68 32.13 -3.82 -41.61
CA ASP K 68 32.87 -2.74 -40.97
C ASP K 68 33.29 -1.71 -42.01
N ILE K 69 33.34 -0.45 -41.61
CA ILE K 69 33.75 0.61 -42.52
C ILE K 69 34.89 1.46 -41.95
N ALA K 70 35.65 2.06 -42.85
CA ALA K 70 36.74 2.97 -42.46
C ALA K 70 36.55 4.30 -43.17
N TYR K 71 36.73 5.40 -42.44
CA TYR K 71 36.56 6.72 -43.01
C TYR K 71 37.90 7.33 -43.43
N SER K 72 38.09 7.49 -44.74
CA SER K 72 39.32 8.07 -45.27
C SER K 72 39.42 9.56 -44.96
N LYS K 73 40.47 10.19 -45.46
CA LYS K 73 40.68 11.62 -45.25
C LYS K 73 39.60 12.45 -45.92
N ASP K 74 38.92 11.86 -46.90
CA ASP K 74 37.83 12.51 -47.61
C ASP K 74 36.60 12.63 -46.73
N GLY K 75 36.55 11.82 -45.68
CA GLY K 75 35.40 11.79 -44.79
C GLY K 75 34.36 10.79 -45.29
N LEU K 76 34.66 10.16 -46.42
CA LEU K 76 33.77 9.17 -47.00
C LEU K 76 34.04 7.79 -46.42
N PRO K 77 32.97 7.03 -46.13
CA PRO K 77 33.11 5.68 -45.59
C PRO K 77 33.65 4.72 -46.65
N ASN K 78 34.42 3.73 -46.21
CA ASN K 78 34.96 2.72 -47.11
C ASN K 78 34.71 1.31 -46.60
N LYS K 79 34.14 0.48 -47.46
CA LYS K 79 33.77 -0.89 -47.11
C LYS K 79 34.99 -1.77 -46.85
N VAL K 80 35.04 -2.37 -45.67
CA VAL K 80 36.09 -3.33 -45.35
C VAL K 80 35.65 -4.72 -45.77
N LYS K 81 36.45 -5.35 -46.63
CA LYS K 81 36.10 -6.65 -47.19
C LYS K 81 36.02 -7.74 -46.14
N THR K 82 35.12 -8.70 -46.35
CA THR K 82 34.90 -9.79 -45.39
C THR K 82 36.12 -10.69 -45.26
N GLU K 83 36.66 -11.10 -46.40
CA GLU K 83 37.84 -11.97 -46.42
C GLU K 83 39.04 -11.30 -45.77
N ASP K 84 39.11 -9.97 -45.88
CA ASP K 84 40.18 -9.21 -45.24
C ASP K 84 40.13 -9.41 -43.73
N ILE K 85 38.93 -9.45 -43.18
CA ILE K 85 38.74 -9.65 -41.74
C ILE K 85 39.03 -11.10 -41.36
N ARG K 86 38.64 -12.03 -42.24
CA ARG K 86 38.90 -13.45 -42.02
C ARG K 86 40.39 -13.76 -42.01
N ILE K 87 41.11 -13.20 -42.97
CA ILE K 87 42.56 -13.34 -43.03
C ILE K 87 43.19 -12.63 -41.83
N ARG K 88 42.64 -11.48 -41.48
CA ARG K 88 43.10 -10.72 -40.31
C ARG K 88 42.94 -11.55 -39.05
N ALA K 89 41.93 -12.42 -39.04
CA ALA K 89 41.65 -13.29 -37.91
C ALA K 89 42.63 -14.46 -37.84
N GLN K 90 42.83 -15.13 -38.98
CA GLN K 90 43.70 -16.31 -39.02
C GLN K 90 45.17 -15.94 -38.86
N ASN K 91 45.52 -14.73 -39.25
CA ASN K 91 46.91 -14.27 -39.11
C ASN K 91 47.26 -13.96 -37.66
N PHE K 92 46.29 -13.44 -36.91
CA PHE K 92 46.50 -13.17 -35.50
C PHE K 92 46.62 -14.48 -34.71
N LYS K 93 45.83 -15.47 -35.09
CA LYS K 93 45.83 -16.75 -34.41
C LYS K 93 47.18 -17.45 -34.56
N SER K 94 47.81 -17.28 -35.72
CA SER K 94 49.12 -17.85 -35.97
C SER K 94 50.20 -17.04 -35.26
N ALA K 95 49.97 -15.74 -35.14
CA ALA K 95 50.93 -14.85 -34.50
C ALA K 95 50.85 -14.93 -32.97
N LEU K 96 49.78 -15.53 -32.48
CA LEU K 96 49.57 -15.68 -31.04
C LEU K 96 50.04 -17.04 -30.56
N ALA K 97 49.86 -18.05 -31.39
CA ALA K 97 50.24 -19.42 -31.04
C ALA K 97 51.71 -19.69 -31.33
N ASN K 98 52.07 -19.72 -32.61
CA ASN K 98 53.43 -20.01 -33.03
C ASN K 98 54.42 -18.89 -32.71
N LEU K 99 54.00 -17.66 -32.94
CA LEU K 99 54.86 -16.51 -32.70
C LEU K 99 54.78 -16.03 -31.24
N GLU K 100 54.78 -16.99 -30.32
CA GLU K 100 54.74 -16.67 -28.89
C GLU K 100 56.15 -16.33 -28.40
N ASP K 101 57.15 -16.76 -29.15
CA ASP K 101 58.56 -16.51 -28.83
C ASP K 101 58.97 -17.04 -27.46
N ILE K 102 60.15 -16.60 -27.00
CA ILE K 102 60.68 -17.04 -25.72
C ILE K 102 61.03 -15.84 -24.84
N ILE K 103 60.56 -15.87 -23.60
CA ILE K 103 60.82 -14.78 -22.66
C ILE K 103 62.11 -15.02 -21.88
N PHE K 104 63.06 -14.09 -22.00
CA PHE K 104 64.32 -14.18 -21.28
C PHE K 104 64.38 -13.19 -20.12
N GLU K 105 64.84 -13.66 -18.97
CA GLU K 105 64.96 -12.82 -17.78
C GLU K 105 66.41 -12.62 -17.39
#